data_7WDB
#
_entry.id   7WDB
#
_cell.length_a   1.00
_cell.length_b   1.00
_cell.length_c   1.00
_cell.angle_alpha   90.00
_cell.angle_beta   90.00
_cell.angle_gamma   90.00
#
_symmetry.space_group_name_H-M   'P 1'
#
loop_
_entity.id
_entity.type
_entity.pdbx_description
1 polymer 'Short transient receptor potential channel 5'
2 non-polymer '(2S)-3-(hexadecanoyloxy)-2-[(9Z)-octadec-9-enoyloxy]propyl 2-(trimethylammonio)ethyl phosphate'
3 non-polymer 'CHOLESTEROL HEMISUCCINATE'
4 non-polymer 'ZINC ION'
5 non-polymer 'CALCIUM ION'
6 non-polymer 6-(trifluoromethoxy)-1,3-benzothiazol-2-amine
7 non-polymer PHOSPHATIDYLETHANOLAMINE
8 non-polymer '[(2S)-1-oxidanyl-3-[(E)-tetradec-9-enoyl]oxy-propan-2-yl] (Z)-pentadec-9-enoate'
#
_entity_poly.entity_id   1
_entity_poly.type   'polypeptide(L)'
_entity_poly.pdbx_seq_one_letter_code
;MAQLYYKKVNYSPYRDRIPLQIVRAETELSAEEKAFLNAVEKGDYATVKQALQEAEIYYNVNINCMDPLGRSALLIAIEN
ENLEIMELLLNHSVYVGDALLYAIRKEVVGAVELLLSYRRPSGEKQVPTLMMDTQFSEFTPDITPIMLAAHTNNYEIIKL
LVQKRVTIPRPHQIRCNCVECVSSSEVDSLRHSRSRLNIYKALASPSLIALSSEDPILTAFRLGWELKELSKVENEFKAE
YEELSQQCKLFAKDLLDQARSSRELEIILNHRDDHSEELDPQKYHDLAKLKVAIKYHQKEFVAQPNCQQLLATLWYDGFP
GWRRKHWVVKLLTCMTIGFLFPMLSIAYLISPRSNLGLFIKKPFIKFICHTASYLTFLFMLLLASQHIVRTDLHVQGPPP
TVVEWMILPWVLGFIWGEIKEMWDGGFTEYIHDWWNLMDFAMNSLYLATISLKIVAYVKYNGSRPREEWEMWHPTLIAEA
LFAISNILSSLRLISLFTANSHLGPLQISLGRMLLDILKFLFIYCLVLLAFANGLNQLYFYYETRAIDEPNNCKGIRCEK
QNNAFSTLFETLQSLFWSVFGLLNLYVTNVKARHEFTEFVGATMFGTYNVISLVVLLNMLIAMMNNSYQLIADHADIEWK
FARTKLWMSYFDEGGTLPPPFNIIPSPKSFLYLGNWFNNTFCPKRDPDGRRRRRNLRSFTERNADSLIQNQHYQEVIRNL
VKRYVAAMIRNSKTHEGLTEENFKELKQDISSFRYEVLDLLGNR
;
_entity_poly.pdbx_strand_id   A,B,C,D
#
# COMPACT_ATOMS: atom_id res chain seq x y z
N ARG A 17 12.65 -45.51 -8.60
CA ARG A 17 12.19 -45.48 -7.22
C ARG A 17 13.24 -44.90 -6.25
N ILE A 18 12.77 -44.15 -5.26
CA ILE A 18 13.61 -43.59 -4.20
C ILE A 18 13.38 -44.42 -2.93
N PRO A 19 14.37 -45.16 -2.44
CA PRO A 19 14.20 -45.82 -1.15
C PRO A 19 14.22 -44.79 -0.03
N LEU A 20 13.26 -44.92 0.89
CA LEU A 20 13.16 -44.05 2.06
C LEU A 20 13.36 -44.88 3.32
N GLN A 21 14.31 -44.46 4.14
CA GLN A 21 14.67 -45.15 5.38
C GLN A 21 15.00 -44.09 6.43
N ILE A 22 15.60 -44.50 7.53
CA ILE A 22 15.96 -43.58 8.61
C ILE A 22 17.47 -43.43 8.57
N VAL A 23 17.94 -42.30 8.02
CA VAL A 23 19.38 -42.07 7.93
C VAL A 23 19.99 -41.91 9.31
N ARG A 24 19.37 -41.11 10.17
CA ARG A 24 19.82 -40.91 11.55
C ARG A 24 18.91 -41.74 12.44
N ALA A 25 19.34 -42.98 12.70
CA ALA A 25 18.54 -43.89 13.50
C ALA A 25 18.62 -43.51 14.98
N GLU A 26 17.62 -43.95 15.73
CA GLU A 26 17.60 -43.77 17.17
C GLU A 26 17.23 -45.07 17.85
N THR A 27 17.02 -45.04 19.17
CA THR A 27 16.64 -46.21 19.93
C THR A 27 15.12 -46.24 20.07
N GLU A 28 14.49 -47.25 19.47
CA GLU A 28 13.04 -47.34 19.53
C GLU A 28 12.56 -47.77 20.90
N LEU A 29 11.34 -47.36 21.23
CA LEU A 29 10.71 -47.77 22.47
C LEU A 29 10.22 -49.20 22.39
N SER A 30 10.15 -49.85 23.54
CA SER A 30 9.55 -51.17 23.61
C SER A 30 8.02 -51.05 23.56
N ALA A 31 7.35 -52.20 23.49
CA ALA A 31 5.89 -52.20 23.49
C ALA A 31 5.35 -51.62 24.80
N GLU A 32 5.93 -52.03 25.93
CA GLU A 32 5.44 -51.53 27.22
C GLU A 32 5.77 -50.06 27.41
N GLU A 33 6.94 -49.61 26.96
CA GLU A 33 7.27 -48.20 27.08
C GLU A 33 6.31 -47.35 26.25
N LYS A 34 5.96 -47.80 25.05
CA LYS A 34 4.97 -47.10 24.23
C LYS A 34 3.60 -47.11 24.90
N ALA A 35 3.19 -48.24 25.48
CA ALA A 35 1.90 -48.28 26.16
C ALA A 35 1.87 -47.34 27.36
N PHE A 36 2.96 -47.29 28.12
CA PHE A 36 3.05 -46.40 29.27
C PHE A 36 3.03 -44.93 28.85
N LEU A 37 3.76 -44.59 27.78
CA LEU A 37 3.73 -43.21 27.30
C LEU A 37 2.35 -42.83 26.77
N ASN A 38 1.67 -43.77 26.11
CA ASN A 38 0.30 -43.52 25.65
C ASN A 38 -0.64 -43.29 26.84
N ALA A 39 -0.47 -44.08 27.91
CA ALA A 39 -1.28 -43.89 29.11
C ALA A 39 -1.02 -42.52 29.73
N VAL A 40 0.24 -42.09 29.75
CA VAL A 40 0.57 -40.75 30.25
C VAL A 40 -0.08 -39.68 29.39
N GLU A 41 -0.01 -39.84 28.06
CA GLU A 41 -0.61 -38.85 27.16
C GLU A 41 -2.11 -38.76 27.34
N LYS A 42 -2.78 -39.90 27.46
CA LYS A 42 -4.24 -39.90 27.63
C LYS A 42 -4.67 -39.44 29.02
N GLY A 43 -3.75 -39.35 29.97
CA GLY A 43 -4.06 -38.87 31.30
C GLY A 43 -4.67 -39.90 32.23
N ASP A 44 -4.63 -41.18 31.88
CA ASP A 44 -5.18 -42.22 32.73
C ASP A 44 -4.29 -42.38 33.95
N TYR A 45 -4.72 -41.83 35.08
CA TYR A 45 -3.90 -41.86 36.30
C TYR A 45 -3.71 -43.28 36.81
N ALA A 46 -4.75 -44.11 36.73
CA ALA A 46 -4.68 -45.45 37.32
C ALA A 46 -3.64 -46.31 36.62
N THR A 47 -3.65 -46.32 35.29
CA THR A 47 -2.70 -47.17 34.56
C THR A 47 -1.27 -46.66 34.70
N VAL A 48 -1.08 -45.33 34.71
CA VAL A 48 0.25 -44.78 34.92
C VAL A 48 0.77 -45.15 36.30
N LYS A 49 -0.08 -45.05 37.33
CA LYS A 49 0.32 -45.44 38.67
C LYS A 49 0.67 -46.92 38.75
N GLN A 50 -0.14 -47.77 38.09
CA GLN A 50 0.15 -49.20 38.07
C GLN A 50 1.47 -49.49 37.39
N ALA A 51 1.75 -48.81 36.26
CA ALA A 51 3.01 -49.02 35.56
C ALA A 51 4.19 -48.56 36.39
N LEU A 52 4.05 -47.42 37.09
CA LEU A 52 5.13 -46.95 37.95
C LEU A 52 5.39 -47.93 39.10
N GLN A 53 4.33 -48.46 39.70
CA GLN A 53 4.50 -49.41 40.80
C GLN A 53 5.08 -50.73 40.31
N GLU A 54 4.74 -51.15 39.08
CA GLU A 54 5.28 -52.39 38.53
C GLU A 54 6.72 -52.23 38.08
N ALA A 55 7.13 -51.03 37.69
CA ALA A 55 8.51 -50.81 37.27
C ALA A 55 9.49 -50.94 38.43
N GLU A 56 9.04 -50.64 39.65
CA GLU A 56 9.92 -50.78 40.81
C GLU A 56 10.21 -52.24 41.12
N ILE A 57 9.26 -53.13 40.84
CA ILE A 57 9.41 -54.54 41.17
C ILE A 57 10.04 -55.33 40.04
N TYR A 58 9.56 -55.13 38.80
CA TYR A 58 10.01 -55.94 37.68
C TYR A 58 11.07 -55.28 36.81
N TYR A 59 11.22 -53.95 36.89
CA TYR A 59 12.21 -53.20 36.11
C TYR A 59 12.06 -53.47 34.62
N ASN A 60 10.82 -53.53 34.15
CA ASN A 60 10.53 -53.82 32.74
C ASN A 60 10.31 -52.57 31.90
N VAL A 61 9.96 -51.45 32.52
CA VAL A 61 9.69 -50.20 31.80
C VAL A 61 10.65 -49.13 32.30
N ASN A 62 11.32 -48.46 31.37
CA ASN A 62 12.20 -47.35 31.69
C ASN A 62 11.34 -46.09 31.83
N ILE A 63 11.23 -45.58 33.06
CA ILE A 63 10.38 -44.42 33.31
C ILE A 63 10.93 -43.16 32.67
N ASN A 64 12.19 -43.14 32.27
CA ASN A 64 12.81 -41.97 31.66
C ASN A 64 12.91 -42.08 30.14
N CYS A 65 12.21 -43.03 29.54
CA CYS A 65 12.27 -43.22 28.09
C CYS A 65 11.65 -42.02 27.37
N MET A 66 12.24 -41.69 26.22
CA MET A 66 11.74 -40.60 25.39
C MET A 66 10.59 -41.10 24.51
N ASP A 67 10.13 -40.27 23.59
CA ASP A 67 9.16 -40.66 22.59
C ASP A 67 9.77 -40.34 21.22
N PRO A 68 9.09 -40.64 20.10
CA PRO A 68 9.64 -40.23 18.80
C PRO A 68 9.87 -38.74 18.67
N LEU A 69 9.25 -37.92 19.51
CA LEU A 69 9.47 -36.47 19.50
C LEU A 69 10.48 -36.02 20.54
N GLY A 70 11.05 -36.94 21.32
CA GLY A 70 12.04 -36.60 22.31
C GLY A 70 11.52 -36.31 23.71
N ARG A 71 10.19 -36.21 23.88
CA ARG A 71 9.61 -35.91 25.18
C ARG A 71 9.58 -37.16 26.05
N SER A 72 9.87 -36.98 27.34
CA SER A 72 9.76 -38.05 28.32
C SER A 72 8.37 -38.02 28.95
N ALA A 73 8.14 -38.87 29.95
CA ALA A 73 6.85 -38.89 30.63
C ALA A 73 6.59 -37.57 31.37
N LEU A 74 7.62 -37.04 32.04
CA LEU A 74 7.45 -35.79 32.76
C LEU A 74 7.15 -34.63 31.82
N LEU A 75 7.83 -34.58 30.68
CA LEU A 75 7.56 -33.52 29.70
C LEU A 75 6.15 -33.64 29.12
N ILE A 76 5.69 -34.87 28.87
CA ILE A 76 4.32 -35.05 28.40
C ILE A 76 3.33 -34.57 29.46
N ALA A 77 3.58 -34.91 30.72
CA ALA A 77 2.68 -34.48 31.79
C ALA A 77 2.67 -32.95 31.92
N ILE A 78 3.83 -32.32 31.79
CA ILE A 78 3.90 -30.86 31.86
C ILE A 78 3.14 -30.23 30.69
N GLU A 79 3.31 -30.80 29.49
CA GLU A 79 2.69 -30.21 28.30
C GLU A 79 1.18 -30.32 28.32
N ASN A 80 0.63 -31.30 29.02
CA ASN A 80 -0.81 -31.47 29.13
C ASN A 80 -1.40 -30.77 30.35
N GLU A 81 -0.59 -30.07 31.13
CA GLU A 81 -1.04 -29.39 32.35
C GLU A 81 -1.71 -30.38 33.31
N ASN A 82 -1.18 -31.60 33.37
CA ASN A 82 -1.71 -32.63 34.24
C ASN A 82 -0.87 -32.61 35.52
N LEU A 83 -1.34 -31.85 36.51
CA LEU A 83 -0.60 -31.72 37.76
C LEU A 83 -0.60 -33.01 38.56
N GLU A 84 -1.68 -33.79 38.49
CA GLU A 84 -1.73 -35.04 39.25
C GLU A 84 -0.70 -36.04 38.75
N ILE A 85 -0.67 -36.27 37.43
CA ILE A 85 0.31 -37.20 36.86
C ILE A 85 1.72 -36.64 37.02
N MET A 86 1.88 -35.32 36.90
CA MET A 86 3.17 -34.70 37.13
C MET A 86 3.70 -35.00 38.53
N GLU A 87 2.85 -34.78 39.55
CA GLU A 87 3.24 -35.03 40.92
C GLU A 87 3.47 -36.51 41.17
N LEU A 88 2.68 -37.37 40.54
CA LEU A 88 2.91 -38.81 40.66
C LEU A 88 4.27 -39.19 40.10
N LEU A 89 4.65 -38.63 38.95
CA LEU A 89 5.97 -38.92 38.38
C LEU A 89 7.09 -38.36 39.27
N LEU A 90 6.88 -37.17 39.84
CA LEU A 90 7.91 -36.60 40.71
C LEU A 90 8.09 -37.43 41.98
N ASN A 91 7.00 -37.96 42.53
CA ASN A 91 7.09 -38.80 43.72
C ASN A 91 7.81 -40.11 43.46
N HIS A 92 7.88 -40.55 42.20
CA HIS A 92 8.62 -41.76 41.82
C HIS A 92 10.04 -41.45 41.37
N SER A 93 10.49 -40.21 41.53
CA SER A 93 11.88 -39.82 41.26
C SER A 93 12.28 -40.09 39.81
N VAL A 94 11.58 -39.41 38.90
CA VAL A 94 11.95 -39.45 37.49
C VAL A 94 13.00 -38.39 37.23
N TYR A 95 13.71 -38.53 36.10
CA TYR A 95 14.68 -37.52 35.72
C TYR A 95 13.98 -36.19 35.51
N VAL A 96 14.53 -35.13 36.09
CA VAL A 96 13.88 -33.83 36.15
C VAL A 96 14.71 -32.74 35.48
N GLY A 97 15.86 -33.08 34.91
CA GLY A 97 16.72 -32.09 34.30
C GLY A 97 16.05 -31.28 33.21
N ASP A 98 16.14 -29.95 33.31
CA ASP A 98 15.58 -29.00 32.36
C ASP A 98 14.06 -29.04 32.29
N ALA A 99 13.40 -29.82 33.16
CA ALA A 99 11.94 -29.80 33.18
C ALA A 99 11.39 -28.47 33.66
N LEU A 100 12.13 -27.80 34.55
CA LEU A 100 11.70 -26.48 35.01
C LEU A 100 11.63 -25.50 33.85
N LEU A 101 12.58 -25.59 32.90
CA LEU A 101 12.55 -24.69 31.75
C LEU A 101 11.32 -24.92 30.90
N TYR A 102 10.95 -26.18 30.67
CA TYR A 102 9.74 -26.46 29.90
C TYR A 102 8.50 -25.98 30.63
N ALA A 103 8.47 -26.15 31.95
CA ALA A 103 7.35 -25.64 32.74
C ALA A 103 7.23 -24.13 32.64
N ILE A 104 8.36 -23.42 32.70
CA ILE A 104 8.35 -21.97 32.62
C ILE A 104 7.92 -21.50 31.24
N ARG A 105 8.44 -22.14 30.18
CA ARG A 105 8.05 -21.73 28.83
C ARG A 105 6.58 -22.01 28.58
N LYS A 106 6.05 -23.11 29.13
CA LYS A 106 4.63 -23.41 29.01
C LYS A 106 3.76 -22.40 29.74
N GLU A 107 4.36 -21.60 30.64
CA GLU A 107 3.65 -20.57 31.40
C GLU A 107 2.52 -21.17 32.24
N VAL A 108 2.82 -22.28 32.90
CA VAL A 108 1.87 -22.97 33.77
C VAL A 108 2.35 -22.79 35.21
N VAL A 109 1.49 -22.21 36.04
CA VAL A 109 1.86 -21.86 37.41
C VAL A 109 2.05 -23.12 38.26
N GLY A 110 1.14 -24.09 38.12
CA GLY A 110 1.23 -25.29 38.94
C GLY A 110 2.52 -26.05 38.72
N ALA A 111 2.97 -26.15 37.47
CA ALA A 111 4.17 -26.90 37.17
C ALA A 111 5.40 -26.26 37.83
N VAL A 112 5.51 -24.93 37.77
CA VAL A 112 6.66 -24.25 38.36
C VAL A 112 6.70 -24.47 39.86
N GLU A 113 5.56 -24.33 40.54
CA GLU A 113 5.55 -24.51 41.99
C GLU A 113 5.82 -25.96 42.36
N LEU A 114 5.30 -26.90 41.57
CA LEU A 114 5.59 -28.31 41.81
C LEU A 114 7.07 -28.60 41.70
N LEU A 115 7.71 -28.11 40.65
CA LEU A 115 9.12 -28.41 40.40
C LEU A 115 10.07 -27.65 41.32
N LEU A 116 9.69 -26.44 41.74
CA LEU A 116 10.53 -25.67 42.65
C LEU A 116 10.58 -26.31 44.03
N SER A 117 9.48 -26.92 44.48
CA SER A 117 9.49 -27.65 45.74
C SER A 117 10.06 -29.06 45.59
N TYR A 118 10.28 -29.52 44.35
CA TYR A 118 10.86 -30.82 44.08
C TYR A 118 10.08 -31.97 44.74
N GLN A 135 22.03 -34.64 27.17
CA GLN A 135 20.85 -34.96 26.39
C GLN A 135 20.42 -33.77 25.55
N PHE A 136 19.56 -34.04 24.57
CA PHE A 136 19.00 -33.00 23.74
C PHE A 136 18.08 -32.10 24.55
N SER A 137 18.21 -30.79 24.34
CA SER A 137 17.35 -29.82 25.01
C SER A 137 16.93 -28.74 24.02
N GLU A 138 15.73 -28.22 24.22
CA GLU A 138 15.23 -27.12 23.38
C GLU A 138 15.74 -25.77 23.82
N PHE A 139 16.51 -25.70 24.91
CA PHE A 139 17.01 -24.45 25.45
C PHE A 139 18.53 -24.47 25.43
N THR A 140 19.12 -23.33 25.03
CA THR A 140 20.57 -23.21 24.99
C THR A 140 21.14 -23.30 26.39
N PRO A 141 22.40 -23.72 26.53
CA PRO A 141 22.97 -23.92 27.87
C PRO A 141 23.00 -22.66 28.73
N ASP A 142 23.03 -21.47 28.13
CA ASP A 142 23.09 -20.25 28.92
C ASP A 142 21.76 -19.83 29.51
N ILE A 143 20.66 -20.48 29.11
CA ILE A 143 19.35 -20.12 29.63
C ILE A 143 19.21 -20.62 31.07
N THR A 144 18.85 -19.71 31.96
CA THR A 144 18.58 -20.00 33.36
C THR A 144 17.10 -19.82 33.64
N PRO A 145 16.58 -20.40 34.74
CA PRO A 145 15.13 -20.28 35.00
C PRO A 145 14.64 -18.83 35.05
N ILE A 146 15.37 -17.94 35.73
CA ILE A 146 14.93 -16.56 35.83
C ILE A 146 15.00 -15.88 34.47
N MET A 147 16.04 -16.17 33.70
CA MET A 147 16.17 -15.59 32.37
C MET A 147 15.05 -16.04 31.45
N LEU A 148 14.71 -17.33 31.47
CA LEU A 148 13.60 -17.80 30.66
C LEU A 148 12.28 -17.18 31.12
N ALA A 149 12.08 -17.08 32.43
CA ALA A 149 10.86 -16.46 32.94
C ALA A 149 10.74 -15.02 32.49
N ALA A 150 11.85 -14.27 32.50
CA ALA A 150 11.83 -12.91 32.00
C ALA A 150 11.54 -12.89 30.51
N HIS A 151 12.06 -13.86 29.75
CA HIS A 151 11.75 -13.94 28.33
C HIS A 151 10.26 -14.13 28.10
N THR A 152 9.62 -14.99 28.90
CA THR A 152 8.18 -15.18 28.75
C THR A 152 7.38 -13.99 29.21
N ASN A 153 7.98 -13.09 30.00
CA ASN A 153 7.31 -11.89 30.50
C ASN A 153 6.04 -12.25 31.28
N ASN A 154 6.11 -13.32 32.05
CA ASN A 154 4.98 -13.78 32.84
C ASN A 154 5.18 -13.31 34.27
N TYR A 155 4.29 -12.43 34.74
CA TYR A 155 4.51 -11.77 36.02
C TYR A 155 4.48 -12.75 37.19
N GLU A 156 3.58 -13.73 37.16
CA GLU A 156 3.44 -14.67 38.28
C GLU A 156 4.72 -15.49 38.46
N ILE A 157 5.21 -16.09 37.36
CA ILE A 157 6.38 -16.95 37.45
C ILE A 157 7.64 -16.12 37.76
N ILE A 158 7.74 -14.93 37.16
CA ILE A 158 8.88 -14.06 37.46
C ILE A 158 8.88 -13.70 38.93
N LYS A 159 7.72 -13.38 39.49
CA LYS A 159 7.62 -13.06 40.91
C LYS A 159 7.99 -14.27 41.76
N LEU A 160 7.53 -15.47 41.36
CA LEU A 160 7.88 -16.68 42.11
C LEU A 160 9.38 -16.90 42.15
N LEU A 161 10.06 -16.67 41.03
CA LEU A 161 11.51 -16.87 40.99
C LEU A 161 12.28 -15.77 41.71
N VAL A 162 11.79 -14.52 41.63
CA VAL A 162 12.46 -13.43 42.33
C VAL A 162 12.21 -13.51 43.83
N GLN A 163 11.17 -14.26 44.26
CA GLN A 163 10.98 -14.49 45.69
C GLN A 163 12.19 -15.16 46.32
N LYS A 164 12.90 -15.98 45.55
CA LYS A 164 14.14 -16.59 46.00
C LYS A 164 15.29 -15.61 45.74
N ARG A 165 16.53 -16.07 45.88
CA ARG A 165 17.70 -15.24 45.64
C ARG A 165 18.26 -15.63 44.27
N VAL A 166 17.78 -14.97 43.22
CA VAL A 166 18.24 -15.23 41.87
C VAL A 166 18.93 -13.99 41.34
N THR A 167 19.86 -14.19 40.41
CA THR A 167 20.64 -13.12 39.83
C THR A 167 20.76 -13.33 38.33
N ILE A 168 20.97 -12.23 37.61
CA ILE A 168 21.20 -12.25 36.17
C ILE A 168 22.57 -11.61 35.93
N PRO A 169 23.45 -12.23 35.14
CA PRO A 169 24.79 -11.66 34.94
C PRO A 169 24.73 -10.27 34.30
N ARG A 170 25.62 -9.39 34.70
CA ARG A 170 25.58 -8.08 34.13
C ARG A 170 26.38 -8.02 32.86
N PRO A 171 25.75 -7.62 31.75
CA PRO A 171 26.46 -7.45 30.48
C PRO A 171 27.50 -6.36 30.59
N HIS A 172 28.60 -6.55 29.88
CA HIS A 172 29.71 -5.60 29.91
C HIS A 172 29.35 -4.38 29.06
N GLN A 173 30.31 -3.47 28.90
CA GLN A 173 30.10 -2.28 28.09
C GLN A 173 29.87 -2.66 26.63
N ILE A 174 29.14 -1.79 25.92
CA ILE A 174 28.87 -2.03 24.50
C ILE A 174 30.17 -2.12 23.71
N ARG A 175 31.13 -1.27 24.04
CA ARG A 175 32.45 -1.27 23.41
C ARG A 175 33.53 -1.69 24.39
N CYS A 176 33.22 -2.68 25.23
CA CYS A 176 34.18 -3.18 26.21
C CYS A 176 35.33 -3.91 25.53
N ASN A 177 36.53 -3.75 26.07
CA ASN A 177 37.73 -4.34 25.52
C ASN A 177 38.53 -5.10 26.57
N CYS A 178 37.84 -5.66 27.57
CA CYS A 178 38.55 -6.41 28.59
C CYS A 178 38.96 -7.78 28.04
N VAL A 179 39.78 -8.49 28.82
CA VAL A 179 40.31 -9.77 28.37
C VAL A 179 39.19 -10.80 28.24
N GLU A 180 38.24 -10.80 29.18
CA GLU A 180 37.18 -11.80 29.14
C GLU A 180 36.32 -11.67 27.88
N CYS A 181 35.97 -10.43 27.52
CA CYS A 181 35.10 -10.23 26.36
C CYS A 181 35.77 -10.67 25.08
N VAL A 182 37.02 -10.25 24.85
CA VAL A 182 37.71 -10.63 23.62
C VAL A 182 38.00 -12.12 23.60
N SER A 183 38.31 -12.72 24.76
CA SER A 183 38.54 -14.16 24.81
C SER A 183 37.29 -14.93 24.45
N SER A 184 36.14 -14.53 25.00
CA SER A 184 34.89 -15.23 24.67
C SER A 184 34.50 -14.99 23.22
N SER A 185 34.75 -13.79 22.69
CA SER A 185 34.43 -13.52 21.29
C SER A 185 35.27 -14.35 20.34
N GLU A 186 36.56 -14.51 20.64
CA GLU A 186 37.43 -15.29 19.76
C GLU A 186 37.20 -16.79 19.91
N VAL A 187 36.93 -17.26 21.13
CA VAL A 187 36.70 -18.69 21.33
C VAL A 187 35.39 -19.12 20.68
N ASP A 188 34.32 -18.36 20.90
CA ASP A 188 33.01 -18.71 20.35
C ASP A 188 32.21 -17.43 20.19
N SER A 189 32.21 -16.86 18.97
CA SER A 189 31.46 -15.63 18.74
C SER A 189 29.96 -15.88 18.78
N LEU A 190 29.51 -17.01 18.23
CA LEU A 190 28.08 -17.30 18.21
C LEU A 190 27.54 -17.44 19.62
N ARG A 191 28.23 -18.21 20.47
CA ARG A 191 27.76 -18.41 21.83
C ARG A 191 27.75 -17.10 22.61
N HIS A 192 28.81 -16.29 22.44
CA HIS A 192 28.89 -15.03 23.18
C HIS A 192 27.77 -14.08 22.75
N SER A 193 27.55 -13.96 21.44
CA SER A 193 26.49 -13.08 20.94
C SER A 193 25.12 -13.57 21.41
N ARG A 194 24.88 -14.89 21.36
CA ARG A 194 23.62 -15.43 21.83
C ARG A 194 23.41 -15.15 23.31
N SER A 195 24.46 -15.34 24.13
CA SER A 195 24.34 -15.09 25.56
C SER A 195 24.04 -13.62 25.84
N ARG A 196 24.71 -12.71 25.14
CA ARG A 196 24.44 -11.29 25.34
C ARG A 196 23.00 -10.96 24.96
N LEU A 197 22.52 -11.48 23.83
CA LEU A 197 21.14 -11.22 23.43
C LEU A 197 20.15 -11.79 24.43
N ASN A 198 20.41 -12.99 24.95
CA ASN A 198 19.51 -13.57 25.94
C ASN A 198 19.47 -12.74 27.21
N ILE A 199 20.64 -12.26 27.66
CA ILE A 199 20.67 -11.43 28.86
C ILE A 199 19.87 -10.15 28.63
N TYR A 200 20.04 -9.51 27.48
CA TYR A 200 19.30 -8.27 27.24
C TYR A 200 17.82 -8.51 27.03
N LYS A 201 17.43 -9.67 26.50
CA LYS A 201 16.02 -10.02 26.44
C LYS A 201 15.44 -10.19 27.84
N ALA A 202 16.21 -10.81 28.74
CA ALA A 202 15.76 -10.94 30.12
C ALA A 202 15.60 -9.57 30.79
N LEU A 203 16.62 -8.72 30.66
CA LEU A 203 16.60 -7.43 31.35
C LEU A 203 15.53 -6.51 30.80
N ALA A 204 15.24 -6.57 29.51
CA ALA A 204 14.25 -5.69 28.89
C ALA A 204 12.83 -6.19 29.09
N SER A 205 12.61 -7.13 30.00
CA SER A 205 11.25 -7.64 30.22
C SER A 205 10.43 -6.64 31.01
N PRO A 206 9.27 -6.21 30.52
CA PRO A 206 8.46 -5.25 31.28
C PRO A 206 8.10 -5.75 32.67
N SER A 207 7.81 -7.04 32.84
CA SER A 207 7.51 -7.57 34.17
C SER A 207 8.74 -7.54 35.06
N LEU A 208 9.90 -7.91 34.53
CA LEU A 208 11.10 -7.89 35.35
C LEU A 208 11.54 -6.48 35.69
N ILE A 209 11.14 -5.48 34.91
CA ILE A 209 11.41 -4.10 35.28
C ILE A 209 10.38 -3.59 36.28
N ALA A 210 9.13 -4.08 36.18
CA ALA A 210 8.10 -3.70 37.15
C ALA A 210 8.51 -4.14 38.56
N LEU A 211 9.00 -5.36 38.71
CA LEU A 211 9.65 -5.76 39.94
C LEU A 211 11.13 -5.41 39.87
N SER A 212 11.82 -5.53 41.00
CA SER A 212 13.28 -5.50 41.04
C SER A 212 13.88 -4.30 40.32
N SER A 213 13.27 -3.12 40.50
CA SER A 213 13.81 -1.92 39.88
C SER A 213 13.36 -0.72 40.69
N GLU A 214 14.34 0.07 41.16
CA GLU A 214 14.02 1.24 41.98
C GLU A 214 13.15 2.22 41.22
N ASP A 215 13.59 2.61 40.00
CA ASP A 215 12.89 3.57 39.16
C ASP A 215 12.60 2.89 37.82
N PRO A 216 11.41 2.31 37.66
CA PRO A 216 11.10 1.63 36.39
C PRO A 216 11.19 2.54 35.18
N ILE A 217 10.81 3.81 35.31
CA ILE A 217 10.80 4.70 34.16
C ILE A 217 12.23 5.01 33.71
N LEU A 218 13.10 5.37 34.65
CA LEU A 218 14.49 5.65 34.28
C LEU A 218 15.20 4.39 33.78
N THR A 219 14.91 3.26 34.41
CA THR A 219 15.49 2.00 33.94
C THR A 219 15.08 1.71 32.51
N ALA A 220 13.79 1.87 32.20
CA ALA A 220 13.33 1.65 30.83
C ALA A 220 13.99 2.64 29.87
N PHE A 221 14.11 3.91 30.26
CA PHE A 221 14.76 4.88 29.39
C PHE A 221 16.19 4.47 29.05
N ARG A 222 17.00 4.21 30.09
CA ARG A 222 18.42 3.94 29.83
C ARG A 222 18.61 2.59 29.17
N LEU A 223 17.78 1.60 29.50
CA LEU A 223 17.88 0.30 28.86
C LEU A 223 17.50 0.39 27.38
N GLY A 224 16.45 1.14 27.04
CA GLY A 224 16.12 1.34 25.65
C GLY A 224 17.22 2.06 24.89
N TRP A 225 17.84 3.07 25.52
CA TRP A 225 18.96 3.75 24.88
C TRP A 225 20.11 2.79 24.62
N GLU A 226 20.46 1.97 25.62
CA GLU A 226 21.56 1.03 25.44
C GLU A 226 21.24 -0.01 24.38
N LEU A 227 19.99 -0.46 24.31
CA LEU A 227 19.60 -1.42 23.28
C LEU A 227 19.69 -0.80 21.89
N LYS A 228 19.30 0.47 21.76
CA LYS A 228 19.45 1.15 20.47
C LYS A 228 20.92 1.26 20.09
N GLU A 229 21.78 1.58 21.05
CA GLU A 229 23.22 1.65 20.76
C GLU A 229 23.76 0.29 20.33
N LEU A 230 23.33 -0.78 21.01
CA LEU A 230 23.73 -2.13 20.60
C LEU A 230 23.25 -2.45 19.20
N SER A 231 22.01 -2.04 18.88
CA SER A 231 21.50 -2.26 17.52
C SER A 231 22.37 -1.57 16.49
N LYS A 232 22.81 -0.34 16.78
CA LYS A 232 23.75 0.33 15.89
C LYS A 232 25.06 -0.45 15.77
N VAL A 233 25.62 -0.89 16.90
CA VAL A 233 26.93 -1.53 16.90
C VAL A 233 26.83 -2.92 16.27
N GLU A 234 25.85 -3.71 16.68
CA GLU A 234 25.70 -5.08 16.18
C GLU A 234 25.02 -5.04 14.82
N ASN A 235 25.80 -5.17 13.75
CA ASN A 235 25.24 -5.16 12.41
C ASN A 235 24.25 -6.31 12.22
N GLU A 236 24.56 -7.46 12.77
CA GLU A 236 23.57 -8.51 12.70
C GLU A 236 22.70 -8.36 13.97
N PHE A 237 21.66 -9.16 14.07
CA PHE A 237 20.74 -9.13 15.20
C PHE A 237 20.23 -7.71 15.46
N LYS A 238 20.39 -6.84 14.47
CA LYS A 238 19.94 -5.46 14.59
C LYS A 238 18.43 -5.38 14.85
N ALA A 239 17.65 -6.22 14.17
CA ALA A 239 16.20 -6.17 14.33
C ALA A 239 15.78 -6.53 15.75
N GLU A 240 16.45 -7.53 16.35
CA GLU A 240 16.07 -7.96 17.69
C GLU A 240 16.36 -6.89 18.74
N TYR A 241 17.53 -6.24 18.65
CA TYR A 241 17.81 -5.15 19.57
C TYR A 241 16.88 -3.97 19.34
N GLU A 242 16.53 -3.70 18.07
CA GLU A 242 15.58 -2.63 17.79
C GLU A 242 14.23 -2.92 18.43
N GLU A 243 13.75 -4.15 18.32
CA GLU A 243 12.44 -4.47 18.90
C GLU A 243 12.49 -4.50 20.42
N LEU A 244 13.61 -4.91 21.02
CA LEU A 244 13.73 -4.81 22.47
C LEU A 244 13.70 -3.36 22.94
N SER A 245 14.41 -2.48 22.22
CA SER A 245 14.39 -1.06 22.55
C SER A 245 12.98 -0.49 22.43
N GLN A 246 12.27 -0.84 21.35
CA GLN A 246 10.91 -0.37 21.16
C GLN A 246 10.00 -0.88 22.27
N GLN A 247 10.22 -2.11 22.71
CA GLN A 247 9.43 -2.68 23.80
C GLN A 247 9.65 -1.91 25.10
N CYS A 248 10.90 -1.55 25.39
CA CYS A 248 11.16 -0.73 26.58
C CYS A 248 10.49 0.64 26.47
N LYS A 249 10.56 1.26 25.29
CA LYS A 249 9.91 2.56 25.11
C LYS A 249 8.40 2.45 25.35
N LEU A 250 7.78 1.40 24.80
CA LEU A 250 6.35 1.22 24.99
C LEU A 250 6.02 0.95 26.45
N PHE A 251 6.90 0.25 27.17
CA PHE A 251 6.65 0.02 28.59
C PHE A 251 6.65 1.33 29.36
N ALA A 252 7.61 2.22 29.07
CA ALA A 252 7.62 3.52 29.74
C ALA A 252 6.36 4.32 29.42
N LYS A 253 5.95 4.34 28.15
CA LYS A 253 4.74 5.05 27.77
C LYS A 253 3.51 4.49 28.46
N ASP A 254 3.44 3.15 28.60
CA ASP A 254 2.28 2.54 29.25
C ASP A 254 2.26 2.82 30.74
N LEU A 255 3.43 2.85 31.38
CA LEU A 255 3.48 3.26 32.78
C LEU A 255 2.95 4.68 32.93
N LEU A 256 3.34 5.58 32.03
CA LEU A 256 2.79 6.93 32.08
C LEU A 256 1.29 6.94 31.82
N ASP A 257 0.80 6.02 30.98
CA ASP A 257 -0.64 5.95 30.69
C ASP A 257 -1.47 5.58 31.90
N GLN A 258 -0.89 4.93 32.91
CA GLN A 258 -1.65 4.50 34.07
C GLN A 258 -1.89 5.62 35.07
N ALA A 259 -1.34 6.81 34.84
CA ALA A 259 -1.57 7.93 35.73
C ALA A 259 -3.04 8.35 35.69
N ARG A 260 -3.59 8.64 36.87
CA ARG A 260 -5.02 8.87 37.01
C ARG A 260 -5.35 10.28 37.49
N SER A 261 -4.37 11.10 37.82
CA SER A 261 -4.62 12.47 38.25
C SER A 261 -3.44 13.34 37.85
N SER A 262 -3.71 14.65 37.78
CA SER A 262 -2.65 15.60 37.43
C SER A 262 -1.57 15.66 38.50
N ARG A 263 -1.92 15.42 39.76
CA ARG A 263 -0.90 15.40 40.81
C ARG A 263 0.12 14.30 40.56
N GLU A 264 -0.36 13.10 40.22
CA GLU A 264 0.55 12.00 39.92
C GLU A 264 1.43 12.32 38.71
N LEU A 265 0.83 12.88 37.67
CA LEU A 265 1.61 13.21 36.47
C LEU A 265 2.68 14.25 36.77
N GLU A 266 2.34 15.27 37.56
CA GLU A 266 3.32 16.27 37.92
C GLU A 266 4.43 15.67 38.77
N ILE A 267 4.08 14.77 39.70
CA ILE A 267 5.10 14.14 40.53
C ILE A 267 6.05 13.32 39.66
N ILE A 268 5.51 12.60 38.69
CA ILE A 268 6.35 11.79 37.81
C ILE A 268 7.27 12.67 36.97
N LEU A 269 6.71 13.69 36.32
CA LEU A 269 7.49 14.46 35.36
C LEU A 269 8.52 15.35 36.04
N ASN A 270 8.29 15.75 37.29
CA ASN A 270 9.18 16.65 38.00
C ASN A 270 10.22 15.94 38.85
N HIS A 271 10.24 14.60 38.85
CA HIS A 271 11.14 13.88 39.73
C HIS A 271 12.59 14.03 39.28
N ARG A 272 13.48 14.24 40.25
CA ARG A 272 14.91 14.39 40.01
C ARG A 272 15.64 13.16 40.54
N ASP A 273 16.43 12.54 39.68
CA ASP A 273 17.18 11.35 40.07
C ASP A 273 18.42 11.73 40.87
N ASP A 286 12.15 22.80 36.55
CA ASP A 286 11.17 21.74 36.73
C ASP A 286 11.13 20.83 35.50
N LEU A 287 10.22 19.84 35.54
CA LEU A 287 10.08 18.85 34.48
C LEU A 287 11.39 18.10 34.25
N ALA A 288 12.07 17.74 35.34
CA ALA A 288 13.37 17.10 35.23
C ALA A 288 13.27 15.77 34.48
N LYS A 289 12.31 14.94 34.85
CA LYS A 289 12.20 13.63 34.20
C LYS A 289 11.75 13.77 32.75
N LEU A 290 10.96 14.81 32.44
CA LEU A 290 10.61 15.06 31.04
C LEU A 290 11.85 15.42 30.23
N LYS A 291 12.75 16.23 30.81
CA LYS A 291 14.01 16.53 30.12
C LYS A 291 14.85 15.28 29.93
N VAL A 292 14.88 14.40 30.94
CA VAL A 292 15.61 13.14 30.80
C VAL A 292 15.01 12.30 29.68
N ALA A 293 13.68 12.26 29.58
CA ALA A 293 13.03 11.52 28.51
C ALA A 293 13.37 12.12 27.14
N ILE A 294 13.42 13.44 27.05
CA ILE A 294 13.80 14.07 25.79
C ILE A 294 15.24 13.72 25.43
N LYS A 295 16.12 13.66 26.43
CA LYS A 295 17.52 13.32 26.17
C LYS A 295 17.67 11.94 25.56
N TYR A 296 16.89 10.96 26.04
CA TYR A 296 16.96 9.59 25.54
C TYR A 296 16.04 9.35 24.35
N HIS A 297 15.50 10.40 23.74
CA HIS A 297 14.67 10.28 22.54
C HIS A 297 13.48 9.34 22.76
N GLN A 298 12.77 9.52 23.87
CA GLN A 298 11.58 8.72 24.19
C GLN A 298 10.37 9.42 23.59
N LYS A 299 10.21 9.28 22.27
CA LYS A 299 9.21 10.07 21.56
C LYS A 299 7.79 9.71 21.99
N GLU A 300 7.52 8.43 22.20
CA GLU A 300 6.17 8.03 22.61
C GLU A 300 5.86 8.53 24.02
N PHE A 301 6.83 8.49 24.92
CA PHE A 301 6.62 9.02 26.26
C PHE A 301 6.31 10.51 26.24
N VAL A 302 7.07 11.27 25.43
CA VAL A 302 6.87 12.72 25.38
C VAL A 302 5.54 13.07 24.74
N ALA A 303 5.17 12.33 23.70
CA ALA A 303 3.93 12.59 22.98
C ALA A 303 2.67 12.03 23.62
N GLN A 304 2.77 11.49 24.82
CA GLN A 304 1.59 10.96 25.49
C GLN A 304 0.63 12.12 25.74
N PRO A 305 -0.67 11.89 25.51
CA PRO A 305 -1.72 12.91 25.65
C PRO A 305 -1.73 13.72 26.93
N ASN A 306 -1.57 13.11 28.08
CA ASN A 306 -1.59 13.85 29.34
C ASN A 306 -0.35 14.71 29.51
N CYS A 307 0.81 14.18 29.09
CA CYS A 307 2.03 14.97 29.09
C CYS A 307 1.89 16.18 28.17
N GLN A 308 1.31 15.99 26.99
CA GLN A 308 1.11 17.11 26.07
C GLN A 308 0.11 18.11 26.64
N GLN A 309 -0.92 17.64 27.34
CA GLN A 309 -1.89 18.55 27.95
C GLN A 309 -1.24 19.40 29.03
N LEU A 310 -0.41 18.79 29.89
CA LEU A 310 0.31 19.56 30.89
C LEU A 310 1.26 20.57 30.25
N LEU A 311 1.99 20.13 29.22
CA LEU A 311 2.89 21.05 28.54
C LEU A 311 2.13 22.20 27.92
N ALA A 312 0.95 21.94 27.37
CA ALA A 312 0.14 23.00 26.78
C ALA A 312 -0.33 23.99 27.84
N THR A 313 -0.72 23.50 29.01
CA THR A 313 -1.10 24.42 30.08
C THR A 313 0.08 25.27 30.52
N LEU A 314 1.30 24.72 30.46
CA LEU A 314 2.47 25.56 30.74
C LEU A 314 2.77 26.52 29.60
N TRP A 315 2.47 26.11 28.37
CA TRP A 315 2.80 26.92 27.20
C TRP A 315 1.95 28.17 27.13
N TYR A 316 0.65 28.05 27.40
CA TYR A 316 -0.24 29.21 27.42
C TYR A 316 -0.43 29.68 28.87
N ASP A 317 0.65 30.21 29.44
CA ASP A 317 0.61 30.69 30.81
C ASP A 317 -0.34 31.88 30.94
N GLY A 318 -0.24 32.84 30.02
CA GLY A 318 -1.05 34.04 30.13
C GLY A 318 -2.53 33.82 29.84
N PHE A 319 -2.83 33.07 28.77
CA PHE A 319 -4.20 32.91 28.32
C PHE A 319 -4.79 31.63 28.90
N PRO A 320 -5.80 31.71 29.77
CA PRO A 320 -6.35 30.49 30.37
C PRO A 320 -7.29 29.74 29.43
N GLY A 321 -7.90 30.46 28.50
CA GLY A 321 -8.87 29.84 27.62
C GLY A 321 -8.49 29.87 26.15
N TRP A 322 -7.20 29.72 25.86
CA TRP A 322 -6.76 29.68 24.47
C TRP A 322 -7.26 28.44 23.74
N ARG A 323 -7.57 27.36 24.47
CA ARG A 323 -8.01 26.13 23.83
C ARG A 323 -9.34 26.33 23.10
N ARG A 324 -10.25 27.09 23.70
CA ARG A 324 -11.57 27.33 23.12
C ARG A 324 -11.65 28.79 22.68
N LYS A 325 -11.18 29.06 21.47
CA LYS A 325 -11.25 30.39 20.88
C LYS A 325 -11.40 30.26 19.38
N HIS A 326 -11.91 31.32 18.75
CA HIS A 326 -12.10 31.29 17.32
C HIS A 326 -10.79 31.62 16.60
N TRP A 327 -10.73 31.25 15.33
CA TRP A 327 -9.54 31.50 14.53
C TRP A 327 -9.23 32.99 14.45
N VAL A 328 -10.27 33.81 14.26
CA VAL A 328 -10.06 35.26 14.14
C VAL A 328 -9.55 35.83 15.45
N VAL A 329 -10.07 35.36 16.58
CA VAL A 329 -9.64 35.88 17.89
C VAL A 329 -8.18 35.56 18.13
N LYS A 330 -7.78 34.31 17.84
CA LYS A 330 -6.38 33.92 18.01
C LYS A 330 -5.48 34.73 17.09
N LEU A 331 -5.88 34.90 15.82
CA LEU A 331 -5.05 35.64 14.88
C LEU A 331 -4.88 37.08 15.32
N LEU A 332 -5.96 37.72 15.78
CA LEU A 332 -5.88 39.10 16.23
C LEU A 332 -5.01 39.24 17.48
N THR A 333 -5.15 38.29 18.42
CA THR A 333 -4.31 38.35 19.62
C THR A 333 -2.84 38.19 19.28
N CYS A 334 -2.52 37.24 18.38
CA CYS A 334 -1.13 37.05 17.96
C CYS A 334 -0.59 38.30 17.28
N MET A 335 -1.38 38.91 16.39
CA MET A 335 -0.92 40.11 15.71
C MET A 335 -0.67 41.24 16.70
N THR A 336 -1.55 41.40 17.70
CA THR A 336 -1.37 42.47 18.68
C THR A 336 -0.10 42.27 19.49
N ILE A 337 0.11 41.06 20.02
CA ILE A 337 1.31 40.79 20.82
C ILE A 337 2.56 40.98 19.97
N GLY A 338 2.54 40.49 18.73
CA GLY A 338 3.68 40.65 17.86
C GLY A 338 3.99 42.11 17.56
N PHE A 339 2.97 42.91 17.28
CA PHE A 339 3.20 44.33 17.05
C PHE A 339 3.66 45.05 18.31
N LEU A 340 3.38 44.51 19.49
CA LEU A 340 3.81 45.15 20.73
C LEU A 340 5.10 44.56 21.30
N PHE A 341 5.75 43.64 20.58
CA PHE A 341 7.00 43.06 21.09
C PHE A 341 8.05 44.07 21.55
N PRO A 342 8.32 45.20 20.87
CA PRO A 342 9.35 46.12 21.41
C PRO A 342 8.96 46.70 22.76
N MET A 343 7.68 46.98 22.97
CA MET A 343 7.21 47.50 24.25
C MET A 343 7.44 46.48 25.36
N LEU A 344 7.13 45.21 25.11
CA LEU A 344 7.33 44.17 26.11
C LEU A 344 8.82 44.00 26.42
N SER A 345 9.67 44.05 25.39
CA SER A 345 11.11 43.94 25.62
C SER A 345 11.63 45.10 26.48
N ILE A 346 11.19 46.33 26.16
CA ILE A 346 11.63 47.49 26.94
C ILE A 346 11.11 47.39 28.37
N ALA A 347 9.86 46.94 28.55
CA ALA A 347 9.30 46.80 29.89
C ALA A 347 10.07 45.77 30.71
N TYR A 348 10.47 44.66 30.09
CA TYR A 348 11.29 43.68 30.79
C TYR A 348 12.65 44.26 31.13
N LEU A 349 13.23 45.06 30.23
CA LEU A 349 14.53 45.67 30.49
C LEU A 349 14.46 46.64 31.67
N ILE A 350 13.41 47.45 31.74
CA ILE A 350 13.33 48.50 32.76
C ILE A 350 12.96 47.90 34.11
N SER A 351 11.77 47.30 34.21
CA SER A 351 11.27 46.75 35.47
C SER A 351 10.69 45.36 35.20
N PRO A 352 11.44 44.29 35.46
CA PRO A 352 10.92 42.94 35.21
C PRO A 352 9.70 42.60 36.05
N ARG A 353 9.47 43.29 37.17
CA ARG A 353 8.37 42.98 38.07
C ARG A 353 7.25 43.99 37.83
N SER A 354 6.41 43.70 36.85
CA SER A 354 5.26 44.54 36.53
C SER A 354 4.32 43.74 35.64
N ASN A 355 3.16 44.34 35.35
CA ASN A 355 2.20 43.66 34.47
C ASN A 355 2.75 43.48 33.07
N LEU A 356 3.68 44.34 32.65
CA LEU A 356 4.32 44.20 31.36
C LEU A 356 5.75 43.67 31.43
N GLY A 357 6.42 43.84 32.58
CA GLY A 357 7.80 43.38 32.68
C GLY A 357 7.91 41.86 32.62
N LEU A 358 7.07 41.17 33.37
CA LEU A 358 7.08 39.71 33.39
C LEU A 358 6.09 39.09 32.42
N PHE A 359 5.35 39.91 31.65
CA PHE A 359 4.45 39.37 30.66
C PHE A 359 5.19 38.72 29.50
N ILE A 360 6.45 39.08 29.29
CA ILE A 360 7.24 38.46 28.22
C ILE A 360 7.88 37.14 28.63
N LYS A 361 7.96 36.85 29.93
CA LYS A 361 8.54 35.59 30.37
C LYS A 361 7.60 34.41 30.14
N LYS A 362 6.33 34.65 29.82
CA LYS A 362 5.44 33.55 29.49
C LYS A 362 5.86 32.91 28.17
N PRO A 363 5.85 31.58 28.09
CA PRO A 363 6.46 30.91 26.93
C PRO A 363 5.82 31.27 25.59
N PHE A 364 4.50 31.22 25.48
CA PHE A 364 3.86 31.57 24.21
C PHE A 364 4.12 33.03 23.85
N ILE A 365 4.05 33.93 24.85
CA ILE A 365 4.32 35.33 24.58
C ILE A 365 5.77 35.52 24.14
N LYS A 366 6.70 34.83 24.80
CA LYS A 366 8.10 34.94 24.41
C LYS A 366 8.32 34.45 22.99
N PHE A 367 7.68 33.34 22.63
CA PHE A 367 7.78 32.84 21.26
C PHE A 367 7.23 33.84 20.26
N ILE A 368 6.08 34.45 20.58
CA ILE A 368 5.50 35.44 19.68
C ILE A 368 6.44 36.63 19.52
N CYS A 369 7.04 37.09 20.62
CA CYS A 369 7.94 38.24 20.54
C CYS A 369 9.18 37.92 19.70
N HIS A 370 9.77 36.74 19.91
CA HIS A 370 10.94 36.36 19.12
C HIS A 370 10.58 36.24 17.64
N THR A 371 9.43 35.66 17.34
CA THR A 371 9.01 35.54 15.95
C THR A 371 8.78 36.91 15.32
N ALA A 372 8.14 37.81 16.05
CA ALA A 372 7.89 39.15 15.51
C ALA A 372 9.20 39.90 15.28
N SER A 373 10.16 39.74 16.21
CA SER A 373 11.46 40.35 16.02
C SER A 373 12.14 39.83 14.75
N TYR A 374 12.11 38.51 14.55
CA TYR A 374 12.72 37.96 13.35
C TYR A 374 11.99 38.44 12.10
N LEU A 375 10.67 38.55 12.17
CA LEU A 375 9.91 39.02 11.01
C LEU A 375 10.28 40.47 10.67
N THR A 376 10.45 41.32 11.68
CA THR A 376 10.87 42.69 11.39
C THR A 376 12.27 42.71 10.81
N PHE A 377 13.15 41.82 11.29
CA PHE A 377 14.48 41.72 10.71
C PHE A 377 14.41 41.37 9.21
N LEU A 378 13.57 40.40 8.87
CA LEU A 378 13.42 40.02 7.47
C LEU A 378 12.80 41.15 6.65
N PHE A 379 11.86 41.89 7.25
CA PHE A 379 11.27 43.03 6.56
C PHE A 379 12.31 44.10 6.26
N MET A 380 13.21 44.36 7.22
CA MET A 380 14.30 45.30 6.96
C MET A 380 15.26 44.77 5.90
N LEU A 381 15.51 43.45 5.90
CA LEU A 381 16.34 42.89 4.84
C LEU A 381 15.72 43.11 3.48
N LEU A 382 14.40 42.93 3.37
CA LEU A 382 13.72 43.22 2.10
C LEU A 382 13.83 44.69 1.73
N LEU A 383 13.64 45.58 2.72
CA LEU A 383 13.74 47.00 2.44
C LEU A 383 15.15 47.43 2.05
N ALA A 384 16.17 46.68 2.46
CA ALA A 384 17.55 47.05 2.21
C ALA A 384 17.91 47.06 0.73
N SER A 385 16.98 46.71 -0.16
CA SER A 385 17.26 46.66 -1.60
C SER A 385 16.34 47.58 -2.38
N GLN A 386 15.86 48.66 -1.75
CA GLN A 386 14.95 49.58 -2.40
C GLN A 386 15.66 50.85 -2.86
N HIS A 394 27.77 53.98 -7.26
CA HIS A 394 29.12 54.07 -7.79
C HIS A 394 30.18 54.31 -6.72
N VAL A 395 29.78 54.51 -5.47
CA VAL A 395 30.73 54.76 -4.40
C VAL A 395 31.43 53.46 -4.03
N GLN A 396 32.77 53.49 -4.05
CA GLN A 396 33.55 52.32 -3.64
C GLN A 396 33.68 52.33 -2.12
N GLY A 397 33.10 51.33 -1.48
CA GLY A 397 33.06 51.27 -0.04
C GLY A 397 32.28 52.41 0.58
N PRO A 398 30.98 52.44 0.34
CA PRO A 398 30.14 53.53 0.87
C PRO A 398 29.89 53.34 2.35
N PRO A 399 29.58 54.42 3.08
CA PRO A 399 29.19 54.25 4.47
C PRO A 399 27.85 53.53 4.56
N PRO A 400 27.63 52.76 5.63
CA PRO A 400 26.35 52.05 5.76
C PRO A 400 25.17 53.01 5.80
N THR A 401 24.07 52.61 5.17
CA THR A 401 22.88 53.44 5.10
C THR A 401 22.06 53.30 6.37
N VAL A 402 20.91 53.98 6.41
CA VAL A 402 20.05 53.93 7.59
C VAL A 402 19.51 52.52 7.78
N VAL A 403 19.12 51.85 6.69
CA VAL A 403 18.61 50.49 6.79
C VAL A 403 19.70 49.55 7.29
N GLU A 404 20.93 49.71 6.79
CA GLU A 404 22.04 48.87 7.27
C GLU A 404 22.35 49.17 8.73
N TRP A 405 22.29 50.44 9.12
CA TRP A 405 22.51 50.77 10.52
C TRP A 405 21.45 50.15 11.42
N MET A 406 20.21 50.04 10.93
CA MET A 406 19.18 49.35 11.71
C MET A 406 19.37 47.84 11.70
N ILE A 407 19.91 47.29 10.60
CA ILE A 407 20.14 45.85 10.52
C ILE A 407 21.25 45.42 11.46
N LEU A 408 22.28 46.25 11.61
CA LEU A 408 23.47 45.88 12.38
C LEU A 408 23.17 45.38 13.80
N PRO A 409 22.34 46.07 14.61
CA PRO A 409 22.07 45.55 15.97
C PRO A 409 21.41 44.17 15.96
N TRP A 410 20.56 43.87 14.97
CA TRP A 410 19.98 42.53 14.89
C TRP A 410 21.06 41.47 14.67
N VAL A 411 22.03 41.77 13.79
CA VAL A 411 23.11 40.81 13.53
C VAL A 411 23.96 40.63 14.78
N LEU A 412 24.28 41.74 15.47
CA LEU A 412 25.02 41.63 16.71
C LEU A 412 24.26 40.80 17.74
N GLY A 413 22.94 41.00 17.82
CA GLY A 413 22.13 40.21 18.73
C GLY A 413 22.12 38.74 18.40
N PHE A 414 22.05 38.41 17.10
CA PHE A 414 22.11 37.01 16.69
C PHE A 414 23.43 36.38 17.11
N ILE A 415 24.55 37.08 16.87
CA ILE A 415 25.85 36.52 17.23
C ILE A 415 25.96 36.36 18.74
N TRP A 416 25.54 37.37 19.50
CA TRP A 416 25.62 37.29 20.95
C TRP A 416 24.74 36.17 21.48
N GLY A 417 23.54 36.00 20.92
CA GLY A 417 22.68 34.92 21.37
C GLY A 417 23.26 33.55 21.07
N GLU A 418 23.87 33.39 19.89
CA GLU A 418 24.49 32.11 19.57
C GLU A 418 25.65 31.80 20.52
N ILE A 419 26.51 32.78 20.78
CA ILE A 419 27.65 32.50 21.66
C ILE A 419 27.18 32.31 23.09
N LYS A 420 26.12 33.00 23.51
CA LYS A 420 25.57 32.79 24.85
C LYS A 420 24.98 31.39 25.00
N GLU A 421 24.27 30.92 23.97
CA GLU A 421 23.76 29.55 23.99
C GLU A 421 24.89 28.54 24.03
N MET A 422 25.97 28.79 23.27
CA MET A 422 27.14 27.91 23.32
C MET A 422 27.75 27.90 24.72
N TRP A 423 27.86 29.06 25.35
CA TRP A 423 28.48 29.16 26.66
C TRP A 423 27.62 28.50 27.75
N ASP A 424 26.30 28.62 27.64
CA ASP A 424 25.40 28.12 28.68
C ASP A 424 25.06 26.64 28.50
N GLY A 425 24.47 26.30 27.35
CA GLY A 425 24.01 24.92 27.15
C GLY A 425 25.14 23.92 27.12
N GLY A 426 26.22 24.22 26.40
CA GLY A 426 27.35 23.33 26.25
C GLY A 426 27.70 23.17 24.80
N PHE A 427 28.50 22.14 24.51
CA PHE A 427 28.96 21.87 23.15
C PHE A 427 28.15 20.77 22.47
N THR A 428 27.92 19.65 23.15
CA THR A 428 27.15 18.56 22.56
C THR A 428 25.71 18.98 22.30
N GLU A 429 25.11 19.71 23.24
CA GLU A 429 23.75 20.20 23.05
C GLU A 429 23.69 21.18 21.89
N TYR A 430 24.72 22.02 21.74
CA TYR A 430 24.74 23.00 20.66
C TYR A 430 24.81 22.31 19.30
N ILE A 431 25.59 21.24 19.19
CA ILE A 431 25.76 20.54 17.93
C ILE A 431 24.59 19.64 17.53
N HIS A 432 23.87 19.14 18.52
CA HIS A 432 22.73 18.27 18.28
C HIS A 432 21.59 19.00 17.63
N ASP A 433 21.68 20.32 17.60
CA ASP A 433 20.64 21.10 16.96
C ASP A 433 21.21 21.41 15.60
N TRP A 434 20.58 20.88 14.56
CA TRP A 434 21.04 21.11 13.20
C TRP A 434 20.91 22.55 12.76
N TRP A 435 19.85 23.20 13.19
CA TRP A 435 19.63 24.59 12.83
C TRP A 435 20.82 25.47 13.17
N ASN A 436 21.54 25.13 14.23
CA ASN A 436 22.75 25.85 14.60
C ASN A 436 23.73 25.89 13.47
N LEU A 437 23.79 24.85 12.66
CA LEU A 437 24.70 24.90 11.53
C LEU A 437 24.35 26.05 10.59
N MET A 438 23.06 26.18 10.26
CA MET A 438 22.62 27.30 9.44
C MET A 438 22.82 28.62 10.15
N ASP A 439 22.60 28.66 11.46
CA ASP A 439 22.84 29.88 12.22
C ASP A 439 24.31 30.27 12.18
N PHE A 440 25.19 29.28 12.33
CA PHE A 440 26.63 29.55 12.24
C PHE A 440 27.00 30.06 10.86
N ALA A 441 26.43 29.46 9.80
CA ALA A 441 26.72 29.93 8.45
C ALA A 441 26.24 31.37 8.25
N MET A 442 25.04 31.69 8.73
CA MET A 442 24.52 33.05 8.62
C MET A 442 25.41 34.03 9.36
N ASN A 443 25.79 33.70 10.59
CA ASN A 443 26.62 34.61 11.37
C ASN A 443 27.99 34.82 10.73
N SER A 444 28.60 33.74 10.23
CA SER A 444 29.89 33.88 9.58
C SER A 444 29.79 34.72 8.32
N LEU A 445 28.74 34.51 7.52
CA LEU A 445 28.56 35.31 6.32
C LEU A 445 28.32 36.77 6.64
N TYR A 446 27.54 37.06 7.70
CA TYR A 446 27.33 38.44 8.10
C TYR A 446 28.63 39.09 8.60
N LEU A 447 29.42 38.34 9.37
CA LEU A 447 30.69 38.87 9.86
C LEU A 447 31.63 39.16 8.70
N ALA A 448 31.67 38.26 7.72
CA ALA A 448 32.48 38.50 6.52
C ALA A 448 31.98 39.72 5.77
N THR A 449 30.66 39.89 5.69
CA THR A 449 30.09 41.07 5.03
C THR A 449 30.54 42.35 5.71
N ILE A 450 30.47 42.38 7.04
CA ILE A 450 30.89 43.57 7.79
C ILE A 450 32.38 43.82 7.59
N SER A 451 33.19 42.76 7.63
CA SER A 451 34.63 42.93 7.45
C SER A 451 34.95 43.49 6.08
N LEU A 452 34.31 42.96 5.03
CA LEU A 452 34.58 43.44 3.68
C LEU A 452 34.06 44.87 3.50
N LYS A 453 32.94 45.21 4.13
CA LYS A 453 32.48 46.59 4.08
C LYS A 453 33.48 47.53 4.72
N ILE A 454 34.03 47.13 5.88
CA ILE A 454 35.04 47.96 6.54
C ILE A 454 36.27 48.11 5.65
N VAL A 455 36.71 47.00 5.05
CA VAL A 455 37.91 47.03 4.20
C VAL A 455 37.68 47.96 3.03
N ALA A 456 36.53 47.85 2.37
CA ALA A 456 36.24 48.72 1.23
C ALA A 456 36.07 50.17 1.67
N TYR A 457 35.61 50.41 2.89
CA TYR A 457 35.45 51.77 3.37
C TYR A 457 36.81 52.42 3.64
N VAL A 458 37.74 51.67 4.23
CA VAL A 458 39.03 52.22 4.63
C VAL A 458 40.11 51.99 3.58
N LYS A 459 39.79 51.39 2.45
CA LYS A 459 40.75 51.22 1.37
C LYS A 459 40.36 51.90 0.07
N TYR A 460 39.15 52.45 -0.02
CA TYR A 460 38.70 53.13 -1.22
C TYR A 460 38.00 54.42 -0.84
N ASN A 461 38.25 55.48 -1.60
CA ASN A 461 37.61 56.77 -1.33
C ASN A 461 36.93 57.30 -2.58
N GLY A 462 37.50 57.03 -3.75
CA GLY A 462 36.96 57.54 -4.98
C GLY A 462 35.66 56.87 -5.37
N SER A 463 34.95 57.50 -6.30
CA SER A 463 33.68 57.00 -6.81
C SER A 463 33.87 56.63 -8.28
N ARG A 464 34.26 55.37 -8.51
CA ARG A 464 34.49 54.80 -9.83
C ARG A 464 33.27 53.97 -10.26
N PRO A 465 32.82 54.09 -11.51
CA PRO A 465 31.65 53.32 -11.95
C PRO A 465 31.87 51.83 -11.85
N ARG A 466 30.80 51.10 -11.51
CA ARG A 466 30.90 49.67 -11.27
C ARG A 466 31.31 48.89 -12.51
N GLU A 467 31.14 49.47 -13.70
CA GLU A 467 31.46 48.72 -14.92
C GLU A 467 32.93 48.37 -14.98
N GLU A 468 33.80 49.24 -14.47
CA GLU A 468 35.24 49.04 -14.54
C GLU A 468 35.85 48.60 -13.22
N TRP A 469 35.03 48.17 -12.26
CA TRP A 469 35.58 47.64 -11.03
C TRP A 469 36.26 46.29 -11.30
N GLU A 470 37.15 45.93 -10.39
CA GLU A 470 37.80 44.62 -10.47
C GLU A 470 36.77 43.53 -10.24
N MET A 471 37.06 42.34 -10.79
CA MET A 471 36.17 41.21 -10.57
C MET A 471 36.09 40.85 -9.09
N TRP A 472 37.21 40.88 -8.38
CA TRP A 472 37.26 40.54 -6.96
C TRP A 472 37.27 41.78 -6.07
N HIS A 473 36.57 42.83 -6.49
CA HIS A 473 36.48 44.04 -5.70
C HIS A 473 35.80 43.73 -4.36
N PRO A 474 36.27 44.32 -3.26
CA PRO A 474 35.68 43.98 -1.95
C PRO A 474 34.19 44.26 -1.86
N THR A 475 33.70 45.33 -2.50
CA THR A 475 32.28 45.64 -2.43
C THR A 475 31.44 44.56 -3.10
N LEU A 476 31.89 44.07 -4.26
CA LEU A 476 31.13 43.02 -4.95
C LEU A 476 31.06 41.75 -4.11
N ILE A 477 32.19 41.36 -3.51
CA ILE A 477 32.19 40.16 -2.67
C ILE A 477 31.31 40.36 -1.45
N ALA A 478 31.37 41.55 -0.86
CA ALA A 478 30.53 41.83 0.30
C ALA A 478 29.05 41.75 -0.05
N GLU A 479 28.67 42.30 -1.20
CA GLU A 479 27.27 42.26 -1.61
C GLU A 479 26.82 40.83 -1.91
N ALA A 480 27.69 40.04 -2.53
CA ALA A 480 27.35 38.64 -2.79
C ALA A 480 27.15 37.88 -1.48
N LEU A 481 28.05 38.08 -0.52
CA LEU A 481 27.91 37.41 0.76
C LEU A 481 26.65 37.86 1.48
N PHE A 482 26.33 39.15 1.41
CA PHE A 482 25.13 39.64 2.06
C PHE A 482 23.87 39.05 1.43
N ALA A 483 23.87 38.89 0.10
CA ALA A 483 22.72 38.29 -0.56
C ALA A 483 22.56 36.82 -0.16
N ILE A 484 23.67 36.08 -0.09
CA ILE A 484 23.58 34.69 0.36
C ILE A 484 23.07 34.62 1.79
N SER A 485 23.53 35.54 2.65
CA SER A 485 23.05 35.58 4.02
C SER A 485 21.56 35.87 4.06
N ASN A 486 21.08 36.77 3.21
CA ASN A 486 19.65 37.06 3.17
C ASN A 486 18.86 35.80 2.81
N ILE A 487 19.35 35.02 1.83
CA ILE A 487 18.67 33.78 1.48
C ILE A 487 18.62 32.85 2.69
N LEU A 488 19.75 32.67 3.37
CA LEU A 488 19.76 31.76 4.51
C LEU A 488 18.84 32.27 5.63
N SER A 489 18.84 33.58 5.87
CA SER A 489 18.02 34.15 6.94
C SER A 489 16.55 33.93 6.66
N SER A 490 16.12 34.17 5.42
CA SER A 490 14.73 33.93 5.09
C SER A 490 14.39 32.46 5.17
N LEU A 491 15.31 31.58 4.76
CA LEU A 491 15.07 30.15 4.84
C LEU A 491 15.03 29.65 6.28
N ARG A 492 15.60 30.41 7.22
CA ARG A 492 15.61 30.00 8.62
C ARG A 492 14.20 29.89 9.20
N LEU A 493 13.21 30.49 8.54
CA LEU A 493 11.83 30.42 9.03
C LEU A 493 11.22 29.03 8.95
N ILE A 494 11.88 28.07 8.28
CA ILE A 494 11.33 26.72 8.20
C ILE A 494 11.17 26.13 9.60
N SER A 495 12.11 26.43 10.50
CA SER A 495 12.09 25.85 11.83
C SER A 495 10.86 26.24 12.63
N LEU A 496 10.16 27.31 12.22
CA LEU A 496 8.95 27.70 12.94
C LEU A 496 7.73 26.90 12.53
N PHE A 497 7.82 26.09 11.47
CA PHE A 497 6.69 25.26 11.09
C PHE A 497 6.36 24.24 12.16
N THR A 498 7.31 23.94 13.05
CA THR A 498 7.05 22.99 14.11
C THR A 498 5.92 23.48 15.02
N ALA A 499 5.82 24.79 15.21
CA ALA A 499 4.84 25.33 16.15
C ALA A 499 3.40 25.13 15.67
N ASN A 500 3.20 24.86 14.38
CA ASN A 500 1.86 24.81 13.81
C ASN A 500 1.38 23.37 13.68
N SER A 501 0.07 23.18 13.86
CA SER A 501 -0.50 21.84 13.78
C SER A 501 -0.51 21.33 12.34
N HIS A 502 -0.76 22.22 11.37
CA HIS A 502 -0.88 21.78 9.99
C HIS A 502 0.47 21.72 9.29
N LEU A 503 1.43 22.56 9.68
CA LEU A 503 2.72 22.62 9.03
C LEU A 503 3.79 21.77 9.71
N GLY A 504 3.56 21.34 10.95
CA GLY A 504 4.55 20.62 11.70
C GLY A 504 4.85 19.23 11.15
N PRO A 505 3.84 18.37 11.12
CA PRO A 505 4.06 17.02 10.56
C PRO A 505 4.54 17.04 9.13
N LEU A 506 4.11 18.02 8.34
CA LEU A 506 4.60 18.14 6.98
C LEU A 506 6.10 18.43 6.95
N GLN A 507 6.56 19.33 7.83
CA GLN A 507 7.98 19.60 7.91
C GLN A 507 8.75 18.35 8.35
N ILE A 508 8.19 17.59 9.29
CA ILE A 508 8.84 16.34 9.70
C ILE A 508 8.99 15.40 8.52
N SER A 509 7.92 15.26 7.72
CA SER A 509 7.96 14.36 6.57
C SER A 509 9.00 14.81 5.56
N LEU A 510 9.03 16.11 5.25
CA LEU A 510 10.01 16.60 4.28
C LEU A 510 11.43 16.41 4.79
N GLY A 511 11.62 16.53 6.09
CA GLY A 511 12.93 16.31 6.65
C GLY A 511 13.34 14.87 6.40
N ARG A 512 12.43 13.94 6.62
CA ARG A 512 12.70 12.52 6.41
C ARG A 512 13.02 12.22 4.97
N MET A 513 12.32 12.86 4.06
CA MET A 513 12.56 12.66 2.66
C MET A 513 13.89 13.26 2.25
N LEU A 514 14.44 14.17 3.05
CA LEU A 514 15.75 14.69 2.67
C LEU A 514 16.84 13.63 2.79
N LEU A 515 16.65 12.63 3.66
CA LEU A 515 17.63 11.54 3.75
C LEU A 515 17.67 10.71 2.48
N ASP A 516 16.49 10.37 1.93
CA ASP A 516 16.47 9.65 0.66
C ASP A 516 17.04 10.51 -0.46
N ILE A 517 16.80 11.81 -0.42
CA ILE A 517 17.36 12.67 -1.44
C ILE A 517 18.88 12.71 -1.33
N LEU A 518 19.42 12.75 -0.13
CA LEU A 518 20.87 12.70 0.05
C LEU A 518 21.43 11.38 -0.45
N LYS A 519 20.74 10.27 -0.17
CA LYS A 519 21.22 8.97 -0.63
C LYS A 519 21.27 8.92 -2.15
N PHE A 520 20.24 9.45 -2.82
CA PHE A 520 20.23 9.54 -4.28
C PHE A 520 21.28 10.51 -4.81
N LEU A 521 21.70 11.48 -4.00
CA LEU A 521 22.67 12.47 -4.45
C LEU A 521 24.01 11.82 -4.82
N PHE A 522 24.43 10.79 -4.08
CA PHE A 522 25.71 10.15 -4.37
C PHE A 522 25.71 9.53 -5.76
N ILE A 523 24.69 8.72 -6.07
CA ILE A 523 24.65 8.06 -7.37
C ILE A 523 24.51 9.09 -8.48
N TYR A 524 23.69 10.13 -8.26
CA TYR A 524 23.59 11.15 -9.28
C TYR A 524 24.93 11.83 -9.54
N CYS A 525 25.66 12.15 -8.47
CA CYS A 525 26.95 12.84 -8.64
C CYS A 525 27.97 11.95 -9.33
N LEU A 526 27.94 10.64 -9.04
CA LEU A 526 28.82 9.73 -9.75
C LEU A 526 28.53 9.75 -11.25
N VAL A 527 27.24 9.66 -11.61
CA VAL A 527 26.87 9.68 -13.03
C VAL A 527 27.29 11.00 -13.67
N LEU A 528 27.02 12.10 -12.99
CA LEU A 528 27.34 13.43 -13.51
C LEU A 528 28.84 13.56 -13.74
N LEU A 529 29.66 13.14 -12.77
CA LEU A 529 31.11 13.24 -12.93
C LEU A 529 31.59 12.36 -14.08
N ALA A 530 31.03 11.15 -14.21
CA ALA A 530 31.41 10.27 -15.31
C ALA A 530 31.18 10.95 -16.66
N PHE A 531 29.96 11.43 -16.87
CA PHE A 531 29.64 11.99 -18.18
C PHE A 531 30.34 13.32 -18.41
N ALA A 532 30.62 14.08 -17.35
CA ALA A 532 31.39 15.31 -17.50
C ALA A 532 32.81 14.99 -17.94
N ASN A 533 33.42 13.96 -17.33
CA ASN A 533 34.75 13.56 -17.76
C ASN A 533 34.75 13.18 -19.24
N GLY A 534 33.77 12.37 -19.65
CA GLY A 534 33.72 11.95 -21.05
C GLY A 534 33.52 13.12 -22.01
N LEU A 535 32.56 14.00 -21.70
CA LEU A 535 32.30 15.11 -22.61
C LEU A 535 33.46 16.08 -22.67
N ASN A 536 34.08 16.39 -21.52
CA ASN A 536 35.23 17.29 -21.54
C ASN A 536 36.38 16.68 -22.33
N GLN A 537 36.63 15.37 -22.14
CA GLN A 537 37.67 14.69 -22.90
C GLN A 537 37.41 14.81 -24.40
N LEU A 538 36.15 14.68 -24.81
CA LEU A 538 35.83 14.73 -26.23
C LEU A 538 35.95 16.15 -26.79
N TYR A 539 35.53 17.15 -26.04
CA TYR A 539 35.34 18.48 -26.62
C TYR A 539 36.44 19.47 -26.29
N PHE A 540 37.41 19.14 -25.44
CA PHE A 540 38.33 20.18 -25.02
C PHE A 540 39.27 20.62 -26.13
N TYR A 541 39.31 19.92 -27.26
CA TYR A 541 40.19 20.32 -28.35
C TYR A 541 39.65 21.55 -29.08
N TYR A 542 38.33 21.75 -29.09
CA TYR A 542 37.70 22.80 -29.87
C TYR A 542 37.39 24.03 -29.03
N GLU A 543 38.11 24.24 -27.95
CA GLU A 543 37.91 25.43 -27.13
C GLU A 543 38.25 26.68 -27.93
N THR A 544 37.39 27.69 -27.82
CA THR A 544 37.54 28.94 -28.56
C THR A 544 37.67 30.11 -27.59
N ARG A 545 38.39 31.14 -28.01
CA ARG A 545 38.56 32.33 -27.19
C ARG A 545 37.27 33.14 -27.15
N ALA A 546 37.13 33.95 -26.09
CA ALA A 546 35.94 34.78 -25.94
C ALA A 546 35.84 35.83 -27.03
N ILE A 547 36.97 36.25 -27.60
CA ILE A 547 36.94 37.26 -28.66
C ILE A 547 36.24 36.71 -29.90
N ASP A 548 36.45 35.42 -30.20
CA ASP A 548 35.82 34.81 -31.36
C ASP A 548 34.31 34.71 -31.23
N GLU A 549 33.78 34.83 -30.02
CA GLU A 549 32.34 34.72 -29.82
C GLU A 549 31.63 35.96 -30.37
N PRO A 550 30.37 35.81 -30.79
CA PRO A 550 29.67 36.94 -31.43
C PRO A 550 29.56 38.18 -30.58
N ASN A 551 29.42 38.03 -29.25
CA ASN A 551 29.26 39.17 -28.36
C ASN A 551 30.35 39.24 -27.31
N ASN A 552 31.51 38.63 -27.58
CA ASN A 552 32.62 38.57 -26.63
C ASN A 552 32.23 37.89 -25.33
N CYS A 553 31.23 37.02 -25.39
CA CYS A 553 30.73 36.29 -24.23
C CYS A 553 31.03 34.81 -24.41
N LYS A 554 31.71 34.22 -23.45
CA LYS A 554 32.09 32.82 -23.49
C LYS A 554 31.41 32.05 -22.37
N GLY A 555 30.87 30.88 -22.69
CA GLY A 555 30.24 30.03 -21.70
C GLY A 555 28.78 29.80 -22.01
N ILE A 556 28.09 29.15 -21.09
CA ILE A 556 26.69 28.79 -21.31
C ILE A 556 25.71 29.83 -20.81
N ARG A 557 26.18 30.86 -20.11
CA ARG A 557 25.30 31.93 -19.66
C ARG A 557 25.23 33.08 -20.65
N CYS A 558 25.58 32.84 -21.91
CA CYS A 558 25.44 33.83 -22.97
C CYS A 558 24.15 33.60 -23.75
N GLU A 559 23.75 34.61 -24.51
CA GLU A 559 22.53 34.49 -25.30
C GLU A 559 22.64 33.37 -26.32
N LYS A 560 23.81 33.25 -26.96
CA LYS A 560 24.15 32.08 -27.78
C LYS A 560 25.17 31.26 -26.99
N GLN A 561 24.73 30.12 -26.46
CA GLN A 561 25.60 29.31 -25.62
C GLN A 561 26.75 28.73 -26.44
N ASN A 562 27.92 28.64 -25.82
CA ASN A 562 29.11 28.17 -26.50
C ASN A 562 30.10 27.65 -25.46
N ASN A 563 31.04 26.83 -25.93
CA ASN A 563 32.06 26.25 -25.05
C ASN A 563 31.42 25.53 -23.87
N ALA A 564 30.35 24.79 -24.15
CA ALA A 564 29.64 24.12 -23.07
C ALA A 564 30.51 23.06 -22.41
N PHE A 565 31.34 22.38 -23.19
CA PHE A 565 32.14 21.27 -22.68
C PHE A 565 33.63 21.51 -22.84
N SER A 566 34.05 22.77 -22.90
CA SER A 566 35.46 23.06 -23.16
C SER A 566 36.34 22.77 -21.94
N THR A 567 35.86 23.10 -20.75
CA THR A 567 36.60 22.82 -19.52
C THR A 567 35.75 21.97 -18.60
N LEU A 568 36.39 21.32 -17.64
CA LEU A 568 35.68 20.42 -16.75
C LEU A 568 34.66 21.16 -15.89
N PHE A 569 35.05 22.33 -15.39
CA PHE A 569 34.12 23.13 -14.58
C PHE A 569 32.91 23.54 -15.39
N GLU A 570 33.14 24.07 -16.59
CA GLU A 570 32.04 24.43 -17.47
C GLU A 570 31.21 23.21 -17.86
N THR A 571 31.86 22.07 -18.06
CA THR A 571 31.13 20.86 -18.40
C THR A 571 30.20 20.44 -17.27
N LEU A 572 30.68 20.51 -16.03
CA LEU A 572 29.83 20.19 -14.90
C LEU A 572 28.62 21.13 -14.85
N GLN A 573 28.85 22.42 -15.07
CA GLN A 573 27.74 23.36 -15.07
C GLN A 573 26.75 23.08 -16.19
N SER A 574 27.26 22.74 -17.38
CA SER A 574 26.37 22.45 -18.51
C SER A 574 25.53 21.21 -18.22
N LEU A 575 26.14 20.17 -17.66
CA LEU A 575 25.38 18.97 -17.37
C LEU A 575 24.36 19.24 -16.28
N PHE A 576 24.70 20.10 -15.32
CA PHE A 576 23.73 20.48 -14.31
C PHE A 576 22.54 21.20 -14.94
N TRP A 577 22.81 22.22 -15.77
CA TRP A 577 21.70 22.98 -16.32
C TRP A 577 20.89 22.21 -17.34
N SER A 578 21.45 21.16 -17.94
CA SER A 578 20.63 20.35 -18.82
C SER A 578 19.54 19.59 -18.06
N VAL A 579 19.71 19.39 -16.75
CA VAL A 579 18.68 18.73 -15.96
C VAL A 579 17.38 19.52 -16.01
N PHE A 580 17.49 20.85 -16.04
CA PHE A 580 16.33 21.73 -16.13
C PHE A 580 16.06 22.17 -17.56
N GLY A 581 16.75 21.59 -18.54
CA GLY A 581 16.47 21.89 -19.94
C GLY A 581 16.97 23.23 -20.40
N LEU A 582 17.86 23.87 -19.66
CA LEU A 582 18.32 25.21 -20.01
C LEU A 582 19.56 25.20 -20.90
N LEU A 583 20.07 24.03 -21.24
CA LEU A 583 21.20 23.89 -22.14
C LEU A 583 20.68 23.54 -23.52
N ASN A 584 20.96 24.38 -24.51
CA ASN A 584 20.45 24.15 -25.87
C ASN A 584 21.24 23.06 -26.57
N LEU A 585 20.62 22.48 -27.58
CA LEU A 585 21.22 21.32 -28.23
C LEU A 585 22.39 21.68 -29.13
N TYR A 586 22.45 22.92 -29.63
CA TYR A 586 23.52 23.28 -30.56
C TYR A 586 24.88 23.39 -29.87
N VAL A 587 24.94 23.35 -28.54
CA VAL A 587 26.23 23.38 -27.87
C VAL A 587 27.04 22.12 -28.16
N THR A 588 26.41 21.06 -28.66
CA THR A 588 27.12 19.85 -29.06
C THR A 588 27.68 19.95 -30.48
N ASN A 589 27.78 21.15 -31.03
CA ASN A 589 28.23 21.37 -32.41
C ASN A 589 29.56 22.08 -32.38
N VAL A 590 30.44 21.76 -33.34
CA VAL A 590 31.75 22.38 -33.42
C VAL A 590 31.90 23.02 -34.80
N LYS A 591 32.79 24.02 -34.85
CA LYS A 591 33.00 24.77 -36.09
C LYS A 591 33.57 23.87 -37.19
N ALA A 592 34.48 22.97 -36.83
CA ALA A 592 35.01 22.03 -37.81
C ALA A 592 33.92 21.08 -38.28
N ARG A 593 34.14 20.50 -39.46
CA ARG A 593 33.20 19.54 -40.03
C ARG A 593 33.47 18.12 -39.55
N HIS A 594 33.58 17.95 -38.23
CA HIS A 594 33.83 16.64 -37.63
C HIS A 594 32.50 16.05 -37.20
N GLU A 595 31.75 15.57 -38.18
CA GLU A 595 30.39 15.10 -37.90
C GLU A 595 30.39 13.88 -37.00
N PHE A 596 31.43 13.02 -37.08
CA PHE A 596 31.49 11.87 -36.18
C PHE A 596 31.72 12.32 -34.74
N THR A 597 32.63 13.27 -34.52
CA THR A 597 32.84 13.80 -33.18
C THR A 597 31.58 14.46 -32.65
N GLU A 598 30.92 15.26 -33.49
CA GLU A 598 29.68 15.91 -33.05
C GLU A 598 28.62 14.87 -32.70
N PHE A 599 28.50 13.81 -33.50
CA PHE A 599 27.50 12.80 -33.20
C PHE A 599 27.82 12.07 -31.91
N VAL A 600 29.09 11.74 -31.68
CA VAL A 600 29.45 11.04 -30.45
C VAL A 600 29.18 11.92 -29.24
N GLY A 601 29.51 13.21 -29.33
CA GLY A 601 29.20 14.11 -28.23
C GLY A 601 27.71 14.25 -28.00
N ALA A 602 26.92 14.32 -29.07
CA ALA A 602 25.47 14.38 -28.92
C ALA A 602 24.93 13.11 -28.30
N THR A 603 25.54 11.97 -28.60
CA THR A 603 25.09 10.72 -28.01
C THR A 603 25.45 10.62 -26.53
N MET A 604 26.65 11.08 -26.15
CA MET A 604 26.97 11.16 -24.73
C MET A 604 26.00 12.06 -24.01
N PHE A 605 25.71 13.23 -24.58
CA PHE A 605 24.78 14.15 -23.95
C PHE A 605 23.39 13.54 -23.86
N GLY A 606 22.96 12.82 -24.88
CA GLY A 606 21.64 12.19 -24.84
C GLY A 606 21.57 11.06 -23.85
N THR A 607 22.62 10.25 -23.74
CA THR A 607 22.63 9.19 -22.74
C THR A 607 22.60 9.77 -21.35
N TYR A 608 23.34 10.85 -21.12
CA TYR A 608 23.26 11.54 -19.83
C TYR A 608 21.83 12.02 -19.57
N ASN A 609 21.18 12.61 -20.57
CA ASN A 609 19.80 13.05 -20.37
C ASN A 609 18.90 11.88 -20.01
N VAL A 610 19.03 10.78 -20.75
CA VAL A 610 18.16 9.64 -20.50
C VAL A 610 18.35 9.14 -19.07
N ILE A 611 19.61 8.93 -18.67
CA ILE A 611 19.87 8.43 -17.33
C ILE A 611 19.29 9.42 -16.32
N SER A 612 19.84 10.62 -16.28
CA SER A 612 19.51 11.55 -15.20
C SER A 612 18.03 11.88 -15.14
N LEU A 613 17.32 11.92 -16.27
CA LEU A 613 15.92 12.33 -16.27
C LEU A 613 14.96 11.15 -16.26
N VAL A 614 15.07 10.26 -17.25
CA VAL A 614 14.14 9.14 -17.33
C VAL A 614 14.38 8.14 -16.21
N VAL A 615 15.65 7.79 -15.94
CA VAL A 615 15.90 6.71 -15.01
C VAL A 615 16.03 7.25 -13.59
N LEU A 616 17.01 8.12 -13.36
CA LEU A 616 17.35 8.55 -12.00
C LEU A 616 16.23 9.36 -11.35
N LEU A 617 15.65 10.29 -12.08
CA LEU A 617 14.60 11.13 -11.49
C LEU A 617 13.38 10.30 -11.12
N ASN A 618 12.98 9.36 -11.99
CA ASN A 618 11.85 8.51 -11.66
C ASN A 618 12.17 7.59 -10.49
N MET A 619 13.40 7.08 -10.43
CA MET A 619 13.77 6.27 -9.27
C MET A 619 13.70 7.09 -7.99
N LEU A 620 14.11 8.35 -8.07
CA LEU A 620 14.00 9.25 -6.91
C LEU A 620 12.55 9.44 -6.50
N ILE A 621 11.65 9.59 -7.47
CA ILE A 621 10.23 9.72 -7.15
C ILE A 621 9.73 8.45 -6.45
N ALA A 622 10.12 7.27 -6.95
CA ALA A 622 9.70 6.03 -6.31
C ALA A 622 10.22 5.93 -4.89
N MET A 623 11.50 6.27 -4.67
CA MET A 623 12.05 6.24 -3.33
C MET A 623 11.30 7.19 -2.40
N MET A 624 11.07 8.41 -2.84
CA MET A 624 10.38 9.40 -2.01
C MET A 624 8.97 9.01 -1.73
N ASN A 625 8.34 8.42 -2.71
CA ASN A 625 6.98 7.96 -2.61
C ASN A 625 6.86 6.90 -1.55
N ASN A 626 7.83 6.00 -1.53
CA ASN A 626 7.82 4.92 -0.57
C ASN A 626 8.20 5.41 0.81
N SER A 627 9.20 6.26 0.90
CA SER A 627 9.65 6.76 2.19
C SER A 627 8.56 7.57 2.87
N TYR A 628 7.83 8.35 2.11
CA TYR A 628 6.75 9.16 2.64
C TYR A 628 5.67 8.26 3.23
N GLN A 629 5.37 7.17 2.56
CA GLN A 629 4.39 6.23 3.03
C GLN A 629 4.88 5.61 4.33
N LEU A 630 6.16 5.33 4.46
CA LEU A 630 6.64 4.79 5.72
C LEU A 630 6.47 5.80 6.85
N ILE A 631 6.92 7.03 6.65
CA ILE A 631 6.85 8.07 7.67
C ILE A 631 5.45 8.50 8.11
N ALA A 632 4.49 8.56 7.20
CA ALA A 632 3.14 9.00 7.51
C ALA A 632 2.51 8.44 8.78
N ASP A 633 2.78 7.19 9.12
CA ASP A 633 2.23 6.60 10.33
C ASP A 633 2.78 7.26 11.58
N HIS A 634 4.07 7.55 11.58
CA HIS A 634 4.70 8.14 12.74
C HIS A 634 4.75 9.65 12.71
N ALA A 635 4.24 10.26 11.68
CA ALA A 635 4.28 11.72 11.59
C ALA A 635 3.84 12.53 12.81
N ASP A 636 2.80 12.11 13.51
CA ASP A 636 2.26 12.83 14.65
C ASP A 636 3.17 12.74 15.87
N ILE A 637 3.61 11.54 16.19
CA ILE A 637 4.48 11.34 17.32
C ILE A 637 5.76 12.11 17.12
N GLU A 638 6.32 12.04 15.92
CA GLU A 638 7.54 12.74 15.61
C GLU A 638 7.35 14.24 15.72
N TRP A 639 6.21 14.72 15.24
CA TRP A 639 5.95 16.14 15.29
C TRP A 639 5.78 16.64 16.71
N LYS A 640 5.07 15.88 17.53
CA LYS A 640 4.84 16.29 18.91
C LYS A 640 6.13 16.31 19.71
N PHE A 641 7.04 15.38 19.42
CA PHE A 641 8.35 15.43 20.06
C PHE A 641 9.09 16.72 19.68
N ALA A 642 9.11 17.05 18.39
CA ALA A 642 9.79 18.26 17.95
C ALA A 642 9.14 19.50 18.54
N ARG A 643 7.81 19.54 18.58
CA ARG A 643 7.12 20.69 19.14
C ARG A 643 7.38 20.80 20.64
N THR A 644 7.48 19.66 21.34
CA THR A 644 7.82 19.71 22.74
C THR A 644 9.20 20.30 22.95
N LYS A 645 10.16 19.91 22.10
CA LYS A 645 11.49 20.52 22.22
C LYS A 645 11.43 22.02 21.98
N LEU A 646 10.67 22.45 20.97
CA LEU A 646 10.54 23.88 20.71
C LEU A 646 9.92 24.60 21.90
N TRP A 647 8.85 24.04 22.48
CA TRP A 647 8.21 24.67 23.63
C TRP A 647 9.16 24.75 24.81
N MET A 648 9.89 23.67 25.09
CA MET A 648 10.78 23.67 26.24
C MET A 648 11.92 24.64 26.06
N SER A 649 12.32 24.91 24.80
CA SER A 649 13.37 25.89 24.58
C SER A 649 12.96 27.29 25.04
N TYR A 650 11.65 27.55 25.18
CA TYR A 650 11.16 28.84 25.67
C TYR A 650 10.77 28.81 27.13
N PHE A 651 11.08 27.73 27.85
CA PHE A 651 10.77 27.68 29.27
C PHE A 651 11.88 28.28 30.15
N ASP A 652 13.07 28.48 29.61
CA ASP A 652 14.21 28.91 30.40
C ASP A 652 14.25 30.43 30.55
N GLU A 653 14.87 30.89 31.63
CA GLU A 653 15.03 32.32 31.85
C GLU A 653 15.97 32.94 30.82
N GLY A 654 17.06 32.25 30.49
CA GLY A 654 18.02 32.80 29.56
C GLY A 654 17.44 32.95 28.16
N GLY A 655 17.88 34.01 27.48
CA GLY A 655 17.38 34.28 26.14
C GLY A 655 15.97 34.82 26.10
N THR A 656 15.50 35.43 27.18
CA THR A 656 14.14 35.97 27.18
C THR A 656 13.99 37.10 26.16
N LEU A 657 14.95 38.02 26.12
CA LEU A 657 14.87 39.15 25.21
C LEU A 657 15.32 38.73 23.81
N PRO A 658 14.49 38.94 22.79
CA PRO A 658 14.94 38.67 21.43
C PRO A 658 15.87 39.76 20.93
N PRO A 659 16.62 39.52 19.87
CA PRO A 659 17.47 40.56 19.31
C PRO A 659 16.63 41.70 18.79
N PRO A 660 17.14 42.95 18.84
CA PRO A 660 18.48 43.30 19.30
C PRO A 660 18.53 43.62 20.80
N PHE A 661 17.43 43.38 21.52
CA PHE A 661 17.36 43.76 22.93
C PHE A 661 18.22 42.88 23.84
N ASN A 662 18.76 41.77 23.32
CA ASN A 662 19.57 40.90 24.16
C ASN A 662 20.98 41.43 24.40
N ILE A 663 21.43 42.41 23.62
CA ILE A 663 22.76 42.99 23.81
C ILE A 663 22.74 44.25 24.65
N ILE A 664 21.58 44.84 24.89
CA ILE A 664 21.49 46.07 25.69
C ILE A 664 21.79 45.78 27.17
N SER A 706 14.35 16.38 49.29
CA SER A 706 14.67 15.31 48.34
C SER A 706 14.09 13.97 48.80
N LEU A 707 14.15 13.70 50.10
CA LEU A 707 13.65 12.44 50.63
C LEU A 707 12.13 12.33 50.48
N ILE A 708 11.41 13.42 50.77
CA ILE A 708 9.96 13.38 50.63
C ILE A 708 9.56 13.29 49.16
N GLN A 709 10.39 13.86 48.27
CA GLN A 709 10.11 13.82 46.86
C GLN A 709 10.25 12.39 46.37
N ASN A 710 11.29 11.72 46.81
CA ASN A 710 11.51 10.33 46.43
C ASN A 710 10.40 9.45 46.96
N GLN A 711 9.96 9.72 48.18
CA GLN A 711 8.89 8.92 48.78
C GLN A 711 7.63 9.07 47.96
N HIS A 712 7.27 10.30 47.62
CA HIS A 712 6.11 10.54 46.78
C HIS A 712 6.26 9.84 45.43
N TYR A 713 7.45 9.94 44.83
CA TYR A 713 7.69 9.28 43.57
C TYR A 713 7.57 7.76 43.71
N GLN A 714 8.06 7.21 44.82
CA GLN A 714 7.99 5.77 45.04
C GLN A 714 6.55 5.30 45.17
N GLU A 715 5.72 6.04 45.92
CA GLU A 715 4.33 5.61 46.06
C GLU A 715 3.57 5.75 44.74
N VAL A 716 3.82 6.83 43.99
CA VAL A 716 3.18 6.97 42.68
C VAL A 716 3.62 5.84 41.75
N ILE A 717 4.90 5.49 41.78
CA ILE A 717 5.40 4.41 40.94
C ILE A 717 4.79 3.08 41.35
N ARG A 718 4.62 2.84 42.65
CA ARG A 718 4.00 1.61 43.10
C ARG A 718 2.57 1.50 42.57
N ASN A 719 1.81 2.60 42.65
CA ASN A 719 0.45 2.59 42.11
C ASN A 719 0.48 2.34 40.60
N LEU A 720 1.38 3.01 39.89
CA LEU A 720 1.46 2.84 38.44
C LEU A 720 1.78 1.40 38.07
N VAL A 721 2.68 0.76 38.82
CA VAL A 721 3.06 -0.61 38.51
C VAL A 721 1.90 -1.56 38.77
N LYS A 722 1.19 -1.38 39.90
CA LYS A 722 0.01 -2.21 40.14
C LYS A 722 -0.99 -2.07 38.99
N ARG A 723 -1.29 -0.82 38.61
CA ARG A 723 -2.27 -0.59 37.55
C ARG A 723 -1.81 -1.19 36.23
N TYR A 724 -0.53 -1.02 35.89
CA TYR A 724 -0.02 -1.53 34.63
C TYR A 724 -0.06 -3.05 34.61
N VAL A 725 0.31 -3.70 35.71
CA VAL A 725 0.29 -5.16 35.76
C VAL A 725 -1.13 -5.67 35.57
N ALA A 726 -2.09 -5.07 36.29
CA ALA A 726 -3.47 -5.48 36.14
C ALA A 726 -3.96 -5.26 34.71
N ALA A 727 -3.64 -4.11 34.12
CA ALA A 727 -4.11 -3.80 32.78
C ALA A 727 -3.53 -4.75 31.74
N MET A 728 -2.24 -5.08 31.86
CA MET A 728 -1.62 -5.96 30.88
C MET A 728 -2.10 -7.40 31.04
N ILE A 729 -2.33 -7.85 32.27
CA ILE A 729 -2.93 -9.17 32.47
C ILE A 729 -4.32 -9.22 31.85
N ARG A 730 -5.11 -8.17 32.05
CA ARG A 730 -6.44 -8.10 31.45
C ARG A 730 -6.36 -8.11 29.92
N ASN A 731 -5.41 -7.36 29.35
CA ASN A 731 -5.27 -7.31 27.89
C ASN A 731 -4.86 -8.67 27.32
N SER A 732 -3.94 -9.36 28.00
CA SER A 732 -3.52 -10.69 27.54
C SER A 732 -4.67 -11.68 27.62
N LYS A 733 -5.44 -11.65 28.71
CA LYS A 733 -6.57 -12.57 28.84
C LYS A 733 -7.63 -12.28 27.78
N THR A 734 -7.92 -11.01 27.51
CA THR A 734 -8.94 -10.64 26.53
C THR A 734 -8.37 -10.61 25.11
N THR A 739 -5.07 -21.10 20.75
CA THR A 739 -3.96 -21.99 20.43
C THR A 739 -4.40 -23.45 20.42
N GLU A 740 -3.64 -24.29 19.71
CA GLU A 740 -3.92 -25.73 19.70
C GLU A 740 -3.67 -26.35 21.07
N GLU A 741 -2.70 -25.82 21.81
CA GLU A 741 -2.39 -26.39 23.12
C GLU A 741 -3.56 -26.25 24.10
N ASN A 742 -4.37 -25.20 23.95
CA ASN A 742 -5.55 -25.07 24.80
C ASN A 742 -6.54 -26.21 24.53
N PHE A 743 -6.75 -26.55 23.26
CA PHE A 743 -7.62 -27.68 22.95
C PHE A 743 -7.02 -29.00 23.42
N LYS A 744 -5.70 -29.13 23.34
CA LYS A 744 -5.05 -30.32 23.88
C LYS A 744 -5.27 -30.43 25.38
N GLU A 745 -5.17 -29.31 26.10
CA GLU A 745 -5.43 -29.31 27.54
C GLU A 745 -6.88 -29.65 27.85
N LEU A 746 -7.81 -29.13 27.04
CA LEU A 746 -9.22 -29.46 27.25
C LEU A 746 -9.47 -30.95 27.04
N LYS A 747 -8.90 -31.51 25.98
CA LYS A 747 -9.02 -32.96 25.76
C LYS A 747 -8.41 -33.74 26.90
N GLN A 748 -7.27 -33.27 27.41
CA GLN A 748 -6.61 -33.95 28.52
C GLN A 748 -7.49 -33.94 29.77
N ASP A 749 -8.10 -32.79 30.08
CA ASP A 749 -8.97 -32.71 31.25
C ASP A 749 -10.18 -33.62 31.08
N ILE A 750 -10.79 -33.63 29.89
CA ILE A 750 -11.95 -34.48 29.67
C ILE A 750 -11.59 -35.94 29.80
N SER A 751 -10.45 -36.35 29.22
CA SER A 751 -10.06 -37.75 29.28
C SER A 751 -9.70 -38.17 30.71
N SER A 752 -9.03 -37.29 31.46
CA SER A 752 -8.72 -37.62 32.85
C SER A 752 -9.99 -37.78 33.66
N PHE A 753 -10.96 -36.88 33.47
CA PHE A 753 -12.24 -37.01 34.16
C PHE A 753 -12.93 -38.31 33.77
N ARG A 754 -12.90 -38.65 32.48
CA ARG A 754 -13.54 -39.87 32.01
C ARG A 754 -12.91 -41.10 32.64
N TYR A 755 -11.57 -41.15 32.69
CA TYR A 755 -10.91 -42.30 33.28
C TYR A 755 -11.20 -42.41 34.77
N GLU A 756 -11.22 -41.28 35.48
CA GLU A 756 -11.55 -41.31 36.90
C GLU A 756 -12.97 -41.83 37.13
N VAL A 757 -13.94 -41.35 36.32
CA VAL A 757 -15.31 -41.81 36.49
C VAL A 757 -15.44 -43.29 36.17
N LEU A 758 -14.80 -43.73 35.09
CA LEU A 758 -14.87 -45.14 34.71
C LEU A 758 -14.25 -46.02 35.78
N ASP A 759 -13.12 -45.61 36.35
CA ASP A 759 -12.51 -46.38 37.43
C ASP A 759 -13.41 -46.43 38.66
N LEU A 760 -14.01 -45.29 39.02
CA LEU A 760 -14.87 -45.25 40.20
C LEU A 760 -16.10 -46.13 40.03
N LEU A 761 -16.71 -46.12 38.84
CA LEU A 761 -17.89 -46.93 38.58
C LEU A 761 -17.51 -48.38 38.33
N ARG B 17 -27.67 16.33 35.69
CA ARG B 17 -27.92 14.89 35.60
C ARG B 17 -28.87 14.52 34.45
N ILE B 18 -28.60 13.38 33.81
CA ILE B 18 -29.43 12.85 32.75
C ILE B 18 -30.23 11.68 33.33
N PRO B 19 -31.55 11.77 33.43
CA PRO B 19 -32.33 10.59 33.85
C PRO B 19 -32.34 9.56 32.73
N LEU B 20 -32.11 8.30 33.09
CA LEU B 20 -32.13 7.18 32.16
C LEU B 20 -33.25 6.24 32.55
N GLN B 21 -34.13 5.95 31.59
CA GLN B 21 -35.28 5.08 31.81
C GLN B 21 -35.49 4.25 30.53
N ILE B 22 -36.64 3.61 30.41
CA ILE B 22 -36.95 2.79 29.25
C ILE B 22 -37.99 3.55 28.43
N VAL B 23 -37.56 4.18 27.35
CA VAL B 23 -38.47 4.96 26.51
C VAL B 23 -39.48 4.04 25.84
N ARG B 24 -39.01 2.93 25.26
CA ARG B 24 -39.87 1.94 24.62
C ARG B 24 -40.00 0.76 25.59
N ALA B 25 -41.03 0.81 26.43
CA ALA B 25 -41.22 -0.21 27.43
C ALA B 25 -41.78 -1.48 26.78
N GLU B 26 -41.57 -2.60 27.47
CA GLU B 26 -42.11 -3.88 27.04
C GLU B 26 -42.77 -4.58 28.23
N THR B 27 -43.19 -5.83 28.04
CA THR B 27 -43.82 -6.61 29.09
C THR B 27 -42.76 -7.46 29.77
N GLU B 28 -42.49 -7.19 31.04
CA GLU B 28 -41.48 -7.93 31.78
C GLU B 28 -41.95 -9.34 32.10
N LEU B 29 -40.98 -10.24 32.22
CA LEU B 29 -41.25 -11.61 32.62
C LEU B 29 -41.55 -11.68 34.12
N SER B 30 -42.33 -12.70 34.50
CA SER B 30 -42.54 -12.95 35.91
C SER B 30 -41.31 -13.66 36.49
N ALA B 31 -41.34 -13.86 37.81
CA ALA B 31 -40.25 -14.56 38.47
C ALA B 31 -40.14 -16.00 37.97
N GLU B 32 -41.27 -16.69 37.84
CA GLU B 32 -41.26 -18.07 37.38
C GLU B 32 -40.88 -18.18 35.91
N GLU B 33 -41.33 -17.24 35.08
CA GLU B 33 -40.95 -17.27 33.67
C GLU B 33 -39.44 -17.06 33.51
N LYS B 34 -38.86 -16.15 34.31
CA LYS B 34 -37.42 -15.96 34.29
C LYS B 34 -36.69 -17.20 34.79
N ALA B 35 -37.19 -17.84 35.85
CA ALA B 35 -36.55 -19.07 36.33
C ALA B 35 -36.61 -20.18 35.29
N PHE B 36 -37.75 -20.31 34.61
CA PHE B 36 -37.89 -21.33 33.58
C PHE B 36 -36.97 -21.05 32.39
N LEU B 37 -36.88 -19.79 31.97
CA LEU B 37 -35.98 -19.46 30.87
C LEU B 37 -34.52 -19.69 31.26
N ASN B 38 -34.17 -19.39 32.51
CA ASN B 38 -32.81 -19.67 32.98
C ASN B 38 -32.54 -21.16 32.99
N ALA B 39 -33.52 -21.98 33.40
CA ALA B 39 -33.35 -23.42 33.37
C ALA B 39 -33.17 -23.93 31.94
N VAL B 40 -33.92 -23.36 30.99
CA VAL B 40 -33.74 -23.73 29.58
C VAL B 40 -32.35 -23.35 29.10
N GLU B 41 -31.88 -22.15 29.46
CA GLU B 41 -30.55 -21.70 29.03
C GLU B 41 -29.46 -22.59 29.59
N LYS B 42 -29.56 -22.96 30.87
CA LYS B 42 -28.54 -23.81 31.49
C LYS B 42 -28.62 -25.26 31.02
N GLY B 43 -29.70 -25.65 30.35
CA GLY B 43 -29.82 -26.99 29.83
C GLY B 43 -30.28 -28.03 30.81
N ASP B 44 -30.78 -27.63 31.98
CA ASP B 44 -31.24 -28.58 32.99
C ASP B 44 -32.55 -29.20 32.49
N TYR B 45 -32.46 -30.43 31.98
CA TYR B 45 -33.62 -31.09 31.41
C TYR B 45 -34.70 -31.36 32.46
N ALA B 46 -34.28 -31.76 33.67
CA ALA B 46 -35.25 -32.15 34.69
C ALA B 46 -36.14 -30.98 35.11
N THR B 47 -35.53 -29.82 35.38
CA THR B 47 -36.32 -28.68 35.83
C THR B 47 -37.22 -28.14 34.72
N VAL B 48 -36.72 -28.15 33.48
CA VAL B 48 -37.55 -27.71 32.36
C VAL B 48 -38.74 -28.64 32.18
N LYS B 49 -38.52 -29.96 32.29
CA LYS B 49 -39.61 -30.91 32.19
C LYS B 49 -40.62 -30.72 33.32
N GLN B 50 -40.13 -30.50 34.54
CA GLN B 50 -41.03 -30.25 35.67
C GLN B 50 -41.86 -28.99 35.45
N ALA B 51 -41.23 -27.92 34.95
CA ALA B 51 -41.95 -26.68 34.69
C ALA B 51 -43.00 -26.87 33.60
N LEU B 52 -42.66 -27.61 32.54
CA LEU B 52 -43.63 -27.86 31.49
C LEU B 52 -44.81 -28.69 32.00
N GLN B 53 -44.54 -29.70 32.83
CA GLN B 53 -45.63 -30.51 33.38
C GLN B 53 -46.48 -29.72 34.36
N GLU B 54 -45.87 -28.80 35.11
CA GLU B 54 -46.62 -27.98 36.05
C GLU B 54 -47.44 -26.90 35.36
N ALA B 55 -46.99 -26.42 34.19
CA ALA B 55 -47.73 -25.40 33.46
C ALA B 55 -49.05 -25.93 32.91
N GLU B 56 -49.11 -27.24 32.62
CA GLU B 56 -50.36 -27.82 32.13
C GLU B 56 -51.43 -27.87 33.22
N ILE B 57 -51.02 -28.02 34.47
CA ILE B 57 -51.96 -28.16 35.58
C ILE B 57 -52.31 -26.81 36.19
N TYR B 58 -51.30 -25.98 36.47
CA TYR B 58 -51.52 -24.74 37.20
C TYR B 58 -51.61 -23.51 36.31
N TYR B 59 -51.11 -23.58 35.06
CA TYR B 59 -51.15 -22.47 34.12
C TYR B 59 -50.49 -21.22 34.70
N ASN B 60 -49.38 -21.40 35.40
CA ASN B 60 -48.67 -20.30 36.05
C ASN B 60 -47.52 -19.74 35.21
N VAL B 61 -46.99 -20.52 34.26
CA VAL B 61 -45.86 -20.09 33.45
C VAL B 61 -46.29 -20.12 31.98
N ASN B 62 -46.04 -19.03 31.28
CA ASN B 62 -46.30 -18.95 29.84
C ASN B 62 -45.12 -19.57 29.11
N ILE B 63 -45.34 -20.72 28.47
CA ILE B 63 -44.26 -21.42 27.80
C ILE B 63 -43.76 -20.67 26.57
N ASN B 64 -44.53 -19.71 26.07
CA ASN B 64 -44.15 -18.95 24.88
C ASN B 64 -43.60 -17.58 25.22
N CYS B 65 -43.27 -17.32 26.48
CA CYS B 65 -42.75 -16.02 26.89
C CYS B 65 -41.39 -15.77 26.26
N MET B 66 -41.14 -14.50 25.93
CA MET B 66 -39.87 -14.08 25.35
C MET B 66 -38.86 -13.83 26.47
N ASP B 67 -37.70 -13.31 26.12
CA ASP B 67 -36.70 -12.88 27.10
C ASP B 67 -36.39 -11.41 26.81
N PRO B 68 -35.52 -10.75 27.58
CA PRO B 68 -35.16 -9.36 27.23
C PRO B 68 -34.54 -9.22 25.84
N LEU B 69 -34.06 -10.30 25.25
CA LEU B 69 -33.52 -10.27 23.89
C LEU B 69 -34.53 -10.72 22.83
N GLY B 70 -35.75 -11.07 23.24
CA GLY B 70 -36.79 -11.49 22.31
C GLY B 70 -36.87 -12.97 22.04
N ARG B 71 -35.91 -13.76 22.50
CA ARG B 71 -35.92 -15.20 22.25
C ARG B 71 -36.89 -15.91 23.20
N SER B 72 -37.60 -16.90 22.66
CA SER B 72 -38.47 -17.75 23.46
C SER B 72 -37.69 -18.97 23.94
N ALA B 73 -38.38 -19.91 24.59
CA ALA B 73 -37.71 -21.12 25.06
C ALA B 73 -37.22 -21.96 23.89
N LEU B 74 -38.04 -22.08 22.84
CA LEU B 74 -37.64 -22.88 21.68
C LEU B 74 -36.43 -22.27 20.98
N LEU B 75 -36.39 -20.94 20.86
CA LEU B 75 -35.25 -20.28 20.24
C LEU B 75 -33.99 -20.45 21.08
N ILE B 76 -34.12 -20.39 22.40
CA ILE B 76 -32.97 -20.63 23.28
C ILE B 76 -32.46 -22.05 23.10
N ALA B 77 -33.38 -23.03 23.04
CA ALA B 77 -32.98 -24.41 22.86
C ALA B 77 -32.29 -24.63 21.52
N ILE B 78 -32.79 -23.99 20.47
CA ILE B 78 -32.17 -24.10 19.15
C ILE B 78 -30.78 -23.48 19.17
N GLU B 79 -30.63 -22.31 19.81
CA GLU B 79 -29.36 -21.61 19.79
C GLU B 79 -28.28 -22.36 20.57
N ASN B 80 -28.67 -23.18 21.53
CA ASN B 80 -27.70 -23.96 22.31
C ASN B 80 -27.47 -25.35 21.74
N GLU B 81 -28.10 -25.69 20.61
CA GLU B 81 -27.98 -27.01 19.99
C GLU B 81 -28.37 -28.11 20.97
N ASN B 82 -29.40 -27.83 21.77
CA ASN B 82 -29.90 -28.79 22.76
C ASN B 82 -31.08 -29.50 22.12
N LEU B 83 -30.81 -30.64 21.49
CA LEU B 83 -31.86 -31.38 20.80
C LEU B 83 -32.86 -32.00 21.77
N GLU B 84 -32.39 -32.42 22.95
CA GLU B 84 -33.28 -33.04 23.93
C GLU B 84 -34.32 -32.04 24.43
N ILE B 85 -33.87 -30.86 24.86
CA ILE B 85 -34.79 -29.84 25.34
C ILE B 85 -35.65 -29.31 24.20
N MET B 86 -35.08 -29.22 22.99
CA MET B 86 -35.85 -28.83 21.82
C MET B 86 -37.02 -29.78 21.59
N GLU B 87 -36.73 -31.08 21.58
CA GLU B 87 -37.77 -32.08 21.36
C GLU B 87 -38.78 -32.10 22.50
N LEU B 88 -38.31 -31.89 23.73
CA LEU B 88 -39.22 -31.78 24.86
C LEU B 88 -40.20 -30.61 24.68
N LEU B 89 -39.69 -29.46 24.25
CA LEU B 89 -40.56 -28.31 24.01
C LEU B 89 -41.53 -28.58 22.86
N LEU B 90 -41.06 -29.25 21.80
CA LEU B 90 -41.94 -29.55 20.67
C LEU B 90 -43.05 -30.53 21.08
N ASN B 91 -42.73 -31.50 21.93
CA ASN B 91 -43.75 -32.45 22.39
C ASN B 91 -44.81 -31.78 23.26
N HIS B 92 -44.50 -30.62 23.85
CA HIS B 92 -45.46 -29.87 24.64
C HIS B 92 -46.18 -28.79 23.83
N SER B 93 -46.00 -28.79 22.51
CA SER B 93 -46.73 -27.92 21.59
C SER B 93 -46.51 -26.44 21.93
N VAL B 94 -45.25 -26.02 21.82
CA VAL B 94 -44.91 -24.62 21.97
C VAL B 94 -45.07 -23.94 20.61
N TYR B 95 -45.16 -22.61 20.63
CA TYR B 95 -45.23 -21.86 19.38
C TYR B 95 -43.97 -22.10 18.57
N VAL B 96 -44.14 -22.40 17.29
CA VAL B 96 -43.04 -22.83 16.44
C VAL B 96 -42.83 -21.92 15.24
N GLY B 97 -43.60 -20.84 15.12
CA GLY B 97 -43.49 -19.95 13.99
C GLY B 97 -42.11 -19.37 13.79
N ASP B 98 -41.58 -19.50 12.58
CA ASP B 98 -40.27 -18.99 12.18
C ASP B 98 -39.11 -19.67 12.91
N ALA B 99 -39.39 -20.70 13.71
CA ALA B 99 -38.30 -21.42 14.37
C ALA B 99 -37.46 -22.18 13.35
N LEU B 100 -38.08 -22.65 12.26
CA LEU B 100 -37.33 -23.33 11.22
C LEU B 100 -36.28 -22.41 10.60
N LEU B 101 -36.61 -21.12 10.45
CA LEU B 101 -35.65 -20.18 9.90
C LEU B 101 -34.43 -20.02 10.81
N TYR B 102 -34.67 -19.92 12.12
CA TYR B 102 -33.55 -19.82 13.06
C TYR B 102 -32.72 -21.10 13.05
N ALA B 103 -33.37 -22.26 12.96
CA ALA B 103 -32.63 -23.52 12.88
C ALA B 103 -31.77 -23.57 11.62
N ILE B 104 -32.31 -23.11 10.50
CA ILE B 104 -31.55 -23.15 9.24
C ILE B 104 -30.38 -22.17 9.29
N ARG B 105 -30.61 -20.95 9.81
CA ARG B 105 -29.53 -19.99 9.89
C ARG B 105 -28.43 -20.47 10.84
N LYS B 106 -28.81 -21.14 11.94
CA LYS B 106 -27.84 -21.70 12.86
C LYS B 106 -27.03 -22.82 12.22
N GLU B 107 -27.50 -23.36 11.09
CA GLU B 107 -26.80 -24.42 10.36
C GLU B 107 -26.62 -25.66 11.23
N VAL B 108 -27.69 -26.03 11.94
CA VAL B 108 -27.70 -27.22 12.80
C VAL B 108 -28.61 -28.25 12.16
N VAL B 109 -28.05 -29.43 11.87
CA VAL B 109 -28.79 -30.45 11.15
C VAL B 109 -29.91 -31.04 12.00
N GLY B 110 -29.64 -31.30 13.28
CA GLY B 110 -30.65 -31.90 14.14
C GLY B 110 -31.90 -31.05 14.27
N ALA B 111 -31.71 -29.72 14.38
CA ALA B 111 -32.86 -28.83 14.55
C ALA B 111 -33.77 -28.85 13.32
N VAL B 112 -33.17 -28.83 12.12
CA VAL B 112 -33.96 -28.82 10.90
C VAL B 112 -34.78 -30.11 10.79
N GLU B 113 -34.16 -31.26 11.04
CA GLU B 113 -34.90 -32.53 10.93
C GLU B 113 -35.96 -32.64 12.02
N LEU B 114 -35.68 -32.12 13.21
CA LEU B 114 -36.67 -32.12 14.28
C LEU B 114 -37.89 -31.29 13.88
N LEU B 115 -37.65 -30.08 13.37
CA LEU B 115 -38.75 -29.17 13.04
C LEU B 115 -39.49 -29.57 11.78
N LEU B 116 -38.82 -30.18 10.82
CA LEU B 116 -39.48 -30.63 9.59
C LEU B 116 -40.46 -31.76 9.85
N SER B 117 -40.13 -32.66 10.80
CA SER B 117 -41.06 -33.70 11.20
C SER B 117 -42.09 -33.21 12.19
N TYR B 118 -41.93 -32.01 12.73
CA TYR B 118 -42.87 -31.40 13.68
C TYR B 118 -43.13 -32.29 14.89
N GLN B 135 -45.51 -11.01 15.19
CA GLN B 135 -44.44 -10.88 16.15
C GLN B 135 -43.14 -10.42 15.46
N PHE B 136 -42.21 -9.97 16.28
CA PHE B 136 -40.90 -9.57 15.77
C PHE B 136 -40.14 -10.79 15.24
N SER B 137 -39.51 -10.62 14.09
CA SER B 137 -38.69 -11.67 13.49
C SER B 137 -37.41 -11.06 12.93
N GLU B 138 -36.34 -11.86 12.97
CA GLU B 138 -35.08 -11.43 12.40
C GLU B 138 -34.99 -11.65 10.89
N PHE B 139 -36.03 -12.23 10.30
CA PHE B 139 -36.05 -12.54 8.87
C PHE B 139 -37.18 -11.78 8.21
N THR B 140 -36.90 -11.21 7.04
CA THR B 140 -37.91 -10.48 6.30
C THR B 140 -39.02 -11.43 5.84
N PRO B 141 -40.21 -10.91 5.61
CA PRO B 141 -41.35 -11.80 5.27
C PRO B 141 -41.14 -12.61 4.00
N ASP B 142 -40.32 -12.14 3.06
CA ASP B 142 -40.14 -12.87 1.81
C ASP B 142 -39.20 -14.06 1.95
N ILE B 143 -38.51 -14.21 3.08
CA ILE B 143 -37.58 -15.31 3.26
C ILE B 143 -38.36 -16.60 3.47
N THR B 144 -38.05 -17.62 2.68
CA THR B 144 -38.62 -18.95 2.78
C THR B 144 -37.54 -19.93 3.25
N PRO B 145 -37.93 -21.09 3.78
CA PRO B 145 -36.90 -22.03 4.26
C PRO B 145 -35.86 -22.40 3.21
N ILE B 146 -36.28 -22.69 1.99
CA ILE B 146 -35.32 -23.08 0.95
C ILE B 146 -34.44 -21.90 0.58
N MET B 147 -35.02 -20.70 0.52
CA MET B 147 -34.24 -19.50 0.20
C MET B 147 -33.19 -19.23 1.28
N LEU B 148 -33.57 -19.33 2.54
CA LEU B 148 -32.60 -19.13 3.61
C LEU B 148 -31.52 -20.21 3.58
N ALA B 149 -31.90 -21.45 3.33
CA ALA B 149 -30.92 -22.53 3.25
C ALA B 149 -29.93 -22.27 2.12
N ALA B 150 -30.42 -21.80 0.97
CA ALA B 150 -29.51 -21.43 -0.11
C ALA B 150 -28.60 -20.29 0.29
N HIS B 151 -29.13 -19.31 1.03
CA HIS B 151 -28.29 -18.22 1.52
C HIS B 151 -27.16 -18.73 2.40
N THR B 152 -27.46 -19.69 3.28
CA THR B 152 -26.41 -20.24 4.13
C THR B 152 -25.43 -21.10 3.34
N ASN B 153 -25.81 -21.56 2.15
CA ASN B 153 -24.95 -22.39 1.31
C ASN B 153 -24.51 -23.65 2.04
N ASN B 154 -25.44 -24.24 2.80
CA ASN B 154 -25.17 -25.45 3.56
C ASN B 154 -25.73 -26.62 2.78
N TYR B 155 -24.85 -27.51 2.33
CA TYR B 155 -25.26 -28.57 1.41
C TYR B 155 -26.24 -29.55 2.06
N GLU B 156 -26.02 -29.89 3.33
CA GLU B 156 -26.88 -30.87 3.99
C GLU B 156 -28.31 -30.36 4.11
N ILE B 157 -28.48 -29.15 4.62
CA ILE B 157 -29.83 -28.60 4.82
C ILE B 157 -30.49 -28.32 3.48
N ILE B 158 -29.73 -27.80 2.51
CA ILE B 158 -30.30 -27.57 1.18
C ILE B 158 -30.79 -28.88 0.58
N LYS B 159 -30.00 -29.94 0.72
CA LYS B 159 -30.42 -31.25 0.21
C LYS B 159 -31.67 -31.74 0.95
N LEU B 160 -31.72 -31.55 2.26
CA LEU B 160 -32.90 -31.97 3.03
C LEU B 160 -34.16 -31.26 2.53
N LEU B 161 -34.06 -29.96 2.24
CA LEU B 161 -35.22 -29.21 1.79
C LEU B 161 -35.58 -29.54 0.34
N VAL B 162 -34.59 -29.77 -0.52
CA VAL B 162 -34.87 -30.14 -1.91
C VAL B 162 -35.39 -31.57 -2.00
N GLN B 163 -35.17 -32.39 -0.98
CA GLN B 163 -35.78 -33.72 -0.96
C GLN B 163 -37.29 -33.64 -1.02
N LYS B 164 -37.88 -32.59 -0.48
CA LYS B 164 -39.31 -32.34 -0.61
C LYS B 164 -39.58 -31.61 -1.92
N ARG B 165 -40.80 -31.11 -2.09
CA ARG B 165 -41.16 -30.37 -3.30
C ARG B 165 -41.17 -28.89 -2.95
N VAL B 166 -40.01 -28.24 -3.12
CA VAL B 166 -39.86 -26.82 -2.84
C VAL B 166 -39.55 -26.10 -4.14
N THR B 167 -39.94 -24.83 -4.20
CA THR B 167 -39.73 -24.01 -5.38
C THR B 167 -39.25 -22.63 -4.96
N ILE B 168 -38.56 -21.95 -5.88
CA ILE B 168 -38.10 -20.59 -5.70
C ILE B 168 -38.70 -19.75 -6.82
N PRO B 169 -39.31 -18.61 -6.52
CA PRO B 169 -39.95 -17.81 -7.59
C PRO B 169 -38.95 -17.37 -8.65
N ARG B 170 -39.37 -17.33 -9.89
CA ARG B 170 -38.45 -16.93 -10.92
C ARG B 170 -38.45 -15.44 -11.09
N PRO B 171 -37.29 -14.81 -10.94
CA PRO B 171 -37.16 -13.36 -11.16
C PRO B 171 -37.48 -13.03 -12.61
N HIS B 172 -38.07 -11.85 -12.80
CA HIS B 172 -38.46 -11.41 -14.13
C HIS B 172 -37.22 -10.91 -14.88
N GLN B 173 -37.42 -10.36 -16.07
CA GLN B 173 -36.33 -9.83 -16.85
C GLN B 173 -35.68 -8.64 -16.15
N ILE B 174 -34.39 -8.42 -16.44
CA ILE B 174 -33.67 -7.30 -15.84
C ILE B 174 -34.33 -5.98 -16.20
N ARG B 175 -34.79 -5.84 -17.44
CA ARG B 175 -35.50 -4.66 -17.91
C ARG B 175 -36.96 -4.98 -18.21
N CYS B 176 -37.57 -5.79 -17.37
CA CYS B 176 -38.98 -6.15 -17.55
C CYS B 176 -39.89 -4.96 -17.30
N ASN B 177 -40.96 -4.86 -18.09
CA ASN B 177 -41.90 -3.75 -18.00
C ASN B 177 -43.34 -4.24 -17.89
N CYS B 178 -43.55 -5.42 -17.30
CA CYS B 178 -44.90 -5.92 -17.14
C CYS B 178 -45.61 -5.16 -16.03
N VAL B 179 -46.93 -5.41 -15.93
CA VAL B 179 -47.74 -4.68 -14.96
C VAL B 179 -47.35 -5.05 -13.54
N GLU B 180 -47.05 -6.32 -13.28
CA GLU B 180 -46.72 -6.75 -11.93
C GLU B 180 -45.45 -6.07 -11.42
N CYS B 181 -44.42 -5.99 -12.27
CA CYS B 181 -43.15 -5.42 -11.85
C CYS B 181 -43.29 -3.95 -11.51
N VAL B 182 -43.93 -3.18 -12.39
CA VAL B 182 -44.07 -1.74 -12.14
C VAL B 182 -45.01 -1.49 -10.96
N SER B 183 -46.05 -2.32 -10.80
CA SER B 183 -46.94 -2.17 -9.66
C SER B 183 -46.21 -2.41 -8.35
N SER B 184 -45.40 -3.48 -8.28
CA SER B 184 -44.65 -3.75 -7.06
C SER B 184 -43.60 -2.68 -6.81
N SER B 185 -42.96 -2.18 -7.87
CA SER B 185 -41.96 -1.12 -7.70
C SER B 185 -42.57 0.16 -7.17
N GLU B 186 -43.75 0.54 -7.68
CA GLU B 186 -44.39 1.77 -7.22
C GLU B 186 -45.00 1.62 -5.83
N VAL B 187 -45.58 0.45 -5.53
CA VAL B 187 -46.19 0.25 -4.21
C VAL B 187 -45.12 0.21 -3.13
N ASP B 188 -44.05 -0.55 -3.35
CA ASP B 188 -42.99 -0.68 -2.36
C ASP B 188 -41.69 -1.00 -3.09
N SER B 189 -40.88 0.01 -3.35
CA SER B 189 -39.61 -0.20 -4.04
C SER B 189 -38.62 -0.96 -3.17
N LEU B 190 -38.58 -0.63 -1.87
CA LEU B 190 -37.64 -1.28 -0.97
C LEU B 190 -37.94 -2.78 -0.87
N ARG B 191 -39.21 -3.13 -0.66
CA ARG B 191 -39.57 -4.54 -0.54
C ARG B 191 -39.28 -5.28 -1.83
N HIS B 192 -39.60 -4.68 -2.97
CA HIS B 192 -39.38 -5.36 -4.25
C HIS B 192 -37.88 -5.59 -4.50
N SER B 193 -37.07 -4.55 -4.26
CA SER B 193 -35.64 -4.69 -4.45
C SER B 193 -35.04 -5.73 -3.50
N ARG B 194 -35.49 -5.73 -2.24
CA ARG B 194 -35.01 -6.71 -1.28
C ARG B 194 -35.39 -8.13 -1.71
N SER B 195 -36.63 -8.31 -2.17
CA SER B 195 -37.05 -9.64 -2.61
C SER B 195 -36.25 -10.11 -3.81
N ARG B 196 -36.01 -9.22 -4.77
CA ARG B 196 -35.20 -9.62 -5.93
C ARG B 196 -33.79 -10.02 -5.50
N LEU B 197 -33.18 -9.23 -4.61
CA LEU B 197 -31.83 -9.55 -4.15
C LEU B 197 -31.81 -10.88 -3.40
N ASN B 198 -32.82 -11.13 -2.57
CA ASN B 198 -32.87 -12.40 -1.84
C ASN B 198 -33.02 -13.57 -2.80
N ILE B 199 -33.87 -13.44 -3.82
CA ILE B 199 -34.02 -14.51 -4.79
C ILE B 199 -32.70 -14.78 -5.49
N TYR B 200 -32.00 -13.73 -5.92
CA TYR B 200 -30.73 -13.95 -6.62
C TYR B 200 -29.64 -14.47 -5.70
N LYS B 201 -29.68 -14.13 -4.42
CA LYS B 201 -28.76 -14.74 -3.47
C LYS B 201 -29.04 -16.23 -3.33
N ALA B 202 -30.31 -16.61 -3.30
CA ALA B 202 -30.65 -18.02 -3.25
C ALA B 202 -30.18 -18.75 -4.49
N LEU B 203 -30.46 -18.20 -5.67
CA LEU B 203 -30.14 -18.90 -6.91
C LEU B 203 -28.64 -18.99 -7.13
N ALA B 204 -27.88 -17.99 -6.70
CA ALA B 204 -26.44 -17.99 -6.91
C ALA B 204 -25.70 -18.83 -5.88
N SER B 205 -26.39 -19.67 -5.12
CA SER B 205 -25.74 -20.48 -4.12
C SER B 205 -24.98 -21.63 -4.78
N PRO B 206 -23.67 -21.79 -4.53
CA PRO B 206 -22.95 -22.91 -5.15
C PRO B 206 -23.55 -24.27 -4.82
N SER B 207 -24.02 -24.47 -3.59
CA SER B 207 -24.65 -25.75 -3.26
C SER B 207 -25.96 -25.94 -3.99
N LEU B 208 -26.77 -24.89 -4.10
CA LEU B 208 -28.04 -25.02 -4.81
C LEU B 208 -27.84 -25.20 -6.31
N ILE B 209 -26.70 -24.77 -6.84
CA ILE B 209 -26.40 -25.04 -8.24
C ILE B 209 -25.83 -26.44 -8.40
N ALA B 210 -25.09 -26.93 -7.41
CA ALA B 210 -24.58 -28.29 -7.46
C ALA B 210 -25.72 -29.30 -7.54
N LEU B 211 -26.74 -29.12 -6.72
CA LEU B 211 -27.99 -29.85 -6.88
C LEU B 211 -28.89 -29.10 -7.86
N SER B 212 -29.97 -29.76 -8.27
CA SER B 212 -31.08 -29.08 -8.96
C SER B 212 -30.61 -28.22 -10.13
N SER B 213 -29.68 -28.75 -10.91
CA SER B 213 -29.20 -28.02 -12.10
C SER B 213 -28.67 -29.01 -13.10
N GLU B 214 -29.22 -29.00 -14.31
CA GLU B 214 -28.79 -29.94 -15.34
C GLU B 214 -27.32 -29.74 -15.67
N ASP B 215 -26.92 -28.51 -15.97
CA ASP B 215 -25.55 -28.16 -16.34
C ASP B 215 -25.06 -27.10 -15.36
N PRO B 216 -24.36 -27.49 -14.29
CA PRO B 216 -23.89 -26.49 -13.32
C PRO B 216 -22.97 -25.45 -13.92
N ILE B 217 -22.14 -25.82 -14.88
CA ILE B 217 -21.18 -24.87 -15.45
C ILE B 217 -21.91 -23.81 -16.26
N LEU B 218 -22.80 -24.22 -17.15
CA LEU B 218 -23.54 -23.25 -17.95
C LEU B 218 -24.46 -22.40 -17.08
N THR B 219 -25.08 -23.01 -16.06
CA THR B 219 -25.92 -22.26 -15.15
C THR B 219 -25.10 -21.18 -14.43
N ALA B 220 -23.92 -21.55 -13.95
CA ALA B 220 -23.07 -20.56 -13.29
C ALA B 220 -22.64 -19.46 -14.26
N PHE B 221 -22.29 -19.82 -15.49
CA PHE B 221 -21.92 -18.80 -16.48
C PHE B 221 -23.04 -17.80 -16.68
N ARG B 222 -24.24 -18.29 -17.02
CA ARG B 222 -25.32 -17.36 -17.37
C ARG B 222 -25.83 -16.60 -16.15
N LEU B 223 -25.83 -17.25 -14.98
CA LEU B 223 -26.24 -16.56 -13.76
C LEU B 223 -25.26 -15.46 -13.39
N GLY B 224 -23.96 -15.72 -13.52
CA GLY B 224 -22.98 -14.67 -13.29
C GLY B 224 -23.13 -13.52 -14.26
N TRP B 225 -23.38 -13.83 -15.53
CA TRP B 225 -23.60 -12.76 -16.52
C TRP B 225 -24.81 -11.93 -16.14
N GLU B 226 -25.92 -12.58 -15.77
CA GLU B 226 -27.12 -11.83 -15.40
C GLU B 226 -26.90 -11.00 -14.16
N LEU B 227 -26.15 -11.53 -13.19
CA LEU B 227 -25.86 -10.75 -11.99
C LEU B 227 -25.01 -9.54 -12.30
N LYS B 228 -24.04 -9.68 -13.20
CA LYS B 228 -23.25 -8.52 -13.63
C LYS B 228 -24.12 -7.48 -14.32
N GLU B 229 -25.04 -7.93 -15.17
CA GLU B 229 -25.97 -6.99 -15.81
C GLU B 229 -26.84 -6.27 -14.78
N LEU B 230 -27.33 -7.00 -13.78
CA LEU B 230 -28.10 -6.38 -12.71
C LEU B 230 -27.27 -5.37 -11.94
N SER B 231 -26.00 -5.70 -11.69
CA SER B 231 -25.11 -4.76 -11.01
C SER B 231 -24.96 -3.47 -11.81
N LYS B 232 -24.84 -3.59 -13.13
CA LYS B 232 -24.81 -2.39 -13.98
C LYS B 232 -26.12 -1.62 -13.85
N VAL B 233 -27.26 -2.30 -13.94
CA VAL B 233 -28.55 -1.63 -13.96
C VAL B 233 -28.87 -1.04 -12.59
N GLU B 234 -28.70 -1.83 -11.53
CA GLU B 234 -29.03 -1.39 -10.17
C GLU B 234 -27.88 -0.53 -9.65
N ASN B 235 -28.06 0.79 -9.69
CA ASN B 235 -27.03 1.69 -9.19
C ASN B 235 -26.75 1.45 -7.71
N GLU B 236 -27.79 1.18 -6.94
CA GLU B 236 -27.53 0.82 -5.57
C GLU B 236 -27.37 -0.72 -5.55
N PHE B 237 -27.02 -1.26 -4.39
CA PHE B 237 -26.82 -2.69 -4.23
C PHE B 237 -25.87 -3.25 -5.29
N LYS B 238 -25.12 -2.37 -5.93
CA LYS B 238 -24.17 -2.76 -6.96
C LYS B 238 -23.12 -3.73 -6.40
N ALA B 239 -22.63 -3.46 -5.18
CA ALA B 239 -21.59 -4.30 -4.60
C ALA B 239 -22.09 -5.73 -4.37
N GLU B 240 -23.34 -5.87 -3.92
CA GLU B 240 -23.87 -7.20 -3.63
C GLU B 240 -24.04 -8.03 -4.89
N TYR B 241 -24.56 -7.43 -5.96
CA TYR B 241 -24.66 -8.17 -7.22
C TYR B 241 -23.28 -8.48 -7.79
N GLU B 242 -22.33 -7.56 -7.64
CA GLU B 242 -20.97 -7.84 -8.08
C GLU B 242 -20.37 -9.03 -7.34
N GLU B 243 -20.56 -9.10 -6.02
CA GLU B 243 -19.99 -10.21 -5.27
C GLU B 243 -20.73 -11.52 -5.56
N LEU B 244 -22.04 -11.47 -5.82
CA LEU B 244 -22.74 -12.69 -6.23
C LEU B 244 -22.22 -13.20 -7.57
N SER B 245 -22.00 -12.28 -8.52
CA SER B 245 -21.45 -12.67 -9.81
C SER B 245 -20.05 -13.27 -9.66
N GLN B 246 -19.22 -12.64 -8.83
CA GLN B 246 -17.88 -13.17 -8.60
C GLN B 246 -17.93 -14.55 -7.95
N GLN B 247 -18.89 -14.76 -7.05
CA GLN B 247 -19.07 -16.06 -6.41
C GLN B 247 -19.44 -17.13 -7.43
N CYS B 248 -20.34 -16.80 -8.37
CA CYS B 248 -20.67 -17.76 -9.43
C CYS B 248 -19.46 -18.07 -10.29
N LYS B 249 -18.68 -17.04 -10.65
CA LYS B 249 -17.48 -17.28 -11.45
C LYS B 249 -16.51 -18.20 -10.73
N LEU B 250 -16.31 -17.98 -9.43
CA LEU B 250 -15.41 -18.81 -8.66
C LEU B 250 -15.94 -20.23 -8.55
N PHE B 251 -17.27 -20.39 -8.47
CA PHE B 251 -17.82 -21.75 -8.43
C PHE B 251 -17.54 -22.50 -9.73
N ALA B 252 -17.69 -21.83 -10.87
CA ALA B 252 -17.38 -22.49 -12.14
C ALA B 252 -15.90 -22.87 -12.21
N LYS B 253 -15.01 -21.95 -11.80
CA LYS B 253 -13.59 -22.24 -11.81
C LYS B 253 -13.25 -23.42 -10.90
N ASP B 254 -13.90 -23.49 -9.72
CA ASP B 254 -13.62 -24.58 -8.79
C ASP B 254 -14.15 -25.91 -9.30
N LEU B 255 -15.29 -25.91 -9.99
CA LEU B 255 -15.76 -27.13 -10.63
C LEU B 255 -14.75 -27.60 -11.67
N LEU B 256 -14.19 -26.68 -12.45
CA LEU B 256 -13.14 -27.07 -13.39
C LEU B 256 -11.90 -27.57 -12.67
N ASP B 257 -11.60 -27.02 -11.49
CA ASP B 257 -10.43 -27.46 -10.73
C ASP B 257 -10.52 -28.89 -10.26
N GLN B 258 -11.72 -29.45 -10.16
CA GLN B 258 -11.88 -30.81 -9.65
C GLN B 258 -11.61 -31.86 -10.71
N ALA B 259 -11.35 -31.47 -11.96
CA ALA B 259 -11.03 -32.43 -13.00
C ALA B 259 -9.72 -33.13 -12.69
N ARG B 260 -9.68 -34.44 -12.92
CA ARG B 260 -8.56 -35.27 -12.52
C ARG B 260 -7.85 -35.93 -13.68
N SER B 261 -8.35 -35.79 -14.91
CA SER B 261 -7.68 -36.37 -16.06
C SER B 261 -7.96 -35.51 -17.28
N SER B 262 -7.10 -35.65 -18.30
CA SER B 262 -7.28 -34.88 -19.53
C SER B 262 -8.54 -35.30 -20.27
N ARG B 263 -8.96 -36.56 -20.15
CA ARG B 263 -10.19 -36.98 -20.79
C ARG B 263 -11.38 -36.20 -20.23
N GLU B 264 -11.45 -36.07 -18.91
CA GLU B 264 -12.54 -35.30 -18.30
C GLU B 264 -12.50 -33.84 -18.75
N LEU B 265 -11.31 -33.24 -18.78
CA LEU B 265 -11.20 -31.85 -19.17
C LEU B 265 -11.63 -31.65 -20.62
N GLU B 266 -11.23 -32.56 -21.50
CA GLU B 266 -11.66 -32.46 -22.90
C GLU B 266 -13.16 -32.63 -23.03
N ILE B 267 -13.75 -33.56 -22.28
CA ILE B 267 -15.20 -33.75 -22.33
C ILE B 267 -15.91 -32.49 -21.88
N ILE B 268 -15.42 -31.85 -20.82
CA ILE B 268 -16.05 -30.64 -20.32
C ILE B 268 -15.94 -29.51 -21.34
N LEU B 269 -14.72 -29.27 -21.86
CA LEU B 269 -14.52 -28.10 -22.69
C LEU B 269 -15.16 -28.25 -24.07
N ASN B 270 -15.36 -29.47 -24.54
CA ASN B 270 -15.90 -29.71 -25.87
C ASN B 270 -17.41 -29.92 -25.88
N HIS B 271 -18.07 -29.82 -24.73
CA HIS B 271 -19.50 -30.11 -24.67
C HIS B 271 -20.32 -29.04 -25.37
N ARG B 272 -21.31 -29.46 -26.12
CA ARG B 272 -22.20 -28.56 -26.86
C ARG B 272 -23.58 -28.60 -26.22
N ASP B 273 -24.09 -27.44 -25.85
CA ASP B 273 -25.41 -27.34 -25.23
C ASP B 273 -26.52 -27.45 -26.28
N ASP B 286 -14.50 -27.37 -32.30
CA ASP B 286 -14.38 -27.94 -30.96
C ASP B 286 -14.22 -26.85 -29.91
N LEU B 287 -14.03 -27.26 -28.65
CA LEU B 287 -13.94 -26.34 -27.53
C LEU B 287 -15.18 -25.45 -27.42
N ALA B 288 -16.35 -26.06 -27.61
CA ALA B 288 -17.59 -25.30 -27.62
C ALA B 288 -17.82 -24.62 -26.27
N LYS B 289 -17.67 -25.36 -25.18
CA LYS B 289 -17.92 -24.76 -23.88
C LYS B 289 -16.87 -23.73 -23.51
N LEU B 290 -15.63 -23.90 -24.00
CA LEU B 290 -14.63 -22.86 -23.80
C LEU B 290 -15.01 -21.57 -24.53
N LYS B 291 -15.56 -21.69 -25.74
CA LYS B 291 -16.05 -20.49 -26.44
C LYS B 291 -17.20 -19.86 -25.68
N VAL B 292 -18.10 -20.67 -25.12
CA VAL B 292 -19.20 -20.12 -24.32
C VAL B 292 -18.65 -19.37 -23.11
N ALA B 293 -17.63 -19.94 -22.46
CA ALA B 293 -17.01 -19.26 -21.32
C ALA B 293 -16.37 -17.94 -21.73
N ILE B 294 -15.73 -17.91 -22.90
CA ILE B 294 -15.14 -16.67 -23.38
C ILE B 294 -16.22 -15.64 -23.65
N LYS B 295 -17.37 -16.08 -24.18
CA LYS B 295 -18.47 -15.16 -24.47
C LYS B 295 -18.97 -14.47 -23.20
N TYR B 296 -19.08 -15.21 -22.10
CA TYR B 296 -19.56 -14.66 -20.84
C TYR B 296 -18.46 -14.05 -19.98
N HIS B 297 -17.27 -13.84 -20.54
CA HIS B 297 -16.16 -13.19 -19.84
C HIS B 297 -15.83 -13.90 -18.52
N GLN B 298 -15.71 -15.23 -18.58
CA GLN B 298 -15.34 -16.02 -17.41
C GLN B 298 -13.82 -16.14 -17.36
N LYS B 299 -13.19 -15.05 -16.93
CA LYS B 299 -11.73 -14.95 -17.02
C LYS B 299 -11.04 -16.00 -16.15
N GLU B 300 -11.54 -16.24 -14.94
CA GLU B 300 -10.91 -17.23 -14.07
C GLU B 300 -11.06 -18.64 -14.63
N PHE B 301 -12.22 -18.95 -15.22
CA PHE B 301 -12.41 -20.26 -15.83
C PHE B 301 -11.44 -20.47 -16.99
N VAL B 302 -11.28 -19.45 -17.83
CA VAL B 302 -10.41 -19.59 -19.00
C VAL B 302 -8.95 -19.69 -18.59
N ALA B 303 -8.56 -18.92 -17.59
CA ALA B 303 -7.18 -18.91 -17.11
C ALA B 303 -6.80 -20.04 -16.19
N GLN B 304 -7.66 -21.01 -15.98
CA GLN B 304 -7.34 -22.13 -15.12
C GLN B 304 -6.17 -22.88 -15.74
N PRO B 305 -5.19 -23.30 -14.92
CA PRO B 305 -3.98 -23.99 -15.36
C PRO B 305 -4.15 -25.16 -16.31
N ASN B 306 -5.10 -26.06 -16.07
CA ASN B 306 -5.28 -27.21 -16.95
C ASN B 306 -5.88 -26.80 -18.28
N CYS B 307 -6.81 -25.85 -18.26
CA CYS B 307 -7.35 -25.31 -19.50
C CYS B 307 -6.24 -24.64 -20.32
N GLN B 308 -5.37 -23.88 -19.67
CA GLN B 308 -4.26 -23.24 -20.39
C GLN B 308 -3.28 -24.28 -20.92
N GLN B 309 -3.05 -25.36 -20.17
CA GLN B 309 -2.16 -26.42 -20.65
C GLN B 309 -2.72 -27.10 -21.89
N LEU B 310 -4.02 -27.40 -21.89
CA LEU B 310 -4.64 -27.98 -23.08
C LEU B 310 -4.58 -27.02 -24.26
N LEU B 311 -4.87 -25.74 -24.01
CA LEU B 311 -4.80 -24.76 -25.09
C LEU B 311 -3.40 -24.66 -25.64
N ALA B 312 -2.39 -24.73 -24.77
CA ALA B 312 -1.00 -24.67 -25.23
C ALA B 312 -0.64 -25.89 -26.08
N THR B 313 -1.12 -27.07 -25.69
CA THR B 313 -0.87 -28.24 -26.53
C THR B 313 -1.54 -28.11 -27.89
N LEU B 314 -2.69 -27.44 -27.95
CA LEU B 314 -3.29 -27.16 -29.26
C LEU B 314 -2.54 -26.08 -30.01
N TRP B 315 -1.96 -25.11 -29.29
CA TRP B 315 -1.29 -23.98 -29.92
C TRP B 315 -0.01 -24.41 -30.63
N TYR B 316 0.78 -25.27 -29.99
CA TYR B 316 2.00 -25.79 -30.59
C TYR B 316 1.73 -27.16 -31.21
N ASP B 317 0.91 -27.17 -32.25
CA ASP B 317 0.56 -28.43 -32.92
C ASP B 317 1.78 -29.06 -33.55
N GLY B 318 2.59 -28.27 -34.26
CA GLY B 318 3.74 -28.83 -34.97
C GLY B 318 4.86 -29.28 -34.05
N PHE B 319 5.20 -28.44 -33.06
CA PHE B 319 6.36 -28.71 -32.22
C PHE B 319 5.93 -29.42 -30.95
N PRO B 320 6.33 -30.68 -30.73
CA PRO B 320 5.89 -31.39 -29.53
C PRO B 320 6.64 -30.98 -28.27
N GLY B 321 7.87 -30.52 -28.44
CA GLY B 321 8.70 -30.18 -27.30
C GLY B 321 9.09 -28.71 -27.22
N TRP B 322 8.17 -27.83 -27.62
CA TRP B 322 8.45 -26.40 -27.52
C TRP B 322 8.55 -25.93 -26.07
N ARG B 323 7.94 -26.65 -25.13
CA ARG B 323 7.96 -26.23 -23.73
C ARG B 323 9.38 -26.24 -23.18
N ARG B 324 10.17 -27.25 -23.54
CA ARG B 324 11.53 -27.41 -23.05
C ARG B 324 12.50 -27.16 -24.21
N LYS B 325 12.82 -25.88 -24.42
CA LYS B 325 13.78 -25.48 -25.44
C LYS B 325 14.50 -24.23 -24.97
N HIS B 326 15.67 -24.00 -25.55
CA HIS B 326 16.45 -22.83 -25.18
C HIS B 326 15.95 -21.59 -25.90
N TRP B 327 16.30 -20.43 -25.37
CA TRP B 327 15.89 -19.17 -25.97
C TRP B 327 16.42 -19.04 -27.40
N VAL B 328 17.67 -19.42 -27.61
CA VAL B 328 18.26 -19.30 -28.95
C VAL B 328 17.57 -20.24 -29.93
N VAL B 329 17.22 -21.45 -29.49
CA VAL B 329 16.57 -22.41 -30.39
C VAL B 329 15.21 -21.89 -30.81
N LYS B 330 14.43 -21.37 -29.85
CA LYS B 330 13.12 -20.82 -30.17
C LYS B 330 13.24 -19.63 -31.10
N LEU B 331 14.20 -18.72 -30.83
CA LEU B 331 14.35 -17.55 -31.68
C LEU B 331 14.73 -17.93 -33.10
N LEU B 332 15.64 -18.89 -33.24
CA LEU B 332 16.06 -19.34 -34.58
C LEU B 332 14.91 -20.01 -35.31
N THR B 333 14.12 -20.84 -34.62
CA THR B 333 12.98 -21.49 -35.26
C THR B 333 11.95 -20.46 -35.73
N CYS B 334 11.66 -19.47 -34.87
CA CYS B 334 10.72 -18.42 -35.25
C CYS B 334 11.22 -17.65 -36.46
N MET B 335 12.51 -17.29 -36.46
CA MET B 335 13.04 -16.54 -37.59
C MET B 335 12.97 -17.35 -38.88
N THR B 336 13.25 -18.65 -38.81
CA THR B 336 13.19 -19.49 -40.00
C THR B 336 11.77 -19.57 -40.56
N ILE B 337 10.79 -19.86 -39.69
CA ILE B 337 9.41 -19.97 -40.15
C ILE B 337 8.94 -18.62 -40.72
N GLY B 338 9.27 -17.52 -40.04
CA GLY B 338 8.89 -16.22 -40.54
C GLY B 338 9.49 -15.89 -41.89
N PHE B 339 10.78 -16.19 -42.08
CA PHE B 339 11.40 -15.96 -43.37
C PHE B 339 10.83 -16.89 -44.45
N LEU B 340 10.25 -18.02 -44.08
CA LEU B 340 9.68 -18.93 -45.06
C LEU B 340 8.17 -18.77 -45.23
N PHE B 341 7.56 -17.77 -44.59
CA PHE B 341 6.12 -17.57 -44.73
C PHE B 341 5.61 -17.53 -46.19
N PRO B 342 6.26 -16.87 -47.15
CA PRO B 342 5.69 -16.90 -48.52
C PRO B 342 5.64 -18.30 -49.11
N MET B 343 6.66 -19.12 -48.82
CA MET B 343 6.68 -20.49 -49.31
C MET B 343 5.52 -21.30 -48.74
N LEU B 344 5.25 -21.14 -47.43
CA LEU B 344 4.14 -21.86 -46.82
C LEU B 344 2.80 -21.41 -47.39
N SER B 345 2.65 -20.10 -47.62
CA SER B 345 1.41 -19.59 -48.21
C SER B 345 1.21 -20.16 -49.62
N ILE B 346 2.26 -20.17 -50.44
CA ILE B 346 2.14 -20.71 -51.79
C ILE B 346 1.85 -22.21 -51.75
N ALA B 347 2.49 -22.93 -50.83
CA ALA B 347 2.24 -24.37 -50.70
C ALA B 347 0.79 -24.65 -50.31
N TYR B 348 0.25 -23.85 -49.40
CA TYR B 348 -1.16 -24.00 -49.04
C TYR B 348 -2.07 -23.68 -50.23
N LEU B 349 -1.71 -22.66 -51.02
CA LEU B 349 -2.50 -22.30 -52.19
C LEU B 349 -2.51 -23.42 -53.22
N ILE B 350 -1.36 -24.04 -53.47
CA ILE B 350 -1.26 -25.03 -54.55
C ILE B 350 -1.88 -26.35 -54.12
N SER B 351 -1.32 -26.97 -53.08
CA SER B 351 -1.77 -28.28 -52.60
C SER B 351 -1.88 -28.24 -51.09
N PRO B 352 -3.08 -28.05 -50.55
CA PRO B 352 -3.23 -28.00 -49.07
C PRO B 352 -2.86 -29.30 -48.39
N ARG B 353 -2.86 -30.43 -49.10
CA ARG B 353 -2.58 -31.74 -48.51
C ARG B 353 -1.15 -32.13 -48.84
N SER B 354 -0.21 -31.66 -48.03
CA SER B 354 1.20 -31.99 -48.18
C SER B 354 1.92 -31.61 -46.89
N ASN B 355 3.21 -31.96 -46.83
CA ASN B 355 4.00 -31.62 -45.65
C ASN B 355 4.13 -30.12 -45.47
N LEU B 356 4.03 -29.35 -46.56
CA LEU B 356 4.06 -27.90 -46.49
C LEU B 356 2.70 -27.26 -46.68
N GLY B 357 1.76 -27.92 -47.35
CA GLY B 357 0.46 -27.33 -47.57
C GLY B 357 -0.33 -27.13 -46.29
N LEU B 358 -0.36 -28.15 -45.44
CA LEU B 358 -1.09 -28.08 -44.18
C LEU B 358 -0.21 -27.67 -43.01
N PHE B 359 1.07 -27.41 -43.25
CA PHE B 359 1.96 -26.95 -42.19
C PHE B 359 1.60 -25.54 -41.74
N ILE B 360 0.91 -24.76 -42.57
CA ILE B 360 0.51 -23.41 -42.19
C ILE B 360 -0.80 -23.39 -41.40
N LYS B 361 -1.59 -24.46 -41.44
CA LYS B 361 -2.82 -24.50 -40.67
C LYS B 361 -2.60 -24.68 -39.17
N LYS B 362 -1.38 -25.02 -38.76
CA LYS B 362 -1.09 -25.10 -37.33
C LYS B 362 -1.13 -23.70 -36.71
N PRO B 363 -1.72 -23.57 -35.52
CA PRO B 363 -1.99 -22.21 -35.00
C PRO B 363 -0.74 -21.37 -34.77
N PHE B 364 0.29 -21.91 -34.11
CA PHE B 364 1.50 -21.14 -33.89
C PHE B 364 2.18 -20.79 -35.21
N ILE B 365 2.22 -21.74 -36.15
CA ILE B 365 2.81 -21.46 -37.45
C ILE B 365 2.02 -20.39 -38.18
N LYS B 366 0.69 -20.47 -38.13
CA LYS B 366 -0.14 -19.47 -38.78
C LYS B 366 0.10 -18.09 -38.18
N PHE B 367 0.20 -18.01 -36.85
CA PHE B 367 0.50 -16.74 -36.20
C PHE B 367 1.84 -16.20 -36.63
N ILE B 368 2.86 -17.06 -36.72
CA ILE B 368 4.18 -16.62 -37.16
C ILE B 368 4.12 -16.09 -38.58
N CYS B 369 3.41 -16.80 -39.46
CA CYS B 369 3.32 -16.36 -40.85
C CYS B 369 2.61 -15.01 -40.96
N HIS B 370 1.50 -14.83 -40.24
CA HIS B 370 0.80 -13.55 -40.28
C HIS B 370 1.66 -12.42 -39.74
N THR B 371 2.40 -12.68 -38.66
CA THR B 371 3.27 -11.67 -38.10
C THR B 371 4.40 -11.31 -39.07
N ALA B 372 4.98 -12.32 -39.72
CA ALA B 372 6.05 -12.04 -40.67
C ALA B 372 5.54 -11.26 -41.87
N SER B 373 4.32 -11.59 -42.33
CA SER B 373 3.72 -10.83 -43.41
C SER B 373 3.54 -9.37 -43.03
N TYR B 374 3.02 -9.12 -41.83
CA TYR B 374 2.82 -7.74 -41.39
C TYR B 374 4.16 -7.03 -41.25
N LEU B 375 5.18 -7.74 -40.76
CA LEU B 375 6.50 -7.14 -40.62
C LEU B 375 7.07 -6.74 -41.98
N THR B 376 6.91 -7.60 -42.99
CA THR B 376 7.38 -7.21 -44.31
C THR B 376 6.60 -6.03 -44.86
N PHE B 377 5.30 -5.96 -44.56
CA PHE B 377 4.51 -4.81 -44.97
C PHE B 377 5.06 -3.53 -44.34
N LEU B 378 5.37 -3.57 -43.05
CA LEU B 378 5.94 -2.39 -42.38
C LEU B 378 7.31 -2.05 -42.93
N PHE B 379 8.11 -3.07 -43.28
CA PHE B 379 9.42 -2.83 -43.88
C PHE B 379 9.28 -2.12 -45.22
N MET B 380 8.30 -2.53 -46.03
CA MET B 380 8.05 -1.84 -47.29
C MET B 380 7.55 -0.42 -47.06
N LEU B 381 6.74 -0.22 -46.04
CA LEU B 381 6.31 1.14 -45.70
C LEU B 381 7.51 2.02 -45.36
N LEU B 382 8.46 1.48 -44.59
CA LEU B 382 9.66 2.24 -44.29
C LEU B 382 10.47 2.53 -45.57
N LEU B 383 10.60 1.54 -46.44
CA LEU B 383 11.33 1.73 -47.68
C LEU B 383 10.66 2.73 -48.61
N ALA B 384 9.35 2.91 -48.48
CA ALA B 384 8.61 3.79 -49.39
C ALA B 384 9.01 5.25 -49.27
N SER B 385 9.93 5.60 -48.37
CA SER B 385 10.34 6.98 -48.19
C SER B 385 11.84 7.16 -48.43
N GLN B 386 12.42 6.32 -49.27
CA GLN B 386 13.86 6.39 -49.55
C GLN B 386 14.14 7.07 -50.88
N HIS B 394 8.53 16.57 -58.23
CA HIS B 394 7.80 17.69 -58.81
C HIS B 394 6.65 17.26 -59.70
N VAL B 395 6.47 15.97 -59.93
CA VAL B 395 5.40 15.48 -60.78
C VAL B 395 4.09 15.57 -60.03
N GLN B 396 3.10 16.23 -60.64
CA GLN B 396 1.77 16.32 -60.06
C GLN B 396 1.00 15.05 -60.41
N GLY B 397 0.66 14.26 -59.40
CA GLY B 397 0.00 13.00 -59.60
C GLY B 397 0.87 12.01 -60.37
N PRO B 398 1.97 11.58 -59.76
CA PRO B 398 2.88 10.66 -60.44
C PRO B 398 2.31 9.25 -60.44
N PRO B 399 2.74 8.41 -61.38
CA PRO B 399 2.34 7.00 -61.32
C PRO B 399 2.95 6.32 -60.11
N PRO B 400 2.27 5.33 -59.54
CA PRO B 400 2.82 4.64 -58.37
C PRO B 400 4.16 3.98 -58.69
N THR B 401 5.06 4.02 -57.72
CA THR B 401 6.39 3.46 -57.90
C THR B 401 6.38 1.95 -57.65
N VAL B 402 7.55 1.33 -57.74
CA VAL B 402 7.63 -0.11 -57.52
C VAL B 402 7.27 -0.46 -56.09
N VAL B 403 7.73 0.34 -55.13
CA VAL B 403 7.41 0.09 -53.72
C VAL B 403 5.91 0.23 -53.49
N GLU B 404 5.29 1.26 -54.08
CA GLU B 404 3.84 1.42 -53.94
C GLU B 404 3.09 0.29 -54.63
N TRP B 405 3.58 -0.17 -55.78
CA TRP B 405 2.95 -1.30 -56.44
C TRP B 405 3.05 -2.56 -55.59
N MET B 406 4.13 -2.72 -54.83
CA MET B 406 4.23 -3.87 -53.92
C MET B 406 3.35 -3.67 -52.69
N ILE B 407 3.17 -2.43 -52.25
CA ILE B 407 2.35 -2.16 -51.08
C ILE B 407 0.87 -2.42 -51.37
N LEU B 408 0.44 -2.08 -52.59
CA LEU B 408 -0.98 -2.17 -52.94
C LEU B 408 -1.62 -3.53 -52.65
N PRO B 409 -1.05 -4.67 -53.03
CA PRO B 409 -1.70 -5.95 -52.70
C PRO B 409 -1.87 -6.19 -51.21
N TRP B 410 -0.93 -5.72 -50.38
CA TRP B 410 -1.12 -5.85 -48.94
C TRP B 410 -2.33 -5.06 -48.45
N VAL B 411 -2.52 -3.85 -48.97
CA VAL B 411 -3.68 -3.05 -48.59
C VAL B 411 -4.96 -3.71 -49.04
N LEU B 412 -4.98 -4.22 -50.28
CA LEU B 412 -6.16 -4.95 -50.76
C LEU B 412 -6.44 -6.16 -49.88
N GLY B 413 -5.38 -6.89 -49.48
CA GLY B 413 -5.57 -8.03 -48.61
C GLY B 413 -6.12 -7.65 -47.25
N PHE B 414 -5.65 -6.53 -46.69
CA PHE B 414 -6.19 -6.06 -45.41
C PHE B 414 -7.68 -5.76 -45.53
N ILE B 415 -8.06 -5.05 -46.59
CA ILE B 415 -9.46 -4.69 -46.77
C ILE B 415 -10.32 -5.95 -46.96
N TRP B 416 -9.85 -6.87 -47.80
CA TRP B 416 -10.61 -8.10 -48.04
C TRP B 416 -10.73 -8.92 -46.77
N GLY B 417 -9.66 -9.01 -45.98
CA GLY B 417 -9.73 -9.74 -44.73
C GLY B 417 -10.69 -9.13 -43.75
N GLU B 418 -10.70 -7.80 -43.65
CA GLU B 418 -11.64 -7.13 -42.76
C GLU B 418 -13.09 -7.38 -43.18
N ILE B 419 -13.38 -7.25 -44.48
CA ILE B 419 -14.75 -7.46 -44.90
C ILE B 419 -15.14 -8.93 -44.80
N LYS B 420 -14.19 -9.85 -45.00
CA LYS B 420 -14.49 -11.26 -44.82
C LYS B 420 -14.79 -11.59 -43.37
N GLU B 421 -14.02 -11.00 -42.44
CA GLU B 421 -14.31 -11.19 -41.03
C GLU B 421 -15.68 -10.63 -40.66
N MET B 422 -16.03 -9.46 -41.21
CA MET B 422 -17.35 -8.89 -40.98
C MET B 422 -18.45 -9.80 -41.51
N TRP B 423 -18.24 -10.37 -42.70
CA TRP B 423 -19.25 -11.23 -43.31
C TRP B 423 -19.42 -12.55 -42.55
N ASP B 424 -18.31 -13.10 -42.05
CA ASP B 424 -18.35 -14.41 -41.41
C ASP B 424 -18.72 -14.33 -39.92
N GLY B 425 -17.93 -13.60 -39.14
CA GLY B 425 -18.16 -13.56 -37.70
C GLY B 425 -19.49 -12.92 -37.32
N GLY B 426 -19.82 -11.79 -37.94
CA GLY B 426 -21.04 -11.07 -37.63
C GLY B 426 -20.73 -9.62 -37.37
N PHE B 427 -21.70 -8.91 -36.79
CA PHE B 427 -21.56 -7.49 -36.48
C PHE B 427 -21.18 -7.22 -35.04
N THR B 428 -21.86 -7.87 -34.09
CA THR B 428 -21.54 -7.66 -32.68
C THR B 428 -20.14 -8.15 -32.36
N GLU B 429 -19.76 -9.31 -32.89
CA GLU B 429 -18.41 -9.83 -32.68
C GLU B 429 -17.37 -8.89 -33.29
N TYR B 430 -17.68 -8.32 -34.45
CA TYR B 430 -16.73 -7.43 -35.11
C TYR B 430 -16.50 -6.16 -34.29
N ILE B 431 -17.56 -5.63 -33.69
CA ILE B 431 -17.46 -4.40 -32.90
C ILE B 431 -16.83 -4.57 -31.52
N HIS B 432 -16.98 -5.76 -30.95
CA HIS B 432 -16.44 -6.04 -29.63
C HIS B 432 -14.93 -6.06 -29.63
N ASP B 433 -14.34 -6.07 -30.82
CA ASP B 433 -12.91 -6.07 -30.91
C ASP B 433 -12.57 -4.62 -31.17
N TRP B 434 -11.89 -3.98 -30.24
CA TRP B 434 -11.52 -2.59 -30.39
C TRP B 434 -10.53 -2.36 -31.50
N TRP B 435 -9.59 -3.28 -31.68
CA TRP B 435 -8.60 -3.15 -32.72
C TRP B 435 -9.23 -2.93 -34.09
N ASN B 436 -10.41 -3.48 -34.32
CA ASN B 436 -11.13 -3.27 -35.56
C ASN B 436 -11.34 -1.80 -35.82
N LEU B 437 -11.53 -1.01 -34.77
CA LEU B 437 -11.67 0.42 -35.02
C LEU B 437 -10.43 0.99 -35.68
N MET B 438 -9.26 0.65 -35.16
CA MET B 438 -8.01 1.10 -35.78
C MET B 438 -7.84 0.49 -37.17
N ASP B 439 -8.24 -0.78 -37.34
CA ASP B 439 -8.18 -1.39 -38.67
C ASP B 439 -9.08 -0.67 -39.66
N PHE B 440 -10.28 -0.30 -39.22
CA PHE B 440 -11.18 0.45 -40.08
C PHE B 440 -10.59 1.81 -40.44
N ALA B 441 -9.99 2.49 -39.46
CA ALA B 441 -9.37 3.78 -39.74
C ALA B 441 -8.23 3.64 -40.73
N MET B 442 -7.38 2.62 -40.56
CA MET B 442 -6.29 2.38 -41.50
C MET B 442 -6.81 2.11 -42.90
N ASN B 443 -7.82 1.25 -43.02
CA ASN B 443 -8.34 0.91 -44.33
C ASN B 443 -8.98 2.12 -45.00
N SER B 444 -9.74 2.90 -44.25
CA SER B 444 -10.36 4.09 -44.82
C SER B 444 -9.30 5.10 -45.27
N LEU B 445 -8.26 5.29 -44.47
CA LEU B 445 -7.20 6.22 -44.86
C LEU B 445 -6.45 5.73 -46.09
N TYR B 446 -6.21 4.42 -46.19
CA TYR B 446 -5.56 3.87 -47.38
C TYR B 446 -6.44 4.03 -48.61
N LEU B 447 -7.74 3.78 -48.46
CA LEU B 447 -8.65 3.94 -49.60
C LEU B 447 -8.71 5.39 -50.05
N ALA B 448 -8.74 6.33 -49.10
CA ALA B 448 -8.69 7.74 -49.44
C ALA B 448 -7.37 8.09 -50.14
N THR B 449 -6.26 7.50 -49.68
CA THR B 449 -4.98 7.75 -50.33
C THR B 449 -5.01 7.29 -51.78
N ILE B 450 -5.54 6.09 -52.02
CA ILE B 450 -5.61 5.57 -53.38
C ILE B 450 -6.52 6.45 -54.24
N SER B 451 -7.66 6.86 -53.69
CA SER B 451 -8.57 7.72 -54.44
C SER B 451 -7.93 9.04 -54.83
N LEU B 452 -7.24 9.67 -53.88
CA LEU B 452 -6.60 10.95 -54.16
C LEU B 452 -5.44 10.77 -55.13
N LYS B 453 -4.71 9.66 -55.05
CA LYS B 453 -3.67 9.40 -56.03
C LYS B 453 -4.26 9.26 -57.43
N ILE B 454 -5.38 8.56 -57.55
CA ILE B 454 -6.03 8.41 -58.85
C ILE B 454 -6.50 9.77 -59.36
N VAL B 455 -7.10 10.57 -58.48
CA VAL B 455 -7.60 11.89 -58.88
C VAL B 455 -6.44 12.76 -59.37
N ALA B 456 -5.34 12.77 -58.64
CA ALA B 456 -4.19 13.57 -59.04
C ALA B 456 -3.55 13.03 -60.32
N TYR B 457 -3.63 11.72 -60.55
CA TYR B 457 -3.08 11.15 -61.77
C TYR B 457 -3.90 11.53 -62.99
N VAL B 458 -5.23 11.51 -62.86
CA VAL B 458 -6.11 11.76 -64.00
C VAL B 458 -6.57 13.21 -64.10
N LYS B 459 -6.11 14.08 -63.20
CA LYS B 459 -6.43 15.50 -63.28
C LYS B 459 -5.22 16.40 -63.46
N TYR B 460 -4.01 15.85 -63.38
CA TYR B 460 -2.79 16.65 -63.54
C TYR B 460 -1.82 15.89 -64.42
N ASN B 461 -1.15 16.61 -65.31
CA ASN B 461 -0.18 16.00 -66.20
C ASN B 461 1.17 16.74 -66.13
N GLY B 462 1.11 18.05 -65.92
CA GLY B 462 2.33 18.83 -65.89
C GLY B 462 3.16 18.58 -64.64
N SER B 463 4.41 19.02 -64.70
CA SER B 463 5.36 18.87 -63.60
C SER B 463 5.69 20.27 -63.08
N ARG B 464 4.90 20.73 -62.13
CA ARG B 464 5.05 22.02 -61.47
C ARG B 464 5.75 21.86 -60.13
N PRO B 465 6.70 22.73 -59.79
CA PRO B 465 7.41 22.59 -58.51
C PRO B 465 6.47 22.70 -57.31
N ARG B 466 6.78 21.93 -56.27
CA ARG B 466 5.89 21.84 -55.11
C ARG B 466 5.76 23.18 -54.38
N GLU B 467 6.71 24.10 -54.57
CA GLU B 467 6.66 25.36 -53.84
C GLU B 467 5.41 26.16 -54.18
N GLU B 468 4.96 26.08 -55.43
CA GLU B 468 3.81 26.85 -55.89
C GLU B 468 2.54 26.00 -56.02
N TRP B 469 2.52 24.80 -55.46
CA TRP B 469 1.29 24.03 -55.47
C TRP B 469 0.26 24.66 -54.56
N GLU B 470 -1.01 24.33 -54.82
CA GLU B 470 -2.09 24.79 -53.96
C GLU B 470 -1.95 24.15 -52.58
N MET B 471 -2.49 24.84 -51.57
CA MET B 471 -2.48 24.29 -50.22
C MET B 471 -3.24 22.98 -50.14
N TRP B 472 -4.39 22.90 -50.81
CA TRP B 472 -5.24 21.71 -50.82
C TRP B 472 -5.04 20.87 -52.07
N HIS B 473 -3.81 20.83 -52.59
CA HIS B 473 -3.53 20.01 -53.76
C HIS B 473 -3.76 18.54 -53.43
N PRO B 474 -4.32 17.77 -54.37
CA PRO B 474 -4.63 16.36 -54.06
C PRO B 474 -3.42 15.54 -53.65
N THR B 475 -2.25 15.81 -54.24
CA THR B 475 -1.06 15.05 -53.88
C THR B 475 -0.66 15.29 -52.44
N LEU B 476 -0.70 16.55 -51.99
CA LEU B 476 -0.33 16.84 -50.61
C LEU B 476 -1.27 16.14 -49.62
N ILE B 477 -2.58 16.20 -49.90
CA ILE B 477 -3.53 15.54 -49.01
C ILE B 477 -3.32 14.04 -49.02
N ALA B 478 -3.07 13.47 -50.21
CA ALA B 478 -2.82 12.03 -50.30
C ALA B 478 -1.59 11.64 -49.49
N GLU B 479 -0.51 12.42 -49.59
CA GLU B 479 0.70 12.10 -48.83
C GLU B 479 0.47 12.23 -47.33
N ALA B 480 -0.28 13.24 -46.90
CA ALA B 480 -0.58 13.38 -45.48
C ALA B 480 -1.38 12.18 -44.98
N LEU B 481 -2.39 11.78 -45.75
CA LEU B 481 -3.20 10.62 -45.35
C LEU B 481 -2.36 9.36 -45.30
N PHE B 482 -1.46 9.19 -46.27
CA PHE B 482 -0.60 8.01 -46.28
C PHE B 482 0.33 8.00 -45.09
N ALA B 483 0.85 9.16 -44.71
CA ALA B 483 1.72 9.23 -43.53
C ALA B 483 0.95 8.87 -42.26
N ILE B 484 -0.27 9.39 -42.12
CA ILE B 484 -1.09 9.04 -40.95
C ILE B 484 -1.36 7.55 -40.93
N SER B 485 -1.66 6.97 -42.10
CA SER B 485 -1.89 5.54 -42.17
C SER B 485 -0.65 4.75 -41.78
N ASN B 486 0.53 5.23 -42.18
CA ASN B 486 1.76 4.55 -41.77
C ASN B 486 1.90 4.55 -40.26
N ILE B 487 1.60 5.68 -39.62
CA ILE B 487 1.66 5.74 -38.16
C ILE B 487 0.71 4.72 -37.56
N LEU B 488 -0.53 4.68 -38.03
CA LEU B 488 -1.49 3.74 -37.47
C LEU B 488 -1.06 2.30 -37.70
N SER B 489 -0.54 2.00 -38.90
CA SER B 489 -0.12 0.65 -39.23
C SER B 489 1.01 0.18 -38.33
N SER B 490 2.00 1.04 -38.10
CA SER B 490 3.09 0.67 -37.21
C SER B 490 2.58 0.52 -35.78
N LEU B 491 1.66 1.39 -35.35
CA LEU B 491 1.10 1.28 -34.00
C LEU B 491 0.24 0.03 -33.83
N ARG B 492 -0.24 -0.55 -34.92
CA ARG B 492 -1.08 -1.75 -34.83
C ARG B 492 -0.32 -2.93 -34.22
N LEU B 493 1.00 -2.87 -34.16
CA LEU B 493 1.79 -3.95 -33.58
C LEU B 493 1.60 -4.10 -32.08
N ILE B 494 0.95 -3.15 -31.42
CA ILE B 494 0.74 -3.26 -29.97
C ILE B 494 -0.06 -4.52 -29.66
N SER B 495 -1.02 -4.88 -30.52
CA SER B 495 -1.88 -6.01 -30.24
C SER B 495 -1.12 -7.32 -30.18
N LEU B 496 0.10 -7.37 -30.72
CA LEU B 496 0.87 -8.60 -30.66
C LEU B 496 1.60 -8.79 -29.34
N PHE B 497 1.61 -7.77 -28.47
CA PHE B 497 2.23 -7.95 -27.17
C PHE B 497 1.49 -8.98 -26.33
N THR B 498 0.24 -9.27 -26.66
CA THR B 498 -0.51 -10.27 -25.92
C THR B 498 0.16 -11.64 -26.01
N ALA B 499 0.79 -11.93 -27.14
CA ALA B 499 1.37 -13.26 -27.35
C ALA B 499 2.57 -13.53 -26.45
N ASN B 500 3.17 -12.49 -25.87
CA ASN B 500 4.40 -12.62 -25.12
C ASN B 500 4.13 -12.67 -23.62
N SER B 501 4.94 -13.44 -22.90
CA SER B 501 4.76 -13.57 -21.46
C SER B 501 5.17 -12.29 -20.73
N HIS B 502 6.21 -11.61 -21.22
CA HIS B 502 6.72 -10.44 -20.52
C HIS B 502 5.98 -9.17 -20.94
N LEU B 503 5.50 -9.11 -22.18
CA LEU B 503 4.85 -7.91 -22.68
C LEU B 503 3.33 -7.93 -22.56
N GLY B 504 2.74 -9.09 -22.31
CA GLY B 504 1.30 -9.23 -22.26
C GLY B 504 0.66 -8.53 -21.08
N PRO B 505 1.02 -8.94 -19.86
CA PRO B 505 0.45 -8.27 -18.68
C PRO B 505 0.74 -6.78 -18.65
N LEU B 506 1.90 -6.36 -19.16
CA LEU B 506 2.19 -4.95 -19.23
C LEU B 506 1.21 -4.21 -20.14
N GLN B 507 0.92 -4.80 -21.30
CA GLN B 507 -0.06 -4.20 -22.20
C GLN B 507 -1.44 -4.14 -21.55
N ILE B 508 -1.81 -5.19 -20.80
CA ILE B 508 -3.08 -5.17 -20.08
C ILE B 508 -3.12 -3.99 -19.11
N SER B 509 -2.03 -3.81 -18.35
CA SER B 509 -1.98 -2.74 -17.36
C SER B 509 -2.09 -1.38 -18.02
N LEU B 510 -1.35 -1.17 -19.12
CA LEU B 510 -1.40 0.13 -19.79
C LEU B 510 -2.79 0.38 -20.38
N GLY B 511 -3.46 -0.66 -20.81
CA GLY B 511 -4.81 -0.52 -21.30
C GLY B 511 -5.70 -0.01 -20.19
N ARG B 512 -5.56 -0.59 -19.00
CA ARG B 512 -6.36 -0.19 -17.86
C ARG B 512 -6.09 1.24 -17.45
N MET B 513 -4.84 1.64 -17.54
CA MET B 513 -4.50 3.01 -17.20
C MET B 513 -5.02 3.97 -18.24
N LEU B 514 -5.36 3.49 -19.43
CA LEU B 514 -5.92 4.42 -20.41
C LEU B 514 -7.31 4.90 -19.99
N LEU B 515 -8.04 4.12 -19.20
CA LEU B 515 -9.34 4.58 -18.71
C LEU B 515 -9.20 5.76 -17.75
N ASP B 516 -8.24 5.68 -16.82
CA ASP B 516 -7.99 6.82 -15.95
C ASP B 516 -7.50 8.03 -16.75
N ILE B 517 -6.72 7.80 -17.77
CA ILE B 517 -6.26 8.90 -18.59
C ILE B 517 -7.42 9.55 -19.31
N LEU B 518 -8.36 8.76 -19.83
CA LEU B 518 -9.54 9.31 -20.47
C LEU B 518 -10.39 10.09 -19.47
N LYS B 519 -10.53 9.58 -18.25
CA LYS B 519 -11.31 10.29 -17.24
C LYS B 519 -10.69 11.65 -16.94
N PHE B 520 -9.36 11.69 -16.81
CA PHE B 520 -8.66 12.96 -16.60
C PHE B 520 -8.73 13.88 -17.81
N LEU B 521 -8.94 13.31 -19.00
CA LEU B 521 -9.00 14.12 -20.22
C LEU B 521 -10.15 15.12 -20.18
N PHE B 522 -11.29 14.75 -19.62
CA PHE B 522 -12.43 15.66 -19.58
C PHE B 522 -12.11 16.91 -18.77
N ILE B 523 -11.61 16.73 -17.55
CA ILE B 523 -11.31 17.88 -16.71
C ILE B 523 -10.20 18.72 -17.34
N TYR B 524 -9.19 18.08 -17.92
CA TYR B 524 -8.15 18.86 -18.57
C TYR B 524 -8.72 19.69 -19.72
N CYS B 525 -9.58 19.10 -20.54
CA CYS B 525 -10.13 19.83 -21.68
C CYS B 525 -11.03 20.97 -21.22
N LEU B 526 -11.77 20.79 -20.12
CA LEU B 526 -12.56 21.89 -19.59
C LEU B 526 -11.65 23.05 -19.19
N VAL B 527 -10.57 22.75 -18.46
CA VAL B 527 -9.65 23.80 -18.05
C VAL B 527 -9.03 24.49 -19.26
N LEU B 528 -8.60 23.69 -20.24
CA LEU B 528 -7.98 24.23 -21.44
C LEU B 528 -8.93 25.15 -22.18
N LEU B 529 -10.17 24.73 -22.37
CA LEU B 529 -11.14 25.56 -23.07
C LEU B 529 -11.42 26.85 -22.31
N ALA B 530 -11.53 26.76 -20.98
CA ALA B 530 -11.75 27.96 -20.18
C ALA B 530 -10.64 28.98 -20.40
N PHE B 531 -9.38 28.55 -20.24
CA PHE B 531 -8.30 29.52 -20.34
C PHE B 531 -8.07 29.97 -21.76
N ALA B 532 -8.38 29.13 -22.75
CA ALA B 532 -8.31 29.57 -24.13
C ALA B 532 -9.33 30.64 -24.42
N ASN B 533 -10.55 30.49 -23.90
CA ASN B 533 -11.56 31.52 -24.07
C ASN B 533 -11.08 32.83 -23.47
N GLY B 534 -10.55 32.77 -22.24
CA GLY B 534 -10.08 33.99 -21.59
C GLY B 534 -8.94 34.67 -22.34
N LEU B 535 -7.93 33.88 -22.73
CA LEU B 535 -6.78 34.47 -23.41
C LEU B 535 -7.16 35.03 -24.78
N ASN B 536 -7.98 34.31 -25.54
CA ASN B 536 -8.42 34.83 -26.82
C ASN B 536 -9.23 36.11 -26.66
N GLN B 537 -10.13 36.15 -25.67
CA GLN B 537 -10.89 37.36 -25.40
C GLN B 537 -9.97 38.53 -25.09
N LEU B 538 -8.89 38.28 -24.34
CA LEU B 538 -7.99 39.37 -23.97
C LEU B 538 -7.15 39.83 -25.16
N TYR B 539 -6.69 38.90 -26.00
CA TYR B 539 -5.65 39.24 -26.95
C TYR B 539 -6.13 39.43 -28.38
N PHE B 540 -7.41 39.17 -28.69
CA PHE B 540 -7.78 39.21 -30.10
C PHE B 540 -7.78 40.61 -30.69
N TYR B 541 -7.64 41.65 -29.87
CA TYR B 541 -7.61 43.00 -30.42
C TYR B 541 -6.29 43.30 -31.10
N TYR B 542 -5.19 42.67 -30.68
CA TYR B 542 -3.85 42.97 -31.17
C TYR B 542 -3.40 42.02 -32.27
N GLU B 543 -4.34 41.40 -32.98
CA GLU B 543 -3.97 40.52 -34.08
C GLU B 543 -3.27 41.31 -35.18
N THR B 544 -2.19 40.74 -35.70
CA THR B 544 -1.36 41.38 -36.71
C THR B 544 -1.32 40.53 -37.97
N ARG B 545 -1.18 41.19 -39.11
CA ARG B 545 -1.11 40.48 -40.38
C ARG B 545 0.25 39.77 -40.53
N ALA B 546 0.26 38.74 -41.36
CA ALA B 546 1.49 37.98 -41.58
C ALA B 546 2.57 38.82 -42.25
N ILE B 547 2.18 39.83 -43.02
CA ILE B 547 3.17 40.69 -43.68
C ILE B 547 3.98 41.47 -42.65
N ASP B 548 3.34 41.91 -41.57
CA ASP B 548 4.03 42.66 -40.52
C ASP B 548 5.06 41.82 -39.79
N GLU B 549 4.98 40.49 -39.88
CA GLU B 549 5.91 39.64 -39.18
C GLU B 549 7.29 39.70 -39.83
N PRO B 550 8.36 39.45 -39.06
CA PRO B 550 9.71 39.62 -39.61
C PRO B 550 10.01 38.74 -40.81
N ASN B 551 9.45 37.54 -40.87
CA ASN B 551 9.73 36.60 -41.96
C ASN B 551 8.46 36.21 -42.71
N ASN B 552 7.42 37.03 -42.64
CA ASN B 552 6.13 36.76 -43.27
C ASN B 552 5.51 35.47 -42.75
N CYS B 553 5.87 35.09 -41.53
CA CYS B 553 5.37 33.88 -40.89
C CYS B 553 4.52 34.28 -39.70
N LYS B 554 3.28 33.79 -39.67
CA LYS B 554 2.34 34.10 -38.60
C LYS B 554 1.97 32.83 -37.84
N GLY B 555 1.95 32.92 -36.52
CA GLY B 555 1.57 31.81 -35.68
C GLY B 555 2.71 31.39 -34.77
N ILE B 556 2.48 30.27 -34.07
CA ILE B 556 3.46 29.82 -33.08
C ILE B 556 4.48 28.84 -33.65
N ARG B 557 4.30 28.40 -34.89
CA ARG B 557 5.29 27.52 -35.51
C ARG B 557 6.34 28.27 -36.30
N CYS B 558 6.53 29.57 -36.01
CA CYS B 558 7.59 30.37 -36.60
C CYS B 558 8.79 30.43 -35.67
N GLU B 559 9.93 30.85 -36.23
CA GLU B 559 11.14 30.95 -35.43
C GLU B 559 10.96 31.96 -34.31
N LYS B 560 10.33 33.09 -34.60
CA LYS B 560 9.87 34.03 -33.59
C LYS B 560 8.36 33.89 -33.48
N GLN B 561 7.89 33.29 -32.38
CA GLN B 561 6.47 33.03 -32.22
C GLN B 561 5.70 34.33 -32.08
N ASN B 562 4.50 34.36 -32.65
CA ASN B 562 3.68 35.56 -32.64
C ASN B 562 2.22 35.17 -32.83
N ASN B 563 1.32 36.07 -32.45
CA ASN B 563 -0.11 35.84 -32.57
C ASN B 563 -0.52 34.54 -31.88
N ALA B 564 0.05 34.30 -30.69
CA ALA B 564 -0.22 33.06 -29.99
C ALA B 564 -1.68 32.96 -29.58
N PHE B 565 -2.28 34.09 -29.21
CA PHE B 565 -3.65 34.09 -28.70
C PHE B 565 -4.58 34.95 -29.55
N SER B 566 -4.26 35.14 -30.83
CA SER B 566 -5.07 36.02 -31.66
C SER B 566 -6.41 35.40 -32.04
N THR B 567 -6.42 34.11 -32.34
CA THR B 567 -7.66 33.41 -32.66
C THR B 567 -7.85 32.24 -31.70
N LEU B 568 -9.10 31.75 -31.61
CA LEU B 568 -9.39 30.68 -30.67
C LEU B 568 -8.66 29.40 -31.03
N PHE B 569 -8.60 29.07 -32.33
CA PHE B 569 -7.89 27.88 -32.76
C PHE B 569 -6.40 27.97 -32.42
N GLU B 570 -5.78 29.11 -32.75
CA GLU B 570 -4.38 29.31 -32.41
C GLU B 570 -4.19 29.32 -30.90
N THR B 571 -5.14 29.88 -30.15
CA THR B 571 -5.01 29.90 -28.69
C THR B 571 -5.03 28.48 -28.12
N LEU B 572 -5.91 27.64 -28.64
CA LEU B 572 -5.93 26.24 -28.19
C LEU B 572 -4.60 25.57 -28.48
N GLN B 573 -4.05 25.80 -29.67
CA GLN B 573 -2.76 25.19 -30.00
C GLN B 573 -1.64 25.72 -29.09
N SER B 574 -1.65 27.02 -28.80
CA SER B 574 -0.63 27.59 -27.93
C SER B 574 -0.71 27.01 -26.53
N LEU B 575 -1.94 26.89 -26.01
CA LEU B 575 -2.07 26.33 -24.67
C LEU B 575 -1.67 24.87 -24.64
N PHE B 576 -1.94 24.14 -25.73
CA PHE B 576 -1.47 22.76 -25.83
C PHE B 576 0.05 22.70 -25.80
N TRP B 577 0.70 23.49 -26.65
CA TRP B 577 2.16 23.39 -26.72
C TRP B 577 2.85 23.94 -25.48
N SER B 578 2.19 24.79 -24.70
CA SER B 578 2.82 25.21 -23.45
C SER B 578 2.91 24.06 -22.45
N VAL B 579 2.11 23.01 -22.61
CA VAL B 579 2.20 21.86 -21.71
C VAL B 579 3.59 21.24 -21.81
N PHE B 580 4.17 21.24 -23.01
CA PHE B 580 5.49 20.70 -23.24
C PHE B 580 6.56 21.79 -23.24
N GLY B 581 6.21 23.02 -22.85
CA GLY B 581 7.18 24.07 -22.73
C GLY B 581 7.68 24.65 -24.04
N LEU B 582 6.97 24.40 -25.13
CA LEU B 582 7.43 24.84 -26.45
C LEU B 582 6.90 26.22 -26.83
N LEU B 583 6.10 26.83 -25.96
CA LEU B 583 5.59 28.18 -26.18
C LEU B 583 6.43 29.15 -25.37
N ASN B 584 7.08 30.10 -26.05
CA ASN B 584 7.95 31.04 -25.37
C ASN B 584 7.15 32.11 -24.64
N LEU B 585 7.78 32.74 -23.65
CA LEU B 585 7.06 33.66 -22.79
C LEU B 585 6.76 34.98 -23.47
N TYR B 586 7.55 35.37 -24.48
CA TYR B 586 7.33 36.68 -25.09
C TYR B 586 6.05 36.74 -25.92
N VAL B 587 5.39 35.61 -26.17
CA VAL B 587 4.13 35.64 -26.91
C VAL B 587 3.05 36.36 -26.11
N THR B 588 3.24 36.56 -24.81
CA THR B 588 2.30 37.33 -24.00
C THR B 588 2.55 38.83 -24.08
N ASN B 589 3.32 39.29 -25.06
CA ASN B 589 3.71 40.68 -25.19
C ASN B 589 3.03 41.28 -26.41
N VAL B 590 2.65 42.55 -26.33
CA VAL B 590 2.00 43.23 -27.45
C VAL B 590 2.82 44.46 -27.83
N LYS B 591 2.66 44.87 -29.09
CA LYS B 591 3.41 46.01 -29.60
C LYS B 591 3.05 47.30 -28.86
N ALA B 592 1.77 47.48 -28.55
CA ALA B 592 1.35 48.65 -27.79
C ALA B 592 1.93 48.60 -26.38
N ARG B 593 2.00 49.76 -25.74
CA ARG B 593 2.51 49.86 -24.38
C ARG B 593 1.39 49.66 -23.35
N HIS B 594 0.65 48.56 -23.50
CA HIS B 594 -0.45 48.25 -22.59
C HIS B 594 0.07 47.25 -21.55
N GLU B 595 0.85 47.78 -20.60
CA GLU B 595 1.51 46.91 -19.65
C GLU B 595 0.50 46.19 -18.75
N PHE B 596 -0.64 46.82 -18.45
CA PHE B 596 -1.64 46.13 -17.65
C PHE B 596 -2.25 44.95 -18.41
N THR B 597 -2.57 45.15 -19.69
CA THR B 597 -3.08 44.05 -20.50
C THR B 597 -2.06 42.93 -20.61
N GLU B 598 -0.79 43.29 -20.86
CA GLU B 598 0.26 42.29 -20.95
C GLU B 598 0.40 41.53 -19.64
N PHE B 599 0.33 42.23 -18.51
CA PHE B 599 0.46 41.54 -17.23
C PHE B 599 -0.72 40.61 -16.97
N VAL B 600 -1.94 41.05 -17.31
CA VAL B 600 -3.10 40.19 -17.08
C VAL B 600 -3.01 38.95 -17.96
N GLY B 601 -2.58 39.10 -19.22
CA GLY B 601 -2.41 37.95 -20.08
C GLY B 601 -1.34 37.01 -19.58
N ALA B 602 -0.23 37.56 -19.07
CA ALA B 602 0.83 36.72 -18.51
C ALA B 602 0.34 35.99 -17.27
N THR B 603 -0.55 36.63 -16.50
CA THR B 603 -1.07 35.97 -15.31
C THR B 603 -2.05 34.85 -15.67
N MET B 604 -2.90 35.08 -16.68
CA MET B 604 -3.75 33.99 -17.16
C MET B 604 -2.90 32.82 -17.65
N PHE B 605 -1.87 33.12 -18.44
CA PHE B 605 -1.00 32.07 -18.95
C PHE B 605 -0.30 31.34 -17.80
N GLY B 606 0.14 32.08 -16.78
CA GLY B 606 0.81 31.45 -15.65
C GLY B 606 -0.12 30.60 -14.81
N THR B 607 -1.37 31.07 -14.60
CA THR B 607 -2.33 30.27 -13.87
C THR B 607 -2.66 28.99 -14.63
N TYR B 608 -2.78 29.09 -15.96
CA TYR B 608 -2.96 27.89 -16.76
C TYR B 608 -1.80 26.94 -16.59
N ASN B 609 -0.57 27.46 -16.62
CA ASN B 609 0.60 26.59 -16.43
C ASN B 609 0.55 25.92 -15.06
N VAL B 610 0.25 26.68 -14.02
CA VAL B 610 0.23 26.11 -12.69
C VAL B 610 -0.79 24.99 -12.61
N ILE B 611 -2.02 25.26 -13.05
CA ILE B 611 -3.06 24.24 -13.00
C ILE B 611 -2.60 23.03 -13.78
N SER B 612 -2.44 23.19 -15.10
CA SER B 612 -2.24 22.03 -15.96
C SER B 612 -0.98 21.23 -15.59
N LEU B 613 0.07 21.88 -15.09
CA LEU B 613 1.32 21.17 -14.84
C LEU B 613 1.46 20.78 -13.37
N VAL B 614 1.39 21.74 -12.45
CA VAL B 614 1.59 21.43 -11.04
C VAL B 614 0.42 20.62 -10.50
N VAL B 615 -0.82 21.02 -10.81
CA VAL B 615 -1.96 20.40 -10.15
C VAL B 615 -2.43 19.19 -10.95
N LEU B 616 -2.84 19.42 -12.20
CA LEU B 616 -3.50 18.37 -12.98
C LEU B 616 -2.56 17.21 -13.31
N LEU B 617 -1.34 17.51 -13.72
CA LEU B 617 -0.42 16.44 -14.10
C LEU B 617 -0.06 15.57 -12.89
N ASN B 618 0.17 16.19 -11.73
CA ASN B 618 0.46 15.41 -10.54
C ASN B 618 -0.75 14.60 -10.10
N MET B 619 -1.95 15.17 -10.22
CA MET B 619 -3.14 14.39 -9.90
C MET B 619 -3.27 13.19 -10.83
N LEU B 620 -2.92 13.38 -12.11
CA LEU B 620 -2.94 12.26 -13.05
C LEU B 620 -1.93 11.19 -12.65
N ILE B 621 -0.75 11.59 -12.18
CA ILE B 621 0.23 10.62 -11.72
C ILE B 621 -0.32 9.84 -10.52
N ALA B 622 -0.96 10.54 -9.57
CA ALA B 622 -1.53 9.85 -8.41
C ALA B 622 -2.61 8.86 -8.84
N MET B 623 -3.49 9.28 -9.75
CA MET B 623 -4.54 8.38 -10.24
C MET B 623 -3.93 7.14 -10.89
N MET B 624 -2.97 7.33 -11.78
CA MET B 624 -2.35 6.22 -12.49
C MET B 624 -1.60 5.32 -11.56
N ASN B 625 -0.97 5.91 -10.58
CA ASN B 625 -0.21 5.19 -9.60
C ASN B 625 -1.11 4.27 -8.82
N ASN B 626 -2.28 4.76 -8.47
CA ASN B 626 -3.24 4.00 -7.70
C ASN B 626 -3.90 2.94 -8.56
N SER B 627 -4.28 3.30 -9.77
CA SER B 627 -4.95 2.36 -10.65
C SER B 627 -4.06 1.19 -10.99
N TYR B 628 -2.78 1.45 -11.21
CA TYR B 628 -1.82 0.42 -11.52
C TYR B 628 -1.71 -0.56 -10.38
N GLN B 629 -1.71 -0.06 -9.15
CA GLN B 629 -1.64 -0.89 -7.98
C GLN B 629 -2.90 -1.75 -7.91
N LEU B 630 -4.04 -1.23 -8.26
CA LEU B 630 -5.23 -2.06 -8.25
C LEU B 630 -5.12 -3.20 -9.27
N ILE B 631 -4.78 -2.87 -10.50
CA ILE B 631 -4.68 -3.86 -11.58
C ILE B 631 -3.63 -4.95 -11.41
N ALA B 632 -2.47 -4.62 -10.85
CA ALA B 632 -1.38 -5.57 -10.69
C ALA B 632 -1.75 -6.96 -10.16
N ASP B 633 -2.70 -7.04 -9.26
CA ASP B 633 -3.11 -8.32 -8.73
C ASP B 633 -3.78 -9.19 -9.78
N HIS B 634 -4.61 -8.59 -10.62
CA HIS B 634 -5.30 -9.33 -11.63
C HIS B 634 -4.61 -9.37 -12.97
N ALA B 635 -3.46 -8.75 -13.08
CA ALA B 635 -2.75 -8.74 -14.35
C ALA B 635 -2.58 -10.07 -15.09
N ASP B 636 -2.32 -11.16 -14.39
CA ASP B 636 -2.06 -12.46 -15.00
C ASP B 636 -3.34 -13.07 -15.56
N ILE B 637 -4.40 -13.07 -14.77
CA ILE B 637 -5.66 -13.63 -15.20
C ILE B 637 -6.15 -12.88 -16.41
N GLU B 638 -6.07 -11.56 -16.37
CA GLU B 638 -6.51 -10.74 -17.47
C GLU B 638 -5.69 -11.01 -18.71
N TRP B 639 -4.38 -11.17 -18.54
CA TRP B 639 -3.53 -11.42 -19.67
C TRP B 639 -3.80 -12.78 -20.29
N LYS B 640 -4.00 -13.79 -19.47
CA LYS B 640 -4.24 -15.13 -19.98
C LYS B 640 -5.57 -15.21 -20.73
N PHE B 641 -6.57 -14.46 -20.28
CA PHE B 641 -7.81 -14.39 -21.03
C PHE B 641 -7.58 -13.78 -22.41
N ALA B 642 -6.84 -12.66 -22.46
CA ALA B 642 -6.58 -12.02 -23.74
C ALA B 642 -5.75 -12.92 -24.65
N ARG B 643 -4.75 -13.60 -24.09
CA ARG B 643 -3.93 -14.49 -24.90
C ARG B 643 -4.75 -15.68 -25.39
N THR B 644 -5.68 -16.17 -24.58
CA THR B 644 -6.55 -17.24 -25.04
C THR B 644 -7.39 -16.78 -26.22
N LYS B 645 -7.92 -15.56 -26.15
CA LYS B 645 -8.67 -15.05 -27.28
C LYS B 645 -7.80 -14.97 -28.53
N LEU B 646 -6.57 -14.48 -28.37
CA LEU B 646 -5.66 -14.40 -29.51
C LEU B 646 -5.38 -15.78 -30.09
N TRP B 647 -5.11 -16.77 -29.23
CA TRP B 647 -4.84 -18.12 -29.71
C TRP B 647 -6.04 -18.70 -30.43
N MET B 648 -7.24 -18.52 -29.87
CA MET B 648 -8.43 -19.10 -30.48
C MET B 648 -8.74 -18.42 -31.81
N SER B 649 -8.34 -17.17 -31.98
CA SER B 649 -8.54 -16.52 -33.27
C SER B 649 -7.77 -17.20 -34.39
N TYR B 650 -6.73 -17.98 -34.07
CA TYR B 650 -5.95 -18.72 -35.06
C TYR B 650 -6.33 -20.18 -35.14
N PHE B 651 -7.41 -20.60 -34.48
CA PHE B 651 -7.84 -21.99 -34.56
C PHE B 651 -8.78 -22.25 -35.74
N ASP B 652 -9.33 -21.21 -36.36
CA ASP B 652 -10.33 -21.37 -37.40
C ASP B 652 -9.69 -21.58 -38.76
N GLU B 653 -10.43 -22.24 -39.65
CA GLU B 653 -9.95 -22.44 -41.01
C GLU B 653 -9.89 -21.13 -41.79
N GLY B 654 -10.90 -20.27 -41.61
CA GLY B 654 -10.93 -19.02 -42.35
C GLY B 654 -9.80 -18.10 -41.95
N GLY B 655 -9.31 -17.35 -42.94
CA GLY B 655 -8.20 -16.45 -42.70
C GLY B 655 -6.86 -17.11 -42.53
N THR B 656 -6.69 -18.32 -43.05
CA THR B 656 -5.41 -19.01 -42.92
C THR B 656 -4.30 -18.27 -43.64
N LEU B 657 -4.56 -17.82 -44.86
CA LEU B 657 -3.55 -17.13 -45.65
C LEU B 657 -3.45 -15.67 -45.21
N PRO B 658 -2.27 -15.19 -44.84
CA PRO B 658 -2.12 -13.76 -44.54
C PRO B 658 -2.08 -12.95 -45.82
N PRO B 659 -2.28 -11.64 -45.73
CA PRO B 659 -2.16 -10.81 -46.93
C PRO B 659 -0.74 -10.83 -47.44
N PRO B 660 -0.54 -10.70 -48.77
CA PRO B 660 -1.59 -10.48 -49.77
C PRO B 660 -2.15 -11.77 -50.36
N PHE B 661 -1.76 -12.92 -49.79
CA PHE B 661 -2.16 -14.20 -50.34
C PHE B 661 -3.63 -14.52 -50.14
N ASN B 662 -4.35 -13.75 -49.33
CA ASN B 662 -5.76 -14.04 -49.08
C ASN B 662 -6.66 -13.62 -50.23
N ILE B 663 -6.18 -12.76 -51.14
CA ILE B 663 -6.98 -12.31 -52.28
C ILE B 663 -6.74 -13.14 -53.53
N ILE B 664 -5.68 -13.94 -53.57
CA ILE B 664 -5.38 -14.76 -54.74
C ILE B 664 -6.41 -15.88 -54.91
N SER B 706 -24.99 -37.06 -30.09
CA SER B 706 -25.32 -36.01 -29.13
C SER B 706 -25.74 -36.61 -27.79
N LEU B 707 -26.50 -37.70 -27.84
CA LEU B 707 -26.97 -38.33 -26.61
C LEU B 707 -25.82 -38.93 -25.81
N ILE B 708 -24.88 -39.60 -26.47
CA ILE B 708 -23.74 -40.17 -25.76
C ILE B 708 -22.83 -39.07 -25.23
N GLN B 709 -22.78 -37.94 -25.93
CA GLN B 709 -21.95 -36.84 -25.50
C GLN B 709 -22.52 -36.25 -24.22
N ASN B 710 -23.84 -36.09 -24.18
CA ASN B 710 -24.50 -35.58 -23.01
C ASN B 710 -24.33 -36.53 -21.83
N GLN B 711 -24.41 -37.82 -22.10
CA GLN B 711 -24.26 -38.81 -21.05
C GLN B 711 -22.88 -38.70 -20.45
N HIS B 712 -21.87 -38.67 -21.30
CA HIS B 712 -20.50 -38.51 -20.81
C HIS B 712 -20.34 -37.22 -20.04
N TYR B 713 -20.93 -36.13 -20.54
CA TYR B 713 -20.86 -34.87 -19.82
C TYR B 713 -21.56 -34.96 -18.47
N GLN B 714 -22.71 -35.66 -18.42
CA GLN B 714 -23.44 -35.79 -17.17
C GLN B 714 -22.65 -36.59 -16.14
N GLU B 715 -22.00 -37.68 -16.55
CA GLU B 715 -21.22 -38.45 -15.58
C GLU B 715 -19.99 -37.67 -15.12
N VAL B 716 -19.33 -36.96 -16.03
CA VAL B 716 -18.19 -36.14 -15.62
C VAL B 716 -18.64 -35.05 -14.65
N ILE B 717 -19.80 -34.43 -14.92
CA ILE B 717 -20.31 -33.38 -14.05
C ILE B 717 -20.68 -33.96 -12.68
N ARG B 718 -21.25 -35.17 -12.66
CA ARG B 718 -21.58 -35.79 -11.38
C ARG B 718 -20.32 -36.00 -10.55
N ASN B 719 -19.26 -36.52 -11.17
CA ASN B 719 -18.00 -36.69 -10.46
C ASN B 719 -17.46 -35.36 -9.96
N LEU B 720 -17.50 -34.32 -10.82
CA LEU B 720 -16.99 -33.02 -10.42
C LEU B 720 -17.76 -32.47 -9.24
N VAL B 721 -19.08 -32.63 -9.24
CA VAL B 721 -19.90 -32.10 -8.15
C VAL B 721 -19.60 -32.84 -6.85
N LYS B 722 -19.48 -34.17 -6.90
CA LYS B 722 -19.10 -34.90 -5.70
C LYS B 722 -17.77 -34.39 -5.16
N ARG B 723 -16.77 -34.29 -6.02
CA ARG B 723 -15.45 -33.85 -5.59
C ARG B 723 -15.49 -32.43 -5.03
N TYR B 724 -16.22 -31.54 -5.69
CA TYR B 724 -16.29 -30.15 -5.23
C TYR B 724 -16.99 -30.06 -3.88
N VAL B 725 -18.06 -30.81 -3.69
CA VAL B 725 -18.78 -30.78 -2.41
C VAL B 725 -17.86 -31.26 -1.30
N ALA B 726 -17.19 -32.40 -1.53
CA ALA B 726 -16.27 -32.91 -0.51
C ALA B 726 -15.17 -31.91 -0.21
N ALA B 727 -14.58 -31.31 -1.26
CA ALA B 727 -13.47 -30.38 -1.05
C ALA B 727 -13.91 -29.14 -0.29
N MET B 728 -15.09 -28.61 -0.60
CA MET B 728 -15.53 -27.39 0.07
C MET B 728 -15.95 -27.67 1.52
N ILE B 729 -16.55 -28.84 1.77
CA ILE B 729 -16.82 -29.22 3.16
C ILE B 729 -15.52 -29.35 3.95
N ARG B 730 -14.51 -29.97 3.34
CA ARG B 730 -13.21 -30.09 3.99
C ARG B 730 -12.60 -28.71 4.26
N ASN B 731 -12.68 -27.81 3.29
CA ASN B 731 -12.11 -26.47 3.46
C ASN B 731 -12.82 -25.70 4.56
N SER B 732 -14.16 -25.79 4.62
CA SER B 732 -14.90 -25.11 5.68
C SER B 732 -14.56 -25.68 7.05
N LYS B 733 -14.45 -27.01 7.16
CA LYS B 733 -14.10 -27.61 8.45
C LYS B 733 -12.69 -27.22 8.88
N THR B 734 -11.74 -27.19 7.94
CA THR B 734 -10.36 -26.86 8.26
C THR B 734 -10.13 -25.35 8.26
N THR B 739 -15.72 -19.32 16.76
CA THR B 739 -16.84 -18.46 17.11
C THR B 739 -17.21 -18.57 18.58
N GLU B 740 -17.87 -17.53 19.11
CA GLU B 740 -18.35 -17.58 20.49
C GLU B 740 -19.46 -18.61 20.66
N GLU B 741 -20.27 -18.83 19.62
CA GLU B 741 -21.37 -19.78 19.73
C GLU B 741 -20.86 -21.21 19.94
N ASN B 742 -19.68 -21.53 19.42
CA ASN B 742 -19.10 -22.85 19.68
C ASN B 742 -18.80 -23.03 21.16
N PHE B 743 -18.24 -22.00 21.80
CA PHE B 743 -17.98 -22.08 23.23
C PHE B 743 -19.28 -22.13 24.02
N LYS B 744 -20.31 -21.41 23.55
CA LYS B 744 -21.61 -21.50 24.21
C LYS B 744 -22.17 -22.91 24.13
N GLU B 745 -22.02 -23.55 22.96
CA GLU B 745 -22.48 -24.94 22.80
C GLU B 745 -21.70 -25.89 23.69
N LEU B 746 -20.38 -25.67 23.80
CA LEU B 746 -19.57 -26.51 24.69
C LEU B 746 -20.01 -26.36 26.14
N LYS B 747 -20.23 -25.12 26.58
CA LYS B 747 -20.74 -24.90 27.94
C LYS B 747 -22.10 -25.56 28.12
N GLN B 748 -22.96 -25.47 27.11
CA GLN B 748 -24.28 -26.09 27.19
C GLN B 748 -24.17 -27.60 27.34
N ASP B 749 -23.31 -28.24 26.55
CA ASP B 749 -23.13 -29.68 26.65
C ASP B 749 -22.59 -30.08 28.03
N ILE B 750 -21.60 -29.33 28.53
CA ILE B 750 -21.03 -29.64 29.84
C ILE B 750 -22.08 -29.49 30.93
N SER B 751 -22.87 -28.42 30.89
CA SER B 751 -23.88 -28.19 31.92
C SER B 751 -24.98 -29.24 31.85
N SER B 752 -25.40 -29.62 30.65
CA SER B 752 -26.42 -30.68 30.52
C SER B 752 -25.91 -31.99 31.09
N PHE B 753 -24.66 -32.34 30.77
CA PHE B 753 -24.07 -33.55 31.32
C PHE B 753 -23.99 -33.47 32.85
N ARG B 754 -23.60 -32.30 33.38
CA ARG B 754 -23.51 -32.14 34.82
C ARG B 754 -24.86 -32.31 35.49
N TYR B 755 -25.90 -31.70 34.92
CA TYR B 755 -27.23 -31.83 35.51
C TYR B 755 -27.74 -33.26 35.46
N GLU B 756 -27.49 -33.96 34.34
CA GLU B 756 -27.89 -35.36 34.26
C GLU B 756 -27.18 -36.21 35.31
N VAL B 757 -25.87 -36.01 35.47
CA VAL B 757 -25.12 -36.79 36.45
C VAL B 757 -25.61 -36.48 37.87
N LEU B 758 -25.81 -35.20 38.17
CA LEU B 758 -26.27 -34.82 39.51
C LEU B 758 -27.64 -35.41 39.80
N ASP B 759 -28.55 -35.39 38.82
CA ASP B 759 -29.86 -35.97 39.01
C ASP B 759 -29.77 -37.49 39.22
N LEU B 760 -28.93 -38.16 38.43
CA LEU B 760 -28.80 -39.61 38.56
C LEU B 760 -28.22 -40.00 39.92
N LEU B 761 -27.23 -39.27 40.40
CA LEU B 761 -26.61 -39.55 41.68
C LEU B 761 -27.48 -39.08 42.83
N ARG C 17 -42.38 -19.61 -11.20
CA ARG C 17 -41.76 -20.50 -10.21
C ARG C 17 -40.68 -21.41 -10.82
N ILE C 18 -39.63 -21.66 -10.07
CA ILE C 18 -38.55 -22.56 -10.45
C ILE C 18 -38.71 -23.85 -9.66
N PRO C 19 -39.01 -24.98 -10.30
CA PRO C 19 -39.02 -26.25 -9.57
C PRO C 19 -37.59 -26.66 -9.20
N LEU C 20 -37.40 -27.07 -7.95
CA LEU C 20 -36.11 -27.53 -7.47
C LEU C 20 -36.23 -29.00 -7.07
N GLN C 21 -35.36 -29.83 -7.64
CA GLN C 21 -35.35 -31.27 -7.40
C GLN C 21 -33.90 -31.72 -7.36
N ILE C 22 -33.67 -33.04 -7.43
CA ILE C 22 -32.33 -33.60 -7.40
C ILE C 22 -32.02 -34.08 -8.80
N VAL C 23 -31.23 -33.32 -9.55
CA VAL C 23 -30.88 -33.69 -10.92
C VAL C 23 -30.03 -34.95 -10.93
N ARG C 24 -29.01 -35.00 -10.07
CA ARG C 24 -28.14 -36.17 -9.94
C ARG C 24 -28.58 -36.92 -8.68
N ALA C 25 -29.49 -37.87 -8.86
CA ALA C 25 -30.02 -38.61 -7.73
C ALA C 25 -29.00 -39.63 -7.25
N GLU C 26 -29.17 -40.04 -5.99
CA GLU C 26 -28.33 -41.08 -5.41
C GLU C 26 -29.22 -42.09 -4.68
N THR C 27 -28.61 -43.02 -3.96
CA THR C 27 -29.33 -44.04 -3.21
C THR C 27 -29.48 -43.56 -1.77
N GLU C 28 -30.72 -43.30 -1.35
CA GLU C 28 -30.97 -42.83 0.00
C GLU C 28 -30.76 -43.94 1.03
N LEU C 29 -30.40 -43.51 2.24
CA LEU C 29 -30.27 -44.43 3.35
C LEU C 29 -31.63 -44.85 3.88
N SER C 30 -31.67 -46.04 4.48
CA SER C 30 -32.87 -46.47 5.15
C SER C 30 -32.98 -45.77 6.51
N ALA C 31 -34.11 -46.00 7.19
CA ALA C 31 -34.28 -45.43 8.51
C ALA C 31 -33.25 -45.97 9.50
N GLU C 32 -33.00 -47.27 9.47
CA GLU C 32 -32.04 -47.87 10.38
C GLU C 32 -30.62 -47.47 10.04
N GLU C 33 -30.29 -47.36 8.76
CA GLU C 33 -28.94 -46.90 8.39
C GLU C 33 -28.70 -45.48 8.85
N LYS C 34 -29.70 -44.61 8.72
CA LYS C 34 -29.58 -43.24 9.23
C LYS C 34 -29.46 -43.23 10.75
N ALA C 35 -30.23 -44.06 11.46
CA ALA C 35 -30.11 -44.12 12.91
C ALA C 35 -28.73 -44.60 13.34
N PHE C 36 -28.20 -45.62 12.65
CA PHE C 36 -26.87 -46.14 12.96
C PHE C 36 -25.79 -45.10 12.68
N LEU C 37 -25.88 -44.38 11.56
CA LEU C 37 -24.90 -43.35 11.27
C LEU C 37 -24.99 -42.20 12.28
N ASN C 38 -26.21 -41.86 12.72
CA ASN C 38 -26.36 -40.83 13.76
C ASN C 38 -25.74 -41.29 15.06
N ALA C 39 -25.91 -42.58 15.42
CA ALA C 39 -25.29 -43.11 16.62
C ALA C 39 -23.77 -43.06 16.53
N VAL C 40 -23.22 -43.37 15.35
CA VAL C 40 -21.77 -43.27 15.16
C VAL C 40 -21.31 -41.83 15.30
N GLU C 41 -22.06 -40.89 14.71
CA GLU C 41 -21.68 -39.47 14.80
C GLU C 41 -21.70 -38.98 16.23
N LYS C 42 -22.73 -39.35 17.00
CA LYS C 42 -22.83 -38.90 18.39
C LYS C 42 -21.85 -39.62 19.30
N GLY C 43 -21.21 -40.69 18.84
CA GLY C 43 -20.22 -41.39 19.63
C GLY C 43 -20.76 -42.36 20.65
N ASP C 44 -22.05 -42.70 20.57
CA ASP C 44 -22.64 -43.65 21.51
C ASP C 44 -22.11 -45.04 21.20
N TYR C 45 -21.15 -45.50 22.01
CA TYR C 45 -20.51 -46.79 21.76
C TYR C 45 -21.50 -47.94 21.90
N ALA C 46 -22.40 -47.87 22.90
CA ALA C 46 -23.29 -48.99 23.18
C ALA C 46 -24.25 -49.25 22.02
N THR C 47 -24.88 -48.21 21.49
CA THR C 47 -25.83 -48.39 20.40
C THR C 47 -25.14 -48.83 19.11
N VAL C 48 -23.95 -48.30 18.84
CA VAL C 48 -23.20 -48.73 17.66
C VAL C 48 -22.83 -50.20 17.78
N LYS C 49 -22.38 -50.63 18.97
CA LYS C 49 -22.04 -52.02 19.17
C LYS C 49 -23.27 -52.92 19.01
N GLN C 50 -24.41 -52.48 19.56
CA GLN C 50 -25.64 -53.27 19.40
C GLN C 50 -26.05 -53.37 17.94
N ALA C 51 -25.94 -52.27 17.18
CA ALA C 51 -26.28 -52.30 15.77
C ALA C 51 -25.35 -53.22 15.00
N LEU C 52 -24.05 -53.19 15.31
CA LEU C 52 -23.11 -54.07 14.63
C LEU C 52 -23.39 -55.53 14.94
N GLN C 53 -23.71 -55.84 16.20
CA GLN C 53 -24.03 -57.22 16.56
C GLN C 53 -25.34 -57.68 15.94
N GLU C 54 -26.31 -56.78 15.80
CA GLU C 54 -27.59 -57.13 15.18
C GLU C 54 -27.49 -57.28 13.68
N ALA C 55 -26.56 -56.56 13.04
CA ALA C 55 -26.39 -56.67 11.59
C ALA C 55 -25.85 -58.04 11.19
N GLU C 56 -25.07 -58.68 12.06
CA GLU C 56 -24.55 -60.01 11.75
C GLU C 56 -25.65 -61.06 11.73
N ILE C 57 -26.69 -60.89 12.56
CA ILE C 57 -27.76 -61.87 12.68
C ILE C 57 -28.89 -61.60 11.71
N TYR C 58 -29.35 -60.34 11.63
CA TYR C 58 -30.52 -60.00 10.84
C TYR C 58 -30.21 -59.43 9.46
N TYR C 59 -28.98 -58.93 9.25
CA TYR C 59 -28.57 -58.35 7.97
C TYR C 59 -29.51 -57.24 7.52
N ASN C 60 -29.93 -56.40 8.46
CA ASN C 60 -30.86 -55.32 8.18
C ASN C 60 -30.19 -53.98 7.93
N VAL C 61 -28.96 -53.80 8.40
CA VAL C 61 -28.23 -52.54 8.26
C VAL C 61 -26.94 -52.81 7.50
N ASN C 62 -26.70 -52.02 6.45
CA ASN C 62 -25.45 -52.10 5.70
C ASN C 62 -24.40 -51.28 6.42
N ILE C 63 -23.38 -51.97 6.97
CA ILE C 63 -22.37 -51.28 7.75
C ILE C 63 -21.48 -50.39 6.90
N ASN C 64 -21.50 -50.57 5.58
CA ASN C 64 -20.68 -49.78 4.67
C ASN C 64 -21.45 -48.68 3.98
N CYS C 65 -22.66 -48.37 4.44
CA CYS C 65 -23.48 -47.35 3.82
C CYS C 65 -22.84 -45.97 4.00
N MET C 66 -23.01 -45.14 2.98
CA MET C 66 -22.49 -43.77 3.00
C MET C 66 -23.49 -42.86 3.72
N ASP C 67 -23.23 -41.56 3.69
CA ASP C 67 -24.16 -40.57 4.22
C ASP C 67 -24.43 -39.58 3.09
N PRO C 68 -25.29 -38.57 3.27
CA PRO C 68 -25.48 -37.57 2.21
C PRO C 68 -24.19 -36.85 1.81
N LEU C 69 -23.16 -36.88 2.65
CA LEU C 69 -21.87 -36.28 2.32
C LEU C 69 -20.86 -37.29 1.80
N GLY C 70 -21.24 -38.56 1.67
CA GLY C 70 -20.36 -39.58 1.14
C GLY C 70 -19.53 -40.34 2.16
N ARG C 71 -19.53 -39.90 3.41
CA ARG C 71 -18.73 -40.56 4.44
C ARG C 71 -19.44 -41.82 4.94
N SER C 72 -18.65 -42.87 5.18
CA SER C 72 -19.15 -44.10 5.77
C SER C 72 -19.00 -44.04 7.29
N ALA C 73 -19.32 -45.14 7.97
CA ALA C 73 -19.18 -45.16 9.42
C ALA C 73 -17.72 -45.03 9.84
N LEU C 74 -16.81 -45.71 9.13
CA LEU C 74 -15.40 -45.64 9.49
C LEU C 74 -14.86 -44.23 9.28
N LEU C 75 -15.25 -43.57 8.19
CA LEU C 75 -14.82 -42.20 7.95
C LEU C 75 -15.36 -41.24 9.01
N ILE C 76 -16.60 -41.43 9.43
CA ILE C 76 -17.16 -40.62 10.51
C ILE C 76 -16.37 -40.82 11.79
N ALA C 77 -16.05 -42.08 12.12
CA ALA C 77 -15.29 -42.37 13.33
C ALA C 77 -13.89 -41.75 13.27
N ILE C 78 -13.25 -41.81 12.10
CA ILE C 78 -11.93 -41.20 11.95
C ILE C 78 -12.02 -39.69 12.10
N GLU C 79 -13.04 -39.06 11.51
CA GLU C 79 -13.15 -37.62 11.53
C GLU C 79 -13.42 -37.08 12.94
N ASN C 80 -14.03 -37.88 13.80
CA ASN C 80 -14.31 -37.48 15.17
C ASN C 80 -13.21 -37.88 16.15
N GLU C 81 -12.13 -38.49 15.66
CA GLU C 81 -11.03 -38.96 16.51
C GLU C 81 -11.54 -39.91 17.59
N ASN C 82 -12.51 -40.73 17.23
CA ASN C 82 -13.09 -41.71 18.16
C ASN C 82 -12.38 -43.03 17.91
N LEU C 83 -11.31 -43.27 18.68
CA LEU C 83 -10.52 -44.49 18.50
C LEU C 83 -11.29 -45.73 18.93
N GLU C 84 -12.14 -45.62 19.95
CA GLU C 84 -12.89 -46.78 20.42
C GLU C 84 -13.87 -47.26 19.36
N ILE C 85 -14.68 -46.35 18.81
CA ILE C 85 -15.64 -46.72 17.77
C ILE C 85 -14.90 -47.13 16.49
N MET C 86 -13.77 -46.48 16.20
CA MET C 86 -12.96 -46.89 15.05
C MET C 86 -12.51 -48.34 15.18
N GLU C 87 -11.96 -48.70 16.34
CA GLU C 87 -11.49 -50.06 16.55
C GLU C 87 -12.65 -51.05 16.57
N LEU C 88 -13.80 -50.64 17.11
CA LEU C 88 -14.98 -51.50 17.07
C LEU C 88 -15.41 -51.78 15.63
N LEU C 89 -15.40 -50.76 14.78
CA LEU C 89 -15.74 -50.95 13.37
C LEU C 89 -14.71 -51.85 12.67
N LEU C 90 -13.42 -51.65 12.98
CA LEU C 90 -12.39 -52.48 12.36
C LEU C 90 -12.51 -53.94 12.77
N ASN C 91 -12.86 -54.19 14.04
CA ASN C 91 -13.03 -55.56 14.51
C ASN C 91 -14.22 -56.25 13.84
N HIS C 92 -15.18 -55.49 13.30
CA HIS C 92 -16.31 -56.06 12.60
C HIS C 92 -16.09 -56.11 11.09
N SER C 93 -14.87 -55.84 10.63
CA SER C 93 -14.47 -55.99 9.23
C SER C 93 -15.32 -55.12 8.31
N VAL C 94 -15.24 -53.82 8.51
CA VAL C 94 -15.88 -52.87 7.62
C VAL C 94 -14.94 -52.57 6.46
N TYR C 95 -15.49 -52.03 5.37
CA TYR C 95 -14.66 -51.64 4.24
C TYR C 95 -13.67 -50.57 4.69
N VAL C 96 -12.40 -50.76 4.33
CA VAL C 96 -11.32 -49.92 4.83
C VAL C 96 -10.56 -49.21 3.72
N GLY C 97 -10.97 -49.37 2.46
CA GLY C 97 -10.28 -48.77 1.34
C GLY C 97 -10.16 -47.25 1.45
N ASP C 98 -8.94 -46.75 1.30
CA ASP C 98 -8.61 -45.33 1.35
C ASP C 98 -8.86 -44.69 2.72
N ALA C 99 -9.23 -45.48 3.73
CA ALA C 99 -9.39 -44.92 5.07
C ALA C 99 -8.07 -44.46 5.64
N LEU C 100 -6.97 -45.13 5.28
CA LEU C 100 -5.67 -44.71 5.75
C LEU C 100 -5.33 -43.30 5.25
N LEU C 101 -5.74 -42.97 4.02
CA LEU C 101 -5.49 -41.63 3.50
C LEU C 101 -6.23 -40.58 4.30
N TYR C 102 -7.49 -40.84 4.64
CA TYR C 102 -8.25 -39.90 5.46
C TYR C 102 -7.64 -39.75 6.85
N ALA C 103 -7.17 -40.87 7.43
CA ALA C 103 -6.51 -40.81 8.73
C ALA C 103 -5.24 -39.97 8.66
N ILE C 104 -4.46 -40.13 7.59
CA ILE C 104 -3.21 -39.38 7.46
C ILE C 104 -3.49 -37.90 7.25
N ARG C 105 -4.47 -37.57 6.40
CA ARG C 105 -4.80 -36.16 6.17
C ARG C 105 -5.34 -35.51 7.44
N LYS C 106 -6.11 -36.25 8.23
CA LYS C 106 -6.61 -35.74 9.50
C LYS C 106 -5.49 -35.50 10.50
N GLU C 107 -4.31 -36.07 10.25
CA GLU C 107 -3.13 -35.90 11.11
C GLU C 107 -3.42 -36.40 12.53
N VAL C 108 -4.05 -37.56 12.61
CA VAL C 108 -4.37 -38.21 13.89
C VAL C 108 -3.49 -39.44 14.03
N VAL C 109 -2.70 -39.48 15.11
CA VAL C 109 -1.72 -40.54 15.28
C VAL C 109 -2.41 -41.88 15.58
N GLY C 110 -3.43 -41.87 16.42
CA GLY C 110 -4.11 -43.12 16.77
C GLY C 110 -4.72 -43.82 15.57
N ALA C 111 -5.32 -43.05 14.67
CA ALA C 111 -5.97 -43.65 13.50
C ALA C 111 -4.96 -44.35 12.60
N VAL C 112 -3.79 -43.72 12.37
CA VAL C 112 -2.78 -44.31 11.50
C VAL C 112 -2.27 -45.62 12.10
N GLU C 113 -1.98 -45.64 13.40
CA GLU C 113 -1.47 -46.86 14.01
C GLU C 113 -2.54 -47.94 14.04
N LEU C 114 -3.81 -47.56 14.26
CA LEU C 114 -4.89 -48.52 14.22
C LEU C 114 -5.02 -49.16 12.85
N LEU C 115 -4.99 -48.34 11.79
CA LEU C 115 -5.19 -48.85 10.44
C LEU C 115 -3.97 -49.59 9.89
N LEU C 116 -2.77 -49.20 10.30
CA LEU C 116 -1.57 -49.90 9.84
C LEU C 116 -1.48 -51.31 10.41
N SER C 117 -1.95 -51.52 11.64
CA SER C 117 -2.01 -52.85 12.20
C SER C 117 -3.24 -53.62 11.75
N TYR C 118 -4.19 -52.95 11.09
CA TYR C 118 -5.40 -53.58 10.55
C TYR C 118 -6.19 -54.33 11.62
N GLN C 135 -15.15 -46.43 -6.14
CA GLN C 135 -15.95 -45.50 -5.37
C GLN C 135 -15.33 -44.10 -5.41
N PHE C 136 -16.14 -43.13 -5.01
CA PHE C 136 -15.67 -41.75 -4.93
C PHE C 136 -14.62 -41.62 -3.82
N SER C 137 -13.55 -40.88 -4.13
CA SER C 137 -12.49 -40.61 -3.17
C SER C 137 -12.07 -39.16 -3.28
N GLU C 138 -11.66 -38.59 -2.15
CA GLU C 138 -11.15 -37.22 -2.13
C GLU C 138 -9.69 -37.13 -2.52
N PHE C 139 -9.04 -38.27 -2.79
CA PHE C 139 -7.62 -38.31 -3.13
C PHE C 139 -7.45 -38.89 -4.53
N THR C 140 -6.58 -38.27 -5.32
CA THR C 140 -6.31 -38.76 -6.66
C THR C 140 -5.67 -40.13 -6.61
N PRO C 141 -5.81 -40.94 -7.66
CA PRO C 141 -5.30 -42.31 -7.62
C PRO C 141 -3.79 -42.41 -7.41
N ASP C 142 -3.01 -41.39 -7.78
CA ASP C 142 -1.57 -41.46 -7.62
C ASP C 142 -1.11 -41.20 -6.19
N ILE C 143 -2.00 -40.76 -5.30
CA ILE C 143 -1.61 -40.49 -3.93
C ILE C 143 -1.39 -41.79 -3.18
N THR C 144 -0.22 -41.94 -2.56
CA THR C 144 0.13 -43.07 -1.72
C THR C 144 0.23 -42.63 -0.27
N PRO C 145 0.16 -43.56 0.69
CA PRO C 145 0.22 -43.13 2.10
C PRO C 145 1.44 -42.31 2.44
N ILE C 146 2.63 -42.72 1.98
CA ILE C 146 3.84 -41.96 2.32
C ILE C 146 3.82 -40.60 1.64
N MET C 147 3.33 -40.54 0.39
CA MET C 147 3.24 -39.27 -0.31
C MET C 147 2.30 -38.31 0.38
N LEU C 148 1.13 -38.79 0.81
CA LEU C 148 0.20 -37.94 1.53
C LEU C 148 0.78 -37.49 2.86
N ALA C 149 1.46 -38.40 3.57
CA ALA C 149 2.08 -38.03 4.83
C ALA C 149 3.13 -36.95 4.63
N ALA C 150 3.92 -37.05 3.57
CA ALA C 150 4.89 -36.00 3.27
C ALA C 150 4.18 -34.70 2.94
N HIS C 151 3.05 -34.76 2.23
CA HIS C 151 2.29 -33.55 1.94
C HIS C 151 1.82 -32.88 3.23
N THR C 152 1.36 -33.66 4.20
CA THR C 152 0.94 -33.07 5.47
C THR C 152 2.11 -32.54 6.29
N ASN C 153 3.33 -32.99 5.98
CA ASN C 153 4.53 -32.55 6.69
C ASN C 153 4.42 -32.84 8.19
N ASN C 154 3.84 -33.98 8.53
CA ASN C 154 3.66 -34.37 9.92
C ASN C 154 4.76 -35.36 10.28
N TYR C 155 5.63 -34.97 11.21
CA TYR C 155 6.84 -35.75 11.47
C TYR C 155 6.51 -37.12 12.06
N GLU C 156 5.52 -37.20 12.95
CA GLU C 156 5.20 -38.48 13.60
C GLU C 156 4.71 -39.51 12.58
N ILE C 157 3.75 -39.11 11.74
CA ILE C 157 3.18 -40.06 10.77
C ILE C 157 4.21 -40.40 9.70
N ILE C 158 4.98 -39.41 9.25
CA ILE C 158 6.03 -39.69 8.27
C ILE C 158 7.03 -40.68 8.84
N LYS C 159 7.42 -40.51 10.09
CA LYS C 159 8.34 -41.44 10.71
C LYS C 159 7.72 -42.83 10.83
N LEU C 160 6.43 -42.90 11.19
CA LEU C 160 5.75 -44.19 11.28
C LEU C 160 5.77 -44.92 9.95
N LEU C 161 5.53 -44.20 8.86
CA LEU C 161 5.51 -44.83 7.53
C LEU C 161 6.92 -45.18 7.04
N VAL C 162 7.91 -44.35 7.34
CA VAL C 162 9.28 -44.64 6.93
C VAL C 162 9.87 -45.77 7.78
N GLN C 163 9.29 -46.05 8.95
CA GLN C 163 9.71 -47.21 9.73
C GLN C 163 9.57 -48.50 8.94
N LYS C 164 8.58 -48.57 8.05
CA LYS C 164 8.41 -49.70 7.15
C LYS C 164 9.29 -49.48 5.92
N ARG C 165 9.10 -50.30 4.89
CA ARG C 165 9.86 -50.18 3.65
C ARG C 165 8.95 -49.50 2.62
N VAL C 166 9.00 -48.17 2.58
CA VAL C 166 8.21 -47.41 1.64
C VAL C 166 9.14 -46.67 0.68
N THR C 167 8.64 -46.41 -0.52
CA THR C 167 9.42 -45.75 -1.56
C THR C 167 8.56 -44.71 -2.26
N ILE C 168 9.21 -43.71 -2.83
CA ILE C 168 8.57 -42.67 -3.63
C ILE C 168 9.18 -42.72 -5.01
N PRO C 169 8.39 -42.74 -6.09
CA PRO C 169 8.96 -42.84 -7.44
C PRO C 169 9.88 -41.67 -7.75
N ARG C 170 10.94 -41.92 -8.49
CA ARG C 170 11.83 -40.83 -8.79
C ARG C 170 11.40 -40.12 -10.04
N PRO C 171 11.16 -38.81 -9.94
CA PRO C 171 10.81 -38.00 -11.11
C PRO C 171 11.95 -37.99 -12.11
N HIS C 172 11.58 -37.95 -13.40
CA HIS C 172 12.58 -37.97 -14.46
C HIS C 172 13.20 -36.58 -14.58
N GLN C 173 14.06 -36.40 -15.60
CA GLN C 173 14.70 -35.12 -15.83
C GLN C 173 13.67 -34.06 -16.18
N ILE C 174 14.00 -32.80 -15.88
CA ILE C 174 13.11 -31.68 -16.19
C ILE C 174 12.83 -31.62 -17.68
N ARG C 175 13.85 -31.86 -18.50
CA ARG C 175 13.72 -31.87 -19.95
C ARG C 175 13.94 -33.28 -20.50
N CYS C 176 13.41 -34.28 -19.80
CA CYS C 176 13.55 -35.67 -20.23
C CYS C 176 12.74 -35.92 -21.50
N ASN C 177 13.29 -36.75 -22.39
CA ASN C 177 12.65 -37.07 -23.66
C ASN C 177 12.57 -38.57 -23.89
N CYS C 178 12.46 -39.35 -22.81
CA CYS C 178 12.35 -40.80 -22.97
C CYS C 178 10.95 -41.16 -23.46
N VAL C 179 10.79 -42.43 -23.83
CA VAL C 179 9.52 -42.89 -24.39
C VAL C 179 8.42 -42.83 -23.34
N GLU C 180 8.73 -43.19 -22.10
CA GLU C 180 7.71 -43.22 -21.06
C GLU C 180 7.13 -41.83 -20.79
N CYS C 181 8.00 -40.82 -20.73
CA CYS C 181 7.54 -39.46 -20.42
C CYS C 181 6.64 -38.92 -21.53
N VAL C 182 7.06 -39.04 -22.78
CA VAL C 182 6.25 -38.52 -23.88
C VAL C 182 4.96 -39.32 -24.02
N SER C 183 5.02 -40.64 -23.79
CA SER C 183 3.81 -41.45 -23.86
C SER C 183 2.80 -41.03 -22.79
N SER C 184 3.26 -40.83 -21.56
CA SER C 184 2.35 -40.40 -20.50
C SER C 184 1.83 -38.99 -20.75
N SER C 185 2.68 -38.11 -21.29
CA SER C 185 2.23 -36.75 -21.58
C SER C 185 1.17 -36.72 -22.67
N GLU C 186 1.32 -37.54 -23.71
CA GLU C 186 0.34 -37.56 -24.79
C GLU C 186 -0.93 -38.29 -24.40
N VAL C 187 -0.82 -39.37 -23.62
CA VAL C 187 -2.02 -40.11 -23.21
C VAL C 187 -2.85 -39.28 -22.24
N ASP C 188 -2.22 -38.68 -21.24
CA ASP C 188 -2.94 -37.88 -20.25
C ASP C 188 -1.99 -36.84 -19.69
N SER C 189 -2.05 -35.62 -20.22
CA SER C 189 -1.17 -34.56 -19.74
C SER C 189 -1.55 -34.11 -18.34
N LEU C 190 -2.85 -34.03 -18.06
CA LEU C 190 -3.30 -33.59 -16.74
C LEU C 190 -2.84 -34.56 -15.66
N ARG C 191 -3.04 -35.86 -15.89
CA ARG C 191 -2.65 -36.86 -14.90
C ARG C 191 -1.14 -36.84 -14.68
N HIS C 192 -0.38 -36.75 -15.77
CA HIS C 192 1.08 -36.75 -15.66
C HIS C 192 1.59 -35.53 -14.89
N SER C 193 1.06 -34.36 -15.23
CA SER C 193 1.46 -33.14 -14.54
C SER C 193 1.08 -33.19 -13.06
N ARG C 194 -0.13 -33.68 -12.75
CA ARG C 194 -0.55 -33.81 -11.37
C ARG C 194 0.35 -34.76 -10.60
N SER C 195 0.70 -35.90 -11.21
CA SER C 195 1.56 -36.87 -10.54
C SER C 195 2.95 -36.28 -10.28
N ARG C 196 3.50 -35.57 -11.26
CA ARG C 196 4.81 -34.95 -11.04
C ARG C 196 4.75 -33.93 -9.91
N LEU C 197 3.71 -33.10 -9.89
CA LEU C 197 3.59 -32.11 -8.82
C LEU C 197 3.42 -32.77 -7.46
N ASN C 198 2.64 -33.86 -7.39
CA ASN C 198 2.47 -34.56 -6.12
C ASN C 198 3.78 -35.16 -5.64
N ILE C 199 4.56 -35.75 -6.56
CA ILE C 199 5.85 -36.31 -6.17
C ILE C 199 6.76 -35.22 -5.64
N TYR C 200 6.82 -34.07 -6.32
CA TYR C 200 7.71 -33.01 -5.85
C TYR C 200 7.21 -32.36 -4.56
N LYS C 201 5.89 -32.34 -4.33
CA LYS C 201 5.39 -31.91 -3.03
C LYS C 201 5.81 -32.86 -1.93
N ALA C 202 5.78 -34.17 -2.21
CA ALA C 202 6.25 -35.14 -1.22
C ALA C 202 7.73 -34.96 -0.93
N LEU C 203 8.55 -34.85 -1.97
CA LEU C 203 10.00 -34.79 -1.78
C LEU C 203 10.42 -33.50 -1.11
N ALA C 204 9.73 -32.39 -1.38
CA ALA C 204 10.10 -31.11 -0.79
C ALA C 204 9.58 -30.94 0.63
N SER C 205 9.14 -32.01 1.28
CA SER C 205 8.62 -31.89 2.63
C SER C 205 9.78 -31.72 3.62
N PRO C 206 9.77 -30.67 4.44
CA PRO C 206 10.87 -30.50 5.41
C PRO C 206 11.03 -31.69 6.34
N SER C 207 9.93 -32.32 6.79
CA SER C 207 10.05 -33.49 7.64
C SER C 207 10.64 -34.67 6.88
N LEU C 208 10.22 -34.89 5.64
CA LEU C 208 10.75 -36.00 4.87
C LEU C 208 12.21 -35.77 4.50
N ILE C 209 12.67 -34.52 4.46
CA ILE C 209 14.10 -34.28 4.25
C ILE C 209 14.87 -34.42 5.55
N ALA C 210 14.24 -34.08 6.69
CA ALA C 210 14.89 -34.28 7.97
C ALA C 210 15.21 -35.74 8.22
N LEU C 211 14.27 -36.63 7.94
CA LEU C 211 14.56 -38.05 7.87
C LEU C 211 15.03 -38.41 6.47
N SER C 212 15.53 -39.63 6.31
CA SER C 212 15.76 -40.22 5.00
C SER C 212 16.55 -39.33 4.06
N SER C 213 17.58 -38.68 4.58
CA SER C 213 18.43 -37.83 3.75
C SER C 213 19.80 -37.73 4.37
N GLU C 214 20.84 -38.11 3.61
CA GLU C 214 22.19 -38.09 4.14
C GLU C 214 22.60 -36.68 4.53
N ASP C 215 22.43 -35.71 3.61
CA ASP C 215 22.80 -34.32 3.82
C ASP C 215 21.55 -33.47 3.61
N PRO C 216 20.82 -33.14 4.67
CA PRO C 216 19.60 -32.33 4.50
C PRO C 216 19.85 -30.99 3.85
N ILE C 217 20.98 -30.35 4.14
CA ILE C 217 21.23 -29.01 3.61
C ILE C 217 21.47 -29.08 2.10
N LEU C 218 22.33 -29.99 1.66
CA LEU C 218 22.58 -30.11 0.22
C LEU C 218 21.34 -30.60 -0.52
N THR C 219 20.58 -31.51 0.09
CA THR C 219 19.34 -31.96 -0.52
C THR C 219 18.37 -30.81 -0.71
N ALA C 220 18.21 -29.98 0.33
CA ALA C 220 17.33 -28.82 0.21
C ALA C 220 17.84 -27.86 -0.85
N PHE C 221 19.15 -27.61 -0.91
CA PHE C 221 19.68 -26.73 -1.94
C PHE C 221 19.33 -27.22 -3.35
N ARG C 222 19.69 -28.47 -3.64
CA ARG C 222 19.51 -28.96 -5.01
C ARG C 222 18.04 -29.15 -5.34
N LEU C 223 17.22 -29.54 -4.37
CA LEU C 223 15.80 -29.69 -4.61
C LEU C 223 15.15 -28.34 -4.87
N GLY C 224 15.52 -27.30 -4.12
CA GLY C 224 15.02 -25.98 -4.40
C GLY C 224 15.44 -25.47 -5.77
N TRP C 225 16.69 -25.74 -6.16
CA TRP C 225 17.13 -25.36 -7.50
C TRP C 225 16.31 -26.05 -8.57
N GLU C 226 16.09 -27.37 -8.41
CA GLU C 226 15.32 -28.10 -9.41
C GLU C 226 13.88 -27.62 -9.46
N LEU C 227 13.30 -27.29 -8.31
CA LEU C 227 11.93 -26.78 -8.29
C LEU C 227 11.85 -25.42 -8.99
N LYS C 228 12.85 -24.57 -8.79
CA LYS C 228 12.88 -23.30 -9.51
C LYS C 228 12.98 -23.51 -11.02
N GLU C 229 13.81 -24.47 -11.43
CA GLU C 229 13.92 -24.77 -12.87
C GLU C 229 12.59 -25.29 -13.42
N LEU C 230 11.91 -26.15 -12.67
CA LEU C 230 10.59 -26.62 -13.08
C LEU C 230 9.60 -25.48 -13.18
N SER C 231 9.65 -24.55 -12.22
CA SER C 231 8.77 -23.38 -12.29
C SER C 231 9.01 -22.58 -13.55
N LYS C 232 10.28 -22.41 -13.94
CA LYS C 232 10.58 -21.76 -15.21
C LYS C 232 9.99 -22.55 -16.38
N VAL C 233 10.21 -23.86 -16.41
CA VAL C 233 9.80 -24.68 -17.54
C VAL C 233 8.28 -24.80 -17.60
N GLU C 234 7.65 -25.11 -16.47
CA GLU C 234 6.20 -25.30 -16.41
C GLU C 234 5.52 -23.94 -16.35
N ASN C 235 5.01 -23.47 -17.49
CA ASN C 235 4.33 -22.18 -17.52
C ASN C 235 3.12 -22.18 -16.60
N GLU C 236 2.39 -23.27 -16.56
CA GLU C 236 1.32 -23.32 -15.60
C GLU C 236 1.93 -23.92 -14.31
N PHE C 237 1.13 -23.96 -13.25
CA PHE C 237 1.58 -24.48 -11.96
C PHE C 237 2.88 -23.81 -11.51
N LYS C 238 3.21 -22.69 -12.13
CA LYS C 238 4.42 -21.95 -11.78
C LYS C 238 4.42 -21.52 -10.31
N ALA C 239 3.27 -21.07 -9.81
CA ALA C 239 3.20 -20.61 -8.43
C ALA C 239 3.49 -21.73 -7.44
N GLU C 240 2.98 -22.94 -7.72
CA GLU C 240 3.17 -24.05 -6.80
C GLU C 240 4.63 -24.49 -6.73
N TYR C 241 5.30 -24.57 -7.88
CA TYR C 241 6.72 -24.90 -7.85
C TYR C 241 7.54 -23.79 -7.20
N GLU C 242 7.14 -22.53 -7.42
CA GLU C 242 7.84 -21.43 -6.76
C GLU C 242 7.71 -21.53 -5.24
N GLU C 243 6.51 -21.84 -4.75
CA GLU C 243 6.34 -21.93 -3.29
C GLU C 243 7.02 -23.16 -2.72
N LEU C 244 7.08 -24.27 -3.47
CA LEU C 244 7.85 -25.42 -3.00
C LEU C 244 9.33 -25.09 -2.90
N SER C 245 9.86 -24.39 -3.91
CA SER C 245 11.26 -23.98 -3.87
C SER C 245 11.53 -23.05 -2.69
N GLN C 246 10.63 -22.09 -2.46
CA GLN C 246 10.80 -21.18 -1.33
C GLN C 246 10.74 -21.93 -0.01
N GLN C 247 9.89 -22.95 0.08
CA GLN C 247 9.80 -23.77 1.28
C GLN C 247 11.10 -24.52 1.54
N CYS C 248 11.71 -25.07 0.49
CA CYS C 248 13.01 -25.72 0.67
C CYS C 248 14.08 -24.73 1.12
N LYS C 249 14.09 -23.54 0.53
CA LYS C 249 15.06 -22.53 0.93
C LYS C 249 14.89 -22.17 2.41
N LEU C 250 13.64 -21.99 2.85
CA LEU C 250 13.39 -21.66 4.24
C LEU C 250 13.79 -22.81 5.15
N PHE C 251 13.61 -24.06 4.70
CA PHE C 251 14.04 -25.18 5.53
C PHE C 251 15.54 -25.17 5.73
N ALA C 252 16.31 -24.90 4.67
CA ALA C 252 17.76 -24.83 4.82
C ALA C 252 18.15 -23.70 5.77
N LYS C 253 17.53 -22.53 5.61
CA LYS C 253 17.84 -21.41 6.51
C LYS C 253 17.51 -21.75 7.96
N ASP C 254 16.39 -22.45 8.19
CA ASP C 254 16.01 -22.79 9.56
C ASP C 254 16.93 -23.84 10.16
N LEU C 255 17.41 -24.79 9.35
CA LEU C 255 18.42 -25.71 9.84
C LEU C 255 19.67 -24.96 10.26
N LEU C 256 20.09 -23.97 9.47
CA LEU C 256 21.23 -23.16 9.88
C LEU C 256 20.93 -22.35 11.14
N ASP C 257 19.68 -21.94 11.32
CA ASP C 257 19.30 -21.18 12.51
C ASP C 257 19.43 -21.98 13.80
N GLN C 258 19.39 -23.31 13.72
CA GLN C 258 19.47 -24.12 14.93
C GLN C 258 20.88 -24.29 15.46
N ALA C 259 21.89 -23.77 14.77
CA ALA C 259 23.26 -23.86 15.24
C ALA C 259 23.41 -23.05 16.52
N ARG C 260 24.15 -23.62 17.48
CA ARG C 260 24.24 -23.06 18.82
C ARG C 260 25.65 -22.65 19.20
N SER C 261 26.66 -22.91 18.36
CA SER C 261 28.01 -22.52 18.66
C SER C 261 28.75 -22.24 17.35
N SER C 262 29.83 -21.47 17.45
CA SER C 262 30.63 -21.17 16.27
C SER C 262 31.32 -22.40 15.71
N ARG C 263 31.65 -23.37 16.56
CA ARG C 263 32.25 -24.61 16.07
C ARG C 263 31.28 -25.34 15.14
N GLU C 264 30.02 -25.45 15.53
CA GLU C 264 29.03 -26.09 14.67
C GLU C 264 28.85 -25.33 13.36
N LEU C 265 28.80 -24.01 13.42
CA LEU C 265 28.62 -23.22 12.21
C LEU C 265 29.81 -23.38 11.27
N GLU C 266 31.03 -23.38 11.81
CA GLU C 266 32.21 -23.60 10.97
C GLU C 266 32.20 -24.98 10.36
N ILE C 267 31.80 -26.00 11.13
CA ILE C 267 31.74 -27.36 10.59
C ILE C 267 30.75 -27.43 9.45
N ILE C 268 29.60 -26.79 9.60
CA ILE C 268 28.59 -26.81 8.55
C ILE C 268 29.08 -26.09 7.30
N LEU C 269 29.61 -24.88 7.47
CA LEU C 269 29.94 -24.07 6.29
C LEU C 269 31.17 -24.59 5.56
N ASN C 270 32.06 -25.30 6.24
CA ASN C 270 33.29 -25.79 5.64
C ASN C 270 33.19 -27.20 5.11
N HIS C 271 32.02 -27.84 5.19
CA HIS C 271 31.91 -29.23 4.79
C HIS C 271 32.02 -29.38 3.28
N ARG C 272 32.76 -30.39 2.84
CA ARG C 272 32.96 -30.70 1.43
C ARG C 272 32.21 -31.98 1.08
N ASP C 273 31.37 -31.90 0.07
CA ASP C 273 30.59 -33.07 -0.36
C ASP C 273 31.45 -34.01 -1.20
N ASP C 286 38.40 -22.92 1.84
CA ASP C 286 37.42 -23.18 2.88
C ASP C 286 36.05 -22.62 2.51
N LEU C 287 35.09 -22.75 3.44
CA LEU C 287 33.71 -22.33 3.21
C LEU C 287 33.11 -23.02 1.99
N ALA C 288 33.39 -24.31 1.84
CA ALA C 288 32.94 -25.04 0.66
C ALA C 288 31.41 -25.04 0.56
N LYS C 289 30.73 -25.35 1.67
CA LYS C 289 29.27 -25.40 1.61
C LYS C 289 28.67 -24.01 1.42
N LEU C 290 29.33 -22.96 1.93
CA LEU C 290 28.87 -21.61 1.65
C LEU C 290 28.97 -21.29 0.17
N LYS C 291 30.05 -21.72 -0.48
CA LYS C 291 30.16 -21.53 -1.93
C LYS C 291 29.08 -22.30 -2.67
N VAL C 292 28.78 -23.52 -2.22
CA VAL C 292 27.69 -24.29 -2.83
C VAL C 292 26.36 -23.56 -2.67
N ALA C 293 26.12 -22.98 -1.49
CA ALA C 293 24.89 -22.22 -1.28
C ALA C 293 24.82 -21.00 -2.18
N ILE C 294 25.95 -20.33 -2.39
CA ILE C 294 25.98 -19.19 -3.29
C ILE C 294 25.68 -19.63 -4.72
N LYS C 295 26.19 -20.81 -5.11
CA LYS C 295 25.96 -21.30 -6.46
C LYS C 295 24.47 -21.53 -6.73
N TYR C 296 23.74 -22.06 -5.75
CA TYR C 296 22.32 -22.34 -5.89
C TYR C 296 21.44 -21.15 -5.52
N HIS C 297 22.01 -19.96 -5.36
CA HIS C 297 21.25 -18.74 -5.08
C HIS C 297 20.38 -18.89 -3.83
N GLN C 298 20.97 -19.40 -2.75
CA GLN C 298 20.26 -19.56 -1.48
C GLN C 298 20.45 -18.28 -0.67
N LYS C 299 19.70 -17.25 -1.06
CA LYS C 299 19.93 -15.92 -0.50
C LYS C 299 19.64 -15.87 1.00
N GLU C 300 18.58 -16.52 1.44
CA GLU C 300 18.25 -16.51 2.87
C GLU C 300 19.29 -17.25 3.68
N PHE C 301 19.81 -18.38 3.16
CA PHE C 301 20.86 -19.10 3.86
C PHE C 301 22.12 -18.26 4.00
N VAL C 302 22.51 -17.56 2.93
CA VAL C 302 23.73 -16.77 2.97
C VAL C 302 23.57 -15.57 3.88
N ALA C 303 22.41 -14.95 3.86
CA ALA C 303 22.15 -13.77 4.68
C ALA C 303 21.79 -14.04 6.13
N GLN C 304 21.89 -15.27 6.57
CA GLN C 304 21.58 -15.60 7.96
C GLN C 304 22.59 -14.87 8.84
N PRO C 305 22.13 -14.28 9.95
CA PRO C 305 22.95 -13.50 10.87
C PRO C 305 24.26 -14.12 11.34
N ASN C 306 24.28 -15.39 11.70
CA ASN C 306 25.51 -16.02 12.18
C ASN C 306 26.49 -16.24 11.04
N CYS C 307 25.97 -16.62 9.87
CA CYS C 307 26.82 -16.73 8.69
C CYS C 307 27.45 -15.37 8.34
N GLN C 308 26.66 -14.30 8.40
CA GLN C 308 27.20 -12.98 8.13
C GLN C 308 28.21 -12.55 9.18
N GLN C 309 27.99 -12.92 10.44
CA GLN C 309 28.95 -12.60 11.49
C GLN C 309 30.28 -13.30 11.26
N LEU C 310 30.24 -14.59 10.91
CA LEU C 310 31.47 -15.31 10.60
C LEU C 310 32.18 -14.70 9.39
N LEU C 311 31.41 -14.38 8.35
CA LEU C 311 32.01 -13.77 7.17
C LEU C 311 32.65 -12.43 7.51
N ALA C 312 32.01 -11.65 8.39
CA ALA C 312 32.58 -10.37 8.79
C ALA C 312 33.88 -10.56 9.57
N THR C 313 33.93 -11.56 10.45
CA THR C 313 35.19 -11.83 11.14
C THR C 313 36.29 -12.24 10.17
N LEU C 314 35.93 -12.93 9.09
CA LEU C 314 36.94 -13.23 8.07
C LEU C 314 37.30 -11.99 7.25
N TRP C 315 36.33 -11.08 7.06
CA TRP C 315 36.54 -9.92 6.22
C TRP C 315 37.50 -8.93 6.85
N TYR C 316 37.36 -8.69 8.16
CA TYR C 316 38.27 -7.82 8.89
C TYR C 316 39.34 -8.65 9.60
N ASP C 317 40.20 -9.29 8.80
CA ASP C 317 41.25 -10.13 9.36
C ASP C 317 42.24 -9.30 10.17
N GLY C 318 42.67 -8.15 9.63
CA GLY C 318 43.67 -7.36 10.32
C GLY C 318 43.15 -6.65 11.56
N PHE C 319 41.96 -6.04 11.46
CA PHE C 319 41.45 -5.22 12.55
C PHE C 319 40.52 -6.04 13.42
N PRO C 320 40.86 -6.29 14.69
CA PRO C 320 40.00 -7.12 15.53
C PRO C 320 38.79 -6.37 16.06
N GLY C 321 38.91 -5.06 16.19
CA GLY C 321 37.85 -4.27 16.77
C GLY C 321 37.24 -3.25 15.83
N TRP C 322 37.14 -3.59 14.54
CA TRP C 322 36.52 -2.69 13.59
C TRP C 322 35.03 -2.50 13.84
N ARG C 323 34.39 -3.46 14.51
CA ARG C 323 32.95 -3.36 14.76
C ARG C 323 32.62 -2.16 15.65
N ARG C 324 33.45 -1.92 16.66
CA ARG C 324 33.23 -0.83 17.61
C ARG C 324 34.30 0.23 17.39
N LYS C 325 34.04 1.13 16.45
CA LYS C 325 34.93 2.25 16.16
C LYS C 325 34.10 3.43 15.70
N HIS C 326 34.68 4.62 15.82
CA HIS C 326 33.97 5.82 15.41
C HIS C 326 34.09 6.02 13.91
N TRP C 327 33.18 6.83 13.37
CA TRP C 327 33.19 7.11 11.93
C TRP C 327 34.50 7.76 11.50
N VAL C 328 35.00 8.70 12.29
CA VAL C 328 36.24 9.38 11.94
C VAL C 328 37.42 8.42 11.96
N VAL C 329 37.45 7.51 12.93
CA VAL C 329 38.57 6.56 13.03
C VAL C 329 38.58 5.64 11.81
N LYS C 330 37.40 5.13 11.44
CA LYS C 330 37.31 4.26 10.27
C LYS C 330 37.71 5.00 9.00
N LEU C 331 37.22 6.24 8.85
CA LEU C 331 37.55 7.01 7.64
C LEU C 331 39.04 7.27 7.54
N LEU C 332 39.67 7.64 8.66
CA LEU C 332 41.11 7.91 8.66
C LEU C 332 41.91 6.63 8.36
N THR C 333 41.50 5.50 8.94
CA THR C 333 42.20 4.24 8.66
C THR C 333 42.09 3.87 7.19
N CYS C 334 40.88 4.00 6.62
CA CYS C 334 40.69 3.69 5.21
C CYS C 334 41.54 4.60 4.34
N MET C 335 41.57 5.91 4.65
CA MET C 335 42.37 6.83 3.84
C MET C 335 43.85 6.48 3.93
N THR C 336 44.34 6.12 5.12
CA THR C 336 45.75 5.77 5.27
C THR C 336 46.11 4.53 4.45
N ILE C 337 45.31 3.46 4.58
CA ILE C 337 45.61 2.24 3.84
C ILE C 337 45.53 2.50 2.33
N GLY C 338 44.53 3.26 1.89
CA GLY C 338 44.41 3.57 0.48
C GLY C 338 45.59 4.37 -0.05
N PHE C 339 46.04 5.37 0.71
CA PHE C 339 47.21 6.13 0.29
C PHE C 339 48.48 5.29 0.32
N LEU C 340 48.51 4.21 1.10
CA LEU C 340 49.69 3.36 1.16
C LEU C 340 49.60 2.14 0.26
N PHE C 341 48.54 2.01 -0.55
CA PHE C 341 48.42 0.85 -1.43
C PHE C 341 49.66 0.54 -2.28
N PRO C 342 50.37 1.51 -2.90
CA PRO C 342 51.55 1.10 -3.69
C PRO C 342 52.64 0.46 -2.85
N MET C 343 52.82 0.95 -1.61
CA MET C 343 53.81 0.35 -0.72
C MET C 343 53.45 -1.09 -0.38
N LEU C 344 52.18 -1.36 -0.11
CA LEU C 344 51.76 -2.73 0.20
C LEU C 344 51.94 -3.64 -1.01
N SER C 345 51.61 -3.14 -2.21
CA SER C 345 51.81 -3.93 -3.41
C SER C 345 53.28 -4.27 -3.64
N ILE C 346 54.16 -3.28 -3.46
CA ILE C 346 55.59 -3.53 -3.64
C ILE C 346 56.10 -4.49 -2.58
N ALA C 347 55.63 -4.35 -1.34
CA ALA C 347 56.06 -5.26 -0.27
C ALA C 347 55.63 -6.69 -0.56
N TYR C 348 54.42 -6.87 -1.07
CA TYR C 348 53.98 -8.21 -1.46
C TYR C 348 54.82 -8.75 -2.61
N LEU C 349 55.17 -7.88 -3.57
CA LEU C 349 56.00 -8.32 -4.68
C LEU C 349 57.38 -8.77 -4.23
N ILE C 350 58.00 -8.02 -3.32
CA ILE C 350 59.37 -8.31 -2.92
C ILE C 350 59.43 -9.52 -1.99
N SER C 351 58.81 -9.39 -0.82
CA SER C 351 58.82 -10.45 0.19
C SER C 351 57.41 -10.67 0.73
N PRO C 352 56.69 -11.67 0.24
CA PRO C 352 55.32 -11.91 0.73
C PRO C 352 55.25 -12.25 2.21
N ARG C 353 56.35 -12.72 2.81
CA ARG C 353 56.36 -13.14 4.21
C ARG C 353 57.00 -12.03 5.04
N SER C 354 56.18 -11.06 5.44
CA SER C 354 56.64 -9.96 6.28
C SER C 354 55.40 -9.26 6.85
N ASN C 355 55.64 -8.30 7.74
CA ASN C 355 54.53 -7.54 8.31
C ASN C 355 53.79 -6.73 7.26
N LEU C 356 54.47 -6.37 6.17
CA LEU C 356 53.83 -5.67 5.07
C LEU C 356 53.58 -6.55 3.85
N GLY C 357 54.34 -7.62 3.68
CA GLY C 357 54.15 -8.47 2.51
C GLY C 357 52.81 -9.18 2.50
N LEU C 358 52.43 -9.77 3.64
CA LEU C 358 51.16 -10.47 3.76
C LEU C 358 50.05 -9.61 4.32
N PHE C 359 50.33 -8.34 4.61
CA PHE C 359 49.28 -7.43 5.09
C PHE C 359 48.27 -7.12 3.99
N ILE C 360 48.64 -7.29 2.72
CA ILE C 360 47.71 -7.04 1.62
C ILE C 360 46.82 -8.24 1.33
N LYS C 361 47.17 -9.43 1.79
CA LYS C 361 46.34 -10.60 1.56
C LYS C 361 45.08 -10.61 2.41
N LYS C 362 44.98 -9.74 3.42
CA LYS C 362 43.75 -9.64 4.18
C LYS C 362 42.63 -9.07 3.32
N PRO C 363 41.42 -9.62 3.41
CA PRO C 363 40.38 -9.26 2.44
C PRO C 363 39.99 -7.79 2.45
N PHE C 364 39.73 -7.20 3.61
CA PHE C 364 39.38 -5.78 3.65
C PHE C 364 40.53 -4.92 3.15
N ILE C 365 41.77 -5.25 3.54
CA ILE C 365 42.92 -4.49 3.07
C ILE C 365 43.05 -4.62 1.55
N LYS C 366 42.87 -5.83 1.03
CA LYS C 366 42.96 -6.03 -0.41
C LYS C 366 41.90 -5.22 -1.14
N PHE C 367 40.68 -5.21 -0.62
CA PHE C 367 39.62 -4.41 -1.21
C PHE C 367 39.97 -2.93 -1.21
N ILE C 368 40.51 -2.44 -0.08
CA ILE C 368 40.90 -1.04 -0.01
C ILE C 368 41.99 -0.72 -1.03
N CYS C 369 42.98 -1.61 -1.15
CA CYS C 369 44.06 -1.36 -2.11
C CYS C 369 43.54 -1.34 -3.53
N HIS C 370 42.68 -2.29 -3.90
CA HIS C 370 42.12 -2.31 -5.25
C HIS C 370 41.30 -1.06 -5.53
N THR C 371 40.50 -0.64 -4.54
CA THR C 371 39.70 0.57 -4.72
C THR C 371 40.58 1.80 -4.87
N ALA C 372 41.64 1.91 -4.07
CA ALA C 372 42.54 3.06 -4.17
C ALA C 372 43.24 3.07 -5.52
N SER C 373 43.65 1.89 -6.01
CA SER C 373 44.26 1.81 -7.33
C SER C 373 43.31 2.31 -8.41
N TYR C 374 42.06 1.85 -8.35
CA TYR C 374 41.09 2.30 -9.36
C TYR C 374 40.84 3.80 -9.24
N LEU C 375 40.81 4.32 -8.01
CA LEU C 375 40.60 5.75 -7.82
C LEU C 375 41.75 6.55 -8.42
N THR C 376 42.99 6.10 -8.23
CA THR C 376 44.11 6.80 -8.86
C THR C 376 44.04 6.72 -10.37
N PHE C 377 43.58 5.57 -10.90
CA PHE C 377 43.40 5.46 -12.34
C PHE C 377 42.39 6.49 -12.84
N LEU C 378 41.27 6.64 -12.14
CA LEU C 378 40.27 7.64 -12.55
C LEU C 378 40.81 9.06 -12.40
N PHE C 379 41.62 9.30 -11.37
CA PHE C 379 42.23 10.62 -11.20
C PHE C 379 43.16 10.94 -12.37
N MET C 380 43.94 9.96 -12.82
CA MET C 380 44.78 10.16 -13.99
C MET C 380 43.96 10.38 -15.24
N LEU C 381 42.83 9.67 -15.37
CA LEU C 381 41.94 9.90 -16.50
C LEU C 381 41.43 11.34 -16.51
N LEU C 382 41.07 11.86 -15.34
CA LEU C 382 40.64 13.26 -15.26
C LEU C 382 41.78 14.19 -15.62
N LEU C 383 42.99 13.91 -15.14
CA LEU C 383 44.13 14.76 -15.45
C LEU C 383 44.50 14.71 -16.93
N ALA C 384 44.16 13.63 -17.63
CA ALA C 384 44.55 13.47 -19.02
C ALA C 384 43.91 14.50 -19.95
N SER C 385 43.07 15.40 -19.44
CA SER C 385 42.40 16.39 -20.26
C SER C 385 42.74 17.82 -19.82
N GLN C 386 43.91 18.01 -19.23
CA GLN C 386 44.31 19.33 -18.73
C GLN C 386 45.29 20.00 -19.68
N HIS C 394 47.54 20.17 -32.74
CA HIS C 394 47.54 20.10 -34.20
C HIS C 394 48.37 18.95 -34.74
N VAL C 395 49.06 18.21 -33.89
CA VAL C 395 49.91 17.11 -34.34
C VAL C 395 49.02 15.93 -34.72
N GLN C 396 49.19 15.42 -35.95
CA GLN C 396 48.47 14.25 -36.40
C GLN C 396 49.18 13.01 -35.89
N GLY C 397 48.53 12.26 -35.02
CA GLY C 397 49.14 11.10 -34.41
C GLY C 397 50.33 11.46 -33.54
N PRO C 398 50.09 12.18 -32.44
CA PRO C 398 51.18 12.60 -31.57
C PRO C 398 51.66 11.44 -30.73
N PRO C 399 52.91 11.50 -30.24
CA PRO C 399 53.36 10.47 -29.29
C PRO C 399 52.60 10.59 -27.98
N PRO C 400 52.39 9.48 -27.28
CA PRO C 400 51.67 9.55 -26.01
C PRO C 400 52.38 10.43 -25.00
N THR C 401 51.59 11.17 -24.22
CA THR C 401 52.14 12.08 -23.24
C THR C 401 52.50 11.34 -21.95
N VAL C 402 52.99 12.08 -20.96
CA VAL C 402 53.37 11.47 -19.70
C VAL C 402 52.15 10.86 -19.01
N VAL C 403 51.01 11.57 -19.04
CA VAL C 403 49.80 11.04 -18.42
C VAL C 403 49.34 9.78 -19.13
N GLU C 404 49.40 9.76 -20.47
CA GLU C 404 49.03 8.56 -21.20
C GLU C 404 50.00 7.42 -20.93
N TRP C 405 51.30 7.73 -20.81
CA TRP C 405 52.26 6.70 -20.47
C TRP C 405 52.00 6.12 -19.09
N MET C 406 51.51 6.93 -18.16
CA MET C 406 51.15 6.41 -16.84
C MET C 406 49.84 5.63 -16.90
N ILE C 407 48.92 6.02 -17.79
CA ILE C 407 47.65 5.32 -17.90
C ILE C 407 47.83 3.93 -18.50
N LEU C 408 48.75 3.80 -19.46
CA LEU C 408 48.93 2.54 -20.18
C LEU C 408 49.12 1.31 -19.29
N PRO C 409 49.99 1.32 -18.27
CA PRO C 409 50.12 0.12 -17.44
C PRO C 409 48.83 -0.26 -16.73
N TRP C 410 48.01 0.71 -16.32
CA TRP C 410 46.72 0.37 -15.72
C TRP C 410 45.81 -0.37 -16.71
N VAL C 411 45.80 0.07 -17.96
CA VAL C 411 44.98 -0.60 -18.97
C VAL C 411 45.50 -2.01 -19.23
N LEU C 412 46.82 -2.15 -19.33
CA LEU C 412 47.40 -3.48 -19.50
C LEU C 412 47.04 -4.38 -18.32
N GLY C 413 47.10 -3.83 -17.10
CA GLY C 413 46.73 -4.60 -15.92
C GLY C 413 45.27 -5.03 -15.93
N PHE C 414 44.38 -4.13 -16.36
CA PHE C 414 42.96 -4.50 -16.46
C PHE C 414 42.77 -5.64 -17.44
N ILE C 415 43.41 -5.56 -18.60
CA ILE C 415 43.25 -6.61 -19.60
C ILE C 415 43.82 -7.93 -19.09
N TRP C 416 45.00 -7.89 -18.48
CA TRP C 416 45.61 -9.10 -17.96
C TRP C 416 44.76 -9.71 -16.85
N GLY C 417 44.21 -8.87 -15.97
CA GLY C 417 43.36 -9.38 -14.91
C GLY C 417 42.10 -10.03 -15.44
N GLU C 418 41.48 -9.41 -16.47
CA GLU C 418 40.29 -10.00 -17.06
C GLU C 418 40.59 -11.36 -17.70
N ILE C 419 41.68 -11.44 -18.46
CA ILE C 419 41.99 -12.71 -19.11
C ILE C 419 42.42 -13.76 -18.08
N LYS C 420 43.09 -13.35 -17.00
CA LYS C 420 43.46 -14.28 -15.95
C LYS C 420 42.22 -14.82 -15.24
N GLU C 421 41.24 -13.95 -14.98
CA GLU C 421 39.98 -14.41 -14.39
C GLU C 421 39.26 -15.37 -15.32
N MET C 422 39.26 -15.07 -16.62
CA MET C 422 38.65 -15.99 -17.59
C MET C 422 39.36 -17.34 -17.59
N TRP C 423 40.69 -17.33 -17.52
CA TRP C 423 41.46 -18.57 -17.56
C TRP C 423 41.28 -19.39 -16.29
N ASP C 424 41.17 -18.73 -15.13
CA ASP C 424 41.10 -19.43 -13.86
C ASP C 424 39.66 -19.85 -13.49
N GLY C 425 38.76 -18.87 -13.40
CA GLY C 425 37.41 -19.18 -12.95
C GLY C 425 36.65 -20.08 -13.91
N GLY C 426 36.72 -19.79 -15.20
CA GLY C 426 36.01 -20.53 -16.22
C GLY C 426 35.24 -19.60 -17.12
N PHE C 427 34.31 -20.18 -17.87
CA PHE C 427 33.49 -19.41 -18.82
C PHE C 427 32.11 -19.08 -18.26
N THR C 428 31.42 -20.05 -17.68
CA THR C 428 30.10 -19.79 -17.13
C THR C 428 30.16 -18.82 -15.96
N GLU C 429 31.16 -18.99 -15.10
CA GLU C 429 31.34 -18.06 -13.97
C GLU C 429 31.65 -16.66 -14.47
N TYR C 430 32.45 -16.56 -15.54
CA TYR C 430 32.81 -15.25 -16.08
C TYR C 430 31.59 -14.52 -16.63
N ILE C 431 30.70 -15.25 -17.30
CA ILE C 431 29.52 -14.66 -17.91
C ILE C 431 28.41 -14.29 -16.92
N HIS C 432 28.34 -15.03 -15.83
CA HIS C 432 27.31 -14.81 -14.82
C HIS C 432 27.51 -13.49 -14.11
N ASP C 433 28.66 -12.88 -14.30
CA ASP C 433 28.93 -11.60 -13.69
C ASP C 433 28.65 -10.61 -14.79
N TRP C 434 27.62 -9.80 -14.59
CA TRP C 434 27.25 -8.79 -15.58
C TRP C 434 28.30 -7.72 -15.76
N TRP C 435 28.94 -7.32 -14.66
CA TRP C 435 29.96 -6.31 -14.73
C TRP C 435 31.04 -6.64 -15.75
N ASN C 436 31.32 -7.91 -15.96
CA ASN C 436 32.28 -8.34 -16.96
C ASN C 436 31.91 -7.82 -18.32
N LEU C 437 30.63 -7.70 -18.61
CA LEU C 437 30.26 -7.13 -19.90
C LEU C 437 30.80 -5.71 -20.06
N MET C 438 30.60 -4.88 -19.03
CA MET C 438 31.15 -3.52 -19.06
C MET C 438 32.67 -3.55 -19.06
N ASP C 439 33.28 -4.48 -18.32
CA ASP C 439 34.73 -4.60 -18.34
C ASP C 439 35.24 -4.97 -19.73
N PHE C 440 34.54 -5.90 -20.39
CA PHE C 440 34.92 -6.26 -21.75
C PHE C 440 34.78 -5.08 -22.69
N ALA C 441 33.70 -4.31 -22.56
CA ALA C 441 33.53 -3.13 -23.41
C ALA C 441 34.63 -2.11 -23.18
N MET C 442 34.98 -1.87 -21.91
CA MET C 442 36.06 -0.94 -21.59
C MET C 442 37.38 -1.40 -22.19
N ASN C 443 37.70 -2.69 -22.02
CA ASN C 443 38.97 -3.20 -22.52
C ASN C 443 39.02 -3.14 -24.05
N SER C 444 37.93 -3.48 -24.71
CA SER C 444 37.90 -3.42 -26.17
C SER C 444 38.05 -1.99 -26.66
N LEU C 445 37.36 -1.04 -26.00
CA LEU C 445 37.48 0.35 -26.40
C LEU C 445 38.90 0.88 -26.16
N TYR C 446 39.53 0.49 -25.06
CA TYR C 446 40.91 0.91 -24.82
C TYR C 446 41.87 0.30 -25.85
N LEU C 447 41.67 -0.97 -26.19
CA LEU C 447 42.52 -1.60 -27.19
C LEU C 447 42.36 -0.92 -28.55
N ALA C 448 41.11 -0.59 -28.91
CA ALA C 448 40.87 0.15 -30.15
C ALA C 448 41.54 1.52 -30.09
N THR C 449 41.49 2.18 -28.94
CA THR C 449 42.14 3.48 -28.80
C THR C 449 43.63 3.36 -29.04
N ILE C 450 44.27 2.35 -28.44
CA ILE C 450 45.70 2.16 -28.61
C ILE C 450 46.02 1.86 -30.07
N SER C 451 45.22 1.00 -30.70
CA SER C 451 45.46 0.64 -32.10
C SER C 451 45.36 1.87 -33.00
N LEU C 452 44.33 2.69 -32.80
CA LEU C 452 44.17 3.89 -33.63
C LEU C 452 45.27 4.90 -33.35
N LYS C 453 45.72 5.01 -32.10
CA LYS C 453 46.84 5.89 -31.81
C LYS C 453 48.10 5.42 -32.54
N ILE C 454 48.35 4.10 -32.55
CA ILE C 454 49.51 3.58 -33.26
C ILE C 454 49.38 3.85 -34.75
N VAL C 455 48.18 3.63 -35.31
CA VAL C 455 47.98 3.85 -36.74
C VAL C 455 48.22 5.30 -37.10
N ALA C 456 47.68 6.23 -36.29
CA ALA C 456 47.88 7.64 -36.57
C ALA C 456 49.34 8.05 -36.36
N TYR C 457 50.05 7.39 -35.46
CA TYR C 457 51.45 7.71 -35.24
C TYR C 457 52.32 7.26 -36.42
N VAL C 458 52.04 6.07 -36.96
CA VAL C 458 52.88 5.52 -38.02
C VAL C 458 52.32 5.81 -39.42
N LYS C 459 51.22 6.54 -39.54
CA LYS C 459 50.69 6.93 -40.83
C LYS C 459 50.65 8.43 -41.06
N TYR C 460 50.94 9.25 -40.04
CA TYR C 460 50.93 10.69 -40.17
C TYR C 460 52.16 11.27 -39.48
N ASN C 461 52.77 12.27 -40.11
CA ASN C 461 53.94 12.92 -39.53
C ASN C 461 53.75 14.42 -39.46
N GLY C 462 53.03 14.99 -40.44
CA GLY C 462 52.85 16.41 -40.48
C GLY C 462 51.91 16.92 -39.40
N SER C 463 51.96 18.23 -39.19
CA SER C 463 51.13 18.90 -38.19
C SER C 463 50.15 19.81 -38.94
N ARG C 464 48.99 19.25 -39.27
CA ARG C 464 47.90 19.94 -39.96
C ARG C 464 46.83 20.36 -38.96
N PRO C 465 46.30 21.58 -39.07
CA PRO C 465 45.27 22.03 -38.11
C PRO C 465 44.04 21.16 -38.15
N ARG C 466 43.42 20.97 -36.98
CA ARG C 466 42.29 20.07 -36.85
C ARG C 466 41.08 20.51 -37.67
N GLU C 467 41.01 21.80 -38.04
CA GLU C 467 39.84 22.29 -38.76
C GLU C 467 39.68 21.58 -40.10
N GLU C 468 40.80 21.25 -40.76
CA GLU C 468 40.76 20.64 -42.08
C GLU C 468 41.07 19.15 -42.06
N TRP C 469 41.03 18.52 -40.89
CA TRP C 469 41.19 17.07 -40.85
C TRP C 469 39.97 16.39 -41.46
N GLU C 470 40.18 15.15 -41.88
CA GLU C 470 39.08 14.34 -42.38
C GLU C 470 38.10 14.05 -41.26
N MET C 471 36.84 13.81 -41.65
CA MET C 471 35.83 13.45 -40.67
C MET C 471 36.18 12.16 -39.95
N TRP C 472 36.68 11.17 -40.69
CA TRP C 472 37.05 9.86 -40.13
C TRP C 472 38.55 9.75 -39.88
N HIS C 473 39.19 10.85 -39.51
CA HIS C 473 40.61 10.82 -39.20
C HIS C 473 40.87 9.89 -38.02
N PRO C 474 41.95 9.11 -38.04
CA PRO C 474 42.18 8.15 -36.95
C PRO C 474 42.28 8.80 -35.58
N THR C 475 42.86 10.00 -35.49
CA THR C 475 42.99 10.65 -34.19
C THR C 475 41.63 11.01 -33.62
N LEU C 476 40.72 11.51 -34.45
CA LEU C 476 39.39 11.85 -33.94
C LEU C 476 38.65 10.63 -33.44
N ILE C 477 38.72 9.52 -34.19
CA ILE C 477 38.05 8.30 -33.75
C ILE C 477 38.68 7.78 -32.47
N ALA C 478 40.01 7.85 -32.39
CA ALA C 478 40.70 7.40 -31.17
C ALA C 478 40.27 8.21 -29.97
N GLU C 479 40.19 9.54 -30.12
CA GLU C 479 39.78 10.39 -29.02
C GLU C 479 38.34 10.13 -28.61
N ALA C 480 37.45 9.91 -29.59
CA ALA C 480 36.06 9.59 -29.26
C ALA C 480 35.98 8.28 -28.48
N LEU C 481 36.71 7.26 -28.93
CA LEU C 481 36.70 5.99 -28.23
C LEU C 481 37.26 6.12 -26.83
N PHE C 482 38.32 6.91 -26.68
CA PHE C 482 38.91 7.11 -25.35
C PHE C 482 37.93 7.82 -24.42
N ALA C 483 37.19 8.80 -24.94
CA ALA C 483 36.21 9.49 -24.11
C ALA C 483 35.09 8.55 -23.68
N ILE C 484 34.60 7.71 -24.60
CA ILE C 484 33.58 6.73 -24.23
C ILE C 484 34.12 5.77 -23.17
N SER C 485 35.37 5.35 -23.33
CA SER C 485 35.98 4.47 -22.33
C SER C 485 36.07 5.16 -20.98
N ASN C 486 36.41 6.44 -20.97
CA ASN C 486 36.46 7.18 -19.71
C ASN C 486 35.10 7.18 -19.03
N ILE C 487 34.03 7.40 -19.80
CA ILE C 487 32.68 7.36 -19.22
C ILE C 487 32.42 5.99 -18.61
N LEU C 488 32.71 4.92 -19.35
CA LEU C 488 32.44 3.58 -18.82
C LEU C 488 33.29 3.30 -17.58
N SER C 489 34.55 3.73 -17.59
CA SER C 489 35.44 3.48 -16.45
C SER C 489 34.95 4.18 -15.20
N SER C 490 34.53 5.43 -15.34
CA SER C 490 33.99 6.13 -14.18
C SER C 490 32.69 5.50 -13.71
N LEU C 491 31.85 5.06 -14.65
CA LEU C 491 30.59 4.41 -14.28
C LEU C 491 30.82 3.06 -13.62
N ARG C 492 31.99 2.45 -13.83
CA ARG C 492 32.26 1.15 -13.23
C ARG C 492 32.27 1.20 -11.69
N LEU C 493 32.36 2.38 -11.11
CA LEU C 493 32.36 2.52 -9.66
C LEU C 493 31.02 2.16 -9.02
N ILE C 494 29.97 1.98 -9.81
CA ILE C 494 28.67 1.62 -9.23
C ILE C 494 28.78 0.30 -8.47
N SER C 495 29.58 -0.63 -8.98
CA SER C 495 29.66 -1.96 -8.37
C SER C 495 30.23 -1.91 -6.97
N LEU C 496 30.89 -0.82 -6.58
CA LEU C 496 31.42 -0.72 -5.23
C LEU C 496 30.37 -0.28 -4.21
N PHE C 497 29.19 0.14 -4.65
CA PHE C 497 28.14 0.49 -3.70
C PHE C 497 27.70 -0.71 -2.89
N THR C 498 27.96 -1.92 -3.37
CA THR C 498 27.58 -3.11 -2.62
C THR C 498 28.29 -3.15 -1.28
N ALA C 499 29.52 -2.64 -1.21
CA ALA C 499 30.30 -2.75 0.02
C ALA C 499 29.73 -1.89 1.15
N ASN C 500 28.87 -0.92 0.83
CA ASN C 500 28.39 0.03 1.82
C ASN C 500 27.01 -0.35 2.33
N SER C 501 26.76 -0.06 3.61
CA SER C 501 25.48 -0.41 4.21
C SER C 501 24.36 0.49 3.68
N HIS C 502 24.67 1.77 3.44
CA HIS C 502 23.63 2.70 3.03
C HIS C 502 23.42 2.69 1.52
N LEU C 503 24.46 2.40 0.75
CA LEU C 503 24.37 2.44 -0.71
C LEU C 503 24.08 1.08 -1.34
N GLY C 504 24.24 -0.01 -0.59
CA GLY C 504 24.07 -1.33 -1.13
C GLY C 504 22.64 -1.67 -1.51
N PRO C 505 21.73 -1.65 -0.52
CA PRO C 505 20.33 -1.93 -0.84
C PRO C 505 19.75 -0.98 -1.86
N LEU C 506 20.19 0.27 -1.87
CA LEU C 506 19.73 1.21 -2.87
C LEU C 506 20.15 0.77 -4.28
N GLN C 507 21.40 0.34 -4.42
CA GLN C 507 21.86 -0.18 -5.70
C GLN C 507 21.07 -1.41 -6.12
N ILE C 508 20.75 -2.29 -5.17
CA ILE C 508 19.94 -3.46 -5.48
C ILE C 508 18.58 -3.02 -6.02
N SER C 509 17.95 -2.05 -5.36
CA SER C 509 16.64 -1.57 -5.78
C SER C 509 16.69 -0.97 -7.18
N LEU C 510 17.70 -0.13 -7.44
CA LEU C 510 17.80 0.48 -8.77
C LEU C 510 18.05 -0.57 -9.84
N GLY C 511 18.77 -1.61 -9.50
CA GLY C 511 19.00 -2.68 -10.44
C GLY C 511 17.68 -3.32 -10.80
N ARG C 512 16.84 -3.57 -9.80
CA ARG C 512 15.54 -4.18 -10.02
C ARG C 512 14.64 -3.31 -10.87
N MET C 513 14.72 -2.01 -10.64
CA MET C 513 13.91 -1.09 -11.41
C MET C 513 14.42 -1.02 -12.84
N LEU C 514 15.65 -1.44 -13.10
CA LEU C 514 16.10 -1.41 -14.48
C LEU C 514 15.36 -2.44 -15.34
N LEU C 515 14.86 -3.51 -14.74
CA LEU C 515 14.06 -4.49 -15.50
C LEU C 515 12.75 -3.89 -15.98
N ASP C 516 12.05 -3.15 -15.10
CA ASP C 516 10.83 -2.48 -15.54
C ASP C 516 11.15 -1.41 -16.59
N ILE C 517 12.27 -0.74 -16.45
CA ILE C 517 12.63 0.25 -17.45
C ILE C 517 12.89 -0.41 -18.78
N LEU C 518 13.56 -1.56 -18.80
CA LEU C 518 13.78 -2.30 -20.04
C LEU C 518 12.45 -2.75 -20.65
N LYS C 519 11.53 -3.22 -19.81
CA LYS C 519 10.23 -3.65 -20.32
C LYS C 519 9.49 -2.50 -20.98
N PHE C 520 9.53 -1.31 -20.36
CA PHE C 520 8.92 -0.12 -20.95
C PHE C 520 9.66 0.35 -22.21
N LEU C 521 10.94 -0.01 -22.34
CA LEU C 521 11.72 0.43 -23.49
C LEU C 521 11.14 -0.11 -24.80
N PHE C 522 10.64 -1.34 -24.80
CA PHE C 522 10.10 -1.91 -26.03
C PHE C 522 8.92 -1.12 -26.54
N ILE C 523 7.93 -0.86 -25.67
CA ILE C 523 6.75 -0.12 -26.10
C ILE C 523 7.13 1.30 -26.51
N TYR C 524 8.04 1.93 -25.76
CA TYR C 524 8.45 3.27 -26.17
C TYR C 524 9.10 3.26 -27.55
N CYS C 525 9.97 2.29 -27.81
CA CYS C 525 10.65 2.23 -29.10
C CYS C 525 9.68 1.95 -30.24
N LEU C 526 8.65 1.12 -29.99
CA LEU C 526 7.64 0.90 -31.01
C LEU C 526 6.93 2.21 -31.34
N VAL C 527 6.52 2.96 -30.32
CA VAL C 527 5.84 4.24 -30.55
C VAL C 527 6.75 5.20 -31.30
N LEU C 528 8.01 5.29 -30.87
CA LEU C 528 8.97 6.19 -31.49
C LEU C 528 9.16 5.85 -32.96
N LEU C 529 9.34 4.56 -33.27
CA LEU C 529 9.53 4.16 -34.66
C LEU C 529 8.30 4.46 -35.50
N ALA C 530 7.11 4.22 -34.93
CA ALA C 530 5.88 4.53 -35.67
C ALA C 530 5.81 6.00 -36.05
N PHE C 531 6.00 6.87 -35.07
CA PHE C 531 5.84 8.30 -35.36
C PHE C 531 6.98 8.83 -36.20
N ALA C 532 8.18 8.24 -36.08
CA ALA C 532 9.28 8.63 -36.95
C ALA C 532 8.98 8.26 -38.39
N ASN C 533 8.42 7.07 -38.62
CA ASN C 533 8.04 6.69 -39.97
C ASN C 533 7.03 7.67 -40.53
N GLY C 534 6.00 8.00 -39.74
CA GLY C 534 5.00 8.94 -40.23
C GLY C 534 5.54 10.32 -40.53
N LEU C 535 6.34 10.88 -39.62
CA LEU C 535 6.87 12.22 -39.82
C LEU C 535 7.84 12.27 -40.99
N ASN C 536 8.72 11.25 -41.11
CA ASN C 536 9.64 11.23 -42.25
C ASN C 536 8.88 11.11 -43.56
N GLN C 537 7.86 10.26 -43.60
CA GLN C 537 7.04 10.13 -44.81
C GLN C 537 6.41 11.46 -45.18
N LEU C 538 5.95 12.23 -44.18
CA LEU C 538 5.31 13.50 -44.47
C LEU C 538 6.30 14.56 -44.94
N TYR C 539 7.49 14.60 -44.32
CA TYR C 539 8.35 15.76 -44.50
C TYR C 539 9.52 15.53 -45.45
N PHE C 540 9.74 14.32 -45.96
CA PHE C 540 10.96 14.12 -46.72
C PHE C 540 10.95 14.84 -48.07
N TYR C 541 9.81 15.38 -48.50
CA TYR C 541 9.77 16.09 -49.77
C TYR C 541 10.45 17.45 -49.69
N TYR C 542 10.46 18.07 -48.51
CA TYR C 542 10.95 19.44 -48.32
C TYR C 542 12.38 19.48 -47.81
N GLU C 543 13.15 18.43 -48.05
CA GLU C 543 14.55 18.42 -47.63
C GLU C 543 15.32 19.51 -48.37
N THR C 544 16.16 20.23 -47.63
CA THR C 544 16.93 21.35 -48.17
C THR C 544 18.42 21.08 -47.99
N ARG C 545 19.22 21.61 -48.91
CA ARG C 545 20.65 21.46 -48.83
C ARG C 545 21.23 22.32 -47.70
N ALA C 546 22.41 21.91 -47.22
CA ALA C 546 23.06 22.66 -46.14
C ALA C 546 23.47 24.06 -46.57
N ILE C 547 23.72 24.25 -47.87
CA ILE C 547 24.11 25.58 -48.36
C ILE C 547 22.97 26.57 -48.18
N ASP C 548 21.73 26.12 -48.38
CA ASP C 548 20.57 26.99 -48.24
C ASP C 548 20.35 27.45 -46.80
N GLU C 549 20.95 26.75 -45.83
CA GLU C 549 20.77 27.12 -44.44
C GLU C 549 21.51 28.41 -44.11
N PRO C 550 21.04 29.17 -43.11
CA PRO C 550 21.63 30.49 -42.84
C PRO C 550 23.12 30.43 -42.50
N ASN C 551 23.58 29.37 -41.82
CA ASN C 551 24.97 29.27 -41.40
C ASN C 551 25.65 28.04 -41.98
N ASN C 552 25.14 27.51 -43.09
CA ASN C 552 25.66 26.29 -43.72
C ASN C 552 25.62 25.10 -42.78
N CYS C 553 24.70 25.14 -41.82
CA CYS C 553 24.53 24.07 -40.83
C CYS C 553 23.19 23.41 -41.06
N LYS C 554 23.20 22.09 -41.23
CA LYS C 554 21.98 21.32 -41.48
C LYS C 554 21.75 20.34 -40.34
N GLY C 555 20.50 20.25 -39.89
CA GLY C 555 20.13 19.32 -38.83
C GLY C 555 19.61 20.05 -37.61
N ILE C 556 19.38 19.28 -36.55
CA ILE C 556 18.78 19.83 -35.34
C ILE C 556 19.81 20.32 -34.34
N ARG C 557 21.09 20.06 -34.56
CA ARG C 557 22.13 20.56 -33.67
C ARG C 557 22.68 21.91 -34.10
N CYS C 558 21.93 22.65 -34.91
CA CYS C 558 22.30 24.01 -35.30
C CYS C 558 21.56 25.03 -34.42
N GLU C 559 22.05 26.26 -34.45
CA GLU C 559 21.44 27.31 -33.64
C GLU C 559 19.99 27.54 -34.07
N LYS C 560 19.74 27.53 -35.38
CA LYS C 560 18.38 27.49 -35.92
C LYS C 560 18.15 26.08 -36.46
N GLN C 561 17.33 25.30 -35.76
CA GLN C 561 17.11 23.91 -36.14
C GLN C 561 16.38 23.83 -37.47
N ASN C 562 16.73 22.84 -38.28
CA ASN C 562 16.14 22.69 -39.60
C ASN C 562 16.30 21.24 -40.04
N ASN C 563 15.47 20.85 -41.01
CA ASN C 563 15.51 19.48 -41.54
C ASN C 563 15.33 18.47 -40.42
N ALA C 564 14.42 18.75 -39.49
CA ALA C 564 14.24 17.86 -38.35
C ALA C 564 13.72 16.50 -38.78
N PHE C 565 12.87 16.47 -39.79
CA PHE C 565 12.23 15.23 -40.22
C PHE C 565 12.55 14.89 -41.67
N SER C 566 13.68 15.35 -42.19
CA SER C 566 13.99 15.14 -43.60
C SER C 566 14.41 13.69 -43.88
N THR C 567 15.19 13.10 -42.99
CA THR C 567 15.61 11.72 -43.14
C THR C 567 15.17 10.92 -41.91
N LEU C 568 15.12 9.59 -42.07
CA LEU C 568 14.65 8.74 -40.98
C LEU C 568 15.58 8.82 -39.77
N PHE C 569 16.89 8.83 -40.01
CA PHE C 569 17.84 8.92 -38.91
C PHE C 569 17.68 10.24 -38.16
N GLU C 570 17.62 11.34 -38.91
CA GLU C 570 17.40 12.64 -38.29
C GLU C 570 16.04 12.70 -37.59
N THR C 571 15.02 12.07 -38.17
CA THR C 571 13.70 12.06 -37.54
C THR C 571 13.74 11.33 -36.20
N LEU C 572 14.44 10.19 -36.14
CA LEU C 572 14.58 9.49 -34.87
C LEU C 572 15.27 10.37 -33.85
N GLN C 573 16.33 11.06 -34.25
CA GLN C 573 17.03 11.94 -33.31
C GLN C 573 16.14 13.09 -32.85
N SER C 574 15.36 13.67 -33.76
CA SER C 574 14.47 14.77 -33.38
C SER C 574 13.42 14.29 -32.40
N LEU C 575 12.83 13.12 -32.65
CA LEU C 575 11.82 12.63 -31.73
C LEU C 575 12.42 12.29 -30.39
N PHE C 576 13.66 11.80 -30.38
CA PHE C 576 14.35 11.57 -29.11
C PHE C 576 14.54 12.87 -28.36
N TRP C 577 15.08 13.90 -29.01
CA TRP C 577 15.37 15.14 -28.29
C TRP C 577 14.11 15.89 -27.91
N SER C 578 12.98 15.66 -28.57
CA SER C 578 11.76 16.29 -28.10
C SER C 578 11.31 15.76 -26.75
N VAL C 579 11.77 14.57 -26.35
CA VAL C 579 11.42 14.04 -25.04
C VAL C 579 11.93 14.97 -23.95
N PHE C 580 13.09 15.57 -24.17
CA PHE C 580 13.67 16.51 -23.22
C PHE C 580 13.38 17.95 -23.59
N GLY C 581 12.50 18.19 -24.57
CA GLY C 581 12.09 19.54 -24.90
C GLY C 581 13.12 20.34 -25.66
N LEU C 582 14.13 19.70 -26.22
CA LEU C 582 15.20 20.43 -26.90
C LEU C 582 14.94 20.64 -28.38
N LEU C 583 13.81 20.15 -28.89
CA LEU C 583 13.41 20.36 -30.27
C LEU C 583 12.40 21.48 -30.33
N ASN C 584 12.72 22.56 -31.05
CA ASN C 584 11.83 23.71 -31.11
C ASN C 584 10.65 23.45 -32.03
N LEU C 585 9.59 24.21 -31.83
CA LEU C 585 8.35 23.94 -32.54
C LEU C 585 8.41 24.36 -34.00
N TYR C 586 9.27 25.32 -34.36
CA TYR C 586 9.29 25.79 -35.74
C TYR C 586 9.86 24.77 -36.71
N VAL C 587 10.46 23.68 -36.22
CA VAL C 587 10.95 22.65 -37.13
C VAL C 587 9.81 21.96 -37.88
N THR C 588 8.57 22.12 -37.42
CA THR C 588 7.41 21.59 -38.13
C THR C 588 6.91 22.53 -39.23
N ASN C 589 7.73 23.49 -39.64
CA ASN C 589 7.34 24.50 -40.61
C ASN C 589 8.14 24.29 -41.89
N VAL C 590 7.52 24.55 -43.03
CA VAL C 590 8.19 24.40 -44.32
C VAL C 590 8.15 25.72 -45.07
N LYS C 591 9.11 25.88 -45.98
CA LYS C 591 9.22 27.12 -46.74
C LYS C 591 8.00 27.34 -47.63
N ALA C 592 7.49 26.27 -48.23
CA ALA C 592 6.28 26.40 -49.04
C ALA C 592 5.09 26.76 -48.16
N ARG C 593 4.06 27.32 -48.79
CA ARG C 593 2.84 27.70 -48.08
C ARG C 593 1.84 26.54 -48.02
N HIS C 594 2.31 25.38 -47.55
CA HIS C 594 1.47 24.19 -47.45
C HIS C 594 0.99 24.09 -46.00
N GLU C 595 0.02 24.94 -45.67
CA GLU C 595 -0.43 25.04 -44.29
C GLU C 595 -1.10 23.74 -43.82
N PHE C 596 -1.75 23.01 -44.72
CA PHE C 596 -2.33 21.73 -44.32
C PHE C 596 -1.25 20.70 -43.98
N THR C 597 -0.20 20.62 -44.81
CA THR C 597 0.90 19.73 -44.50
C THR C 597 1.58 20.12 -43.18
N GLU C 598 1.81 21.42 -42.99
CA GLU C 598 2.43 21.87 -41.75
C GLU C 598 1.55 21.52 -40.55
N PHE C 599 0.23 21.70 -40.68
CA PHE C 599 -0.64 21.38 -39.56
C PHE C 599 -0.66 19.89 -39.26
N VAL C 600 -0.68 19.05 -40.31
CA VAL C 600 -0.69 17.61 -40.07
C VAL C 600 0.62 17.17 -39.41
N GLY C 601 1.74 17.73 -39.85
CA GLY C 601 3.01 17.41 -39.21
C GLY C 601 3.06 17.87 -37.76
N ALA C 602 2.53 19.06 -37.48
CA ALA C 602 2.47 19.55 -36.11
C ALA C 602 1.57 18.67 -35.26
N THR C 603 0.50 18.13 -35.85
CA THR C 603 -0.38 17.25 -35.09
C THR C 603 0.26 15.90 -34.81
N MET C 604 0.99 15.34 -35.79
CA MET C 604 1.75 14.13 -35.51
C MET C 604 2.76 14.37 -34.40
N PHE C 605 3.49 15.48 -34.48
CA PHE C 605 4.47 15.79 -33.45
C PHE C 605 3.80 15.97 -32.09
N GLY C 606 2.64 16.61 -32.06
CA GLY C 606 1.95 16.80 -30.79
C GLY C 606 1.40 15.52 -30.22
N THR C 607 0.87 14.64 -31.07
CA THR C 607 0.40 13.35 -30.59
C THR C 607 1.56 12.53 -30.03
N TYR C 608 2.71 12.58 -30.71
CA TYR C 608 3.89 11.91 -30.18
C TYR C 608 4.25 12.48 -28.81
N ASN C 609 4.23 13.81 -28.66
CA ASN C 609 4.54 14.41 -27.37
C ASN C 609 3.56 13.93 -26.31
N VAL C 610 2.27 13.94 -26.63
CA VAL C 610 1.28 13.55 -25.64
C VAL C 610 1.52 12.12 -25.20
N ILE C 611 1.67 11.20 -26.16
CA ILE C 611 1.89 9.80 -25.81
C ILE C 611 3.14 9.70 -24.96
N SER C 612 4.30 10.02 -25.55
CA SER C 612 5.56 9.73 -24.89
C SER C 612 5.70 10.43 -23.53
N LEU C 613 5.12 11.62 -23.36
CA LEU C 613 5.32 12.36 -22.11
C LEU C 613 4.16 12.18 -21.14
N VAL C 614 2.93 12.50 -21.57
CA VAL C 614 1.80 12.41 -20.65
C VAL C 614 1.46 10.94 -20.34
N VAL C 615 1.45 10.08 -21.35
CA VAL C 615 0.95 8.73 -21.12
C VAL C 615 2.09 7.81 -20.70
N LEU C 616 3.09 7.66 -21.58
CA LEU C 616 4.13 6.65 -21.37
C LEU C 616 5.00 6.96 -20.16
N LEU C 617 5.41 8.21 -20.00
CA LEU C 617 6.29 8.55 -18.88
C LEU C 617 5.58 8.34 -17.55
N ASN C 618 4.31 8.74 -17.46
CA ASN C 618 3.57 8.54 -16.22
C ASN C 618 3.35 7.05 -15.97
N MET C 619 3.08 6.27 -17.02
CA MET C 619 2.95 4.83 -16.82
C MET C 619 4.25 4.24 -16.31
N LEU C 620 5.38 4.73 -16.80
CA LEU C 620 6.68 4.28 -16.32
C LEU C 620 6.86 4.62 -14.85
N ILE C 621 6.42 5.81 -14.43
CA ILE C 621 6.51 6.17 -13.02
C ILE C 621 5.66 5.22 -12.18
N ALA C 622 4.44 4.91 -12.64
CA ALA C 622 3.59 3.99 -11.89
C ALA C 622 4.22 2.61 -11.78
N MET C 623 4.79 2.11 -12.89
CA MET C 623 5.45 0.81 -12.84
C MET C 623 6.62 0.81 -11.86
N MET C 624 7.47 1.83 -11.93
CA MET C 624 8.62 1.91 -11.05
C MET C 624 8.23 2.06 -9.62
N ASN C 625 7.18 2.81 -9.40
CA ASN C 625 6.66 3.05 -8.08
C ASN C 625 6.20 1.76 -7.45
N ASN C 626 5.55 0.94 -8.24
CA ASN C 626 5.03 -0.32 -7.77
C ASN C 626 6.15 -1.33 -7.59
N SER C 627 7.06 -1.39 -8.54
CA SER C 627 8.15 -2.35 -8.46
C SER C 627 9.03 -2.08 -7.26
N TYR C 628 9.29 -0.82 -6.97
CA TYR C 628 10.10 -0.44 -5.84
C TYR C 628 9.45 -0.90 -4.55
N GLN C 629 8.15 -0.77 -4.45
CA GLN C 629 7.42 -1.20 -3.29
C GLN C 629 7.53 -2.71 -3.16
N LEU C 630 7.51 -3.44 -4.24
CA LEU C 630 7.67 -4.87 -4.13
C LEU C 630 9.06 -5.23 -3.60
N ILE C 631 10.10 -4.67 -4.19
CA ILE C 631 11.48 -4.96 -3.80
C ILE C 631 11.89 -4.56 -2.39
N ALA C 632 11.40 -3.43 -1.89
CA ALA C 632 11.76 -2.93 -0.57
C ALA C 632 11.78 -3.95 0.57
N ASP C 633 10.87 -4.91 0.56
CA ASP C 633 10.84 -5.93 1.60
C ASP C 633 12.06 -6.82 1.55
N HIS C 634 12.48 -7.20 0.35
CA HIS C 634 13.61 -8.08 0.21
C HIS C 634 14.93 -7.37 0.01
N ALA C 635 14.93 -6.06 0.01
CA ALA C 635 16.17 -5.33 -0.19
C ALA C 635 17.40 -5.74 0.65
N ASP C 636 17.21 -6.08 1.91
CA ASP C 636 18.31 -6.42 2.81
C ASP C 636 18.91 -7.78 2.47
N ILE C 637 18.06 -8.78 2.31
CA ILE C 637 18.51 -10.11 1.99
C ILE C 637 19.26 -10.09 0.68
N GLU C 638 18.70 -9.40 -0.31
CA GLU C 638 19.33 -9.31 -1.61
C GLU C 638 20.67 -8.62 -1.51
N TRP C 639 20.74 -7.55 -0.72
CA TRP C 639 21.98 -6.82 -0.58
C TRP C 639 23.04 -7.65 0.11
N LYS C 640 22.67 -8.37 1.15
CA LYS C 640 23.63 -9.17 1.89
C LYS C 640 24.18 -10.31 1.04
N PHE C 641 23.35 -10.87 0.17
CA PHE C 641 23.85 -11.87 -0.77
C PHE C 641 24.89 -11.26 -1.70
N ALA C 642 24.59 -10.09 -2.26
CA ALA C 642 25.54 -9.44 -3.17
C ALA C 642 26.82 -9.06 -2.44
N ARG C 643 26.71 -8.55 -1.21
CA ARG C 643 27.90 -8.19 -0.46
C ARG C 643 28.71 -9.42 -0.10
N THR C 644 28.05 -10.54 0.19
CA THR C 644 28.79 -11.77 0.44
C THR C 644 29.56 -12.19 -0.78
N LYS C 645 28.95 -12.09 -1.96
CA LYS C 645 29.70 -12.41 -3.17
C LYS C 645 30.90 -11.51 -3.34
N LEU C 646 30.72 -10.20 -3.10
CA LEU C 646 31.85 -9.28 -3.20
C LEU C 646 32.95 -9.63 -2.22
N TRP C 647 32.59 -9.93 -0.97
CA TRP C 647 33.59 -10.29 0.04
C TRP C 647 34.33 -11.55 -0.35
N MET C 648 33.59 -12.58 -0.81
CA MET C 648 34.24 -13.84 -1.17
C MET C 648 35.15 -13.68 -2.36
N SER C 649 34.86 -12.72 -3.25
CA SER C 649 35.76 -12.49 -4.38
C SER C 649 37.14 -12.05 -3.93
N TYR C 650 37.27 -11.51 -2.72
CA TYR C 650 38.57 -11.10 -2.18
C TYR C 650 39.16 -12.12 -1.22
N PHE C 651 38.59 -13.31 -1.13
CA PHE C 651 39.16 -14.34 -0.27
C PHE C 651 40.23 -15.18 -0.97
N ASP C 652 40.30 -15.14 -2.28
CA ASP C 652 41.19 -16.00 -3.04
C ASP C 652 42.59 -15.42 -3.14
N GLU C 653 43.57 -16.30 -3.32
CA GLU C 653 44.95 -15.86 -3.49
C GLU C 653 45.14 -15.13 -4.81
N GLY C 654 44.52 -15.63 -5.88
CA GLY C 654 44.70 -15.01 -7.18
C GLY C 654 44.11 -13.61 -7.23
N GLY C 655 44.78 -12.75 -7.99
CA GLY C 655 44.34 -11.37 -8.10
C GLY C 655 44.61 -10.52 -6.88
N THR C 656 45.58 -10.90 -6.06
CA THR C 656 45.90 -10.11 -4.87
C THR C 656 46.40 -8.72 -5.25
N LEU C 657 47.31 -8.64 -6.21
CA LEU C 657 47.87 -7.36 -6.60
C LEU C 657 46.91 -6.63 -7.54
N PRO C 658 46.53 -5.39 -7.22
CA PRO C 658 45.71 -4.62 -8.16
C PRO C 658 46.56 -4.08 -9.30
N PRO C 659 45.95 -3.65 -10.40
CA PRO C 659 46.72 -3.05 -11.47
C PRO C 659 47.38 -1.78 -11.01
N PRO C 660 48.55 -1.42 -11.56
CA PRO C 660 49.25 -2.17 -12.62
C PRO C 660 50.22 -3.21 -12.09
N PHE C 661 50.21 -3.46 -10.78
CA PHE C 661 51.17 -4.36 -10.18
C PHE C 661 50.93 -5.83 -10.52
N ASN C 662 49.79 -6.16 -11.13
CA ASN C 662 49.51 -7.56 -11.45
C ASN C 662 50.27 -8.05 -12.67
N ILE C 663 50.82 -7.15 -13.49
CA ILE C 663 51.58 -7.55 -14.67
C ILE C 663 53.08 -7.62 -14.42
N ILE C 664 53.56 -7.07 -13.31
CA ILE C 664 54.99 -7.09 -13.02
C ILE C 664 55.46 -8.51 -12.67
N SER C 706 38.90 -36.87 5.54
CA SER C 706 37.57 -36.75 4.95
C SER C 706 36.54 -37.51 5.77
N LEU C 707 36.91 -38.68 6.27
CA LEU C 707 35.99 -39.50 7.04
C LEU C 707 35.63 -38.83 8.37
N ILE C 708 36.62 -38.27 9.07
CA ILE C 708 36.35 -37.60 10.33
C ILE C 708 35.54 -36.32 10.09
N GLN C 709 35.73 -35.69 8.94
CA GLN C 709 35.02 -34.47 8.62
C GLN C 709 33.55 -34.82 8.42
N ASN C 710 33.29 -35.90 7.70
CA ASN C 710 31.93 -36.33 7.47
C ASN C 710 31.26 -36.72 8.77
N GLN C 711 32.00 -37.39 9.64
CA GLN C 711 31.45 -37.81 10.92
C GLN C 711 31.03 -36.60 11.71
N HIS C 712 31.92 -35.62 11.80
CA HIS C 712 31.59 -34.38 12.51
C HIS C 712 30.38 -33.70 11.88
N TYR C 713 30.35 -33.66 10.55
CA TYR C 713 29.20 -33.07 9.87
C TYR C 713 27.93 -33.84 10.17
N GLN C 714 28.01 -35.17 10.21
CA GLN C 714 26.83 -35.99 10.48
C GLN C 714 26.31 -35.75 11.90
N GLU C 715 27.20 -35.67 12.89
CA GLU C 715 26.71 -35.43 14.25
C GLU C 715 26.13 -34.03 14.39
N VAL C 716 26.77 -33.02 13.77
CA VAL C 716 26.20 -31.67 13.81
C VAL C 716 24.85 -31.64 13.13
N ILE C 717 24.70 -32.33 12.00
CA ILE C 717 23.43 -32.37 11.30
C ILE C 717 22.37 -33.08 12.13
N ARG C 718 22.74 -34.15 12.84
CA ARG C 718 21.80 -34.84 13.69
C ARG C 718 21.27 -33.91 14.78
N ASN C 719 22.18 -33.16 15.41
CA ASN C 719 21.75 -32.20 16.42
C ASN C 719 20.85 -31.13 15.82
N LEU C 720 21.21 -30.62 14.64
CA LEU C 720 20.40 -29.59 14.00
C LEU C 720 19.01 -30.10 13.69
N VAL C 721 18.91 -31.34 13.22
CA VAL C 721 17.61 -31.89 12.86
C VAL C 721 16.75 -32.09 14.11
N LYS C 722 17.34 -32.61 15.19
CA LYS C 722 16.57 -32.73 16.43
C LYS C 722 16.04 -31.36 16.87
N ARG C 723 16.92 -30.36 16.89
CA ARG C 723 16.52 -29.02 17.33
C ARG C 723 15.44 -28.45 16.43
N TYR C 724 15.60 -28.60 15.11
CA TYR C 724 14.63 -28.05 14.17
C TYR C 724 13.27 -28.73 14.32
N VAL C 725 13.26 -30.05 14.49
CA VAL C 725 11.99 -30.77 14.66
C VAL C 725 11.29 -30.30 15.92
N ALA C 726 12.03 -30.20 17.03
CA ALA C 726 11.42 -29.73 18.26
C ALA C 726 10.89 -28.31 18.10
N ALA C 727 11.68 -27.43 17.48
CA ALA C 727 11.27 -26.04 17.34
C ALA C 727 10.03 -25.90 16.47
N MET C 728 9.95 -26.67 15.38
CA MET C 728 8.80 -26.54 14.49
C MET C 728 7.55 -27.15 15.10
N ILE C 729 7.69 -28.25 15.85
CA ILE C 729 6.55 -28.79 16.58
C ILE C 729 6.05 -27.77 17.60
N ARG C 730 6.97 -27.13 18.33
CA ARG C 730 6.59 -26.09 19.28
C ARG C 730 5.88 -24.92 18.59
N ASN C 731 6.40 -24.50 17.43
CA ASN C 731 5.79 -23.38 16.71
C ASN C 731 4.39 -23.73 16.21
N SER C 732 4.20 -24.95 15.70
CA SER C 732 2.88 -25.38 15.25
C SER C 732 1.89 -25.45 16.42
N LYS C 733 2.34 -25.99 17.56
CA LYS C 733 1.45 -26.08 18.71
C LYS C 733 1.07 -24.69 19.23
N THR C 734 2.02 -23.77 19.27
CA THR C 734 1.77 -22.42 19.77
C THR C 734 1.22 -21.51 18.68
N THR C 739 -9.59 -24.31 14.79
CA THR C 739 -10.39 -24.91 13.73
C THR C 739 -11.73 -25.41 14.24
N GLU C 740 -12.70 -25.55 13.33
CA GLU C 740 -14.00 -26.11 13.71
C GLU C 740 -13.89 -27.58 14.08
N GLU C 741 -12.96 -28.30 13.46
CA GLU C 741 -12.82 -29.72 13.75
C GLU C 741 -12.40 -29.97 15.20
N ASN C 742 -11.64 -29.04 15.79
CA ASN C 742 -11.28 -29.18 17.20
C ASN C 742 -12.53 -29.12 18.08
N PHE C 743 -13.44 -28.19 17.79
CA PHE C 743 -14.68 -28.13 18.55
C PHE C 743 -15.54 -29.36 18.30
N LYS C 744 -15.52 -29.88 17.07
CA LYS C 744 -16.25 -31.12 16.81
C LYS C 744 -15.69 -32.28 17.63
N GLU C 745 -14.36 -32.35 17.73
CA GLU C 745 -13.72 -33.38 18.56
C GLU C 745 -14.06 -33.21 20.03
N LEU C 746 -14.09 -31.97 20.51
CA LEU C 746 -14.46 -31.73 21.90
C LEU C 746 -15.90 -32.17 22.17
N LYS C 747 -16.81 -31.82 21.27
CA LYS C 747 -18.19 -32.27 21.41
C LYS C 747 -18.28 -33.79 21.38
N GLN C 748 -17.50 -34.42 20.50
CA GLN C 748 -17.49 -35.87 20.42
C GLN C 748 -17.02 -36.50 21.72
N ASP C 749 -15.94 -35.97 22.30
CA ASP C 749 -15.43 -36.51 23.56
C ASP C 749 -16.47 -36.34 24.67
N ILE C 750 -17.10 -35.16 24.75
CA ILE C 750 -18.09 -34.92 25.78
C ILE C 750 -19.27 -35.87 25.63
N SER C 751 -19.76 -36.04 24.40
CA SER C 751 -20.91 -36.91 24.18
C SER C 751 -20.58 -38.36 24.46
N SER C 752 -19.38 -38.82 24.08
CA SER C 752 -18.98 -40.19 24.40
C SER C 752 -18.91 -40.41 25.89
N PHE C 753 -18.32 -39.46 26.62
CA PHE C 753 -18.28 -39.54 28.07
C PHE C 753 -19.69 -39.57 28.66
N ARG C 754 -20.58 -38.73 28.13
CA ARG C 754 -21.96 -38.68 28.63
C ARG C 754 -22.66 -40.00 28.42
N TYR C 755 -22.52 -40.59 27.22
CA TYR C 755 -23.17 -41.86 26.95
C TYR C 755 -22.61 -42.98 27.83
N GLU C 756 -21.29 -42.99 28.05
CA GLU C 756 -20.71 -44.00 28.93
C GLU C 756 -21.24 -43.87 30.35
N VAL C 757 -21.31 -42.63 30.86
CA VAL C 757 -21.80 -42.43 32.22
C VAL C 757 -23.27 -42.82 32.33
N LEU C 758 -24.08 -42.43 31.35
CA LEU C 758 -25.50 -42.76 31.38
C LEU C 758 -25.71 -44.27 31.32
N ASP C 759 -24.94 -44.97 30.49
CA ASP C 759 -25.04 -46.43 30.43
C ASP C 759 -24.63 -47.06 31.76
N LEU C 760 -23.54 -46.58 32.35
CA LEU C 760 -23.07 -47.15 33.61
C LEU C 760 -24.07 -46.95 34.73
N LEU C 761 -24.68 -45.77 34.80
CA LEU C 761 -25.66 -45.47 35.83
C LEU C 761 -27.00 -46.11 35.52
N ARG D 17 27.36 -9.57 38.28
CA ARG D 17 26.03 -10.08 38.60
C ARG D 17 25.05 -8.98 39.03
N ILE D 18 23.79 -9.11 38.62
CA ILE D 18 22.72 -8.20 38.99
C ILE D 18 21.86 -8.90 40.04
N PRO D 19 21.83 -8.41 41.29
CA PRO D 19 20.89 -8.98 42.26
C PRO D 19 19.47 -8.58 41.90
N LEU D 20 18.55 -9.55 41.94
CA LEU D 20 17.15 -9.33 41.68
C LEU D 20 16.35 -9.65 42.93
N GLN D 21 15.54 -8.68 43.38
CA GLN D 21 14.74 -8.80 44.59
C GLN D 21 13.40 -8.10 44.33
N ILE D 22 12.64 -7.85 45.37
CA ILE D 22 11.34 -7.20 45.25
C ILE D 22 11.50 -5.79 45.82
N VAL D 23 11.61 -4.80 44.92
CA VAL D 23 11.79 -3.42 45.36
C VAL D 23 10.54 -2.93 46.08
N ARG D 24 9.37 -3.18 45.51
CA ARG D 24 8.09 -2.80 46.11
C ARG D 24 7.49 -4.06 46.72
N ALA D 25 7.79 -4.29 47.99
CA ALA D 25 7.33 -5.49 48.67
C ALA D 25 5.85 -5.36 49.01
N GLU D 26 5.21 -6.51 49.19
CA GLU D 26 3.82 -6.56 49.63
C GLU D 26 3.67 -7.56 50.75
N THR D 27 2.44 -7.83 51.17
CA THR D 27 2.15 -8.79 52.23
C THR D 27 1.85 -10.15 51.61
N GLU D 28 2.71 -11.12 51.87
CA GLU D 28 2.53 -12.45 51.30
C GLU D 28 1.37 -13.18 51.97
N LEU D 29 0.76 -14.09 51.22
CA LEU D 29 -0.29 -14.94 51.75
C LEU D 29 0.30 -16.04 52.62
N SER D 30 -0.51 -16.50 53.58
CA SER D 30 -0.12 -17.66 54.36
C SER D 30 -0.31 -18.93 53.54
N ALA D 31 0.12 -20.06 54.11
CA ALA D 31 -0.06 -21.34 53.45
C ALA D 31 -1.54 -21.66 53.26
N GLU D 32 -2.35 -21.44 54.31
CA GLU D 32 -3.77 -21.73 54.22
C GLU D 32 -4.49 -20.77 53.29
N GLU D 33 -4.11 -19.49 53.29
CA GLU D 33 -4.73 -18.55 52.37
C GLU D 33 -4.44 -18.92 50.92
N LYS D 34 -3.20 -19.35 50.63
CA LYS D 34 -2.87 -19.82 49.29
C LYS D 34 -3.64 -21.08 48.94
N ALA D 35 -3.77 -22.02 49.87
CA ALA D 35 -4.54 -23.23 49.59
C ALA D 35 -6.00 -22.90 49.32
N PHE D 36 -6.58 -21.99 50.09
CA PHE D 36 -7.97 -21.59 49.90
C PHE D 36 -8.15 -20.89 48.55
N LEU D 37 -7.23 -20.00 48.19
CA LEU D 37 -7.34 -19.33 46.89
C LEU D 37 -7.18 -20.33 45.74
N ASN D 38 -6.30 -21.31 45.90
CA ASN D 38 -6.15 -22.35 44.89
C ASN D 38 -7.44 -23.16 44.76
N ALA D 39 -8.07 -23.48 45.88
CA ALA D 39 -9.34 -24.20 45.84
C ALA D 39 -10.42 -23.39 45.13
N VAL D 40 -10.45 -22.07 45.39
CA VAL D 40 -11.40 -21.20 44.69
C VAL D 40 -11.12 -21.19 43.20
N GLU D 41 -9.84 -21.09 42.81
CA GLU D 41 -9.48 -21.08 41.40
C GLU D 41 -9.86 -22.37 40.70
N LYS D 42 -9.61 -23.52 41.33
CA LYS D 42 -9.94 -24.80 40.74
C LYS D 42 -11.44 -25.08 40.74
N GLY D 43 -12.23 -24.31 41.48
CA GLY D 43 -13.66 -24.48 41.49
C GLY D 43 -14.19 -25.56 42.39
N ASP D 44 -13.35 -26.10 43.28
CA ASP D 44 -13.78 -27.16 44.20
C ASP D 44 -14.73 -26.54 45.23
N TYR D 45 -16.02 -26.76 45.05
CA TYR D 45 -17.02 -26.16 45.93
C TYR D 45 -16.90 -26.69 47.36
N ALA D 46 -16.64 -27.99 47.51
CA ALA D 46 -16.63 -28.60 48.83
C ALA D 46 -15.53 -28.04 49.72
N THR D 47 -14.31 -27.95 49.18
CA THR D 47 -13.19 -27.44 49.98
C THR D 47 -13.34 -25.96 50.30
N VAL D 48 -13.86 -25.18 49.35
CA VAL D 48 -14.10 -23.76 49.61
C VAL D 48 -15.15 -23.59 50.71
N LYS D 49 -16.22 -24.39 50.65
CA LYS D 49 -17.24 -24.33 51.69
C LYS D 49 -16.68 -24.73 53.05
N GLN D 50 -15.86 -25.78 53.08
CA GLN D 50 -15.24 -26.20 54.34
C GLN D 50 -14.33 -25.11 54.89
N ALA D 51 -13.53 -24.46 54.02
CA ALA D 51 -12.66 -23.40 54.48
C ALA D 51 -13.46 -22.20 55.01
N LEU D 52 -14.56 -21.85 54.33
CA LEU D 52 -15.39 -20.76 54.81
C LEU D 52 -16.02 -21.08 56.16
N GLN D 53 -16.49 -22.32 56.33
CA GLN D 53 -17.09 -22.71 57.61
C GLN D 53 -16.05 -22.76 58.72
N GLU D 54 -14.81 -23.16 58.40
CA GLU D 54 -13.75 -23.23 59.39
C GLU D 54 -13.23 -21.85 59.76
N ALA D 55 -13.29 -20.88 58.83
CA ALA D 55 -12.82 -19.53 59.13
C ALA D 55 -13.71 -18.84 60.16
N GLU D 56 -15.00 -19.18 60.20
CA GLU D 56 -15.89 -18.58 61.19
C GLU D 56 -15.56 -19.05 62.60
N ILE D 57 -15.07 -20.27 62.76
CA ILE D 57 -14.80 -20.84 64.08
C ILE D 57 -13.38 -20.55 64.53
N TYR D 58 -12.39 -20.78 63.65
CA TYR D 58 -10.99 -20.68 64.03
C TYR D 58 -10.33 -19.35 63.66
N TYR D 59 -10.91 -18.62 62.70
CA TYR D 59 -10.37 -17.32 62.26
C TYR D 59 -8.92 -17.46 61.80
N ASN D 60 -8.63 -18.53 61.08
CA ASN D 60 -7.26 -18.80 60.61
C ASN D 60 -7.03 -18.34 59.18
N VAL D 61 -8.07 -18.16 58.38
CA VAL D 61 -7.93 -17.76 56.98
C VAL D 61 -8.69 -16.46 56.78
N ASN D 62 -8.03 -15.48 56.18
CA ASN D 62 -8.65 -14.21 55.84
C ASN D 62 -9.39 -14.38 54.51
N ILE D 63 -10.72 -14.33 54.55
CA ILE D 63 -11.51 -14.56 53.34
C ILE D 63 -11.35 -13.43 52.34
N ASN D 64 -10.84 -12.28 52.75
CA ASN D 64 -10.67 -11.14 51.87
C ASN D 64 -9.24 -10.98 51.37
N CYS D 65 -8.39 -11.99 51.57
CA CYS D 65 -7.00 -11.90 51.15
C CYS D 65 -6.89 -11.82 49.63
N MET D 66 -5.90 -11.06 49.18
CA MET D 66 -5.63 -10.91 47.75
C MET D 66 -4.78 -12.07 47.27
N ASP D 67 -4.33 -12.00 46.01
CA ASP D 67 -3.38 -12.97 45.47
C ASP D 67 -2.19 -12.17 44.94
N PRO D 68 -1.14 -12.81 44.41
CA PRO D 68 -0.05 -12.03 43.82
C PRO D 68 -0.48 -11.11 42.70
N LEU D 69 -1.65 -11.34 42.10
CA LEU D 69 -2.19 -10.47 41.06
C LEU D 69 -3.19 -9.45 41.59
N GLY D 70 -3.46 -9.45 42.90
CA GLY D 70 -4.38 -8.50 43.49
C GLY D 70 -5.82 -8.95 43.58
N ARG D 71 -6.18 -10.07 42.95
CA ARG D 71 -7.56 -10.55 42.99
C ARG D 71 -7.87 -11.24 44.31
N SER D 72 -9.08 -11.01 44.82
CA SER D 72 -9.56 -11.69 46.01
C SER D 72 -10.32 -12.95 45.60
N ALA D 73 -10.92 -13.63 46.57
CA ALA D 73 -11.69 -14.84 46.25
C ALA D 73 -12.92 -14.51 45.41
N LEU D 74 -13.60 -13.41 45.72
CA LEU D 74 -14.78 -13.02 44.96
C LEU D 74 -14.42 -12.68 43.53
N LEU D 75 -13.31 -11.96 43.33
CA LEU D 75 -12.88 -11.61 41.99
C LEU D 75 -12.48 -12.85 41.19
N ILE D 76 -11.82 -13.81 41.85
CA ILE D 76 -11.49 -15.08 41.17
C ILE D 76 -12.76 -15.80 40.75
N ALA D 77 -13.75 -15.86 41.65
CA ALA D 77 -15.02 -16.53 41.33
C ALA D 77 -15.73 -15.83 40.18
N ILE D 78 -15.72 -14.49 40.16
CA ILE D 78 -16.34 -13.76 39.06
C ILE D 78 -15.62 -14.03 37.75
N GLU D 79 -14.28 -14.05 37.78
CA GLU D 79 -13.51 -14.21 36.55
C GLU D 79 -13.67 -15.59 35.95
N ASN D 80 -14.00 -16.59 36.76
CA ASN D 80 -14.21 -17.95 36.27
C ASN D 80 -15.66 -18.25 35.94
N GLU D 81 -16.56 -17.26 36.08
CA GLU D 81 -17.99 -17.45 35.83
C GLU D 81 -18.55 -18.58 36.68
N ASN D 82 -18.06 -18.68 37.92
CA ASN D 82 -18.52 -19.71 38.84
C ASN D 82 -19.58 -19.07 39.73
N LEU D 83 -20.84 -19.22 39.31
CA LEU D 83 -21.94 -18.61 40.06
C LEU D 83 -22.17 -19.28 41.41
N GLU D 84 -21.93 -20.59 41.49
CA GLU D 84 -22.13 -21.30 42.76
C GLU D 84 -21.15 -20.81 43.82
N ILE D 85 -19.85 -20.78 43.49
CA ILE D 85 -18.86 -20.31 44.44
C ILE D 85 -19.03 -18.82 44.71
N MET D 86 -19.43 -18.05 43.70
CA MET D 86 -19.72 -16.64 43.90
C MET D 86 -20.81 -16.45 44.95
N GLU D 87 -21.93 -17.17 44.79
CA GLU D 87 -23.03 -17.04 45.72
C GLU D 87 -22.65 -17.56 47.10
N LEU D 88 -21.84 -18.61 47.16
CA LEU D 88 -21.34 -19.10 48.45
C LEU D 88 -20.52 -18.03 49.16
N LEU D 89 -19.64 -17.34 48.43
CA LEU D 89 -18.85 -16.27 49.02
C LEU D 89 -19.74 -15.11 49.46
N LEU D 90 -20.75 -14.77 48.66
CA LEU D 90 -21.65 -13.68 49.03
C LEU D 90 -22.44 -14.02 50.29
N ASN D 91 -22.88 -15.27 50.43
CA ASN D 91 -23.62 -15.68 51.62
C ASN D 91 -22.76 -15.64 52.87
N HIS D 92 -21.44 -15.67 52.74
CA HIS D 92 -20.54 -15.57 53.87
C HIS D 92 -20.06 -14.14 54.11
N SER D 93 -20.64 -13.17 53.41
CA SER D 93 -20.38 -11.74 53.63
C SER D 93 -18.90 -11.39 53.44
N VAL D 94 -18.43 -11.62 52.22
CA VAL D 94 -17.08 -11.20 51.85
C VAL D 94 -17.13 -9.75 51.39
N TYR D 95 -15.97 -9.11 51.36
CA TYR D 95 -15.89 -7.74 50.86
C TYR D 95 -16.31 -7.72 49.40
N VAL D 96 -17.20 -6.77 49.06
CA VAL D 96 -17.84 -6.74 47.75
C VAL D 96 -17.56 -5.45 47.01
N GLY D 97 -16.75 -4.54 47.57
CA GLY D 97 -16.49 -3.26 46.93
C GLY D 97 -15.90 -3.38 45.54
N ASP D 98 -16.50 -2.70 44.58
CA ASP D 98 -16.09 -2.67 43.18
C ASP D 98 -16.19 -4.01 42.49
N ALA D 99 -16.76 -5.02 43.15
CA ALA D 99 -16.96 -6.31 42.47
C ALA D 99 -18.00 -6.19 41.37
N LEU D 100 -18.98 -5.30 41.53
CA LEU D 100 -19.97 -5.11 40.49
C LEU D 100 -19.31 -4.60 39.20
N LEU D 101 -18.30 -3.75 39.33
CA LEU D 101 -17.61 -3.24 38.15
C LEU D 101 -16.89 -4.37 37.41
N TYR D 102 -16.23 -5.26 38.14
CA TYR D 102 -15.57 -6.40 37.50
C TYR D 102 -16.58 -7.32 36.84
N ALA D 103 -17.73 -7.53 37.50
CA ALA D 103 -18.78 -8.35 36.90
C ALA D 103 -19.29 -7.73 35.61
N ILE D 104 -19.49 -6.41 35.59
CA ILE D 104 -20.00 -5.74 34.41
C ILE D 104 -18.97 -5.78 33.28
N ARG D 105 -17.70 -5.53 33.59
CA ARG D 105 -16.67 -5.57 32.55
C ARG D 105 -16.53 -6.97 31.99
N LYS D 106 -16.65 -8.00 32.83
CA LYS D 106 -16.60 -9.38 32.37
C LYS D 106 -17.78 -9.72 31.47
N GLU D 107 -18.83 -8.90 31.47
CA GLU D 107 -20.02 -9.09 30.64
C GLU D 107 -20.68 -10.44 30.93
N VAL D 108 -20.81 -10.75 32.22
CA VAL D 108 -21.46 -11.98 32.68
C VAL D 108 -22.77 -11.60 33.34
N VAL D 109 -23.87 -12.15 32.82
CA VAL D 109 -25.20 -11.77 33.27
C VAL D 109 -25.47 -12.28 34.69
N GLY D 110 -25.06 -13.52 34.98
CA GLY D 110 -25.32 -14.07 36.30
C GLY D 110 -24.67 -13.28 37.42
N ALA D 111 -23.43 -12.83 37.19
CA ALA D 111 -22.71 -12.10 38.23
C ALA D 111 -23.41 -10.77 38.55
N VAL D 112 -23.87 -10.05 37.51
CA VAL D 112 -24.53 -8.76 37.74
C VAL D 112 -25.80 -8.96 38.56
N GLU D 113 -26.62 -9.94 38.19
CA GLU D 113 -27.87 -10.16 38.92
C GLU D 113 -27.60 -10.65 40.34
N LEU D 114 -26.57 -11.47 40.52
CA LEU D 114 -26.20 -11.91 41.86
C LEU D 114 -25.81 -10.73 42.74
N LEU D 115 -24.95 -9.84 42.21
CA LEU D 115 -24.44 -8.73 43.00
C LEU D 115 -25.45 -7.62 43.20
N LEU D 116 -26.36 -7.42 42.24
CA LEU D 116 -27.40 -6.40 42.40
C LEU D 116 -28.40 -6.76 43.48
N SER D 117 -28.69 -8.06 43.64
CA SER D 117 -29.56 -8.50 44.73
C SER D 117 -28.79 -8.65 46.05
N TYR D 118 -27.47 -8.57 46.00
CA TYR D 118 -26.62 -8.66 47.20
C TYR D 118 -26.86 -9.92 48.01
N GLN D 135 -8.33 0.79 48.51
CA GLN D 135 -7.64 -0.34 47.90
C GLN D 135 -7.39 -0.09 46.42
N PHE D 136 -6.50 -0.89 45.85
CA PHE D 136 -6.23 -0.82 44.43
C PHE D 136 -7.44 -1.27 43.63
N SER D 137 -7.75 -0.53 42.57
CA SER D 137 -8.85 -0.88 41.67
C SER D 137 -8.42 -0.66 40.23
N GLU D 138 -8.95 -1.48 39.33
CA GLU D 138 -8.69 -1.33 37.91
C GLU D 138 -9.57 -0.28 37.25
N PHE D 139 -10.49 0.33 38.00
CA PHE D 139 -11.41 1.31 37.46
C PHE D 139 -11.19 2.65 38.16
N THR D 140 -11.20 3.73 37.38
CA THR D 140 -11.03 5.05 37.93
C THR D 140 -12.21 5.41 38.84
N PRO D 141 -12.00 6.30 39.80
CA PRO D 141 -13.09 6.60 40.76
C PRO D 141 -14.35 7.14 40.13
N ASP D 142 -14.27 7.78 38.97
CA ASP D 142 -15.47 8.35 38.35
C ASP D 142 -16.33 7.31 37.64
N ILE D 143 -15.85 6.08 37.50
CA ILE D 143 -16.63 5.05 36.82
C ILE D 143 -17.75 4.58 37.72
N THR D 144 -18.98 4.61 37.20
CA THR D 144 -20.17 4.12 37.88
C THR D 144 -20.69 2.87 37.16
N PRO D 145 -21.51 2.06 37.82
CA PRO D 145 -21.98 0.83 37.16
C PRO D 145 -22.66 1.08 35.82
N ILE D 146 -23.54 2.07 35.73
CA ILE D 146 -24.23 2.32 34.47
C ILE D 146 -23.26 2.83 33.42
N MET D 147 -22.31 3.67 33.82
CA MET D 147 -21.31 4.18 32.88
C MET D 147 -20.44 3.04 32.34
N LEU D 148 -19.99 2.15 33.21
CA LEU D 148 -19.20 1.02 32.74
C LEU D 148 -20.02 0.11 31.84
N ALA D 149 -21.29 -0.14 32.20
CA ALA D 149 -22.14 -0.96 31.35
C ALA D 149 -22.31 -0.34 29.97
N ALA D 150 -22.49 0.98 29.91
CA ALA D 150 -22.56 1.65 28.62
C ALA D 150 -21.25 1.52 27.86
N HIS D 151 -20.11 1.58 28.56
CA HIS D 151 -18.82 1.40 27.90
C HIS D 151 -18.73 0.01 27.27
N THR D 152 -19.21 -1.01 27.97
CA THR D 152 -19.17 -2.36 27.41
C THR D 152 -20.16 -2.53 26.27
N ASN D 153 -21.16 -1.66 26.17
CA ASN D 153 -22.17 -1.73 25.11
C ASN D 153 -22.89 -3.07 25.12
N ASN D 154 -23.17 -3.57 26.32
CA ASN D 154 -23.85 -4.85 26.49
C ASN D 154 -25.32 -4.58 26.78
N TYR D 155 -26.19 -4.98 25.87
CA TYR D 155 -27.59 -4.59 25.97
C TYR D 155 -28.27 -5.17 27.20
N GLU D 156 -27.97 -6.43 27.53
CA GLU D 156 -28.63 -7.07 28.67
C GLU D 156 -28.31 -6.36 29.98
N ILE D 157 -27.02 -6.12 30.24
CA ILE D 157 -26.62 -5.49 31.50
C ILE D 157 -27.07 -4.04 31.55
N ILE D 158 -26.97 -3.33 30.41
CA ILE D 158 -27.45 -1.95 30.37
C ILE D 158 -28.94 -1.90 30.68
N LYS D 159 -29.71 -2.82 30.12
CA LYS D 159 -31.14 -2.86 30.40
C LYS D 159 -31.40 -3.19 31.87
N LEU D 160 -30.62 -4.11 32.44
CA LEU D 160 -30.78 -4.44 33.86
C LEU D 160 -30.54 -3.22 34.74
N LEU D 161 -29.52 -2.43 34.42
CA LEU D 161 -29.23 -1.26 35.23
C LEU D 161 -30.23 -0.13 35.00
N VAL D 162 -30.70 0.05 33.76
CA VAL D 162 -31.69 1.09 33.50
C VAL D 162 -33.07 0.69 34.05
N GLN D 163 -33.29 -0.59 34.33
CA GLN D 163 -34.52 -0.99 35.01
C GLN D 163 -34.67 -0.30 36.36
N LYS D 164 -33.56 0.00 37.02
CA LYS D 164 -33.59 0.77 38.26
C LYS D 164 -33.58 2.27 37.90
N ARG D 165 -33.37 3.11 38.90
CA ARG D 165 -33.33 4.56 38.68
C ARG D 165 -31.87 4.98 38.70
N VAL D 166 -31.24 4.96 37.53
CA VAL D 166 -29.84 5.35 37.39
C VAL D 166 -29.76 6.59 36.51
N THR D 167 -28.73 7.39 36.73
CA THR D 167 -28.51 8.63 36.01
C THR D 167 -27.05 8.76 35.62
N ILE D 168 -26.81 9.52 34.57
CA ILE D 168 -25.46 9.84 34.10
C ILE D 168 -25.31 11.36 34.12
N PRO D 169 -24.25 11.90 34.70
CA PRO D 169 -24.12 13.37 34.79
C PRO D 169 -24.10 14.02 33.41
N ARG D 170 -24.69 15.18 33.29
CA ARG D 170 -24.70 15.82 32.00
C ARG D 170 -23.47 16.66 31.81
N PRO D 171 -22.70 16.38 30.76
CA PRO D 171 -21.52 17.18 30.44
C PRO D 171 -21.92 18.61 30.10
N HIS D 172 -21.06 19.54 30.47
CA HIS D 172 -21.33 20.96 30.24
C HIS D 172 -21.08 21.30 28.77
N GLN D 173 -21.17 22.58 28.43
CA GLN D 173 -20.93 23.01 27.07
C GLN D 173 -19.48 22.76 26.66
N ILE D 174 -19.26 22.58 25.36
CA ILE D 174 -17.91 22.35 24.84
C ILE D 174 -16.99 23.52 25.19
N ARG D 175 -17.51 24.75 25.10
CA ARG D 175 -16.77 25.95 25.45
C ARG D 175 -17.37 26.61 26.68
N CYS D 176 -17.77 25.81 27.66
CA CYS D 176 -18.35 26.34 28.89
C CYS D 176 -17.30 27.06 29.72
N ASN D 177 -17.72 28.16 30.37
CA ASN D 177 -16.82 28.97 31.17
C ASN D 177 -17.38 29.22 32.57
N CYS D 178 -18.16 28.28 33.09
CA CYS D 178 -18.70 28.45 34.43
C CYS D 178 -17.61 28.22 35.47
N VAL D 179 -17.94 28.54 36.72
CA VAL D 179 -16.95 28.45 37.80
C VAL D 179 -16.57 26.99 38.05
N GLU D 180 -17.54 26.07 37.98
CA GLU D 180 -17.25 24.67 38.27
C GLU D 180 -16.26 24.08 37.26
N CYS D 181 -16.46 24.39 35.98
CA CYS D 181 -15.59 23.81 34.94
C CYS D 181 -14.16 24.31 35.07
N VAL D 182 -13.98 25.62 35.24
CA VAL D 182 -12.62 26.15 35.36
C VAL D 182 -11.97 25.70 36.66
N SER D 183 -12.75 25.60 37.74
CA SER D 183 -12.20 25.13 39.01
C SER D 183 -11.72 23.69 38.89
N SER D 184 -12.53 22.82 38.27
CA SER D 184 -12.11 21.43 38.10
C SER D 184 -10.93 21.31 37.15
N SER D 185 -10.89 22.14 36.11
CA SER D 185 -9.77 22.10 35.18
C SER D 185 -8.46 22.53 35.83
N GLU D 186 -8.52 23.57 36.68
CA GLU D 186 -7.30 24.04 37.35
C GLU D 186 -6.87 23.12 38.48
N VAL D 187 -7.83 22.56 39.23
CA VAL D 187 -7.48 21.67 40.33
C VAL D 187 -6.87 20.37 39.80
N ASP D 188 -7.51 19.76 38.80
CA ASP D 188 -7.04 18.50 38.24
C ASP D 188 -7.50 18.41 36.79
N SER D 189 -6.62 18.78 35.86
CA SER D 189 -6.98 18.72 34.44
C SER D 189 -7.10 17.28 33.96
N LEU D 190 -6.22 16.41 34.42
CA LEU D 190 -6.26 15.00 33.98
C LEU D 190 -7.56 14.35 34.42
N ARG D 191 -7.94 14.52 35.69
CA ARG D 191 -9.16 13.91 36.19
C ARG D 191 -10.38 14.44 35.46
N HIS D 192 -10.43 15.76 35.24
CA HIS D 192 -11.58 16.37 34.57
C HIS D 192 -11.70 15.88 33.13
N SER D 193 -10.59 15.84 32.41
CA SER D 193 -10.61 15.37 31.04
C SER D 193 -11.01 13.89 30.97
N ARG D 194 -10.48 13.07 31.89
CA ARG D 194 -10.85 11.66 31.92
C ARG D 194 -12.33 11.49 32.21
N SER D 195 -12.86 12.26 33.16
CA SER D 195 -14.28 12.15 33.48
C SER D 195 -15.15 12.55 32.30
N ARG D 196 -14.79 13.63 31.61
CA ARG D 196 -15.57 14.04 30.45
C ARG D 196 -15.55 12.96 29.37
N LEU D 197 -14.37 12.39 29.11
CA LEU D 197 -14.28 11.35 28.10
C LEU D 197 -15.08 10.12 28.50
N ASN D 198 -15.05 9.73 29.78
CA ASN D 198 -15.84 8.58 30.23
C ASN D 198 -17.33 8.84 30.07
N ILE D 199 -17.78 10.05 30.41
CA ILE D 199 -19.19 10.37 30.25
C ILE D 199 -19.59 10.28 28.78
N TYR D 200 -18.78 10.84 27.88
CA TYR D 200 -19.13 10.79 26.46
C TYR D 200 -19.03 9.39 25.88
N LYS D 201 -18.14 8.55 26.42
CA LYS D 201 -18.13 7.15 26.01
C LYS D 201 -19.41 6.45 26.45
N ALA D 202 -19.89 6.75 27.65
CA ALA D 202 -21.15 6.17 28.11
C ALA D 202 -22.31 6.63 27.22
N LEU D 203 -22.40 7.94 26.96
CA LEU D 203 -23.54 8.46 26.23
C LEU D 203 -23.54 8.00 24.78
N ALA D 204 -22.37 7.83 24.17
CA ALA D 204 -22.28 7.42 22.77
C ALA D 204 -22.46 5.92 22.59
N SER D 205 -22.93 5.21 23.60
CA SER D 205 -23.10 3.76 23.47
C SER D 205 -24.32 3.45 22.62
N PRO D 206 -24.18 2.67 21.54
CA PRO D 206 -25.37 2.35 20.72
C PRO D 206 -26.47 1.68 21.51
N SER D 207 -26.14 0.80 22.46
CA SER D 207 -27.19 0.19 23.28
C SER D 207 -27.86 1.19 24.19
N LEU D 208 -27.09 2.09 24.80
CA LEU D 208 -27.70 3.08 25.68
C LEU D 208 -28.51 4.11 24.90
N ILE D 209 -28.24 4.29 23.61
CA ILE D 209 -29.08 5.14 22.79
C ILE D 209 -30.32 4.38 22.32
N ALA D 210 -30.20 3.08 22.10
CA ALA D 210 -31.36 2.27 21.72
C ALA D 210 -32.41 2.31 22.81
N LEU D 211 -32.00 2.15 24.06
CA LEU D 211 -32.89 2.43 25.19
C LEU D 211 -32.78 3.90 25.55
N SER D 212 -33.68 4.36 26.43
CA SER D 212 -33.55 5.65 27.10
C SER D 212 -33.28 6.80 26.12
N SER D 213 -33.99 6.80 25.00
CA SER D 213 -33.83 7.89 24.03
C SER D 213 -35.10 8.01 23.21
N GLU D 214 -35.71 9.18 23.23
CA GLU D 214 -36.96 9.38 22.50
C GLU D 214 -36.76 9.15 21.00
N ASP D 215 -35.76 9.82 20.42
CA ASP D 215 -35.45 9.72 18.99
C ASP D 215 -34.01 9.26 18.86
N PRO D 216 -33.77 7.97 18.69
CA PRO D 216 -32.39 7.48 18.57
C PRO D 216 -31.64 8.08 17.41
N ILE D 217 -32.31 8.33 16.28
CA ILE D 217 -31.61 8.85 15.11
C ILE D 217 -31.15 10.27 15.35
N LEU D 218 -32.03 11.14 15.84
CA LEU D 218 -31.63 12.52 16.11
C LEU D 218 -30.60 12.59 17.22
N THR D 219 -30.76 11.75 18.25
CA THR D 219 -29.77 11.71 19.32
C THR D 219 -28.40 11.33 18.78
N ALA D 220 -28.34 10.30 17.92
CA ALA D 220 -27.06 9.91 17.33
C ALA D 220 -26.49 11.03 16.47
N PHE D 221 -27.33 11.70 15.68
CA PHE D 221 -26.84 12.81 14.86
C PHE D 221 -26.20 13.89 15.71
N ARG D 222 -26.93 14.40 16.70
CA ARG D 222 -26.42 15.53 17.47
C ARG D 222 -25.26 15.12 18.35
N LEU D 223 -25.28 13.90 18.89
CA LEU D 223 -24.17 13.43 19.70
C LEU D 223 -22.90 13.26 18.86
N GLY D 224 -23.03 12.73 17.65
CA GLY D 224 -21.87 12.65 16.76
C GLY D 224 -21.33 14.02 16.40
N TRP D 225 -22.22 14.98 16.15
CA TRP D 225 -21.77 16.34 15.87
C TRP D 225 -21.01 16.92 17.05
N GLU D 226 -21.55 16.76 18.26
CA GLU D 226 -20.88 17.29 19.44
C GLU D 226 -19.54 16.62 19.67
N LEU D 227 -19.46 15.30 19.43
CA LEU D 227 -18.20 14.60 19.59
C LEU D 227 -17.17 15.08 18.58
N LYS D 228 -17.59 15.35 17.35
CA LYS D 228 -16.67 15.92 16.36
C LYS D 228 -16.18 17.30 16.78
N GLU D 229 -17.08 18.12 17.32
CA GLU D 229 -16.66 19.44 17.82
C GLU D 229 -15.67 19.31 18.97
N LEU D 230 -15.91 18.37 19.88
CA LEU D 230 -14.96 18.12 20.97
C LEU D 230 -13.62 17.66 20.44
N SER D 231 -13.64 16.80 19.41
CA SER D 231 -12.38 16.36 18.80
C SER D 231 -11.61 17.54 18.23
N LYS D 232 -12.31 18.48 17.59
CA LYS D 232 -11.64 19.69 17.13
C LYS D 232 -11.06 20.48 18.30
N VAL D 233 -11.85 20.68 19.36
CA VAL D 233 -11.43 21.52 20.48
C VAL D 233 -10.32 20.84 21.27
N GLU D 234 -10.50 19.57 21.61
CA GLU D 234 -9.53 18.83 22.42
C GLU D 234 -8.39 18.37 21.52
N ASN D 235 -7.26 19.09 21.55
CA ASN D 235 -6.12 18.71 20.74
C ASN D 235 -5.62 17.32 21.12
N GLU D 236 -5.62 16.99 22.39
CA GLU D 236 -5.28 15.65 22.73
C GLU D 236 -6.60 14.84 22.73
N PHE D 237 -6.50 13.54 22.92
CA PHE D 237 -7.66 12.66 22.93
C PHE D 237 -8.52 12.85 21.68
N LYS D 238 -7.94 13.48 20.67
CA LYS D 238 -8.65 13.73 19.41
C LYS D 238 -9.11 12.42 18.76
N ALA D 239 -8.25 11.39 18.79
CA ALA D 239 -8.60 10.13 18.15
C ALA D 239 -9.80 9.47 18.82
N GLU D 240 -9.87 9.54 20.16
CA GLU D 240 -10.97 8.89 20.86
C GLU D 240 -12.30 9.56 20.58
N TYR D 241 -12.33 10.90 20.57
CA TYR D 241 -13.57 11.58 20.21
C TYR D 241 -13.94 11.35 18.75
N GLU D 242 -12.94 11.27 17.87
CA GLU D 242 -13.22 10.96 16.47
C GLU D 242 -13.85 9.58 16.33
N GLU D 243 -13.33 8.59 17.04
CA GLU D 243 -13.89 7.25 16.92
C GLU D 243 -15.26 7.15 17.58
N LEU D 244 -15.50 7.89 18.67
CA LEU D 244 -16.86 7.92 19.24
C LEU D 244 -17.85 8.54 18.27
N SER D 245 -17.45 9.63 17.61
CA SER D 245 -18.33 10.25 16.61
C SER D 245 -18.61 9.29 15.46
N GLN D 246 -17.57 8.60 14.97
CA GLN D 246 -17.77 7.65 13.90
C GLN D 246 -18.68 6.50 14.33
N GLN D 247 -18.57 6.08 15.58
CA GLN D 247 -19.44 5.03 16.11
C GLN D 247 -20.90 5.48 16.13
N CYS D 248 -21.15 6.72 16.54
CA CYS D 248 -22.52 7.24 16.48
C CYS D 248 -23.05 7.30 15.06
N LYS D 249 -22.21 7.76 14.12
CA LYS D 249 -22.64 7.81 12.72
C LYS D 249 -23.00 6.42 12.21
N LEU D 250 -22.17 5.42 12.53
CA LEU D 250 -22.45 4.06 12.09
C LEU D 250 -23.70 3.52 12.74
N PHE D 251 -23.98 3.90 13.99
CA PHE D 251 -25.21 3.46 14.63
C PHE D 251 -26.44 4.01 13.91
N ALA D 252 -26.39 5.30 13.53
CA ALA D 252 -27.52 5.86 12.79
C ALA D 252 -27.69 5.15 11.44
N LYS D 253 -26.60 4.91 10.73
CA LYS D 253 -26.68 4.22 9.45
C LYS D 253 -27.25 2.81 9.61
N ASP D 254 -26.86 2.11 10.68
CA ASP D 254 -27.35 0.76 10.90
C ASP D 254 -28.82 0.74 11.27
N LEU D 255 -29.27 1.73 12.05
CA LEU D 255 -30.70 1.85 12.31
C LEU D 255 -31.47 2.04 11.01
N LEU D 256 -30.94 2.88 10.11
CA LEU D 256 -31.59 3.02 8.81
C LEU D 256 -31.55 1.73 8.01
N ASP D 257 -30.48 0.94 8.17
CA ASP D 257 -30.37 -0.33 7.44
C ASP D 257 -31.42 -1.34 7.84
N GLN D 258 -32.01 -1.21 9.03
CA GLN D 258 -33.00 -2.19 9.49
C GLN D 258 -34.38 -1.95 8.90
N ALA D 259 -34.57 -0.88 8.12
CA ALA D 259 -35.86 -0.64 7.49
C ALA D 259 -36.17 -1.73 6.47
N ARG D 260 -37.42 -2.18 6.46
CA ARG D 260 -37.82 -3.33 5.68
C ARG D 260 -38.86 -3.01 4.60
N SER D 261 -39.36 -1.78 4.55
CA SER D 261 -40.32 -1.40 3.53
C SER D 261 -40.15 0.09 3.21
N SER D 262 -40.64 0.48 2.03
CA SER D 262 -40.56 1.88 1.63
C SER D 262 -41.42 2.76 2.52
N ARG D 263 -42.52 2.25 3.05
CA ARG D 263 -43.34 3.03 3.96
C ARG D 263 -42.56 3.44 5.20
N GLU D 264 -41.83 2.48 5.78
CA GLU D 264 -41.01 2.79 6.96
C GLU D 264 -39.93 3.81 6.62
N LEU D 265 -39.27 3.64 5.47
CA LEU D 265 -38.22 4.57 5.09
C LEU D 265 -38.77 5.97 4.88
N GLU D 266 -39.92 6.09 4.24
CA GLU D 266 -40.53 7.41 4.05
C GLU D 266 -40.92 8.02 5.38
N ILE D 267 -41.46 7.21 6.30
CA ILE D 267 -41.85 7.74 7.61
C ILE D 267 -40.61 8.26 8.34
N ILE D 268 -39.51 7.53 8.26
CA ILE D 268 -38.29 7.96 8.94
C ILE D 268 -37.75 9.25 8.33
N LEU D 269 -37.63 9.29 7.00
CA LEU D 269 -36.96 10.43 6.36
C LEU D 269 -37.80 11.69 6.41
N ASN D 270 -39.13 11.57 6.50
CA ASN D 270 -40.01 12.72 6.49
C ASN D 270 -40.38 13.22 7.87
N HIS D 271 -39.86 12.62 8.93
CA HIS D 271 -40.26 13.00 10.27
C HIS D 271 -39.73 14.37 10.65
N ARG D 272 -40.58 15.18 11.28
CA ARG D 272 -40.25 16.52 11.73
C ARG D 272 -40.15 16.55 13.25
N ASP D 273 -39.02 17.01 13.75
CA ASP D 273 -38.82 17.07 15.20
C ASP D 273 -39.53 18.28 15.79
N ASP D 286 -40.76 18.34 2.41
CA ASP D 286 -40.62 16.96 2.88
C ASP D 286 -39.15 16.60 3.08
N LEU D 287 -38.91 15.34 3.44
CA LEU D 287 -37.57 14.84 3.74
C LEU D 287 -36.90 15.66 4.84
N ALA D 288 -37.67 15.99 5.88
CA ALA D 288 -37.15 16.84 6.95
C ALA D 288 -35.96 16.19 7.65
N LYS D 289 -36.09 14.92 8.01
CA LYS D 289 -35.00 14.27 8.72
C LYS D 289 -33.80 14.05 7.81
N LEU D 290 -34.01 13.87 6.51
CA LEU D 290 -32.88 13.80 5.59
C LEU D 290 -32.13 15.13 5.54
N LYS D 291 -32.86 16.26 5.55
CA LYS D 291 -32.20 17.56 5.62
C LYS D 291 -31.43 17.72 6.92
N VAL D 292 -32.00 17.25 8.03
CA VAL D 292 -31.28 17.31 9.31
C VAL D 292 -30.00 16.49 9.24
N ALA D 293 -30.07 15.30 8.62
CA ALA D 293 -28.87 14.48 8.46
C ALA D 293 -27.82 15.17 7.60
N ILE D 294 -28.26 15.85 6.54
CA ILE D 294 -27.31 16.59 5.70
C ILE D 294 -26.67 17.71 6.50
N LYS D 295 -27.44 18.37 7.37
CA LYS D 295 -26.90 19.47 8.17
C LYS D 295 -25.78 18.99 9.08
N TYR D 296 -25.93 17.81 9.69
CA TYR D 296 -24.93 17.27 10.59
C TYR D 296 -23.86 16.45 9.89
N HIS D 297 -23.78 16.52 8.56
CA HIS D 297 -22.75 15.83 7.78
C HIS D 297 -22.73 14.33 8.07
N GLN D 298 -23.90 13.70 8.05
CA GLN D 298 -24.01 12.26 8.26
C GLN D 298 -23.91 11.56 6.90
N LYS D 299 -22.66 11.48 6.40
CA LYS D 299 -22.46 11.03 5.03
C LYS D 299 -22.88 9.58 4.83
N GLU D 300 -22.60 8.71 5.81
CA GLU D 300 -22.99 7.31 5.67
C GLU D 300 -24.50 7.15 5.70
N PHE D 301 -25.19 7.92 6.54
CA PHE D 301 -26.64 7.86 6.58
C PHE D 301 -27.24 8.29 5.24
N VAL D 302 -26.72 9.38 4.67
CA VAL D 302 -27.27 9.89 3.41
C VAL D 302 -26.99 8.94 2.26
N ALA D 303 -25.80 8.36 2.25
CA ALA D 303 -25.40 7.45 1.19
C ALA D 303 -25.92 6.03 1.31
N GLN D 304 -26.79 5.76 2.26
CA GLN D 304 -27.33 4.42 2.40
C GLN D 304 -28.13 4.10 1.15
N PRO D 305 -28.00 2.86 0.64
CA PRO D 305 -28.66 2.41 -0.59
C PRO D 305 -30.15 2.68 -0.72
N ASN D 306 -30.94 2.44 0.30
CA ASN D 306 -32.38 2.66 0.22
C ASN D 306 -32.71 4.14 0.19
N CYS D 307 -31.98 4.94 0.97
CA CYS D 307 -32.14 6.39 0.90
C CYS D 307 -31.80 6.91 -0.49
N GLN D 308 -30.71 6.41 -1.08
CA GLN D 308 -30.35 6.84 -2.43
C GLN D 308 -31.38 6.39 -3.46
N GLN D 309 -31.97 5.20 -3.27
CA GLN D 309 -33.00 4.73 -4.19
C GLN D 309 -34.24 5.61 -4.13
N LEU D 310 -34.67 5.97 -2.91
CA LEU D 310 -35.81 6.89 -2.78
C LEU D 310 -35.50 8.24 -3.40
N LEU D 311 -34.30 8.77 -3.14
CA LEU D 311 -33.92 10.05 -3.72
C LEU D 311 -33.91 9.98 -5.23
N ALA D 312 -33.45 8.87 -5.79
CA ALA D 312 -33.43 8.71 -7.25
C ALA D 312 -34.85 8.67 -7.81
N THR D 313 -35.77 7.99 -7.13
CA THR D 313 -37.15 8.01 -7.60
C THR D 313 -37.75 9.41 -7.55
N LEU D 314 -37.32 10.22 -6.58
CA LEU D 314 -37.77 11.62 -6.58
C LEU D 314 -37.07 12.43 -7.66
N TRP D 315 -35.82 12.08 -7.98
CA TRP D 315 -35.03 12.85 -8.94
C TRP D 315 -35.57 12.70 -10.36
N TYR D 316 -35.93 11.48 -10.74
CA TYR D 316 -36.52 11.23 -12.06
C TYR D 316 -38.04 11.17 -11.94
N ASP D 317 -38.63 12.32 -11.62
CA ASP D 317 -40.08 12.40 -11.46
C ASP D 317 -40.79 12.11 -12.78
N GLY D 318 -40.32 12.72 -13.87
CA GLY D 318 -40.99 12.56 -15.15
C GLY D 318 -40.82 11.19 -15.77
N PHE D 319 -39.59 10.66 -15.75
CA PHE D 319 -39.29 9.42 -16.44
C PHE D 319 -39.38 8.26 -15.48
N PRO D 320 -40.33 7.33 -15.65
CA PRO D 320 -40.47 6.22 -14.69
C PRO D 320 -39.43 5.12 -14.91
N GLY D 321 -38.94 5.00 -16.14
CA GLY D 321 -38.02 3.93 -16.46
C GLY D 321 -36.65 4.40 -16.90
N TRP D 322 -36.17 5.49 -16.30
CA TRP D 322 -34.83 5.98 -16.64
C TRP D 322 -33.74 5.01 -16.17
N ARG D 323 -34.02 4.17 -15.18
CA ARG D 323 -33.00 3.25 -14.66
C ARG D 323 -32.58 2.25 -15.73
N ARG D 324 -33.53 1.76 -16.52
CA ARG D 324 -33.27 0.75 -17.54
C ARG D 324 -33.46 1.41 -18.92
N LYS D 325 -32.40 2.05 -19.40
CA LYS D 325 -32.40 2.66 -20.72
C LYS D 325 -31.00 2.60 -21.30
N HIS D 326 -30.91 2.70 -22.62
CA HIS D 326 -29.62 2.64 -23.27
C HIS D 326 -28.93 4.00 -23.21
N TRP D 327 -27.62 3.99 -23.41
CA TRP D 327 -26.84 5.22 -23.39
C TRP D 327 -27.33 6.19 -24.45
N VAL D 328 -27.60 5.70 -25.66
CA VAL D 328 -28.04 6.56 -26.74
C VAL D 328 -29.40 7.17 -26.43
N VAL D 329 -30.30 6.40 -25.83
CA VAL D 329 -31.64 6.91 -25.52
C VAL D 329 -31.55 8.03 -24.50
N LYS D 330 -30.75 7.81 -23.44
CA LYS D 330 -30.57 8.85 -22.43
C LYS D 330 -29.94 10.09 -23.02
N LEU D 331 -28.90 9.92 -23.85
CA LEU D 331 -28.24 11.08 -24.43
C LEU D 331 -29.19 11.88 -25.32
N LEU D 332 -29.98 11.19 -26.14
CA LEU D 332 -30.93 11.87 -27.01
C LEU D 332 -32.02 12.59 -26.20
N THR D 333 -32.52 11.95 -25.14
CA THR D 333 -33.53 12.61 -24.30
C THR D 333 -32.97 13.86 -23.65
N CYS D 334 -31.74 13.76 -23.11
CA CYS D 334 -31.11 14.93 -22.49
C CYS D 334 -30.92 16.05 -23.50
N MET D 335 -30.44 15.72 -24.71
CA MET D 335 -30.24 16.75 -25.72
C MET D 335 -31.56 17.41 -26.10
N THR D 336 -32.64 16.63 -26.23
CA THR D 336 -33.93 17.20 -26.59
C THR D 336 -34.43 18.17 -25.51
N ILE D 337 -34.42 17.73 -24.24
CA ILE D 337 -34.88 18.60 -23.16
C ILE D 337 -34.03 19.85 -23.08
N GLY D 338 -32.71 19.71 -23.21
CA GLY D 338 -31.84 20.87 -23.16
C GLY D 338 -32.10 21.85 -24.29
N PHE D 339 -32.30 21.35 -25.50
CA PHE D 339 -32.62 22.24 -26.61
C PHE D 339 -33.99 22.88 -26.46
N LEU D 340 -34.88 22.27 -25.67
CA LEU D 340 -36.21 22.84 -25.48
C LEU D 340 -36.33 23.65 -24.19
N PHE D 341 -35.24 23.86 -23.46
CA PHE D 341 -35.31 24.63 -22.22
C PHE D 341 -36.00 26.00 -22.34
N PRO D 342 -35.80 26.83 -23.39
CA PRO D 342 -36.52 28.10 -23.42
C PRO D 342 -38.03 27.94 -23.51
N MET D 343 -38.48 26.92 -24.24
CA MET D 343 -39.92 26.65 -24.34
C MET D 343 -40.50 26.27 -22.99
N LEU D 344 -39.80 25.43 -22.23
CA LEU D 344 -40.28 25.04 -20.91
C LEU D 344 -40.31 26.24 -19.96
N SER D 345 -39.29 27.09 -20.03
CA SER D 345 -39.28 28.28 -19.18
C SER D 345 -40.44 29.21 -19.52
N ILE D 346 -40.71 29.43 -20.81
CA ILE D 346 -41.82 30.30 -21.20
C ILE D 346 -43.14 29.67 -20.78
N ALA D 347 -43.29 28.35 -20.94
CA ALA D 347 -44.51 27.68 -20.55
C ALA D 347 -44.76 27.81 -19.04
N TYR D 348 -43.70 27.67 -18.24
CA TYR D 348 -43.85 27.88 -16.80
C TYR D 348 -44.23 29.33 -16.49
N LEU D 349 -43.64 30.28 -17.23
CA LEU D 349 -43.97 31.69 -17.00
C LEU D 349 -45.43 31.99 -17.31
N ILE D 350 -45.94 31.45 -18.42
CA ILE D 350 -47.30 31.78 -18.86
C ILE D 350 -48.34 31.06 -18.01
N SER D 351 -48.34 29.73 -18.05
CA SER D 351 -49.32 28.92 -17.34
C SER D 351 -48.61 27.79 -16.62
N PRO D 352 -48.33 27.92 -15.32
CA PRO D 352 -47.64 26.85 -14.60
C PRO D 352 -48.42 25.54 -14.54
N ARG D 353 -49.74 25.58 -14.74
CA ARG D 353 -50.58 24.38 -14.64
C ARG D 353 -50.89 23.90 -16.06
N SER D 354 -49.99 23.10 -16.61
CA SER D 354 -50.17 22.52 -17.93
C SER D 354 -49.16 21.38 -18.10
N ASN D 355 -49.27 20.67 -19.22
CA ASN D 355 -48.34 19.58 -19.49
C ASN D 355 -46.92 20.10 -19.66
N LEU D 356 -46.76 21.36 -20.08
CA LEU D 356 -45.45 21.97 -20.20
C LEU D 356 -45.13 22.96 -19.08
N GLY D 357 -46.15 23.54 -18.45
CA GLY D 357 -45.89 24.52 -17.41
C GLY D 357 -45.23 23.92 -16.19
N LEU D 358 -45.73 22.77 -15.72
CA LEU D 358 -45.18 22.10 -14.55
C LEU D 358 -44.17 21.02 -14.92
N PHE D 359 -43.90 20.82 -16.20
CA PHE D 359 -42.88 19.86 -16.61
C PHE D 359 -41.48 20.30 -16.22
N ILE D 360 -41.28 21.59 -16.00
CA ILE D 360 -39.96 22.09 -15.59
C ILE D 360 -39.74 21.99 -14.08
N LYS D 361 -40.80 21.83 -13.30
CA LYS D 361 -40.63 21.70 -11.85
C LYS D 361 -40.07 20.34 -11.45
N LYS D 362 -40.03 19.37 -12.35
CA LYS D 362 -39.40 18.10 -12.03
C LYS D 362 -37.90 18.27 -11.86
N PRO D 363 -37.30 17.63 -10.85
CA PRO D 363 -35.91 17.96 -10.51
C PRO D 363 -34.90 17.69 -11.63
N PHE D 364 -34.95 16.51 -12.25
CA PHE D 364 -34.02 16.22 -13.34
C PHE D 364 -34.23 17.16 -14.51
N ILE D 365 -35.50 17.44 -14.85
CA ILE D 365 -35.78 18.36 -15.94
C ILE D 365 -35.27 19.76 -15.60
N LYS D 366 -35.48 20.20 -14.36
CA LYS D 366 -35.00 21.51 -13.96
C LYS D 366 -33.49 21.59 -14.04
N PHE D 367 -32.79 20.53 -13.61
CA PHE D 367 -31.34 20.50 -13.72
C PHE D 367 -30.90 20.57 -15.16
N ILE D 368 -31.57 19.83 -16.05
CA ILE D 368 -31.22 19.87 -17.47
C ILE D 368 -31.42 21.26 -18.04
N CYS D 369 -32.53 21.91 -17.68
CA CYS D 369 -32.80 23.25 -18.20
C CYS D 369 -31.75 24.24 -17.72
N HIS D 370 -31.40 24.20 -16.42
CA HIS D 370 -30.39 25.12 -15.91
C HIS D 370 -29.04 24.87 -16.58
N THR D 371 -28.68 23.60 -16.78
CA THR D 371 -27.41 23.31 -17.43
C THR D 371 -27.41 23.79 -18.88
N ALA D 372 -28.52 23.60 -19.59
CA ALA D 372 -28.59 24.05 -20.98
C ALA D 372 -28.51 25.57 -21.06
N SER D 373 -29.17 26.26 -20.12
CA SER D 373 -29.07 27.71 -20.08
C SER D 373 -27.63 28.16 -19.86
N TYR D 374 -26.93 27.54 -18.92
CA TYR D 374 -25.55 27.92 -18.69
C TYR D 374 -24.68 27.61 -19.91
N LEU D 375 -24.96 26.49 -20.58
CA LEU D 375 -24.19 26.15 -21.77
C LEU D 375 -24.40 27.17 -22.88
N THR D 376 -25.64 27.64 -23.06
CA THR D 376 -25.86 28.67 -24.07
C THR D 376 -25.17 29.97 -23.68
N PHE D 377 -25.14 30.28 -22.37
CA PHE D 377 -24.40 31.46 -21.92
C PHE D 377 -22.92 31.35 -22.27
N LEU D 378 -22.33 30.18 -22.04
CA LEU D 378 -20.92 29.99 -22.38
C LEU D 378 -20.70 30.05 -23.89
N PHE D 379 -21.65 29.52 -24.66
CA PHE D 379 -21.54 29.60 -26.11
C PHE D 379 -21.57 31.04 -26.60
N MET D 380 -22.43 31.87 -25.99
CA MET D 380 -22.43 33.29 -26.34
C MET D 380 -21.14 33.97 -25.91
N LEU D 381 -20.58 33.58 -24.76
CA LEU D 381 -19.29 34.12 -24.36
C LEU D 381 -18.22 33.80 -25.39
N LEU D 382 -18.20 32.56 -25.89
CA LEU D 382 -17.25 32.20 -26.94
C LEU D 382 -17.49 33.03 -28.20
N LEU D 383 -18.75 33.20 -28.59
CA LEU D 383 -19.06 33.98 -29.78
C LEU D 383 -18.70 35.45 -29.62
N ALA D 384 -18.64 35.95 -28.39
CA ALA D 384 -18.38 37.37 -28.16
C ALA D 384 -16.99 37.81 -28.60
N SER D 385 -16.15 36.91 -29.10
CA SER D 385 -14.81 37.25 -29.51
C SER D 385 -14.56 36.93 -30.99
N GLN D 386 -15.63 36.96 -31.80
CA GLN D 386 -15.51 36.65 -33.22
C GLN D 386 -15.50 37.92 -34.08
N HIS D 394 -11.23 50.40 -32.74
CA HIS D 394 -10.61 51.67 -32.41
C HIS D 394 -11.54 52.62 -31.68
N VAL D 395 -12.81 52.26 -31.50
CA VAL D 395 -13.77 53.13 -30.84
C VAL D 395 -13.50 53.10 -29.34
N GLN D 396 -13.33 54.28 -28.75
CA GLN D 396 -13.14 54.39 -27.31
C GLN D 396 -14.51 54.38 -26.64
N GLY D 397 -14.78 53.34 -25.85
CA GLY D 397 -16.08 53.16 -25.24
C GLY D 397 -17.18 52.96 -26.25
N PRO D 398 -17.14 51.85 -26.97
CA PRO D 398 -18.15 51.59 -27.99
C PRO D 398 -19.47 51.15 -27.36
N PRO D 399 -20.59 51.32 -28.07
CA PRO D 399 -21.84 50.78 -27.55
C PRO D 399 -21.80 49.27 -27.56
N PRO D 400 -22.50 48.62 -26.63
CA PRO D 400 -22.49 47.14 -26.60
C PRO D 400 -23.05 46.57 -27.90
N THR D 401 -22.46 45.46 -28.33
CA THR D 401 -22.87 44.80 -29.57
C THR D 401 -24.08 43.91 -29.32
N VAL D 402 -24.52 43.23 -30.38
CA VAL D 402 -25.68 42.34 -30.25
C VAL D 402 -25.37 41.19 -29.30
N VAL D 403 -24.16 40.63 -29.41
CA VAL D 403 -23.78 39.53 -28.51
C VAL D 403 -23.73 40.01 -27.07
N GLU D 404 -23.18 41.20 -26.84
CA GLU D 404 -23.15 41.74 -25.47
C GLU D 404 -24.56 42.04 -24.96
N TRP D 405 -25.43 42.54 -25.84
CA TRP D 405 -26.81 42.77 -25.44
C TRP D 405 -27.51 41.47 -25.07
N MET D 406 -27.17 40.37 -25.75
CA MET D 406 -27.74 39.09 -25.37
C MET D 406 -27.12 38.54 -24.09
N ILE D 407 -25.84 38.85 -23.85
CA ILE D 407 -25.16 38.37 -22.65
C ILE D 407 -25.70 39.08 -21.41
N LEU D 408 -26.04 40.36 -21.53
CA LEU D 408 -26.45 41.15 -20.37
C LEU D 408 -27.58 40.54 -19.55
N PRO D 409 -28.70 40.07 -20.14
CA PRO D 409 -29.74 39.48 -19.31
C PRO D 409 -29.29 38.26 -18.53
N TRP D 410 -28.38 37.44 -19.07
CA TRP D 410 -27.85 36.32 -18.33
C TRP D 410 -27.08 36.78 -17.09
N VAL D 411 -26.28 37.84 -17.22
CA VAL D 411 -25.54 38.37 -16.08
C VAL D 411 -26.49 38.93 -15.03
N LEU D 412 -27.52 39.66 -15.49
CA LEU D 412 -28.53 40.16 -14.54
C LEU D 412 -29.22 39.02 -13.83
N GLY D 413 -29.53 37.95 -14.57
CA GLY D 413 -30.16 36.79 -13.95
C GLY D 413 -29.27 36.11 -12.93
N PHE D 414 -27.98 36.01 -13.22
CA PHE D 414 -27.04 35.43 -12.26
C PHE D 414 -27.02 36.26 -10.97
N ILE D 415 -26.93 37.58 -11.11
CA ILE D 415 -26.88 38.45 -9.93
C ILE D 415 -28.18 38.34 -9.13
N TRP D 416 -29.31 38.39 -9.83
CA TRP D 416 -30.60 38.30 -9.13
C TRP D 416 -30.75 36.95 -8.43
N GLY D 417 -30.32 35.86 -9.08
CA GLY D 417 -30.40 34.57 -8.45
C GLY D 417 -29.53 34.45 -7.22
N GLU D 418 -28.32 35.01 -7.29
CA GLU D 418 -27.43 34.99 -6.13
C GLU D 418 -28.03 35.78 -4.96
N ILE D 419 -28.55 36.98 -5.23
CA ILE D 419 -29.10 37.77 -4.13
C ILE D 419 -30.39 37.14 -3.61
N LYS D 420 -31.17 36.49 -4.48
CA LYS D 420 -32.37 35.80 -4.02
C LYS D 420 -32.03 34.62 -3.14
N GLU D 421 -31.00 33.86 -3.50
CA GLU D 421 -30.54 32.77 -2.65
C GLU D 421 -30.05 33.28 -1.31
N MET D 422 -29.31 34.41 -1.32
CA MET D 422 -28.87 35.01 -0.07
C MET D 422 -30.05 35.43 0.80
N TRP D 423 -31.08 36.02 0.18
CA TRP D 423 -32.24 36.50 0.93
C TRP D 423 -33.07 35.35 1.49
N ASP D 424 -33.18 34.25 0.74
CA ASP D 424 -34.04 33.14 1.13
C ASP D 424 -33.33 32.16 2.07
N GLY D 425 -32.23 31.57 1.61
CA GLY D 425 -31.56 30.55 2.40
C GLY D 425 -30.99 31.07 3.70
N GLY D 426 -30.33 32.22 3.66
CA GLY D 426 -29.70 32.80 4.83
C GLY D 426 -28.27 33.16 4.54
N PHE D 427 -27.50 33.41 5.59
CA PHE D 427 -26.09 33.78 5.48
C PHE D 427 -25.15 32.62 5.69
N THR D 428 -25.35 31.83 6.75
CA THR D 428 -24.48 30.69 7.02
C THR D 428 -24.59 29.65 5.91
N GLU D 429 -25.81 29.38 5.44
CA GLU D 429 -26.00 28.43 4.35
C GLU D 429 -25.33 28.94 3.07
N TYR D 430 -25.40 30.26 2.83
CA TYR D 430 -24.80 30.82 1.63
C TYR D 430 -23.28 30.68 1.64
N ILE D 431 -22.67 30.87 2.81
CA ILE D 431 -21.22 30.79 2.94
C ILE D 431 -20.65 29.37 2.94
N HIS D 432 -21.45 28.42 3.40
CA HIS D 432 -21.02 27.04 3.47
C HIS D 432 -20.85 26.43 2.10
N ASP D 433 -21.34 27.13 1.08
CA ASP D 433 -21.20 26.64 -0.27
C ASP D 433 -20.00 27.39 -0.80
N TRP D 434 -18.93 26.68 -1.10
CA TRP D 434 -17.73 27.31 -1.61
C TRP D 434 -17.91 27.91 -2.98
N TRP D 435 -18.69 27.25 -3.82
CA TRP D 435 -18.93 27.73 -5.16
C TRP D 435 -19.45 29.17 -5.16
N ASN D 436 -20.19 29.56 -4.13
CA ASN D 436 -20.66 30.92 -3.99
C ASN D 436 -19.52 31.90 -4.03
N LEU D 437 -18.37 31.52 -3.51
CA LEU D 437 -17.23 32.44 -3.60
C LEU D 437 -16.89 32.75 -5.04
N MET D 438 -16.80 31.71 -5.87
CA MET D 438 -16.54 31.92 -7.30
C MET D 438 -17.69 32.67 -7.96
N ASP D 439 -18.93 32.36 -7.56
CA ASP D 439 -20.07 33.09 -8.10
C ASP D 439 -20.01 34.57 -7.74
N PHE D 440 -19.64 34.88 -6.50
CA PHE D 440 -19.48 36.26 -6.09
C PHE D 440 -18.38 36.95 -6.88
N ALA D 441 -17.25 36.27 -7.09
CA ALA D 441 -16.17 36.84 -7.88
C ALA D 441 -16.62 37.12 -9.31
N MET D 442 -17.33 36.16 -9.93
CA MET D 442 -17.83 36.36 -11.29
C MET D 442 -18.78 37.55 -11.35
N ASN D 443 -19.72 37.63 -10.42
CA ASN D 443 -20.70 38.72 -10.44
C ASN D 443 -20.02 40.06 -10.23
N SER D 444 -19.07 40.14 -9.30
CA SER D 444 -18.37 41.39 -9.07
C SER D 444 -17.56 41.80 -10.30
N LEU D 445 -16.88 40.85 -10.94
CA LEU D 445 -16.12 41.18 -12.14
C LEU D 445 -17.03 41.62 -13.28
N TYR D 446 -18.20 40.99 -13.43
CA TYR D 446 -19.14 41.41 -14.45
C TYR D 446 -19.68 42.81 -14.16
N LEU D 447 -20.00 43.10 -12.89
CA LEU D 447 -20.48 44.42 -12.54
C LEU D 447 -19.43 45.48 -12.80
N ALA D 448 -18.18 45.18 -12.47
CA ALA D 448 -17.08 46.09 -12.76
C ALA D 448 -16.94 46.29 -14.27
N THR D 449 -17.10 45.22 -15.05
CA THR D 449 -17.03 45.34 -16.50
C THR D 449 -18.10 46.27 -17.03
N ILE D 450 -19.33 46.11 -16.55
CA ILE D 450 -20.43 46.97 -16.99
C ILE D 450 -20.16 48.42 -16.58
N SER D 451 -19.69 48.63 -15.35
CA SER D 451 -19.41 49.99 -14.89
C SER D 451 -18.34 50.66 -15.75
N LEU D 452 -17.26 49.93 -16.05
CA LEU D 452 -16.19 50.50 -16.85
C LEU D 452 -16.64 50.73 -18.28
N LYS D 453 -17.49 49.85 -18.82
CA LYS D 453 -18.04 50.10 -20.15
C LYS D 453 -18.89 51.37 -20.16
N ILE D 454 -19.70 51.58 -19.13
CA ILE D 454 -20.50 52.79 -19.05
C ILE D 454 -19.62 54.02 -18.95
N VAL D 455 -18.57 53.94 -18.12
CA VAL D 455 -17.66 55.06 -17.93
C VAL D 455 -16.99 55.42 -19.25
N ALA D 456 -16.49 54.40 -19.96
CA ALA D 456 -15.83 54.65 -21.24
C ALA D 456 -16.81 55.15 -22.29
N TYR D 457 -18.08 54.75 -22.20
CA TYR D 457 -19.08 55.22 -23.15
C TYR D 457 -19.41 56.68 -22.93
N VAL D 458 -19.53 57.10 -21.66
CA VAL D 458 -19.95 58.46 -21.35
C VAL D 458 -18.78 59.40 -21.09
N LYS D 459 -17.54 58.92 -21.22
CA LYS D 459 -16.37 59.78 -21.07
C LYS D 459 -15.51 59.86 -22.33
N TYR D 460 -15.80 59.07 -23.35
CA TYR D 460 -15.02 59.09 -24.59
C TYR D 460 -15.98 59.05 -25.77
N ASN D 461 -15.67 59.84 -26.80
CA ASN D 461 -16.50 59.86 -28.00
C ASN D 461 -15.66 59.62 -29.24
N GLY D 462 -14.42 60.09 -29.23
CA GLY D 462 -13.56 59.95 -30.40
C GLY D 462 -13.09 58.52 -30.61
N SER D 463 -12.59 58.28 -31.82
CA SER D 463 -12.09 56.97 -32.23
C SER D 463 -10.58 57.08 -32.43
N ARG D 464 -9.83 56.86 -31.36
CA ARG D 464 -8.38 56.89 -31.34
C ARG D 464 -7.81 55.48 -31.42
N PRO D 465 -6.78 55.25 -32.22
CA PRO D 465 -6.22 53.89 -32.34
C PRO D 465 -5.70 53.37 -31.01
N ARG D 466 -5.84 52.06 -30.80
CA ARG D 466 -5.49 51.46 -29.52
C ARG D 466 -4.00 51.56 -29.21
N GLU D 467 -3.16 51.76 -30.23
CA GLU D 467 -1.72 51.81 -30.00
C GLU D 467 -1.34 52.93 -29.06
N GLU D 468 -2.04 54.07 -29.15
CA GLU D 468 -1.71 55.24 -28.35
C GLU D 468 -2.68 55.45 -27.18
N TRP D 469 -3.48 54.45 -26.84
CA TRP D 469 -4.32 54.58 -25.66
C TRP D 469 -3.47 54.57 -24.39
N GLU D 470 -4.04 55.11 -23.33
CA GLU D 470 -3.37 55.08 -22.03
C GLU D 470 -3.28 53.63 -21.54
N MET D 471 -2.27 53.37 -20.70
CA MET D 471 -2.13 52.04 -20.13
C MET D 471 -3.34 51.67 -19.28
N TRP D 472 -3.87 52.62 -18.50
CA TRP D 472 -5.01 52.39 -17.64
C TRP D 472 -6.31 52.91 -18.26
N HIS D 473 -6.43 52.81 -19.57
CA HIS D 473 -7.65 53.24 -20.24
C HIS D 473 -8.83 52.39 -19.77
N PRO D 474 -10.01 52.98 -19.58
CA PRO D 474 -11.13 52.20 -19.05
C PRO D 474 -11.51 51.01 -19.92
N THR D 475 -11.42 51.14 -21.25
CA THR D 475 -11.77 50.03 -22.13
C THR D 475 -10.84 48.84 -21.93
N LEU D 476 -9.53 49.10 -21.81
CA LEU D 476 -8.59 48.00 -21.60
C LEU D 476 -8.86 47.27 -20.30
N ILE D 477 -9.11 48.02 -19.23
CA ILE D 477 -9.39 47.39 -17.94
C ILE D 477 -10.70 46.61 -18.01
N ALA D 478 -11.71 47.17 -18.68
CA ALA D 478 -12.98 46.48 -18.81
C ALA D 478 -12.81 45.17 -19.58
N GLU D 479 -12.03 45.19 -20.66
CA GLU D 479 -11.81 43.97 -21.43
C GLU D 479 -11.03 42.93 -20.63
N ALA D 480 -10.04 43.36 -19.86
CA ALA D 480 -9.29 42.43 -19.02
C ALA D 480 -10.21 41.78 -17.98
N LEU D 481 -11.05 42.60 -17.34
CA LEU D 481 -11.98 42.05 -16.35
C LEU D 481 -12.97 41.09 -16.99
N PHE D 482 -13.45 41.42 -18.19
CA PHE D 482 -14.39 40.55 -18.87
C PHE D 482 -13.73 39.22 -19.23
N ALA D 483 -12.47 39.26 -19.65
CA ALA D 483 -11.76 38.02 -19.98
C ALA D 483 -11.57 37.16 -18.73
N ILE D 484 -11.21 37.77 -17.60
CA ILE D 484 -11.08 37.01 -16.36
C ILE D 484 -12.42 36.41 -15.97
N SER D 485 -13.50 37.16 -16.13
CA SER D 485 -14.83 36.65 -15.82
C SER D 485 -15.17 35.47 -16.72
N ASN D 486 -14.80 35.55 -18.01
CA ASN D 486 -15.05 34.42 -18.91
C ASN D 486 -14.33 33.18 -18.42
N ILE D 487 -13.08 33.33 -17.98
CA ILE D 487 -12.35 32.17 -17.45
C ILE D 487 -13.09 31.58 -16.26
N LEU D 488 -13.50 32.44 -15.32
CA LEU D 488 -14.18 31.93 -14.13
C LEU D 488 -15.51 31.26 -14.51
N SER D 489 -16.25 31.86 -15.44
CA SER D 489 -17.55 31.32 -15.84
C SER D 489 -17.39 29.94 -16.45
N SER D 490 -16.41 29.78 -17.34
CA SER D 490 -16.18 28.47 -17.93
C SER D 490 -15.73 27.47 -16.89
N LEU D 491 -14.89 27.91 -15.95
CA LEU D 491 -14.42 27.01 -14.89
C LEU D 491 -15.55 26.63 -13.93
N ARG D 492 -16.62 27.40 -13.89
CA ARG D 492 -17.74 27.09 -12.98
C ARG D 492 -18.40 25.77 -13.32
N LEU D 493 -18.15 25.22 -14.52
CA LEU D 493 -18.75 23.95 -14.90
C LEU D 493 -18.20 22.77 -14.12
N ILE D 494 -17.14 22.96 -13.33
CA ILE D 494 -16.60 21.83 -12.54
C ILE D 494 -17.66 21.30 -11.59
N SER D 495 -18.48 22.20 -11.02
CA SER D 495 -19.46 21.79 -10.03
C SER D 495 -20.49 20.82 -10.59
N LEU D 496 -20.63 20.75 -11.91
CA LEU D 496 -21.59 19.81 -12.49
C LEU D 496 -21.05 18.40 -12.60
N PHE D 497 -19.76 18.19 -12.35
CA PHE D 497 -19.23 16.83 -12.37
C PHE D 497 -19.85 15.97 -11.28
N THR D 498 -20.41 16.59 -10.25
CA THR D 498 -21.04 15.82 -9.18
C THR D 498 -22.20 14.99 -9.71
N ALA D 499 -22.91 15.50 -10.72
CA ALA D 499 -24.09 14.81 -11.22
C ALA D 499 -23.75 13.51 -11.92
N ASN D 500 -22.50 13.30 -12.32
CA ASN D 500 -22.13 12.15 -13.13
C ASN D 500 -21.50 11.06 -12.27
N SER D 501 -21.75 9.81 -12.65
CA SER D 501 -21.22 8.69 -11.89
C SER D 501 -19.71 8.55 -12.08
N HIS D 502 -19.21 8.83 -13.28
CA HIS D 502 -17.79 8.63 -13.55
C HIS D 502 -16.96 9.85 -13.17
N LEU D 503 -17.54 11.05 -13.23
CA LEU D 503 -16.81 12.28 -12.94
C LEU D 503 -16.96 12.76 -11.50
N GLY D 504 -17.94 12.25 -10.77
CA GLY D 504 -18.22 12.72 -9.43
C GLY D 504 -17.13 12.38 -8.43
N PRO D 505 -16.89 11.07 -8.22
CA PRO D 505 -15.83 10.68 -7.28
C PRO D 505 -14.47 11.24 -7.66
N LEU D 506 -14.19 11.38 -8.96
CA LEU D 506 -12.93 12.00 -9.37
C LEU D 506 -12.84 13.44 -8.91
N GLN D 507 -13.93 14.19 -9.07
CA GLN D 507 -13.93 15.57 -8.59
C GLN D 507 -13.75 15.63 -7.07
N ILE D 508 -14.38 14.69 -6.34
CA ILE D 508 -14.18 14.64 -4.89
C ILE D 508 -12.71 14.43 -4.57
N SER D 509 -12.07 13.49 -5.27
CA SER D 509 -10.66 13.19 -5.00
C SER D 509 -9.78 14.41 -5.29
N LEU D 510 -10.01 15.07 -6.42
CA LEU D 510 -9.19 16.23 -6.75
C LEU D 510 -9.41 17.37 -5.75
N GLY D 511 -10.61 17.48 -5.23
CA GLY D 511 -10.87 18.47 -4.21
C GLY D 511 -10.04 18.18 -2.99
N ARG D 512 -9.97 16.92 -2.59
CA ARG D 512 -9.20 16.51 -1.43
C ARG D 512 -7.72 16.77 -1.62
N MET D 513 -7.24 16.53 -2.83
CA MET D 513 -5.85 16.76 -3.12
C MET D 513 -5.55 18.24 -3.15
N LEU D 514 -6.57 19.10 -3.28
CA LEU D 514 -6.27 20.52 -3.25
C LEU D 514 -5.82 20.97 -1.86
N LEU D 515 -6.24 20.27 -0.80
CA LEU D 515 -5.77 20.61 0.54
C LEU D 515 -4.28 20.35 0.70
N ASP D 516 -3.79 19.20 0.21
CA ASP D 516 -2.36 18.95 0.24
C ASP D 516 -1.61 19.96 -0.63
N ILE D 517 -2.19 20.35 -1.74
CA ILE D 517 -1.53 21.33 -2.58
C ILE D 517 -1.44 22.67 -1.86
N LEU D 518 -2.50 23.07 -1.16
CA LEU D 518 -2.45 24.30 -0.38
C LEU D 518 -1.41 24.22 0.73
N LYS D 519 -1.32 23.07 1.39
CA LYS D 519 -0.32 22.91 2.45
C LYS D 519 1.09 23.07 1.89
N PHE D 520 1.35 22.46 0.73
CA PHE D 520 2.65 22.62 0.07
C PHE D 520 2.89 24.04 -0.43
N LEU D 521 1.82 24.79 -0.67
CA LEU D 521 1.95 26.15 -1.18
C LEU D 521 2.71 27.05 -0.21
N PHE D 522 2.50 26.88 1.09
CA PHE D 522 3.18 27.73 2.07
C PHE D 522 4.69 27.55 2.00
N ILE D 523 5.16 26.30 2.05
CA ILE D 523 6.60 26.06 2.03
C ILE D 523 7.19 26.52 0.70
N TYR D 524 6.47 26.27 -0.41
CA TYR D 524 6.99 26.75 -1.68
C TYR D 524 7.11 28.27 -1.70
N CYS D 525 6.11 28.98 -1.19
CA CYS D 525 6.16 30.43 -1.21
C CYS D 525 7.26 30.97 -0.31
N LEU D 526 7.51 30.31 0.82
CA LEU D 526 8.63 30.71 1.66
C LEU D 526 9.95 30.59 0.91
N VAL D 527 10.16 29.45 0.23
CA VAL D 527 11.39 29.25 -0.52
C VAL D 527 11.50 30.29 -1.64
N LEU D 528 10.41 30.52 -2.35
CA LEU D 528 10.40 31.47 -3.46
C LEU D 528 10.75 32.86 -2.97
N LEU D 529 10.14 33.30 -1.86
CA LEU D 529 10.42 34.63 -1.34
C LEU D 529 11.87 34.74 -0.89
N ALA D 530 12.40 33.70 -0.25
CA ALA D 530 13.79 33.71 0.18
C ALA D 530 14.73 33.93 -1.01
N PHE D 531 14.59 33.11 -2.04
CA PHE D 531 15.51 33.20 -3.15
C PHE D 531 15.28 34.46 -3.98
N ALA D 532 14.05 34.97 -4.02
CA ALA D 532 13.81 36.24 -4.69
C ALA D 532 14.50 37.38 -3.96
N ASN D 533 14.44 37.37 -2.63
CA ASN D 533 15.15 38.39 -1.87
C ASN D 533 16.64 38.34 -2.16
N GLY D 534 17.22 37.12 -2.15
CA GLY D 534 18.65 37.00 -2.41
C GLY D 534 19.03 37.46 -3.81
N LEU D 535 18.29 37.01 -4.83
CA LEU D 535 18.65 37.37 -6.20
C LEU D 535 18.46 38.85 -6.45
N ASN D 536 17.37 39.44 -5.94
CA ASN D 536 17.18 40.88 -6.12
C ASN D 536 18.27 41.67 -5.43
N GLN D 537 18.65 41.27 -4.21
CA GLN D 537 19.75 41.92 -3.50
C GLN D 537 21.03 41.87 -4.32
N LEU D 538 21.30 40.73 -4.97
CA LEU D 538 22.53 40.60 -5.73
C LEU D 538 22.50 41.41 -7.02
N TYR D 539 21.36 41.45 -7.70
CA TYR D 539 21.34 41.97 -9.07
C TYR D 539 20.79 43.36 -9.22
N PHE D 540 20.26 43.99 -8.15
CA PHE D 540 19.59 45.26 -8.39
C PHE D 540 20.54 46.39 -8.75
N TYR D 541 21.87 46.18 -8.63
CA TYR D 541 22.80 47.23 -8.99
C TYR D 541 22.91 47.40 -10.51
N TYR D 542 22.68 46.33 -11.26
CA TYR D 542 22.89 46.34 -12.71
C TYR D 542 21.61 46.57 -13.49
N GLU D 543 20.62 47.23 -12.87
CA GLU D 543 19.38 47.54 -13.58
C GLU D 543 19.66 48.49 -14.73
N THR D 544 19.05 48.21 -15.88
CA THR D 544 19.26 48.98 -17.10
C THR D 544 17.93 49.56 -17.57
N ARG D 545 18.00 50.72 -18.21
CA ARG D 545 16.80 51.36 -18.74
C ARG D 545 16.28 50.60 -19.97
N ALA D 546 14.99 50.77 -20.24
CA ALA D 546 14.37 50.10 -21.38
C ALA D 546 14.94 50.59 -22.70
N ILE D 547 15.43 51.83 -22.75
CA ILE D 547 16.00 52.37 -23.98
C ILE D 547 17.26 51.60 -24.37
N ASP D 548 18.06 51.21 -23.38
CA ASP D 548 19.28 50.47 -23.65
C ASP D 548 19.01 49.08 -24.23
N GLU D 549 17.80 48.56 -24.07
CA GLU D 549 17.49 47.24 -24.58
C GLU D 549 17.41 47.24 -26.10
N PRO D 550 17.69 46.09 -26.74
CA PRO D 550 17.74 46.07 -28.21
C PRO D 550 16.46 46.49 -28.89
N ASN D 551 15.30 46.19 -28.31
CA ASN D 551 14.02 46.50 -28.92
C ASN D 551 13.17 47.40 -28.03
N ASN D 552 13.79 48.15 -27.13
CA ASN D 552 13.09 49.03 -26.18
C ASN D 552 12.13 48.26 -25.30
N CYS D 553 12.40 46.98 -25.10
CA CYS D 553 11.58 46.10 -24.29
C CYS D 553 12.37 45.68 -23.06
N LYS D 554 11.79 45.92 -21.88
CA LYS D 554 12.44 45.59 -20.62
C LYS D 554 11.64 44.54 -19.87
N GLY D 555 12.32 43.54 -19.33
CA GLY D 555 11.68 42.51 -18.55
C GLY D 555 11.88 41.14 -19.17
N ILE D 556 11.19 40.15 -18.59
CA ILE D 556 11.37 38.77 -19.06
C ILE D 556 10.38 38.36 -20.12
N ARG D 557 9.39 39.20 -20.43
CA ARG D 557 8.46 38.89 -21.50
C ARG D 557 8.89 39.45 -22.84
N CYS D 558 10.18 39.75 -23.00
CA CYS D 558 10.73 40.19 -24.28
C CYS D 558 11.37 39.01 -25.00
N GLU D 559 11.62 39.19 -26.30
CA GLU D 559 12.24 38.13 -27.09
C GLU D 559 13.62 37.80 -26.56
N LYS D 560 14.40 38.80 -26.19
CA LYS D 560 15.64 38.63 -25.44
C LYS D 560 15.37 39.07 -24.00
N GLN D 561 15.29 38.11 -23.09
CA GLN D 561 14.95 38.42 -21.71
C GLN D 561 16.07 39.22 -21.05
N ASN D 562 15.69 40.16 -20.19
CA ASN D 562 16.64 41.04 -19.55
C ASN D 562 16.03 41.58 -18.27
N ASN D 563 16.88 42.06 -17.36
CA ASN D 563 16.45 42.62 -16.09
C ASN D 563 15.57 41.61 -15.33
N ALA D 564 15.98 40.35 -15.35
CA ALA D 564 15.18 39.31 -14.72
C ALA D 564 15.10 39.52 -13.21
N PHE D 565 16.19 39.99 -12.61
CA PHE D 565 16.26 40.13 -11.16
C PHE D 565 16.50 41.57 -10.73
N SER D 566 16.10 42.55 -11.55
CA SER D 566 16.41 43.95 -11.22
C SER D 566 15.52 44.46 -10.11
N THR D 567 14.25 44.11 -10.11
CA THR D 567 13.33 44.53 -9.05
C THR D 567 12.72 43.29 -8.39
N LEU D 568 12.18 43.48 -7.18
CA LEU D 568 11.64 42.35 -6.44
C LEU D 568 10.44 41.74 -7.15
N PHE D 569 9.56 42.59 -7.70
CA PHE D 569 8.40 42.08 -8.42
C PHE D 569 8.83 41.27 -9.65
N GLU D 570 9.74 41.82 -10.43
CA GLU D 570 10.26 41.10 -11.59
C GLU D 570 10.99 39.84 -11.16
N THR D 571 11.70 39.88 -10.04
CA THR D 571 12.40 38.69 -9.57
C THR D 571 11.42 37.59 -9.20
N LEU D 572 10.32 37.94 -8.53
CA LEU D 572 9.31 36.94 -8.22
C LEU D 572 8.75 36.32 -9.49
N GLN D 573 8.47 37.15 -10.50
CA GLN D 573 7.96 36.62 -11.75
C GLN D 573 8.98 35.71 -12.44
N SER D 574 10.25 36.09 -12.43
CA SER D 574 11.28 35.28 -13.05
C SER D 574 11.40 33.94 -12.35
N LEU D 575 11.38 33.94 -11.03
CA LEU D 575 11.50 32.68 -10.31
C LEU D 575 10.26 31.81 -10.54
N PHE D 576 9.09 32.44 -10.68
CA PHE D 576 7.91 31.68 -11.02
C PHE D 576 8.05 31.03 -12.40
N TRP D 577 8.43 31.81 -13.41
CA TRP D 577 8.49 31.25 -14.74
C TRP D 577 9.63 30.25 -14.92
N SER D 578 10.66 30.30 -14.08
CA SER D 578 11.68 29.26 -14.17
C SER D 578 11.14 27.89 -13.76
N VAL D 579 10.05 27.84 -13.00
CA VAL D 579 9.46 26.55 -12.63
C VAL D 579 9.04 25.79 -13.89
N PHE D 580 8.56 26.51 -14.89
CA PHE D 580 8.15 25.92 -16.15
C PHE D 580 9.24 26.01 -17.21
N GLY D 581 10.45 26.42 -16.84
CA GLY D 581 11.56 26.43 -17.76
C GLY D 581 11.53 27.54 -18.78
N LEU D 582 10.71 28.56 -18.57
CA LEU D 582 10.56 29.63 -19.55
C LEU D 582 11.52 30.79 -19.34
N LEU D 583 12.35 30.71 -18.32
CA LEU D 583 13.37 31.72 -18.06
C LEU D 583 14.72 31.20 -18.57
N ASN D 584 15.31 31.93 -19.51
CA ASN D 584 16.56 31.49 -20.11
C ASN D 584 17.74 31.73 -19.17
N LEU D 585 18.82 31.00 -19.41
CA LEU D 585 19.94 31.03 -18.48
C LEU D 585 20.75 32.31 -18.59
N TYR D 586 20.73 32.98 -19.74
CA TYR D 586 21.56 34.17 -19.90
C TYR D 586 21.07 35.35 -19.09
N VAL D 587 19.88 35.28 -18.49
CA VAL D 587 19.42 36.38 -17.65
C VAL D 587 20.27 36.52 -16.39
N THR D 588 21.08 35.50 -16.05
CA THR D 588 22.01 35.59 -14.95
C THR D 588 23.32 36.26 -15.33
N ASN D 589 23.37 36.95 -16.46
CA ASN D 589 24.59 37.56 -16.98
C ASN D 589 24.45 39.07 -16.91
N VAL D 590 25.57 39.76 -16.65
CA VAL D 590 25.56 41.21 -16.56
C VAL D 590 26.57 41.77 -17.55
N LYS D 591 26.34 43.02 -17.96
CA LYS D 591 27.19 43.66 -18.95
C LYS D 591 28.61 43.83 -18.42
N ALA D 592 28.76 44.18 -17.15
CA ALA D 592 30.09 44.29 -16.56
C ALA D 592 30.76 42.92 -16.50
N ARG D 593 32.08 42.94 -16.42
CA ARG D 593 32.87 41.70 -16.33
C ARG D 593 33.02 41.24 -14.89
N HIS D 594 31.91 41.14 -14.17
CA HIS D 594 31.90 40.70 -12.78
C HIS D 594 31.58 39.21 -12.75
N GLU D 595 32.58 38.40 -13.12
CA GLU D 595 32.33 36.97 -13.25
C GLU D 595 31.99 36.33 -11.92
N PHE D 596 32.54 36.84 -10.81
CA PHE D 596 32.17 36.28 -9.50
C PHE D 596 30.72 36.56 -9.17
N THR D 597 30.26 37.79 -9.42
CA THR D 597 28.85 38.12 -9.19
C THR D 597 27.95 37.28 -10.08
N GLU D 598 28.31 37.14 -11.35
CA GLU D 598 27.51 36.32 -12.26
C GLU D 598 27.47 34.88 -11.78
N PHE D 599 28.61 34.34 -11.32
CA PHE D 599 28.60 32.96 -10.87
C PHE D 599 27.76 32.79 -9.62
N VAL D 600 27.84 33.73 -8.68
CA VAL D 600 27.04 33.61 -7.47
C VAL D 600 25.55 33.69 -7.80
N GLY D 601 25.17 34.59 -8.70
CA GLY D 601 23.78 34.65 -9.11
C GLY D 601 23.31 33.39 -9.81
N ALA D 602 24.17 32.82 -10.66
CA ALA D 602 23.83 31.56 -11.32
C ALA D 602 23.70 30.43 -10.32
N THR D 603 24.49 30.46 -9.25
CA THR D 603 24.40 29.42 -8.24
C THR D 603 23.14 29.57 -7.40
N MET D 604 22.76 30.81 -7.06
CA MET D 604 21.48 31.01 -6.39
C MET D 604 20.33 30.52 -7.25
N PHE D 605 20.36 30.87 -8.54
CA PHE D 605 19.31 30.44 -9.45
C PHE D 605 19.29 28.91 -9.56
N GLY D 606 20.46 28.28 -9.62
CA GLY D 606 20.51 26.83 -9.70
C GLY D 606 20.04 26.14 -8.44
N THR D 607 20.39 26.68 -7.28
CA THR D 607 19.91 26.10 -6.03
C THR D 607 18.39 26.24 -5.94
N TYR D 608 17.85 27.38 -6.36
CA TYR D 608 16.41 27.52 -6.42
C TYR D 608 15.79 26.47 -7.34
N ASN D 609 16.39 26.26 -8.52
CA ASN D 609 15.86 25.24 -9.42
C ASN D 609 15.88 23.86 -8.77
N VAL D 610 17.01 23.52 -8.14
CA VAL D 610 17.12 22.20 -7.53
C VAL D 610 16.03 22.02 -6.48
N ILE D 611 15.91 22.99 -5.57
CA ILE D 611 14.92 22.87 -4.51
C ILE D 611 13.54 22.74 -5.14
N SER D 612 13.11 23.79 -5.83
CA SER D 612 11.71 23.85 -6.27
C SER D 612 11.34 22.69 -7.19
N LEU D 613 12.27 22.18 -8.01
CA LEU D 613 11.93 21.15 -8.98
C LEU D 613 12.27 19.74 -8.49
N VAL D 614 13.53 19.51 -8.14
CA VAL D 614 13.93 18.17 -7.72
C VAL D 614 13.33 17.82 -6.35
N VAL D 615 13.38 18.75 -5.39
CA VAL D 615 12.99 18.38 -4.04
C VAL D 615 11.51 18.62 -3.83
N LEU D 616 11.08 19.87 -3.98
CA LEU D 616 9.72 20.26 -3.61
C LEU D 616 8.67 19.61 -4.50
N LEU D 617 8.89 19.60 -5.80
CA LEU D 617 7.89 19.03 -6.71
C LEU D 617 7.73 17.52 -6.47
N ASN D 618 8.84 16.81 -6.26
CA ASN D 618 8.73 15.39 -5.98
C ASN D 618 8.08 15.14 -4.63
N MET D 619 8.36 15.98 -3.63
CA MET D 619 7.68 15.82 -2.36
C MET D 619 6.18 16.04 -2.51
N LEU D 620 5.80 17.00 -3.35
CA LEU D 620 4.39 17.23 -3.64
C LEU D 620 3.75 16.01 -4.30
N ILE D 621 4.47 15.37 -5.22
CA ILE D 621 3.95 14.15 -5.85
C ILE D 621 3.74 13.06 -4.79
N ALA D 622 4.72 12.89 -3.88
CA ALA D 622 4.58 11.88 -2.84
C ALA D 622 3.39 12.18 -1.94
N MET D 623 3.22 13.44 -1.55
CA MET D 623 2.07 13.80 -0.71
C MET D 623 0.76 13.50 -1.43
N MET D 624 0.64 13.92 -2.68
CA MET D 624 -0.59 13.71 -3.45
C MET D 624 -0.86 12.26 -3.67
N ASN D 625 0.19 11.51 -3.90
CA ASN D 625 0.11 10.10 -4.13
C ASN D 625 -0.45 9.41 -2.92
N ASN D 626 0.00 9.83 -1.74
CA ASN D 626 -0.45 9.24 -0.51
C ASN D 626 -1.85 9.68 -0.16
N SER D 627 -2.14 10.96 -0.33
CA SER D 627 -3.46 11.47 0.00
C SER D 627 -4.53 10.84 -0.86
N TYR D 628 -4.24 10.63 -2.13
CA TYR D 628 -5.17 10.01 -3.05
C TYR D 628 -5.49 8.60 -2.60
N GLN D 629 -4.49 7.87 -2.15
CA GLN D 629 -4.67 6.53 -1.67
C GLN D 629 -5.55 6.56 -0.42
N LEU D 630 -5.40 7.54 0.44
CA LEU D 630 -6.27 7.61 1.59
C LEU D 630 -7.72 7.84 1.18
N ILE D 631 -7.96 8.83 0.33
CA ILE D 631 -9.31 9.17 -0.11
C ILE D 631 -10.06 8.11 -0.91
N ALA D 632 -9.37 7.37 -1.77
CA ALA D 632 -9.99 6.36 -2.61
C ALA D 632 -11.02 5.44 -1.94
N ASP D 633 -10.79 5.06 -0.70
CA ASP D 633 -11.72 4.21 0.00
C ASP D 633 -13.06 4.89 0.25
N HIS D 634 -13.02 6.16 0.61
CA HIS D 634 -14.23 6.89 0.90
C HIS D 634 -14.79 7.65 -0.27
N ALA D 635 -14.15 7.57 -1.42
CA ALA D 635 -14.64 8.31 -2.58
C ALA D 635 -16.13 8.19 -2.93
N ASP D 636 -16.73 7.02 -2.79
CA ASP D 636 -18.12 6.80 -3.16
C ASP D 636 -19.08 7.45 -2.17
N ILE D 637 -18.84 7.25 -0.89
CA ILE D 637 -19.69 7.82 0.13
C ILE D 637 -19.65 9.32 0.03
N GLU D 638 -18.46 9.88 -0.14
CA GLU D 638 -18.30 11.31 -0.25
C GLU D 638 -19.01 11.83 -1.48
N TRP D 639 -18.90 11.11 -2.59
CA TRP D 639 -19.55 11.54 -3.80
C TRP D 639 -21.06 11.51 -3.69
N LYS D 640 -21.59 10.46 -3.09
CA LYS D 640 -23.04 10.33 -2.96
C LYS D 640 -23.62 11.41 -2.06
N PHE D 641 -22.88 11.79 -1.03
CA PHE D 641 -23.31 12.92 -0.20
C PHE D 641 -23.38 14.20 -1.03
N ALA D 642 -22.34 14.48 -1.81
CA ALA D 642 -22.32 15.69 -2.63
C ALA D 642 -23.43 15.66 -3.68
N ARG D 643 -23.66 14.50 -4.30
CA ARG D 643 -24.71 14.39 -5.29
C ARG D 643 -26.08 14.54 -4.65
N THR D 644 -26.25 14.04 -3.43
CA THR D 644 -27.51 14.23 -2.74
C THR D 644 -27.75 15.71 -2.49
N LYS D 645 -26.71 16.45 -2.08
CA LYS D 645 -26.89 17.88 -1.89
C LYS D 645 -27.28 18.56 -3.20
N LEU D 646 -26.62 18.17 -4.30
CA LEU D 646 -26.97 18.76 -5.60
C LEU D 646 -28.41 18.45 -5.97
N TRP D 647 -28.85 17.20 -5.78
CA TRP D 647 -30.23 16.83 -6.11
C TRP D 647 -31.21 17.61 -5.26
N MET D 648 -30.95 17.72 -3.96
CA MET D 648 -31.89 18.41 -3.07
C MET D 648 -31.95 19.89 -3.39
N SER D 649 -30.88 20.46 -3.93
CA SER D 649 -30.92 21.87 -4.32
C SER D 649 -31.95 22.12 -5.42
N TYR D 650 -32.34 21.09 -6.18
CA TYR D 650 -33.35 21.23 -7.22
C TYR D 650 -34.73 20.74 -6.78
N PHE D 651 -34.92 20.45 -5.50
CA PHE D 651 -36.23 20.04 -5.02
C PHE D 651 -37.12 21.21 -4.63
N ASP D 652 -36.57 22.40 -4.46
CA ASP D 652 -37.31 23.54 -3.95
C ASP D 652 -38.04 24.27 -5.08
N GLU D 653 -39.13 24.95 -4.71
CA GLU D 653 -39.87 25.75 -5.68
C GLU D 653 -39.06 26.95 -6.16
N GLY D 654 -38.36 27.61 -5.24
CA GLY D 654 -37.61 28.79 -5.61
C GLY D 654 -36.46 28.47 -6.56
N GLY D 655 -36.21 29.41 -7.47
CA GLY D 655 -35.16 29.21 -8.46
C GLY D 655 -35.50 28.23 -9.54
N THR D 656 -36.79 28.00 -9.81
CA THR D 656 -37.17 27.07 -10.87
C THR D 656 -36.71 27.56 -12.24
N LEU D 657 -36.91 28.83 -12.52
CA LEU D 657 -36.55 29.37 -13.83
C LEU D 657 -35.05 29.68 -13.86
N PRO D 658 -34.30 29.15 -14.82
CA PRO D 658 -32.90 29.52 -14.96
C PRO D 658 -32.77 30.89 -15.59
N PRO D 659 -31.61 31.53 -15.48
CA PRO D 659 -31.40 32.82 -16.14
C PRO D 659 -31.48 32.65 -17.64
N PRO D 660 -31.95 33.68 -18.37
CA PRO D 660 -32.36 34.98 -17.84
C PRO D 660 -33.84 35.06 -17.46
N PHE D 661 -34.53 33.92 -17.49
CA PHE D 661 -35.97 33.92 -17.25
C PHE D 661 -36.34 34.17 -15.79
N ASN D 662 -35.38 34.18 -14.87
CA ASN D 662 -35.69 34.41 -13.47
C ASN D 662 -35.95 35.87 -13.14
N ILE D 663 -35.57 36.80 -14.03
CA ILE D 663 -35.80 38.23 -13.80
C ILE D 663 -37.07 38.73 -14.46
N ILE D 664 -37.67 37.97 -15.36
CA ILE D 664 -38.88 38.41 -16.04
C ILE D 664 -40.08 38.41 -15.08
N SER D 706 -49.55 16.18 13.66
CA SER D 706 -48.22 16.04 14.27
C SER D 706 -48.18 14.87 15.24
N LEU D 707 -49.26 14.69 16.01
CA LEU D 707 -49.30 13.61 16.99
C LEU D 707 -49.31 12.25 16.31
N ILE D 708 -50.09 12.08 15.24
CA ILE D 708 -50.13 10.80 14.54
C ILE D 708 -48.80 10.54 13.83
N GLN D 709 -48.12 11.61 13.41
CA GLN D 709 -46.85 11.46 12.73
C GLN D 709 -45.82 10.96 13.73
N ASN D 710 -45.84 11.52 14.92
CA ASN D 710 -44.91 11.09 15.96
C ASN D 710 -45.19 9.65 16.36
N GLN D 711 -46.46 9.28 16.44
CA GLN D 711 -46.82 7.93 16.81
C GLN D 711 -46.28 6.96 15.78
N HIS D 712 -46.51 7.25 14.52
CA HIS D 712 -45.99 6.41 13.45
C HIS D 712 -44.47 6.34 13.52
N TYR D 713 -43.82 7.47 13.75
CA TYR D 713 -42.37 7.47 13.88
C TYR D 713 -41.92 6.64 15.08
N GLN D 714 -42.66 6.73 16.19
CA GLN D 714 -42.28 5.97 17.37
C GLN D 714 -42.40 4.47 17.14
N GLU D 715 -43.48 4.02 16.48
CA GLU D 715 -43.61 2.59 16.23
C GLU D 715 -42.55 2.10 15.24
N VAL D 716 -42.26 2.89 14.19
CA VAL D 716 -41.21 2.50 13.26
C VAL D 716 -39.87 2.43 13.97
N ILE D 717 -39.59 3.40 14.85
CA ILE D 717 -38.33 3.40 15.59
C ILE D 717 -38.26 2.20 16.53
N ARG D 718 -39.38 1.84 17.17
CA ARG D 718 -39.38 0.66 18.04
C ARG D 718 -39.02 -0.59 17.24
N ASN D 719 -39.64 -0.75 16.07
CA ASN D 719 -39.30 -1.90 15.22
C ASN D 719 -37.83 -1.88 14.82
N LEU D 720 -37.33 -0.70 14.42
CA LEU D 720 -35.94 -0.61 14.01
C LEU D 720 -34.99 -0.97 15.14
N VAL D 721 -35.30 -0.53 16.36
CA VAL D 721 -34.43 -0.82 17.50
C VAL D 721 -34.45 -2.31 17.82
N LYS D 722 -35.63 -2.94 17.80
CA LYS D 722 -35.66 -4.38 18.01
C LYS D 722 -34.81 -5.10 16.97
N ARG D 723 -34.98 -4.75 15.70
CA ARG D 723 -34.23 -5.42 14.64
C ARG D 723 -32.74 -5.18 14.78
N TYR D 724 -32.34 -3.95 15.10
CA TYR D 724 -30.93 -3.63 15.24
C TYR D 724 -30.31 -4.38 16.39
N VAL D 725 -31.01 -4.46 17.53
CA VAL D 725 -30.49 -5.16 18.69
C VAL D 725 -30.29 -6.63 18.36
N ALA D 726 -31.30 -7.25 17.74
CA ALA D 726 -31.17 -8.65 17.36
C ALA D 726 -30.02 -8.86 16.39
N ALA D 727 -29.90 -7.98 15.39
CA ALA D 727 -28.85 -8.14 14.38
C ALA D 727 -27.47 -7.99 14.99
N MET D 728 -27.29 -7.03 15.89
CA MET D 728 -25.96 -6.81 16.46
C MET D 728 -25.60 -7.92 17.45
N ILE D 729 -26.58 -8.44 18.20
CA ILE D 729 -26.30 -9.61 19.04
C ILE D 729 -25.89 -10.80 18.19
N ARG D 730 -26.59 -11.01 17.07
CA ARG D 730 -26.24 -12.10 16.16
C ARG D 730 -24.83 -11.90 15.59
N ASN D 731 -24.49 -10.67 15.21
CA ASN D 731 -23.16 -10.40 14.65
C ASN D 731 -22.07 -10.63 15.67
N SER D 732 -22.30 -10.20 16.92
CA SER D 732 -21.29 -10.41 17.96
C SER D 732 -21.11 -11.90 18.25
N LYS D 733 -22.22 -12.66 18.32
CA LYS D 733 -22.11 -14.10 18.57
C LYS D 733 -21.40 -14.81 17.42
N THR D 734 -21.69 -14.43 16.18
CA THR D 734 -21.08 -15.07 15.03
C THR D 734 -19.72 -14.45 14.69
N THR D 739 -11.20 -16.12 22.72
CA THR D 739 -10.42 -15.54 23.81
C THR D 739 -9.88 -16.61 24.75
N GLU D 740 -8.82 -16.28 25.48
CA GLU D 740 -8.28 -17.20 26.47
C GLU D 740 -9.24 -17.39 27.64
N GLU D 741 -10.01 -16.34 27.98
CA GLU D 741 -10.94 -16.45 29.10
C GLU D 741 -12.03 -17.49 28.85
N ASN D 742 -12.41 -17.69 27.58
CA ASN D 742 -13.37 -18.75 27.28
C ASN D 742 -12.81 -20.12 27.62
N PHE D 743 -11.54 -20.37 27.27
CA PHE D 743 -10.93 -21.64 27.63
C PHE D 743 -10.76 -21.76 29.13
N LYS D 744 -10.47 -20.66 29.83
CA LYS D 744 -10.41 -20.70 31.28
C LYS D 744 -11.76 -21.07 31.87
N GLU D 745 -12.84 -20.51 31.32
CA GLU D 745 -14.19 -20.86 31.80
C GLU D 745 -14.52 -22.32 31.51
N LEU D 746 -14.11 -22.82 30.35
CA LEU D 746 -14.34 -24.24 30.03
C LEU D 746 -13.59 -25.14 31.02
N LYS D 747 -12.32 -24.82 31.30
CA LYS D 747 -11.57 -25.58 32.29
C LYS D 747 -12.23 -25.51 33.65
N GLN D 748 -12.73 -24.32 34.02
CA GLN D 748 -13.40 -24.16 35.31
C GLN D 748 -14.65 -25.04 35.40
N ASP D 749 -15.46 -25.05 34.33
CA ASP D 749 -16.65 -25.88 34.34
C ASP D 749 -16.31 -27.36 34.44
N ILE D 750 -15.29 -27.79 33.68
CA ILE D 750 -14.90 -29.20 33.72
C ILE D 750 -14.40 -29.58 35.10
N SER D 751 -13.56 -28.73 35.71
CA SER D 751 -13.02 -29.04 37.03
C SER D 751 -14.11 -29.05 38.10
N SER D 752 -15.05 -28.11 38.02
CA SER D 752 -16.16 -28.10 38.99
C SER D 752 -16.99 -29.37 38.86
N PHE D 753 -17.29 -29.77 37.62
CA PHE D 753 -18.02 -31.01 37.41
C PHE D 753 -17.24 -32.21 37.95
N ARG D 754 -15.92 -32.23 37.71
CA ARG D 754 -15.10 -33.33 38.20
C ARG D 754 -15.11 -33.40 39.71
N TYR D 755 -14.96 -32.26 40.39
CA TYR D 755 -14.97 -32.26 41.84
C TYR D 755 -16.32 -32.70 42.40
N GLU D 756 -17.42 -32.24 41.78
CA GLU D 756 -18.74 -32.68 42.23
C GLU D 756 -18.91 -34.18 42.08
N VAL D 757 -18.50 -34.73 40.93
CA VAL D 757 -18.64 -36.17 40.72
C VAL D 757 -17.77 -36.95 41.71
N LEU D 758 -16.53 -36.52 41.90
CA LEU D 758 -15.64 -37.20 42.84
C LEU D 758 -16.19 -37.17 44.25
N ASP D 759 -16.74 -36.02 44.68
CA ASP D 759 -17.33 -35.94 46.00
C ASP D 759 -18.55 -36.85 46.12
N LEU D 760 -19.40 -36.87 45.10
CA LEU D 760 -20.60 -37.71 45.15
C LEU D 760 -20.25 -39.19 45.21
N LEU D 761 -19.25 -39.62 44.44
CA LEU D 761 -18.84 -41.01 44.42
C LEU D 761 -17.99 -41.35 45.65
#